data_8DR0
#
_entry.id   8DR0
#
_cell.length_a   1.00
_cell.length_b   1.00
_cell.length_c   1.00
_cell.angle_alpha   90.00
_cell.angle_beta   90.00
_cell.angle_gamma   90.00
#
_symmetry.space_group_name_H-M   'P 1'
#
loop_
_entity.id
_entity.type
_entity.pdbx_description
1 polymer 'Replication factor C subunit 1'
2 polymer 'Replication factor C subunit 4'
3 polymer 'Replication factor C subunit 3'
4 polymer 'Replication factor C subunit 2'
5 polymer 'Replication factor C subunit 5'
6 polymer 'Proliferating cell nuclear antigen'
7 polymer "DNA (5'-D(P*TP*TP*TP*TP*TP*TP*CP*GP*GP*GP*GP*GP*GP*GP*CP*CP*CP*CP*GP*GP*GP*G)-3')"
8 polymer "DNA (5'-D(P*CP*CP*CP*CP*GP*GP*GP*GP*CP*CP*CP*CP*CP*CP*CP*GP*GP*C)-3')"
9 non-polymer 'PHOSPHOTHIOPHOSPHORIC ACID-ADENYLATE ESTER'
10 non-polymer 'MAGNESIUM ION'
11 non-polymer "GUANOSINE-5'-DIPHOSPHATE"
#
loop_
_entity_poly.entity_id
_entity_poly.type
_entity_poly.pdbx_seq_one_letter_code
_entity_poly.pdbx_strand_id
1 'polypeptide(L)'
;MVNISDFFGKNKKSVRSSTSRPTRQVGSSKPEVIDLDTESDQESTNKTPKKMPVSNVIDVSETPEGEKKLPLPAKRKASS
PTVKPASSKKTKPSSKSSDSASNITAQDVLDKIPSLDLSNVHVKENAKFDFKSANSNADPDEIVSEIGSFPEGKPNCLLG
LTIVFTGVLPTLERGASEALAKRYGARVTKSISSKTSVVVLGDEAGPKKLEKIKQLKIKAIDEEGFKQLIAGMPAEGGDG
EAAEKARRKLEEQHNIATKEAELLVKKEEERSKKLAATRVSGGHLERDNVVREEDKLWTVKYAPTNLQQVCGNKGSVMKL
KNWLANWENSKKNSFKHAGKDGSGVFRAAMLYGPPGIGKTTAAHLVAQELGYDILEQNASDVRSKTLLNAGVKNALDNMS
VVGYFKHNEEAQNLNGKHFVIIMDEVDGMSGGDRGGVGQLAQFCRKTSTPLILICNERNLPKMRPFDRVCLDIQFRRPDA
NSIKSRLMTIAIREKFKLDPNVIDRLIQTTRGDIRQVINLLSTISTTTKTINHENINEISKAWEKNIALKPFDIAHKMLD
GQIYSDIGSRNFTLNDKIALYFDDFDFTPLMIQENYLSTRPSVLKPGQSHLEAVAEAANCISLGDIVEKKIRSSEQLWSL
LPLHAVLSSVYPASKVAGHMAGRINFTAWLGQNSKSAKYYRLLQEIHYHTRLGTSTDKIGLRLDYLPTFRKRLLDPFLKQ
GADAISSVIEVMDDYYLTKEDWDSIMEFFVGPDVTTAIIKKIPATVKSGFTRKYNSMTHPVAIYRTGSTIGGGGVGTSTS
TPDFEDVVDADDNPVPADDEETQDSSTDLKKDKLIKQKAKPTKRKTATSKPGGSKKRKTKAGLNENLYFQGGGDYKDDDD
KDYKDDDDKDYKDDDDKGGKDHLIHNVHKEEHAHAHNK
;
A
2 'polypeptide(L)'
;MSKTLSLQLPWVEKYRPQVLSDIVGNKETIDRLQQIAKDGNMPHMIISGMPGIGKTTSVHCLAHELLGRSYADGVLELNA
SDDRGIDVVRNQIKHFAQKKLHLPPGKHKIVILDEADSMTAGAQQALRRTMELYSNSTRFAFACNQSNKIIEPLQSRCAI
LRYSKLSDEDVLKRLLQIIKLEDVKYTNDGLEAIIFTAEGDMRQAINNLQSTVAGHGLVNADNVFKIVDSPHPLIVKKML
LASNLEDSIQILRTDLWKKGYSSIDIVTTSFRVTKNLAQVKESVRLEMIKEIGLTHMRILEGVGTYLQLASMLAKIHKLN
NKA
;
B
3 'polypeptide(L)'
;MSTSTEKRSKENLPWVEKYRPETLDEVYGQNEVITTVRKFVDEGKLPHLLFYGPPGTGKTSTIVALAREIYGKNYSNMVL
ELNASDDRGIDVVRNQIKDFASTRQIFSKGFKLIILDEADAMTNAAQNALRRVIERYTKNTRFCVLANYAHKLTPALLSR
CTRFRFQPLPQEAIERRIANVLVHEKLKLSPNAEKALIELSNGDMRRVLNVLQSCKATLDNPDEDEISDDVIYECCGAPR
PSDLKAVLKSILEDDWGTAHYTLNKVRSAKGLALIDLIEGIVKILEDYELQNEETRVHLLTKLADIEYSISKGGNDQIQG
SAVIGAIKASFENETKANV
;
C
4 'polypeptide(L)'
;MFEGFGPNKKRKISKLAAEQSLAQQPWVEKYRPKNLDEVTAQDHAVTVLKKTLKSANLPHMLFYGPPGTGKTSTILALTK
ELYGPDLMKSRILELNASDERGISIVREKVKNFARLTVSKPSKHDLENYPCPPYKIIILDEADSMTADAQSALRRTMETY
SGVTRFCLICNYVTRIIDPLASRCSKFRFKALDASNAIDRLRFISEQENVKCDDGVLERILDISAGDLRRGITLLQSASK
GAQYLGDGKNITSTQVEELAGVVPHDILIEIVEKVKSGDFDEIKKYVNTFMKSGWSAASVVNQLHEYYITNDNFDTNFKN
QISWLLFTTDSRLNNGTNEHIQLLNLLVKISQL
;
D
5 'polypeptide(L)'
;MSLWVDKYRPKSLNALSHNEELTNFLKSLSDQPRDLPHLLLYGPNGTGKKTRCMALLESIFGPGVYRLKIDVRQFVTASN
RKLELNVVSSPYHLEITPSDMGNNDRIVIQELLKEVAQMEQVDFQDSKDGLAHRYKCVIINEANSLTKDAQAALRRTMEK
YSKNIRLIMVCDSMSPIIAPIKSRCLLIRCPAPSDSEISTILSDVVTNERIQLETKDILKRIAQASNGNLRVSLLMLESM
ALNNELALKSSSPIIKPDWIIVIHKLTRKIVKERSVNSLIECRAVLYDLLAHCIPANIILKELTFSLLDVETLNTTNKSS
IIEYSSVFDERLSLGNKAIFHLEGFIAKVMCCLD
;
E
6 'polypeptide(L)'
;MGSSHHHHHHSSGLVPRASMLEAKFEEASLFKRIIDGFKDCVQLVNFQCKEDGIIAQAVDDSRVLLVSLEIGVEAFQEYR
CDHPVTLGMDLTSLSKILRCGNNTDTLTLIADNTPDSIILLFEDTKKDRIAEYSLKLMDIDADFLKIEELQYDSTLSLPS
SEFSKIVRDLSQLSDSINIMITKETIKFVADGDIGSGSVIIKPFVDMEHPETSIKLEMDQPVDLTFGAKYLLDIIKGSSL
SDRVGIRLSSEAPALFQFDLKSGFLQFFLAPKFNDEE
;
F,G,H
7 'polydeoxyribonucleotide'
;(DT)(DT)(DT)(DT)(DT)(DT)(DC)(DG)(DG)(DG)(DG)(DG)(DG)(DG)(DC)(DC)(DC)(DC)(DG)(DG)
(DG)(DG)
;
I
8 'polydeoxyribonucleotide' (DC)(DC)(DC)(DC)(DG)(DG)(DG)(DG)(DC)(DC)(DC)(DC)(DC)(DC)(DC)(DG)(DG)(DC) J
#
loop_
_chem_comp.id
_chem_comp.type
_chem_comp.name
_chem_comp.formula
AGS non-polymer 'PHOSPHOTHIOPHOSPHORIC ACID-ADENYLATE ESTER' 'C10 H16 N5 O12 P3 S'
DC DNA linking 2'-DEOXYCYTIDINE-5'-MONOPHOSPHATE 'C9 H14 N3 O7 P'
DG DNA linking 2'-DEOXYGUANOSINE-5'-MONOPHOSPHATE 'C10 H14 N5 O7 P'
DT DNA linking THYMIDINE-5'-MONOPHOSPHATE 'C10 H15 N2 O8 P'
GDP RNA linking GUANOSINE-5'-DIPHOSPHATE 'C10 H15 N5 O11 P2'
MG non-polymer 'MAGNESIUM ION' 'Mg 2'
#
# COMPACT_ATOMS: atom_id res chain seq x y z
N VAL A 290 -32.99 -41.25 4.03
CA VAL A 290 -33.71 -40.51 5.06
C VAL A 290 -34.30 -39.24 4.47
N VAL A 291 -33.61 -38.67 3.49
CA VAL A 291 -34.05 -37.44 2.84
C VAL A 291 -35.04 -37.80 1.73
N ARG A 292 -36.24 -37.23 1.80
CA ARG A 292 -37.23 -37.49 0.78
C ARG A 292 -36.73 -37.00 -0.58
N GLU A 293 -36.96 -37.81 -1.62
CA GLU A 293 -36.48 -37.46 -2.95
C GLU A 293 -37.15 -36.21 -3.48
N GLU A 294 -38.30 -35.81 -2.94
CA GLU A 294 -39.00 -34.62 -3.39
C GLU A 294 -38.38 -33.34 -2.85
N ASP A 295 -37.50 -33.42 -1.86
CA ASP A 295 -36.84 -32.26 -1.27
C ASP A 295 -35.45 -32.04 -1.84
N LYS A 296 -35.08 -32.75 -2.90
CA LYS A 296 -33.78 -32.63 -3.52
C LYS A 296 -33.86 -31.75 -4.77
N LEU A 297 -32.80 -31.00 -5.03
CA LEU A 297 -32.70 -30.24 -6.26
C LEU A 297 -32.64 -31.19 -7.46
N TRP A 298 -33.24 -30.76 -8.57
CA TRP A 298 -33.25 -31.62 -9.75
C TRP A 298 -31.84 -31.89 -10.25
N THR A 299 -30.94 -30.91 -10.12
CA THR A 299 -29.55 -31.13 -10.50
C THR A 299 -28.94 -32.29 -9.74
N VAL A 300 -29.43 -32.58 -8.54
CA VAL A 300 -28.98 -33.73 -7.78
C VAL A 300 -29.78 -34.99 -8.13
N LYS A 301 -31.09 -34.84 -8.31
CA LYS A 301 -31.94 -35.99 -8.61
C LYS A 301 -31.53 -36.63 -9.94
N TYR A 302 -31.27 -35.81 -10.97
CA TYR A 302 -30.99 -36.29 -12.30
C TYR A 302 -29.51 -36.19 -12.66
N ALA A 303 -28.63 -36.32 -11.66
CA ALA A 303 -27.20 -36.30 -11.94
C ALA A 303 -26.80 -37.54 -12.73
N PRO A 304 -25.82 -37.44 -13.65
CA PRO A 304 -25.41 -38.62 -14.41
C PRO A 304 -24.76 -39.66 -13.51
N THR A 305 -25.37 -40.84 -13.45
CA THR A 305 -24.85 -41.95 -12.66
C THR A 305 -23.93 -42.86 -13.47
N ASN A 306 -23.80 -42.63 -14.78
CA ASN A 306 -22.95 -43.43 -15.64
C ASN A 306 -22.28 -42.53 -16.67
N LEU A 307 -21.10 -42.96 -17.14
CA LEU A 307 -20.38 -42.16 -18.11
C LEU A 307 -21.14 -42.00 -19.42
N GLN A 308 -22.01 -42.94 -19.75
CA GLN A 308 -22.82 -42.81 -20.97
C GLN A 308 -24.04 -41.92 -20.77
N GLN A 309 -24.30 -41.48 -19.54
CA GLN A 309 -25.42 -40.60 -19.25
C GLN A 309 -25.05 -39.12 -19.34
N VAL A 310 -23.77 -38.81 -19.52
CA VAL A 310 -23.31 -37.43 -19.61
C VAL A 310 -23.48 -36.95 -21.05
N CYS A 311 -24.11 -35.80 -21.22
CA CYS A 311 -24.43 -35.28 -22.55
C CYS A 311 -23.32 -34.37 -23.04
N GLY A 312 -22.85 -34.62 -24.26
CA GLY A 312 -21.89 -33.75 -24.90
C GLY A 312 -20.45 -34.10 -24.54
N ASN A 313 -19.53 -33.54 -25.32
CA ASN A 313 -18.09 -33.71 -25.09
C ASN A 313 -17.73 -35.19 -25.02
N LYS A 314 -18.31 -35.98 -25.92
CA LYS A 314 -18.02 -37.41 -25.95
C LYS A 314 -16.55 -37.66 -26.27
N GLY A 315 -15.99 -36.88 -27.20
CA GLY A 315 -14.59 -37.07 -27.55
C GLY A 315 -13.65 -36.83 -26.39
N SER A 316 -13.86 -35.75 -25.64
CA SER A 316 -13.00 -35.46 -24.50
C SER A 316 -13.14 -36.52 -23.42
N VAL A 317 -14.37 -37.00 -23.18
CA VAL A 317 -14.58 -38.04 -22.18
C VAL A 317 -13.84 -39.31 -22.59
N MET A 318 -13.93 -39.68 -23.87
CA MET A 318 -13.22 -40.86 -24.36
C MET A 318 -11.72 -40.68 -24.25
N LYS A 319 -11.22 -39.48 -24.56
CA LYS A 319 -9.79 -39.23 -24.43
C LYS A 319 -9.32 -39.38 -22.99
N LEU A 320 -10.09 -38.83 -22.05
CA LEU A 320 -9.74 -38.96 -20.64
C LEU A 320 -9.77 -40.41 -20.20
N LYS A 321 -10.80 -41.15 -20.63
CA LYS A 321 -10.89 -42.57 -20.28
C LYS A 321 -9.67 -43.32 -20.80
N ASN A 322 -9.31 -43.08 -22.06
CA ASN A 322 -8.18 -43.79 -22.64
C ASN A 322 -6.88 -43.43 -21.94
N TRP A 323 -6.69 -42.15 -21.61
CA TRP A 323 -5.48 -41.74 -20.93
C TRP A 323 -5.37 -42.38 -19.55
N LEU A 324 -6.48 -42.40 -18.80
CA LEU A 324 -6.42 -42.95 -17.45
C LEU A 324 -6.31 -44.47 -17.46
N ALA A 325 -6.87 -45.12 -18.48
CA ALA A 325 -6.78 -46.58 -18.55
C ALA A 325 -5.40 -47.06 -18.95
N ASN A 326 -4.59 -46.20 -19.59
CA ASN A 326 -3.25 -46.56 -20.00
C ASN A 326 -2.18 -45.94 -19.09
N TRP A 327 -2.58 -45.41 -17.94
CA TRP A 327 -1.59 -44.79 -17.05
C TRP A 327 -0.57 -45.81 -16.56
N GLU A 328 -1.01 -47.02 -16.22
CA GLU A 328 -0.07 -48.04 -15.76
C GLU A 328 0.90 -48.43 -16.88
N ASN A 329 0.40 -48.56 -18.11
CA ASN A 329 1.28 -48.91 -19.22
C ASN A 329 2.34 -47.84 -19.44
N SER A 330 1.94 -46.56 -19.38
CA SER A 330 2.90 -45.48 -19.49
C SER A 330 3.90 -45.51 -18.34
N LYS A 331 3.42 -45.83 -17.13
CA LYS A 331 4.32 -45.93 -15.99
C LYS A 331 5.38 -47.00 -16.20
N LYS A 332 4.98 -48.15 -16.74
CA LYS A 332 5.95 -49.20 -17.02
C LYS A 332 7.00 -48.73 -18.02
N ASN A 333 6.65 -47.76 -18.86
CA ASN A 333 7.59 -47.19 -19.84
C ASN A 333 8.16 -45.86 -19.38
N SER A 334 7.96 -45.49 -18.11
CA SER A 334 8.46 -44.23 -17.58
C SER A 334 7.85 -43.03 -18.29
N PHE A 335 6.64 -43.20 -18.82
CA PHE A 335 5.94 -42.12 -19.52
C PHE A 335 6.80 -41.53 -20.64
N LYS A 336 7.48 -42.41 -21.38
CA LYS A 336 8.36 -42.02 -22.47
C LYS A 336 7.81 -42.35 -23.84
N HIS A 337 7.20 -43.52 -24.02
CA HIS A 337 6.70 -43.96 -25.32
C HIS A 337 5.27 -43.47 -25.49
N ALA A 338 5.11 -42.39 -26.27
CA ALA A 338 3.78 -41.89 -26.55
C ALA A 338 2.98 -42.90 -27.35
N GLY A 339 1.69 -43.01 -27.05
CA GLY A 339 0.81 -43.96 -27.69
C GLY A 339 0.23 -43.43 -28.98
N LYS A 340 -0.81 -44.12 -29.46
CA LYS A 340 -1.47 -43.72 -30.70
C LYS A 340 -2.07 -42.33 -30.58
N ASP A 341 -2.71 -42.04 -29.44
CA ASP A 341 -3.32 -40.74 -29.22
C ASP A 341 -2.32 -39.69 -28.74
N GLY A 342 -1.08 -40.07 -28.47
CA GLY A 342 -0.09 -39.15 -27.96
C GLY A 342 -0.18 -38.87 -26.48
N SER A 343 -1.08 -39.52 -25.76
CA SER A 343 -1.25 -39.32 -24.32
C SER A 343 -0.45 -40.37 -23.55
N GLY A 344 0.87 -40.31 -23.71
CA GLY A 344 1.76 -41.23 -23.04
C GLY A 344 2.91 -40.53 -22.34
N VAL A 345 3.08 -39.24 -22.62
CA VAL A 345 4.14 -38.43 -22.01
C VAL A 345 3.61 -37.55 -20.91
N PHE A 346 2.32 -37.56 -20.63
CA PHE A 346 1.70 -36.74 -19.58
C PHE A 346 1.22 -37.66 -18.47
N ARG A 347 1.68 -37.40 -17.25
CA ARG A 347 1.27 -38.16 -16.08
C ARG A 347 0.08 -37.53 -15.35
N ALA A 348 -0.45 -36.43 -15.87
CA ALA A 348 -1.58 -35.74 -15.25
C ALA A 348 -2.41 -35.08 -16.31
N ALA A 349 -3.74 -35.19 -16.17
CA ALA A 349 -4.68 -34.60 -17.11
C ALA A 349 -5.23 -33.28 -16.56
N MET A 350 -5.56 -32.37 -17.47
CA MET A 350 -6.08 -31.05 -17.12
C MET A 350 -7.36 -30.83 -17.91
N LEU A 351 -8.50 -31.00 -17.26
CA LEU A 351 -9.80 -30.79 -17.88
C LEU A 351 -10.19 -29.33 -17.67
N TYR A 352 -10.56 -28.64 -18.76
CA TYR A 352 -11.02 -27.27 -18.63
C TYR A 352 -12.10 -26.97 -19.65
N GLY A 353 -12.93 -26.00 -19.31
CA GLY A 353 -14.08 -25.61 -20.11
C GLY A 353 -14.91 -24.59 -19.37
N PRO A 354 -16.08 -24.24 -19.92
CA PRO A 354 -16.95 -23.26 -19.26
C PRO A 354 -17.70 -23.88 -18.10
N PRO A 355 -18.34 -23.07 -17.26
CA PRO A 355 -19.06 -23.63 -16.11
C PRO A 355 -20.29 -24.44 -16.52
N GLY A 356 -20.58 -25.46 -15.73
CA GLY A 356 -21.81 -26.21 -15.86
C GLY A 356 -21.85 -27.24 -16.97
N ILE A 357 -20.71 -27.63 -17.52
CA ILE A 357 -20.72 -28.59 -18.63
C ILE A 357 -20.72 -30.02 -18.13
N GLY A 358 -20.13 -30.27 -16.96
CA GLY A 358 -20.08 -31.62 -16.42
C GLY A 358 -18.66 -32.13 -16.27
N LYS A 359 -17.71 -31.22 -16.04
CA LYS A 359 -16.32 -31.63 -15.86
C LYS A 359 -16.14 -32.46 -14.60
N THR A 360 -16.69 -31.99 -13.47
CA THR A 360 -16.52 -32.70 -12.21
C THR A 360 -17.17 -34.08 -12.26
N THR A 361 -18.40 -34.15 -12.78
CA THR A 361 -19.08 -35.43 -12.86
C THR A 361 -18.34 -36.40 -13.78
N ALA A 362 -17.85 -35.90 -14.91
CA ALA A 362 -17.12 -36.74 -15.84
C ALA A 362 -15.84 -37.28 -15.19
N ALA A 363 -15.10 -36.41 -14.51
CA ALA A 363 -13.86 -36.84 -13.86
C ALA A 363 -14.15 -37.89 -12.79
N HIS A 364 -15.17 -37.64 -11.97
CA HIS A 364 -15.50 -38.59 -10.91
C HIS A 364 -15.90 -39.94 -11.50
N LEU A 365 -16.75 -39.92 -12.54
CA LEU A 365 -17.23 -41.18 -13.11
C LEU A 365 -16.11 -41.95 -13.78
N VAL A 366 -15.22 -41.27 -14.50
CA VAL A 366 -14.09 -41.97 -15.09
C VAL A 366 -13.19 -42.55 -13.99
N ALA A 367 -13.05 -41.83 -12.87
CA ALA A 367 -12.27 -42.36 -11.77
C ALA A 367 -12.89 -43.64 -11.21
N GLN A 368 -14.20 -43.64 -10.98
CA GLN A 368 -14.83 -44.82 -10.38
C GLN A 368 -14.84 -46.00 -11.35
N GLU A 369 -15.09 -45.75 -12.64
CA GLU A 369 -15.27 -46.85 -13.58
C GLU A 369 -14.02 -47.71 -13.67
N LEU A 370 -12.84 -47.10 -13.66
CA LEU A 370 -11.60 -47.86 -13.72
C LEU A 370 -11.23 -48.50 -12.39
N GLY A 371 -11.97 -48.23 -11.32
CA GLY A 371 -11.74 -48.88 -10.04
C GLY A 371 -10.80 -48.16 -9.12
N TYR A 372 -10.25 -47.02 -9.50
CA TYR A 372 -9.34 -46.29 -8.64
C TYR A 372 -10.07 -45.75 -7.42
N ASP A 373 -9.29 -45.26 -6.46
CA ASP A 373 -9.81 -44.53 -5.30
C ASP A 373 -9.54 -43.05 -5.49
N ILE A 374 -10.52 -42.23 -5.14
CA ILE A 374 -10.49 -40.80 -5.42
C ILE A 374 -10.07 -40.04 -4.18
N LEU A 375 -9.08 -39.17 -4.31
CA LEU A 375 -8.66 -38.23 -3.28
C LEU A 375 -8.91 -36.83 -3.85
N GLU A 376 -10.07 -36.27 -3.53
CA GLU A 376 -10.54 -35.03 -4.14
C GLU A 376 -10.33 -33.86 -3.20
N GLN A 377 -9.90 -32.73 -3.76
CA GLN A 377 -9.73 -31.48 -3.04
C GLN A 377 -10.36 -30.36 -3.86
N ASN A 378 -10.76 -29.30 -3.17
CA ASN A 378 -11.43 -28.17 -3.81
C ASN A 378 -11.05 -26.89 -3.08
N ALA A 379 -11.61 -25.77 -3.55
CA ALA A 379 -11.33 -24.47 -2.93
C ALA A 379 -11.88 -24.39 -1.51
N SER A 380 -12.77 -25.29 -1.12
CA SER A 380 -13.27 -25.33 0.25
C SER A 380 -12.21 -25.82 1.23
N ASP A 381 -11.09 -26.35 0.75
CA ASP A 381 -10.00 -26.81 1.59
C ASP A 381 -8.78 -25.90 1.43
N VAL A 382 -7.92 -25.91 2.43
CA VAL A 382 -6.69 -25.12 2.38
C VAL A 382 -5.65 -25.88 1.56
N ARG A 383 -5.11 -25.21 0.54
CA ARG A 383 -4.18 -25.83 -0.40
C ARG A 383 -3.00 -24.90 -0.65
N SER A 384 -2.43 -24.36 0.41
CA SER A 384 -1.25 -23.50 0.29
C SER A 384 0.01 -24.36 0.17
N LYS A 385 1.15 -23.68 0.08
CA LYS A 385 2.43 -24.38 -0.04
C LYS A 385 2.61 -25.40 1.09
N THR A 386 2.44 -24.95 2.34
CA THR A 386 2.65 -25.83 3.48
C THR A 386 1.63 -26.97 3.49
N LEU A 387 0.36 -26.64 3.33
CA LEU A 387 -0.67 -27.68 3.38
C LEU A 387 -0.53 -28.66 2.23
N LEU A 388 -0.18 -28.15 1.04
CA LEU A 388 0.04 -29.06 -0.09
C LEU A 388 1.22 -29.98 0.17
N ASN A 389 2.32 -29.44 0.67
CA ASN A 389 3.49 -30.25 0.97
C ASN A 389 3.24 -31.23 2.11
N ALA A 390 2.27 -30.96 2.98
CA ALA A 390 1.96 -31.84 4.10
C ALA A 390 0.97 -32.94 3.75
N GLY A 391 -0.15 -32.61 3.12
CA GLY A 391 -1.22 -33.58 2.92
C GLY A 391 -1.18 -34.33 1.61
N VAL A 392 -1.16 -33.62 0.49
CA VAL A 392 -1.25 -34.30 -0.80
C VAL A 392 0.12 -34.81 -1.26
N LYS A 393 1.20 -34.12 -0.86
CA LYS A 393 2.53 -34.58 -1.24
C LYS A 393 2.80 -36.00 -0.73
N ASN A 394 2.27 -36.34 0.44
CA ASN A 394 2.50 -37.65 1.03
C ASN A 394 1.58 -38.72 0.46
N ALA A 395 0.60 -38.34 -0.37
CA ALA A 395 -0.32 -39.30 -0.96
C ALA A 395 -0.01 -39.63 -2.41
N LEU A 396 0.92 -38.89 -3.04
CA LEU A 396 1.23 -39.15 -4.45
C LEU A 396 1.92 -40.49 -4.66
N ASP A 397 2.47 -41.09 -3.60
CA ASP A 397 3.15 -42.38 -3.72
C ASP A 397 2.82 -43.28 -2.53
N ASN A 398 1.61 -43.17 -1.99
CA ASN A 398 1.20 -43.92 -0.82
C ASN A 398 -0.01 -44.78 -1.14
N MET A 399 -0.06 -45.95 -0.52
CA MET A 399 -1.19 -46.85 -0.69
C MET A 399 -2.40 -46.32 0.07
N SER A 400 -3.59 -46.66 -0.42
CA SER A 400 -4.85 -46.24 0.20
C SER A 400 -5.26 -47.28 1.23
N VAL A 401 -5.32 -46.88 2.50
CA VAL A 401 -5.73 -47.80 3.55
C VAL A 401 -7.19 -48.19 3.35
N VAL A 402 -8.05 -47.22 3.03
CA VAL A 402 -9.44 -47.53 2.72
C VAL A 402 -9.52 -48.46 1.51
N GLY A 403 -8.64 -48.24 0.52
CA GLY A 403 -8.59 -49.15 -0.61
C GLY A 403 -8.19 -50.55 -0.20
N TYR A 404 -7.21 -50.67 0.71
CA TYR A 404 -6.79 -51.99 1.18
C TYR A 404 -7.95 -52.70 1.90
N PHE A 405 -8.67 -51.97 2.75
CA PHE A 405 -9.73 -52.60 3.53
C PHE A 405 -10.95 -52.92 2.67
N LYS A 406 -11.27 -52.08 1.68
CA LYS A 406 -12.44 -52.33 0.85
C LYS A 406 -12.29 -53.63 0.07
N HIS A 407 -11.10 -53.87 -0.48
CA HIS A 407 -10.85 -55.09 -1.26
C HIS A 407 -10.64 -56.28 -0.34
N ASN A 413 -10.41 -55.78 -8.11
CA ASN A 413 -9.61 -55.01 -9.06
C ASN A 413 -8.17 -54.88 -8.58
N LEU A 414 -7.26 -54.65 -9.52
CA LEU A 414 -5.84 -54.49 -9.23
C LEU A 414 -5.46 -53.04 -8.96
N ASN A 415 -6.39 -52.10 -9.08
CA ASN A 415 -6.09 -50.69 -8.96
C ASN A 415 -6.91 -50.00 -7.88
N GLY A 416 -7.57 -50.76 -7.01
CA GLY A 416 -8.37 -50.18 -5.94
C GLY A 416 -7.58 -49.67 -4.76
N LYS A 417 -6.28 -49.93 -4.72
CA LYS A 417 -5.42 -49.47 -3.64
C LYS A 417 -4.60 -48.24 -4.01
N HIS A 418 -4.88 -47.63 -5.16
CA HIS A 418 -4.17 -46.46 -5.64
C HIS A 418 -5.06 -45.23 -5.56
N PHE A 419 -4.44 -44.06 -5.68
CA PHE A 419 -5.11 -42.77 -5.55
C PHE A 419 -5.14 -42.05 -6.89
N VAL A 420 -6.32 -41.58 -7.28
CA VAL A 420 -6.47 -40.65 -8.38
C VAL A 420 -6.82 -39.30 -7.76
N ILE A 421 -5.82 -38.42 -7.66
CA ILE A 421 -6.01 -37.12 -7.04
C ILE A 421 -6.76 -36.22 -8.01
N ILE A 422 -7.88 -35.67 -7.56
CA ILE A 422 -8.69 -34.76 -8.37
C ILE A 422 -8.68 -33.40 -7.68
N MET A 423 -7.89 -32.47 -8.21
CA MET A 423 -7.78 -31.12 -7.66
C MET A 423 -8.75 -30.24 -8.44
N ASP A 424 -9.97 -30.12 -7.93
CA ASP A 424 -11.00 -29.33 -8.59
C ASP A 424 -10.84 -27.84 -8.26
N GLU A 425 -11.39 -27.01 -9.14
CA GLU A 425 -11.43 -25.56 -8.94
C GLU A 425 -10.03 -24.99 -8.68
N VAL A 426 -9.07 -25.41 -9.50
CA VAL A 426 -7.73 -24.85 -9.42
C VAL A 426 -7.75 -23.36 -9.75
N ASP A 427 -8.71 -22.92 -10.55
CA ASP A 427 -8.81 -21.50 -10.88
C ASP A 427 -9.05 -20.66 -9.63
N GLY A 428 -9.65 -21.24 -8.60
CA GLY A 428 -9.89 -20.55 -7.35
C GLY A 428 -8.71 -20.52 -6.41
N MET A 429 -7.60 -21.16 -6.76
CA MET A 429 -6.41 -21.17 -5.92
C MET A 429 -5.72 -19.82 -6.03
N SER A 430 -6.21 -18.87 -5.25
CA SER A 430 -5.65 -17.52 -5.25
C SER A 430 -4.27 -17.52 -4.61
N GLY A 431 -3.32 -16.89 -5.28
CA GLY A 431 -1.96 -16.79 -4.76
C GLY A 431 -0.91 -16.90 -5.85
N GLY A 432 0.36 -16.69 -5.48
CA GLY A 432 1.46 -16.82 -6.42
C GLY A 432 2.31 -18.03 -6.13
N ASP A 433 3.51 -17.81 -5.58
CA ASP A 433 4.38 -18.92 -5.22
C ASP A 433 3.88 -19.67 -4.00
N ARG A 434 3.29 -18.96 -3.04
CA ARG A 434 2.79 -19.58 -1.81
C ARG A 434 1.36 -20.12 -1.95
N GLY A 435 0.69 -19.84 -3.07
CA GLY A 435 -0.68 -20.29 -3.24
C GLY A 435 -0.82 -21.76 -3.50
N GLY A 436 0.27 -22.47 -3.76
CA GLY A 436 0.23 -23.89 -4.04
C GLY A 436 0.05 -24.24 -5.50
N VAL A 437 -0.21 -23.27 -6.36
CA VAL A 437 -0.32 -23.54 -7.79
C VAL A 437 1.01 -24.07 -8.32
N GLY A 438 2.12 -23.44 -7.91
CA GLY A 438 3.42 -23.93 -8.31
C GLY A 438 3.70 -25.34 -7.80
N GLN A 439 3.24 -25.63 -6.58
CA GLN A 439 3.43 -26.97 -6.05
C GLN A 439 2.68 -28.01 -6.87
N LEU A 440 1.44 -27.69 -7.27
CA LEU A 440 0.70 -28.63 -8.09
C LEU A 440 1.35 -28.79 -9.46
N ALA A 441 1.88 -27.70 -10.02
CA ALA A 441 2.61 -27.80 -11.28
C ALA A 441 3.82 -28.73 -11.13
N GLN A 442 4.56 -28.59 -10.03
CA GLN A 442 5.70 -29.47 -9.79
C GLN A 442 5.26 -30.92 -9.64
N PHE A 443 4.17 -31.15 -8.90
CA PHE A 443 3.70 -32.51 -8.70
C PHE A 443 3.25 -33.13 -10.02
N CYS A 444 2.71 -32.32 -10.93
CA CYS A 444 2.37 -32.83 -12.25
C CYS A 444 3.60 -33.36 -12.98
N ARG A 445 4.79 -32.93 -12.58
CA ARG A 445 6.03 -33.49 -13.13
C ARG A 445 6.53 -34.69 -12.34
N LYS A 446 6.08 -34.88 -11.10
CA LYS A 446 6.54 -35.97 -10.25
C LYS A 446 5.33 -36.52 -9.49
N THR A 447 4.88 -37.71 -9.87
CA THR A 447 3.76 -38.36 -9.19
C THR A 447 3.70 -39.80 -9.64
N SER A 448 3.46 -40.70 -8.67
CA SER A 448 3.40 -42.13 -8.94
C SER A 448 1.97 -42.62 -9.19
N THR A 449 0.99 -41.74 -9.14
CA THR A 449 -0.41 -42.11 -9.35
C THR A 449 -1.06 -41.08 -10.25
N PRO A 450 -2.17 -41.44 -10.90
CA PRO A 450 -2.83 -40.50 -11.81
C PRO A 450 -3.28 -39.23 -11.09
N LEU A 451 -3.21 -38.12 -11.82
CA LEU A 451 -3.59 -36.81 -11.29
C LEU A 451 -4.51 -36.13 -12.28
N ILE A 452 -5.59 -35.54 -11.78
CA ILE A 452 -6.57 -34.82 -12.59
C ILE A 452 -6.78 -33.44 -11.99
N LEU A 453 -6.64 -32.41 -12.82
CA LEU A 453 -6.88 -31.03 -12.41
C LEU A 453 -8.01 -30.46 -13.25
N ILE A 454 -8.98 -29.83 -12.57
CA ILE A 454 -10.15 -29.25 -13.22
C ILE A 454 -10.15 -27.76 -12.95
N CYS A 455 -10.31 -26.97 -14.02
CA CYS A 455 -10.39 -25.51 -13.91
C CYS A 455 -11.42 -25.02 -14.91
N ASN A 456 -11.65 -23.71 -14.91
CA ASN A 456 -12.59 -23.06 -15.82
C ASN A 456 -11.89 -22.19 -16.86
N GLU A 457 -11.01 -21.30 -16.43
CA GLU A 457 -10.29 -20.40 -17.32
C GLU A 457 -8.81 -20.78 -17.32
N ARG A 458 -8.45 -21.70 -18.21
CA ARG A 458 -7.04 -22.09 -18.32
C ARG A 458 -6.18 -20.97 -18.88
N ASN A 459 -6.77 -20.11 -19.72
CA ASN A 459 -6.05 -18.97 -20.30
C ASN A 459 -5.94 -17.84 -19.28
N LEU A 460 -5.28 -18.16 -18.16
CA LEU A 460 -5.12 -17.23 -17.05
C LEU A 460 -3.65 -17.18 -16.66
N PRO A 461 -3.13 -16.00 -16.28
CA PRO A 461 -1.72 -15.94 -15.87
C PRO A 461 -1.38 -16.89 -14.73
N LYS A 462 -2.28 -17.03 -13.76
CA LYS A 462 -2.00 -17.91 -12.62
C LYS A 462 -1.81 -19.35 -13.04
N MET A 463 -2.34 -19.74 -14.20
CA MET A 463 -2.19 -21.10 -14.71
C MET A 463 -0.97 -21.27 -15.60
N ARG A 464 -0.16 -20.22 -15.76
CA ARG A 464 1.04 -20.33 -16.58
C ARG A 464 1.95 -21.47 -16.15
N PRO A 465 2.20 -21.72 -14.86
CA PRO A 465 3.11 -22.82 -14.48
C PRO A 465 2.68 -24.16 -15.06
N PHE A 466 1.42 -24.29 -15.45
CA PHE A 466 0.90 -25.50 -16.06
C PHE A 466 0.89 -25.41 -17.59
N ASP A 467 1.77 -24.62 -18.18
CA ASP A 467 1.79 -24.47 -19.64
C ASP A 467 1.86 -25.82 -20.33
N ARG A 468 2.96 -26.56 -20.09
CA ARG A 468 3.13 -27.91 -20.64
C ARG A 468 3.54 -28.83 -19.49
N VAL A 469 2.55 -29.30 -18.74
CA VAL A 469 2.80 -30.28 -17.67
C VAL A 469 1.74 -31.38 -17.70
N CYS A 470 0.65 -31.15 -18.42
CA CYS A 470 -0.51 -32.02 -18.36
C CYS A 470 -1.10 -32.20 -19.75
N LEU A 471 -1.92 -33.24 -19.89
CA LEU A 471 -2.68 -33.50 -21.12
C LEU A 471 -3.94 -32.66 -21.05
N ASP A 472 -4.04 -31.66 -21.93
CA ASP A 472 -5.20 -30.78 -21.94
C ASP A 472 -6.42 -31.50 -22.52
N ILE A 473 -7.56 -31.31 -21.88
CA ILE A 473 -8.83 -31.89 -22.32
C ILE A 473 -9.89 -30.80 -22.30
N GLN A 474 -10.47 -30.53 -23.46
CA GLN A 474 -11.43 -29.44 -23.61
C GLN A 474 -12.86 -29.94 -23.42
N PHE A 475 -13.64 -29.18 -22.67
CA PHE A 475 -15.08 -29.36 -22.58
C PHE A 475 -15.74 -28.11 -23.13
N ARG A 476 -16.62 -28.29 -24.11
CA ARG A 476 -17.23 -27.18 -24.83
C ARG A 476 -18.74 -27.18 -24.60
N ARG A 477 -19.35 -26.04 -24.89
CA ARG A 477 -20.79 -25.87 -24.75
C ARG A 477 -21.50 -27.01 -25.48
N PRO A 478 -22.18 -27.91 -24.76
CA PRO A 478 -22.83 -29.04 -25.44
C PRO A 478 -23.92 -28.55 -26.38
N ASP A 479 -24.11 -29.31 -27.46
CA ASP A 479 -25.11 -28.96 -28.46
C ASP A 479 -26.52 -29.13 -27.87
N ALA A 480 -27.47 -28.41 -28.47
CA ALA A 480 -28.84 -28.45 -27.99
C ALA A 480 -29.44 -29.85 -28.11
N ASN A 481 -29.10 -30.57 -29.19
CA ASN A 481 -29.68 -31.88 -29.42
C ASN A 481 -29.34 -32.85 -28.30
N SER A 482 -28.08 -32.82 -27.83
CA SER A 482 -27.66 -33.75 -26.79
C SER A 482 -28.44 -33.53 -25.49
N ILE A 483 -28.69 -32.26 -25.15
CA ILE A 483 -29.39 -31.95 -23.91
C ILE A 483 -30.89 -32.05 -24.04
N LYS A 484 -31.42 -32.04 -25.27
CA LYS A 484 -32.87 -32.03 -25.47
C LYS A 484 -33.51 -33.29 -24.92
N SER A 485 -32.87 -34.44 -25.09
CA SER A 485 -33.45 -35.69 -24.61
C SER A 485 -33.62 -35.65 -23.10
N ARG A 486 -32.58 -35.25 -22.38
CA ARG A 486 -32.65 -35.19 -20.92
C ARG A 486 -33.67 -34.14 -20.49
N LEU A 487 -33.71 -32.99 -21.17
CA LEU A 487 -34.69 -31.97 -20.80
C LEU A 487 -36.12 -32.49 -20.98
N MET A 488 -36.38 -33.18 -22.07
CA MET A 488 -37.70 -33.76 -22.29
C MET A 488 -38.04 -34.79 -21.23
N THR A 489 -37.06 -35.64 -20.88
CA THR A 489 -37.30 -36.64 -19.84
C THR A 489 -37.65 -35.98 -18.52
N ILE A 490 -36.89 -34.95 -18.14
CA ILE A 490 -37.15 -34.25 -16.88
C ILE A 490 -38.52 -33.59 -16.91
N ALA A 491 -38.86 -32.95 -18.03
CA ALA A 491 -40.17 -32.32 -18.14
C ALA A 491 -41.29 -33.35 -18.00
N ILE A 492 -41.12 -34.51 -18.62
CA ILE A 492 -42.13 -35.56 -18.52
C ILE A 492 -42.28 -36.02 -17.08
N ARG A 493 -41.15 -36.24 -16.41
CA ARG A 493 -41.21 -36.74 -15.03
C ARG A 493 -41.77 -35.70 -14.07
N GLU A 494 -41.55 -34.42 -14.34
CA GLU A 494 -41.98 -33.36 -13.43
C GLU A 494 -43.41 -32.90 -13.67
N LYS A 495 -44.08 -33.42 -14.69
CA LYS A 495 -45.49 -33.13 -14.93
C LYS A 495 -45.74 -31.65 -15.20
N PHE A 496 -45.08 -31.12 -16.22
CA PHE A 496 -45.37 -29.78 -16.71
C PHE A 496 -45.17 -29.75 -18.21
N LYS A 497 -45.81 -28.77 -18.85
CA LYS A 497 -45.83 -28.68 -20.31
C LYS A 497 -44.58 -27.96 -20.78
N LEU A 498 -43.79 -28.63 -21.64
CA LEU A 498 -42.59 -28.06 -22.23
C LEU A 498 -42.64 -28.28 -23.73
N ASP A 499 -42.64 -27.19 -24.49
CA ASP A 499 -42.65 -27.29 -25.94
C ASP A 499 -41.26 -27.71 -26.42
N PRO A 500 -41.16 -28.69 -27.33
CA PRO A 500 -39.82 -29.09 -27.79
C PRO A 500 -39.04 -27.94 -28.41
N ASN A 501 -39.70 -27.03 -29.11
CA ASN A 501 -38.99 -25.92 -29.74
C ASN A 501 -38.44 -24.95 -28.69
N VAL A 502 -39.19 -24.74 -27.60
CA VAL A 502 -38.76 -23.79 -26.58
C VAL A 502 -37.44 -24.23 -25.96
N ILE A 503 -37.13 -25.53 -26.01
CA ILE A 503 -35.92 -26.04 -25.40
C ILE A 503 -34.69 -25.40 -26.03
N ASP A 504 -34.73 -25.18 -27.35
CA ASP A 504 -33.60 -24.56 -28.03
C ASP A 504 -33.35 -23.15 -27.50
N ARG A 505 -34.42 -22.37 -27.35
CA ARG A 505 -34.29 -21.01 -26.84
C ARG A 505 -33.78 -21.03 -25.40
N LEU A 506 -34.28 -21.97 -24.58
CA LEU A 506 -33.82 -22.07 -23.20
C LEU A 506 -32.33 -22.38 -23.16
N ILE A 507 -31.89 -23.30 -24.01
CA ILE A 507 -30.47 -23.66 -24.04
C ILE A 507 -29.63 -22.47 -24.50
N GLN A 508 -30.14 -21.70 -25.46
CA GLN A 508 -29.43 -20.50 -25.90
C GLN A 508 -29.32 -19.49 -24.77
N THR A 509 -30.39 -19.35 -23.97
CA THR A 509 -30.38 -18.37 -22.88
C THR A 509 -29.29 -18.66 -21.86
N THR A 510 -29.13 -19.94 -21.48
CA THR A 510 -28.15 -20.31 -20.48
C THR A 510 -26.73 -20.41 -21.03
N ARG A 511 -26.55 -20.29 -22.35
CA ARG A 511 -25.24 -20.39 -22.96
C ARG A 511 -24.58 -21.72 -22.62
N GLY A 512 -25.28 -22.81 -22.91
CA GLY A 512 -24.72 -24.13 -22.68
C GLY A 512 -24.42 -24.45 -21.23
N ASP A 513 -25.32 -24.09 -20.32
CA ASP A 513 -25.17 -24.36 -18.90
C ASP A 513 -26.32 -25.25 -18.46
N ILE A 514 -26.08 -26.56 -18.48
CA ILE A 514 -27.14 -27.53 -18.22
C ILE A 514 -27.70 -27.34 -16.82
N ARG A 515 -26.82 -27.13 -15.84
CA ARG A 515 -27.27 -26.90 -14.47
C ARG A 515 -28.22 -25.70 -14.41
N GLN A 516 -27.83 -24.60 -15.05
CA GLN A 516 -28.69 -23.42 -15.07
C GLN A 516 -29.99 -23.70 -15.82
N VAL A 517 -29.93 -24.52 -16.88
CA VAL A 517 -31.15 -24.86 -17.60
C VAL A 517 -32.13 -25.58 -16.67
N ILE A 518 -31.63 -26.54 -15.91
CA ILE A 518 -32.50 -27.28 -14.99
C ILE A 518 -33.03 -26.37 -13.89
N ASN A 519 -32.17 -25.48 -13.38
CA ASN A 519 -32.63 -24.54 -12.35
C ASN A 519 -33.74 -23.65 -12.89
N LEU A 520 -33.58 -23.13 -14.10
CA LEU A 520 -34.61 -22.32 -14.72
C LEU A 520 -35.89 -23.11 -14.92
N LEU A 521 -35.77 -24.37 -15.37
CA LEU A 521 -36.95 -25.21 -15.52
C LEU A 521 -37.68 -25.35 -14.20
N SER A 522 -36.94 -25.61 -13.12
CA SER A 522 -37.57 -25.76 -11.81
C SER A 522 -38.29 -24.48 -11.39
N THR A 523 -37.61 -23.34 -11.52
CA THR A 523 -38.21 -22.09 -11.04
C THR A 523 -39.43 -21.72 -11.88
N ILE A 524 -39.39 -21.98 -13.18
CA ILE A 524 -40.54 -21.69 -14.03
C ILE A 524 -41.70 -22.62 -13.69
N SER A 525 -41.43 -23.93 -13.57
CA SER A 525 -42.48 -24.89 -13.28
C SER A 525 -43.05 -24.71 -11.87
N THR A 526 -42.34 -24.01 -10.99
CA THR A 526 -42.86 -23.74 -9.65
C THR A 526 -44.30 -23.22 -9.73
N THR A 527 -44.52 -22.16 -10.50
CA THR A 527 -45.84 -21.56 -10.65
C THR A 527 -46.41 -21.74 -12.06
N THR A 528 -45.67 -21.36 -13.08
CA THR A 528 -46.14 -21.46 -14.46
C THR A 528 -45.76 -22.84 -15.00
N LYS A 529 -46.75 -23.73 -15.10
CA LYS A 529 -46.54 -25.08 -15.61
C LYS A 529 -46.79 -25.17 -17.11
N THR A 530 -47.11 -24.06 -17.78
CA THR A 530 -47.38 -24.04 -19.21
C THR A 530 -46.34 -23.12 -19.86
N ILE A 531 -45.25 -23.72 -20.34
CA ILE A 531 -44.19 -22.95 -21.03
C ILE A 531 -44.59 -22.94 -22.50
N ASN A 532 -45.44 -21.98 -22.85
CA ASN A 532 -45.93 -21.83 -24.21
C ASN A 532 -45.06 -20.83 -24.97
N HIS A 533 -45.49 -20.45 -26.16
CA HIS A 533 -44.78 -19.46 -26.97
C HIS A 533 -45.17 -18.03 -26.63
N GLU A 534 -46.10 -17.84 -25.70
CA GLU A 534 -46.50 -16.50 -25.28
C GLU A 534 -45.65 -15.97 -24.12
N ASN A 535 -44.78 -16.80 -23.53
CA ASN A 535 -43.94 -16.38 -22.42
C ASN A 535 -42.47 -16.68 -22.67
N ILE A 536 -42.08 -17.02 -23.90
CA ILE A 536 -40.68 -17.29 -24.17
C ILE A 536 -39.83 -16.06 -23.90
N ASN A 537 -40.28 -14.90 -24.39
CA ASN A 537 -39.48 -13.68 -24.23
C ASN A 537 -39.31 -13.31 -22.77
N GLU A 538 -40.40 -13.39 -21.99
CA GLU A 538 -40.32 -13.01 -20.58
C GLU A 538 -39.37 -13.93 -19.82
N ILE A 539 -39.49 -15.24 -20.05
CA ILE A 539 -38.62 -16.20 -19.36
C ILE A 539 -37.17 -15.97 -19.76
N SER A 540 -36.91 -15.77 -21.06
CA SER A 540 -35.54 -15.58 -21.53
C SER A 540 -34.94 -14.31 -20.93
N LYS A 541 -35.72 -13.22 -20.88
CA LYS A 541 -35.20 -11.96 -20.36
C LYS A 541 -35.06 -11.96 -18.85
N ALA A 542 -35.86 -12.75 -18.14
CA ALA A 542 -35.77 -12.84 -16.69
C ALA A 542 -34.58 -13.65 -16.23
N TRP A 543 -34.07 -14.56 -17.07
CA TRP A 543 -33.00 -15.48 -16.71
C TRP A 543 -31.78 -15.33 -17.60
N GLU A 544 -31.58 -14.15 -18.17
CA GLU A 544 -30.42 -13.88 -19.03
C GLU A 544 -29.23 -13.59 -18.13
N LYS A 545 -28.33 -14.57 -17.99
CA LYS A 545 -27.17 -14.40 -17.14
C LYS A 545 -26.32 -13.24 -17.65
N ASN A 546 -25.85 -12.42 -16.71
CA ASN A 546 -24.96 -11.30 -17.03
C ASN A 546 -23.54 -11.83 -17.04
N ILE A 547 -22.98 -12.01 -18.23
CA ILE A 547 -21.66 -12.61 -18.41
C ILE A 547 -20.72 -11.55 -18.95
N ALA A 548 -19.58 -11.38 -18.27
CA ALA A 548 -18.58 -10.44 -18.74
C ALA A 548 -17.90 -10.98 -20.00
N LEU A 549 -17.88 -10.17 -21.04
CA LEU A 549 -17.33 -10.60 -22.32
C LEU A 549 -15.82 -10.73 -22.23
N LYS A 550 -15.26 -11.61 -23.06
CA LYS A 550 -13.83 -11.83 -23.12
C LYS A 550 -13.17 -10.81 -24.04
N PRO A 551 -11.85 -10.63 -23.94
CA PRO A 551 -11.20 -9.54 -24.70
C PRO A 551 -11.49 -9.55 -26.19
N PHE A 552 -11.43 -10.72 -26.84
CA PHE A 552 -11.72 -10.77 -28.27
C PHE A 552 -13.17 -10.39 -28.55
N ASP A 553 -14.10 -10.89 -27.73
CA ASP A 553 -15.51 -10.53 -27.90
C ASP A 553 -15.73 -9.04 -27.64
N ILE A 554 -15.06 -8.48 -26.64
CA ILE A 554 -15.18 -7.05 -26.37
C ILE A 554 -14.71 -6.25 -27.58
N ALA A 555 -13.56 -6.63 -28.13
CA ALA A 555 -13.03 -5.92 -29.28
C ALA A 555 -13.97 -6.04 -30.48
N HIS A 556 -14.51 -7.23 -30.72
CA HIS A 556 -15.41 -7.43 -31.85
C HIS A 556 -16.68 -6.60 -31.70
N LYS A 557 -17.23 -6.54 -30.49
CA LYS A 557 -18.49 -5.82 -30.30
C LYS A 557 -18.27 -4.30 -30.33
N MET A 558 -17.17 -3.83 -29.75
CA MET A 558 -16.93 -2.39 -29.69
C MET A 558 -16.65 -1.82 -31.07
N LEU A 559 -16.05 -2.61 -31.96
CA LEU A 559 -15.68 -2.16 -33.30
C LEU A 559 -16.76 -2.42 -34.33
N ASP A 560 -17.92 -2.93 -33.92
CA ASP A 560 -19.03 -3.14 -34.83
C ASP A 560 -19.73 -1.81 -35.11
N GLY A 561 -20.01 -1.54 -36.38
CA GLY A 561 -20.61 -0.27 -36.76
C GLY A 561 -22.10 -0.18 -36.52
N GLN A 562 -22.77 -1.30 -36.29
CA GLN A 562 -24.21 -1.26 -36.08
C GLN A 562 -24.57 -0.50 -34.81
N ILE A 563 -23.84 -0.72 -33.72
CA ILE A 563 -24.19 -0.12 -32.45
C ILE A 563 -24.04 1.40 -32.46
N TYR A 564 -23.24 1.94 -33.38
CA TYR A 564 -23.02 3.38 -33.44
C TYR A 564 -23.99 4.10 -34.37
N SER A 565 -24.92 3.38 -34.98
CA SER A 565 -25.98 4.01 -35.74
C SER A 565 -27.05 4.56 -34.79
N ASP A 566 -27.95 5.38 -35.34
CA ASP A 566 -28.98 5.99 -34.51
C ASP A 566 -29.81 4.94 -33.79
N ILE A 567 -30.35 3.98 -34.53
CA ILE A 567 -31.16 2.94 -33.91
C ILE A 567 -30.28 2.01 -33.07
N GLY A 568 -29.09 1.68 -33.58
CA GLY A 568 -28.18 0.86 -32.79
C GLY A 568 -27.76 1.54 -31.50
N SER A 569 -27.49 2.84 -31.57
CA SER A 569 -27.16 3.58 -30.35
C SER A 569 -28.35 3.63 -29.40
N ARG A 570 -29.56 3.76 -29.94
CA ARG A 570 -30.75 3.75 -29.09
C ARG A 570 -30.88 2.42 -28.38
N ASN A 571 -30.60 1.32 -29.07
CA ASN A 571 -30.67 -0.01 -28.45
C ASN A 571 -29.47 -0.25 -27.54
N PHE A 572 -28.26 -0.13 -28.09
CA PHE A 572 -27.03 -0.29 -27.32
C PHE A 572 -26.53 1.12 -26.98
N THR A 573 -26.81 1.56 -25.76
CA THR A 573 -26.55 2.94 -25.36
C THR A 573 -25.08 3.14 -25.01
N LEU A 574 -24.73 4.40 -24.77
CA LEU A 574 -23.36 4.73 -24.37
C LEU A 574 -23.01 4.09 -23.04
N ASN A 575 -23.97 4.04 -22.12
CA ASN A 575 -23.76 3.33 -20.85
C ASN A 575 -23.39 1.88 -21.10
N ASP A 576 -24.03 1.25 -22.09
CA ASP A 576 -23.71 -0.14 -22.41
C ASP A 576 -22.27 -0.27 -22.90
N LYS A 577 -21.83 0.68 -23.73
CA LYS A 577 -20.44 0.64 -24.22
C LYS A 577 -19.45 0.83 -23.07
N ILE A 578 -19.74 1.75 -22.15
CA ILE A 578 -18.84 1.95 -21.02
C ILE A 578 -18.81 0.70 -20.14
N ALA A 579 -19.96 0.06 -19.93
CA ALA A 579 -19.98 -1.19 -19.18
C ALA A 579 -19.19 -2.28 -19.89
N LEU A 580 -19.29 -2.34 -21.21
CA LEU A 580 -18.51 -3.29 -21.98
C LEU A 580 -17.02 -3.05 -21.79
N TYR A 581 -16.59 -1.79 -21.77
CA TYR A 581 -15.21 -1.48 -21.44
C TYR A 581 -14.87 -1.99 -20.04
N PHE A 582 -15.75 -1.74 -19.08
CA PHE A 582 -15.49 -2.12 -17.69
C PHE A 582 -15.50 -3.62 -17.48
N ASP A 583 -16.01 -4.40 -18.44
CA ASP A 583 -15.92 -5.86 -18.31
C ASP A 583 -14.48 -6.30 -18.13
N ASP A 584 -13.55 -5.68 -18.84
CA ASP A 584 -12.12 -5.91 -18.64
C ASP A 584 -11.40 -4.61 -18.98
N PHE A 585 -11.15 -3.78 -17.98
CA PHE A 585 -10.57 -2.46 -18.20
C PHE A 585 -9.06 -2.51 -18.38
N ASP A 586 -8.42 -3.66 -18.16
CA ASP A 586 -6.99 -3.77 -18.33
C ASP A 586 -6.58 -4.09 -19.76
N PHE A 587 -7.41 -4.82 -20.51
CA PHE A 587 -7.07 -5.24 -21.86
C PHE A 587 -7.90 -4.55 -22.94
N THR A 588 -9.08 -4.03 -22.61
CA THR A 588 -9.92 -3.40 -23.62
C THR A 588 -9.19 -2.30 -24.38
N PRO A 589 -8.55 -1.32 -23.73
CA PRO A 589 -7.82 -0.30 -24.50
C PRO A 589 -6.73 -0.89 -25.37
N LEU A 590 -6.03 -1.93 -24.89
CA LEU A 590 -4.99 -2.55 -25.70
C LEU A 590 -5.57 -3.21 -26.95
N MET A 591 -6.68 -3.93 -26.80
CA MET A 591 -7.31 -4.55 -27.97
C MET A 591 -7.81 -3.51 -28.95
N ILE A 592 -8.40 -2.43 -28.44
CA ILE A 592 -8.88 -1.37 -29.34
C ILE A 592 -7.70 -0.76 -30.10
N GLN A 593 -6.61 -0.47 -29.40
CA GLN A 593 -5.44 0.09 -30.07
C GLN A 593 -4.87 -0.86 -31.10
N GLU A 594 -4.87 -2.16 -30.79
CA GLU A 594 -4.33 -3.14 -31.73
C GLU A 594 -5.19 -3.25 -32.98
N ASN A 595 -6.51 -3.20 -32.84
CA ASN A 595 -7.43 -3.59 -33.91
C ASN A 595 -8.21 -2.43 -34.52
N TYR A 596 -7.84 -1.18 -34.25
CA TYR A 596 -8.57 -0.05 -34.82
C TYR A 596 -8.06 0.36 -36.19
N LEU A 597 -7.01 -0.28 -36.70
CA LEU A 597 -6.52 -0.03 -38.05
C LEU A 597 -6.82 -1.17 -39.01
N SER A 598 -7.62 -2.15 -38.61
CA SER A 598 -7.88 -3.33 -39.43
C SER A 598 -9.37 -3.52 -39.63
N THR A 599 -10.07 -2.45 -39.99
CA THR A 599 -11.51 -2.49 -40.19
C THR A 599 -11.85 -1.83 -41.52
N ARG A 600 -13.06 -2.12 -42.00
CA ARG A 600 -13.69 -1.38 -43.09
C ARG A 600 -14.78 -0.54 -42.46
N PRO A 601 -14.57 0.78 -42.31
CA PRO A 601 -15.54 1.59 -41.56
C PRO A 601 -16.88 1.66 -42.27
N SER A 602 -17.93 1.79 -41.45
CA SER A 602 -19.28 2.03 -41.93
C SER A 602 -19.90 3.27 -41.30
N VAL A 603 -19.08 4.10 -40.66
CA VAL A 603 -19.58 5.27 -39.93
C VAL A 603 -18.84 6.51 -40.40
N LEU A 604 -18.22 6.44 -41.58
CA LEU A 604 -17.47 7.59 -42.09
C LEU A 604 -18.42 8.73 -42.42
N LYS A 605 -17.97 9.95 -42.12
CA LYS A 605 -18.75 11.14 -42.42
C LYS A 605 -18.63 11.48 -43.90
N PRO A 606 -19.61 12.19 -44.45
CA PRO A 606 -19.50 12.62 -45.86
C PRO A 606 -18.26 13.49 -46.05
N GLY A 607 -17.38 13.05 -46.95
CA GLY A 607 -16.15 13.75 -47.24
C GLY A 607 -14.96 13.31 -46.42
N GLN A 608 -15.17 12.46 -45.42
CA GLN A 608 -14.08 11.95 -44.59
C GLN A 608 -13.59 10.62 -45.14
N SER A 609 -12.27 10.49 -45.20
CA SER A 609 -11.63 9.25 -45.65
C SER A 609 -11.26 8.39 -44.44
N HIS A 610 -10.88 7.14 -44.73
CA HIS A 610 -10.51 6.21 -43.68
C HIS A 610 -9.31 6.72 -42.89
N LEU A 611 -8.35 7.31 -43.58
CA LEU A 611 -7.12 7.75 -42.93
C LEU A 611 -7.38 8.86 -41.91
N GLU A 612 -8.27 9.80 -42.24
CA GLU A 612 -8.59 10.87 -41.30
C GLU A 612 -9.25 10.34 -40.04
N ALA A 613 -10.19 9.39 -40.19
CA ALA A 613 -10.81 8.77 -39.03
C ALA A 613 -9.77 8.03 -38.20
N VAL A 614 -8.85 7.33 -38.86
CA VAL A 614 -7.80 6.63 -38.13
C VAL A 614 -6.95 7.63 -37.35
N ALA A 615 -6.64 8.78 -37.95
CA ALA A 615 -5.83 9.78 -37.26
C ALA A 615 -6.55 10.33 -36.04
N GLU A 616 -7.85 10.60 -36.18
CA GLU A 616 -8.62 11.08 -35.03
C GLU A 616 -8.64 10.03 -33.91
N ALA A 617 -8.83 8.76 -34.29
CA ALA A 617 -8.82 7.70 -33.28
C ALA A 617 -7.47 7.61 -32.58
N ALA A 618 -6.38 7.75 -33.34
CA ALA A 618 -5.05 7.70 -32.75
C ALA A 618 -4.84 8.88 -31.78
N ASN A 619 -5.31 10.06 -32.16
CA ASN A 619 -5.19 11.21 -31.26
C ASN A 619 -5.93 10.97 -29.95
N CYS A 620 -7.16 10.46 -30.04
CA CYS A 620 -7.89 10.17 -28.81
C CYS A 620 -7.24 9.06 -28.01
N ILE A 621 -6.61 8.09 -28.69
CA ILE A 621 -5.89 7.04 -27.98
C ILE A 621 -4.72 7.62 -27.20
N SER A 622 -4.01 8.58 -27.80
CA SER A 622 -2.93 9.25 -27.08
C SER A 622 -3.44 10.00 -25.86
N LEU A 623 -4.56 10.71 -26.01
CA LEU A 623 -5.15 11.39 -24.86
C LEU A 623 -5.54 10.39 -23.78
N GLY A 624 -6.11 9.26 -24.17
CA GLY A 624 -6.45 8.24 -23.20
C GLY A 624 -5.23 7.68 -22.49
N ASP A 625 -4.12 7.55 -23.21
CA ASP A 625 -2.88 7.10 -22.57
C ASP A 625 -2.41 8.09 -21.53
N ILE A 626 -2.52 9.39 -21.83
CA ILE A 626 -2.15 10.40 -20.83
C ILE A 626 -3.04 10.29 -19.60
N VAL A 627 -4.35 10.14 -19.82
CA VAL A 627 -5.26 9.98 -18.68
C VAL A 627 -4.90 8.73 -17.88
N GLU A 628 -4.55 7.65 -18.57
CA GLU A 628 -4.17 6.42 -17.88
C GLU A 628 -2.93 6.64 -17.02
N LYS A 629 -1.93 7.35 -17.55
CA LYS A 629 -0.78 7.71 -16.72
C LYS A 629 -1.21 8.48 -15.49
N LYS A 630 -2.18 9.39 -15.65
CA LYS A 630 -2.67 10.13 -14.49
C LYS A 630 -3.32 9.20 -13.47
N ILE A 631 -4.06 8.19 -13.95
CA ILE A 631 -4.77 7.30 -13.02
C ILE A 631 -3.79 6.49 -12.20
N ARG A 632 -2.81 5.87 -12.84
CA ARG A 632 -1.87 4.97 -12.16
C ARG A 632 -0.64 5.72 -11.66
N SER A 633 -0.86 6.75 -10.86
CA SER A 633 0.20 7.57 -10.28
C SER A 633 0.11 7.50 -8.76
N SER A 634 0.94 8.31 -8.10
CA SER A 634 0.92 8.36 -6.65
C SER A 634 -0.38 8.93 -6.11
N GLU A 635 -1.09 9.75 -6.90
CA GLU A 635 -2.36 10.30 -6.46
C GLU A 635 -3.50 9.30 -6.52
N GLN A 636 -3.36 8.23 -7.30
CA GLN A 636 -4.36 7.18 -7.40
C GLN A 636 -5.73 7.75 -7.77
N LEU A 637 -5.77 8.42 -8.92
CA LEU A 637 -6.99 9.08 -9.39
C LEU A 637 -7.84 8.10 -10.19
N TRP A 638 -8.38 7.11 -9.46
CA TRP A 638 -9.20 6.08 -10.10
C TRP A 638 -10.57 6.60 -10.49
N SER A 639 -11.00 7.74 -9.93
CA SER A 639 -12.28 8.31 -10.30
C SER A 639 -12.35 8.71 -11.77
N LEU A 640 -11.20 8.81 -12.44
CA LEU A 640 -11.15 9.12 -13.86
C LEU A 640 -11.29 7.87 -14.73
N LEU A 641 -11.46 6.69 -14.14
CA LEU A 641 -11.58 5.47 -14.93
C LEU A 641 -12.67 5.56 -15.99
N PRO A 642 -13.89 6.04 -15.69
CA PRO A 642 -14.90 6.16 -16.75
C PRO A 642 -14.43 7.04 -17.91
N LEU A 643 -13.81 8.18 -17.61
CA LEU A 643 -13.31 9.04 -18.68
C LEU A 643 -12.35 8.29 -19.58
N HIS A 644 -11.41 7.57 -18.97
CA HIS A 644 -10.49 6.73 -19.74
C HIS A 644 -11.28 5.84 -20.70
N ALA A 645 -12.35 5.22 -20.20
CA ALA A 645 -13.15 4.33 -21.03
C ALA A 645 -13.55 5.02 -22.33
N VAL A 646 -13.96 6.29 -22.25
CA VAL A 646 -14.38 7.01 -23.44
C VAL A 646 -13.18 7.32 -24.33
N LEU A 647 -12.06 7.73 -23.72
CA LEU A 647 -10.93 8.22 -24.52
C LEU A 647 -10.17 7.07 -25.17
N SER A 648 -10.00 5.96 -24.46
CA SER A 648 -9.17 4.88 -24.95
C SER A 648 -9.91 3.91 -25.87
N SER A 649 -11.19 3.65 -25.62
CA SER A 649 -11.92 2.61 -26.33
C SER A 649 -13.12 3.13 -27.11
N VAL A 650 -14.05 3.83 -26.47
CA VAL A 650 -15.35 4.08 -27.08
C VAL A 650 -15.24 5.06 -28.25
N TYR A 651 -14.59 6.20 -28.02
CA TYR A 651 -14.51 7.22 -29.05
C TYR A 651 -13.70 6.77 -30.26
N PRO A 652 -12.48 6.25 -30.12
CA PRO A 652 -11.76 5.75 -31.30
C PRO A 652 -12.51 4.64 -32.03
N ALA A 653 -13.15 3.73 -31.29
CA ALA A 653 -13.93 2.69 -31.93
C ALA A 653 -15.08 3.27 -32.74
N SER A 654 -15.79 4.25 -32.16
CA SER A 654 -16.87 4.91 -32.87
C SER A 654 -16.40 5.65 -34.11
N LYS A 655 -15.16 6.13 -34.13
CA LYS A 655 -14.66 6.82 -35.30
C LYS A 655 -14.26 5.88 -36.44
N VAL A 656 -14.05 4.60 -36.18
CA VAL A 656 -13.69 3.64 -37.22
C VAL A 656 -14.54 2.38 -37.19
N ALA A 657 -15.68 2.42 -36.49
CA ALA A 657 -16.51 1.23 -36.38
C ALA A 657 -17.03 0.81 -37.75
N GLY A 658 -17.08 -0.50 -37.98
CA GLY A 658 -17.53 -1.03 -39.24
C GLY A 658 -17.52 -2.55 -39.26
N HIS A 659 -16.97 -3.13 -40.32
CA HIS A 659 -16.85 -4.58 -40.45
C HIS A 659 -15.38 -4.97 -40.39
N MET A 660 -15.06 -5.97 -39.56
CA MET A 660 -13.67 -6.39 -39.44
C MET A 660 -13.14 -6.84 -40.79
N ALA A 661 -11.94 -6.35 -41.15
CA ALA A 661 -11.26 -6.73 -42.38
C ALA A 661 -10.29 -7.88 -42.16
N GLY A 662 -10.54 -8.71 -41.16
CA GLY A 662 -9.66 -9.83 -40.87
C GLY A 662 -10.08 -10.54 -39.60
N ARG A 663 -9.09 -10.95 -38.82
CA ARG A 663 -9.31 -11.63 -37.56
C ARG A 663 -8.80 -10.75 -36.42
N ILE A 664 -9.59 -10.68 -35.34
CA ILE A 664 -9.19 -9.89 -34.18
C ILE A 664 -7.89 -10.46 -33.63
N ASN A 665 -6.87 -9.61 -33.52
CA ASN A 665 -5.56 -10.01 -33.03
C ASN A 665 -5.37 -9.55 -31.60
N PHE A 666 -4.64 -10.37 -30.83
CA PHE A 666 -4.32 -10.00 -29.46
C PHE A 666 -3.28 -8.88 -29.44
N THR A 667 -3.31 -8.09 -28.37
CA THR A 667 -2.40 -6.95 -28.26
C THR A 667 -0.95 -7.42 -28.36
N ALA A 668 -0.17 -6.73 -29.17
CA ALA A 668 1.25 -7.00 -29.33
C ALA A 668 2.12 -6.12 -28.44
N TRP A 669 1.52 -5.22 -27.66
CA TRP A 669 2.31 -4.29 -26.87
C TRP A 669 2.97 -4.97 -25.68
N LEU A 670 2.34 -6.00 -25.12
CA LEU A 670 2.87 -6.63 -23.92
C LEU A 670 4.20 -7.33 -24.19
N GLY A 671 4.24 -8.15 -25.25
CA GLY A 671 5.48 -8.83 -25.59
C GLY A 671 6.58 -7.86 -25.99
N GLN A 672 6.21 -6.81 -26.73
CA GLN A 672 7.19 -5.79 -27.11
C GLN A 672 7.75 -5.09 -25.88
N ASN A 673 6.89 -4.79 -24.90
CA ASN A 673 7.36 -4.17 -23.67
C ASN A 673 8.31 -5.08 -22.91
N SER A 674 7.99 -6.38 -22.84
CA SER A 674 8.87 -7.32 -22.18
C SER A 674 10.22 -7.40 -22.88
N LYS A 675 10.21 -7.44 -24.22
CA LYS A 675 11.45 -7.46 -24.98
C LYS A 675 12.27 -6.20 -24.74
N SER A 676 11.60 -5.05 -24.70
CA SER A 676 12.30 -3.80 -24.44
C SER A 676 12.93 -3.80 -23.06
N ALA A 677 12.21 -4.31 -22.06
CA ALA A 677 12.77 -4.39 -20.71
C ALA A 677 14.00 -5.29 -20.68
N LYS A 678 13.92 -6.43 -21.37
CA LYS A 678 15.07 -7.35 -21.42
C LYS A 678 16.28 -6.66 -22.04
N TYR A 679 16.08 -6.01 -23.19
CA TYR A 679 17.20 -5.36 -23.85
C TYR A 679 17.74 -4.19 -23.04
N TYR A 680 16.87 -3.48 -22.32
CA TYR A 680 17.35 -2.39 -21.47
C TYR A 680 18.19 -2.92 -20.31
N ARG A 681 17.78 -4.05 -19.73
CA ARG A 681 18.59 -4.66 -18.68
C ARG A 681 19.96 -5.08 -19.22
N LEU A 682 19.98 -5.69 -20.41
CA LEU A 682 21.25 -6.08 -21.02
C LEU A 682 22.12 -4.85 -21.28
N LEU A 683 21.51 -3.77 -21.78
CA LEU A 683 22.27 -2.55 -22.04
C LEU A 683 22.84 -1.97 -20.75
N GLN A 684 22.05 -2.00 -19.67
CA GLN A 684 22.55 -1.50 -18.39
C GLN A 684 23.75 -2.32 -17.93
N GLU A 685 23.66 -3.65 -18.04
CA GLU A 685 24.78 -4.50 -17.64
C GLU A 685 26.02 -4.17 -18.46
N ILE A 686 25.87 -4.06 -19.78
CA ILE A 686 27.01 -3.78 -20.64
C ILE A 686 27.60 -2.42 -20.31
N HIS A 687 26.75 -1.42 -20.10
CA HIS A 687 27.23 -0.07 -19.81
C HIS A 687 28.02 -0.04 -18.51
N TYR A 688 27.51 -0.70 -17.46
CA TYR A 688 28.22 -0.69 -16.20
C TYR A 688 29.41 -1.63 -16.18
N HIS A 689 29.55 -2.50 -17.19
CA HIS A 689 30.82 -3.21 -17.38
C HIS A 689 31.88 -2.31 -18.01
N THR A 690 31.48 -1.38 -18.86
CA THR A 690 32.41 -0.52 -19.60
C THR A 690 32.50 0.88 -19.03
N ARG A 691 31.99 1.12 -17.82
CA ARG A 691 31.95 2.48 -17.29
C ARG A 691 33.34 3.06 -17.13
N LEU A 692 34.31 2.24 -16.68
CA LEU A 692 35.63 2.76 -16.37
C LEU A 692 36.38 3.27 -17.60
N GLY A 693 35.96 2.85 -18.80
CA GLY A 693 36.68 3.22 -20.01
C GLY A 693 36.00 4.30 -20.83
N THR A 694 34.68 4.34 -20.79
CA THR A 694 33.90 5.25 -21.63
C THR A 694 33.49 6.50 -20.86
N SER A 695 32.99 7.49 -21.60
CA SER A 695 32.44 8.73 -21.06
C SER A 695 31.11 8.96 -21.76
N THR A 696 30.04 8.42 -21.19
CA THR A 696 28.72 8.49 -21.81
C THR A 696 27.71 7.85 -20.87
N ASP A 697 26.43 8.03 -21.20
CA ASP A 697 25.35 7.31 -20.57
C ASP A 697 24.98 6.09 -21.39
N LYS A 698 24.06 5.28 -20.86
CA LYS A 698 23.70 4.04 -21.54
C LYS A 698 23.10 4.30 -22.91
N ILE A 699 22.25 5.34 -23.02
CA ILE A 699 21.68 5.67 -24.33
C ILE A 699 22.77 6.09 -25.29
N GLY A 700 23.71 6.92 -24.82
CA GLY A 700 24.84 7.29 -25.67
C GLY A 700 25.67 6.08 -26.06
N LEU A 701 25.80 5.11 -25.16
CA LEU A 701 26.51 3.88 -25.49
C LEU A 701 25.79 3.13 -26.60
N ARG A 702 24.46 3.04 -26.53
CA ARG A 702 23.72 2.32 -27.57
C ARG A 702 23.78 3.04 -28.90
N LEU A 703 23.65 4.37 -28.89
CA LEU A 703 23.50 5.13 -30.13
C LEU A 703 24.83 5.45 -30.79
N ASP A 704 25.93 5.53 -30.04
CA ASP A 704 27.21 5.96 -30.59
C ASP A 704 28.30 4.90 -30.47
N TYR A 705 28.49 4.31 -29.29
CA TYR A 705 29.64 3.45 -29.06
C TYR A 705 29.49 2.10 -29.77
N LEU A 706 28.33 1.47 -29.64
CA LEU A 706 28.18 0.09 -30.11
C LEU A 706 28.45 -0.06 -31.60
N PRO A 707 28.00 0.82 -32.49
CA PRO A 707 28.35 0.66 -33.91
C PRO A 707 29.84 0.61 -34.16
N THR A 708 30.63 1.38 -33.41
CA THR A 708 32.08 1.31 -33.54
C THR A 708 32.65 0.08 -32.86
N PHE A 709 32.06 -0.35 -31.75
CA PHE A 709 32.50 -1.58 -31.09
C PHE A 709 32.34 -2.77 -32.02
N ARG A 710 31.29 -2.77 -32.85
CA ARG A 710 31.08 -3.88 -33.77
C ARG A 710 32.26 -4.04 -34.73
N LYS A 711 32.77 -2.93 -35.26
CA LYS A 711 33.86 -3.01 -36.24
C LYS A 711 35.15 -3.52 -35.62
N ARG A 712 35.25 -3.54 -34.29
CA ARG A 712 36.42 -4.08 -33.61
C ARG A 712 36.15 -5.43 -32.96
N LEU A 713 34.90 -5.85 -32.87
CA LEU A 713 34.53 -7.10 -32.20
C LEU A 713 34.04 -8.18 -33.15
N LEU A 714 33.32 -7.82 -34.21
CA LEU A 714 32.74 -8.78 -35.14
C LEU A 714 33.42 -8.76 -36.50
N ASP A 715 33.58 -7.58 -37.10
CA ASP A 715 34.17 -7.49 -38.43
C ASP A 715 35.52 -8.18 -38.57
N PRO A 716 36.48 -8.03 -37.64
CA PRO A 716 37.76 -8.71 -37.82
C PRO A 716 37.62 -10.22 -37.95
N PHE A 717 36.68 -10.82 -37.22
CA PHE A 717 36.43 -12.25 -37.40
C PHE A 717 35.95 -12.55 -38.81
N LEU A 718 35.04 -11.71 -39.34
CA LEU A 718 34.52 -11.93 -40.68
C LEU A 718 35.59 -11.76 -41.75
N LYS A 719 36.58 -10.90 -41.50
CA LYS A 719 37.60 -10.59 -42.48
C LYS A 719 38.87 -11.41 -42.29
N GLN A 720 39.49 -11.35 -41.12
CA GLN A 720 40.74 -12.07 -40.90
C GLN A 720 40.51 -13.54 -40.56
N GLY A 721 39.47 -13.83 -39.78
CA GLY A 721 39.20 -15.19 -39.37
C GLY A 721 39.75 -15.53 -38.01
N ALA A 722 40.44 -16.67 -37.89
CA ALA A 722 40.99 -17.06 -36.60
C ALA A 722 42.06 -16.08 -36.14
N ASP A 723 42.83 -15.51 -37.07
CA ASP A 723 43.89 -14.58 -36.70
C ASP A 723 43.35 -13.34 -36.00
N ALA A 724 42.05 -13.07 -36.09
CA ALA A 724 41.41 -11.95 -35.41
C ALA A 724 41.08 -12.25 -33.96
N ILE A 725 41.40 -13.45 -33.47
CA ILE A 725 40.99 -13.83 -32.11
C ILE A 725 41.64 -12.90 -31.09
N SER A 726 42.97 -12.95 -31.00
CA SER A 726 43.68 -12.26 -29.93
C SER A 726 43.30 -10.79 -29.88
N SER A 727 43.39 -10.10 -31.01
CA SER A 727 43.06 -8.68 -31.05
C SER A 727 41.70 -8.43 -30.44
N VAL A 728 40.70 -9.20 -30.84
CA VAL A 728 39.35 -9.01 -30.30
C VAL A 728 39.40 -9.12 -28.78
N ILE A 729 40.03 -10.18 -28.27
CA ILE A 729 40.11 -10.36 -26.82
C ILE A 729 40.75 -9.14 -26.19
N GLU A 730 41.80 -8.61 -26.82
CA GLU A 730 42.45 -7.42 -26.30
C GLU A 730 41.43 -6.31 -26.05
N VAL A 731 40.62 -6.00 -27.06
CA VAL A 731 39.58 -5.00 -26.88
C VAL A 731 38.66 -5.43 -25.74
N MET A 732 38.25 -6.70 -25.75
CA MET A 732 37.37 -7.20 -24.71
C MET A 732 37.99 -7.03 -23.34
N ASP A 733 39.32 -7.05 -23.25
CA ASP A 733 39.99 -6.87 -21.96
C ASP A 733 40.00 -5.41 -21.54
N ASP A 734 40.09 -4.48 -22.50
CA ASP A 734 40.21 -3.07 -22.16
C ASP A 734 38.91 -2.50 -21.61
N TYR A 735 37.77 -3.13 -21.89
CA TYR A 735 36.47 -2.64 -21.46
C TYR A 735 35.76 -3.62 -20.53
N TYR A 736 36.48 -4.59 -19.98
CA TYR A 736 35.92 -5.56 -19.04
C TYR A 736 34.74 -6.33 -19.66
N LEU A 737 34.84 -6.63 -20.95
CA LEU A 737 33.77 -7.33 -21.65
C LEU A 737 33.92 -8.83 -21.48
N THR A 738 32.79 -9.51 -21.27
CA THR A 738 32.72 -10.95 -21.19
C THR A 738 32.08 -11.53 -22.45
N LYS A 739 32.27 -12.84 -22.63
CA LYS A 739 31.70 -13.49 -23.81
C LYS A 739 30.19 -13.27 -23.87
N GLU A 740 29.53 -13.31 -22.71
CA GLU A 740 28.10 -13.00 -22.67
C GLU A 740 27.85 -11.57 -23.10
N ASP A 741 28.71 -10.64 -22.70
CA ASP A 741 28.58 -9.26 -23.14
C ASP A 741 28.75 -9.15 -24.65
N TRP A 742 29.72 -9.89 -25.21
CA TRP A 742 29.90 -9.93 -26.65
C TRP A 742 28.61 -10.38 -27.35
N ASP A 743 28.05 -11.51 -26.89
CA ASP A 743 26.84 -12.02 -27.52
C ASP A 743 25.68 -11.04 -27.40
N SER A 744 25.51 -10.44 -26.21
CA SER A 744 24.42 -9.49 -26.03
C SER A 744 24.60 -8.27 -26.93
N ILE A 745 25.83 -7.76 -27.03
CA ILE A 745 26.09 -6.62 -27.89
C ILE A 745 25.74 -6.95 -29.33
N MET A 746 26.03 -8.18 -29.75
CA MET A 746 25.79 -8.55 -31.14
C MET A 746 24.31 -8.66 -31.50
N GLU A 747 23.38 -8.36 -30.58
CA GLU A 747 21.95 -8.44 -30.87
C GLU A 747 21.25 -7.09 -30.91
N PHE A 748 21.90 -6.02 -30.47
CA PHE A 748 21.22 -4.73 -30.40
C PHE A 748 20.98 -4.13 -31.78
N PHE A 749 21.82 -4.46 -32.76
CA PHE A 749 21.76 -3.82 -34.05
C PHE A 749 20.49 -4.21 -34.82
N VAL A 750 19.99 -3.27 -35.60
CA VAL A 750 18.76 -3.44 -36.38
C VAL A 750 19.03 -3.02 -37.81
N GLY A 751 18.02 -3.21 -38.66
CA GLY A 751 18.08 -2.80 -40.04
C GLY A 751 19.20 -3.48 -40.80
N PRO A 752 20.00 -2.70 -41.55
CA PRO A 752 21.02 -3.33 -42.41
C PRO A 752 22.20 -3.94 -41.67
N ASP A 753 22.28 -3.77 -40.35
CA ASP A 753 23.39 -4.26 -39.56
C ASP A 753 22.98 -5.36 -38.58
N VAL A 754 22.01 -6.19 -38.98
CA VAL A 754 21.64 -7.33 -38.15
C VAL A 754 22.71 -8.40 -38.28
N THR A 755 23.16 -8.91 -37.14
CA THR A 755 24.28 -9.84 -37.08
C THR A 755 23.87 -11.30 -36.99
N THR A 756 22.57 -11.61 -37.05
CA THR A 756 22.12 -12.99 -36.87
C THR A 756 22.72 -13.90 -37.95
N ALA A 757 22.38 -13.64 -39.22
CA ALA A 757 22.88 -14.47 -40.30
C ALA A 757 24.41 -14.38 -40.41
N ILE A 758 24.96 -13.18 -40.24
CA ILE A 758 26.39 -13.00 -40.37
C ILE A 758 27.13 -13.85 -39.34
N ILE A 759 26.67 -13.80 -38.08
CA ILE A 759 27.31 -14.60 -37.04
C ILE A 759 27.10 -16.09 -37.31
N LYS A 760 25.88 -16.47 -37.72
CA LYS A 760 25.60 -17.86 -38.01
C LYS A 760 26.47 -18.40 -39.13
N LYS A 761 26.94 -17.54 -40.03
CA LYS A 761 27.76 -17.98 -41.17
C LYS A 761 29.22 -18.19 -40.81
N ILE A 762 29.67 -17.72 -39.64
CA ILE A 762 31.08 -17.88 -39.30
C ILE A 762 31.40 -19.36 -39.15
N PRO A 763 32.55 -19.84 -39.63
CA PRO A 763 32.87 -21.27 -39.46
C PRO A 763 32.92 -21.64 -37.98
N ALA A 764 32.49 -22.87 -37.68
CA ALA A 764 32.45 -23.31 -36.29
C ALA A 764 33.83 -23.32 -35.67
N THR A 765 34.87 -23.55 -36.46
CA THR A 765 36.23 -23.60 -35.92
C THR A 765 36.63 -22.26 -35.31
N VAL A 766 36.27 -21.16 -35.97
CA VAL A 766 36.63 -19.84 -35.46
C VAL A 766 35.94 -19.57 -34.12
N LYS A 767 34.66 -19.89 -34.03
CA LYS A 767 33.93 -19.67 -32.77
C LYS A 767 34.48 -20.56 -31.67
N SER A 768 34.80 -21.82 -31.98
CA SER A 768 35.38 -22.71 -30.99
C SER A 768 36.72 -22.17 -30.51
N GLY A 769 37.56 -21.69 -31.43
CA GLY A 769 38.83 -21.11 -31.04
C GLY A 769 38.65 -19.88 -30.16
N PHE A 770 37.68 -19.03 -30.51
CA PHE A 770 37.40 -17.87 -29.68
C PHE A 770 37.01 -18.28 -28.26
N THR A 771 36.09 -19.23 -28.14
CA THR A 771 35.66 -19.67 -26.82
C THR A 771 36.83 -20.27 -26.03
N ARG A 772 37.62 -21.13 -26.68
CA ARG A 772 38.73 -21.78 -25.98
C ARG A 772 39.78 -20.75 -25.54
N LYS A 773 40.12 -19.81 -26.41
CA LYS A 773 41.13 -18.82 -26.07
C LYS A 773 40.64 -17.91 -24.95
N TYR A 774 39.35 -17.55 -24.97
CA TYR A 774 38.80 -16.75 -23.88
C TYR A 774 38.84 -17.52 -22.57
N ASN A 775 38.50 -18.81 -22.60
CA ASN A 775 38.44 -19.62 -21.38
C ASN A 775 39.81 -20.04 -20.88
N SER A 776 40.86 -19.93 -21.69
CA SER A 776 42.20 -20.38 -21.32
C SER A 776 43.08 -19.24 -20.83
N MET A 777 42.49 -18.13 -20.39
CA MET A 777 43.27 -16.98 -19.94
C MET A 777 42.52 -16.27 -18.82
N THR A 778 43.27 -15.56 -17.98
CA THR A 778 42.67 -14.76 -16.93
C THR A 778 42.21 -13.41 -17.48
N HIS A 779 41.12 -12.90 -16.93
CA HIS A 779 40.53 -11.66 -17.42
C HIS A 779 40.27 -10.71 -16.25
N PRO A 780 40.28 -9.40 -16.51
CA PRO A 780 40.01 -8.45 -15.44
C PRO A 780 38.53 -8.37 -15.12
N VAL A 781 38.23 -7.77 -13.96
CA VAL A 781 36.87 -7.61 -13.48
C VAL A 781 36.69 -6.16 -13.04
N ALA A 782 35.55 -5.56 -13.42
CA ALA A 782 35.26 -4.18 -13.07
C ALA A 782 34.54 -4.07 -11.74
N ILE A 783 33.38 -4.71 -11.62
CA ILE A 783 32.57 -4.65 -10.41
C ILE A 783 32.91 -5.91 -9.61
N TYR A 784 33.88 -5.78 -8.70
CA TYR A 784 34.31 -6.90 -7.86
C TYR A 784 33.57 -6.80 -6.52
N ARG A 785 32.31 -7.22 -6.55
CA ARG A 785 31.48 -7.18 -5.35
C ARG A 785 32.04 -8.12 -4.28
N THR A 786 32.03 -7.65 -3.05
CA THR A 786 32.52 -8.44 -1.92
C THR A 786 31.55 -8.38 -0.75
N THR B 4 -33.24 16.10 25.10
CA THR B 4 -34.14 14.97 25.27
C THR B 4 -33.43 13.67 24.90
N LEU B 5 -33.50 12.68 25.80
CA LEU B 5 -32.81 11.42 25.63
C LEU B 5 -33.68 10.35 24.98
N SER B 6 -34.92 10.67 24.63
CA SER B 6 -35.81 9.73 23.99
C SER B 6 -35.59 9.72 22.48
N LEU B 7 -35.94 8.58 21.87
CA LEU B 7 -35.83 8.41 20.42
C LEU B 7 -37.13 7.82 19.89
N GLN B 8 -37.67 8.41 18.83
CA GLN B 8 -38.85 7.89 18.16
C GLN B 8 -38.41 6.87 17.13
N LEU B 9 -39.05 5.70 17.13
CA LEU B 9 -38.66 4.63 16.23
C LEU B 9 -38.91 5.07 14.78
N PRO B 10 -37.93 4.95 13.89
CA PRO B 10 -38.17 5.31 12.49
C PRO B 10 -39.27 4.47 11.88
N TRP B 11 -40.06 5.09 11.00
CA TRP B 11 -41.17 4.38 10.38
C TRP B 11 -40.69 3.29 9.43
N VAL B 12 -39.48 3.43 8.88
CA VAL B 12 -38.93 2.36 8.04
C VAL B 12 -38.76 1.09 8.85
N GLU B 13 -38.57 1.21 10.16
CA GLU B 13 -38.47 0.05 11.04
C GLU B 13 -39.81 -0.30 11.67
N LYS B 14 -40.57 0.70 12.10
CA LYS B 14 -41.87 0.43 12.70
C LYS B 14 -42.82 -0.24 11.73
N TYR B 15 -42.71 0.09 10.44
CA TYR B 15 -43.61 -0.44 9.42
C TYR B 15 -42.86 -1.31 8.42
N ARG B 16 -41.77 -1.94 8.85
CA ARG B 16 -41.07 -2.90 8.00
C ARG B 16 -42.01 -4.07 7.72
N PRO B 17 -42.22 -4.45 6.45
CA PRO B 17 -43.10 -5.59 6.18
C PRO B 17 -42.65 -6.83 6.91
N GLN B 18 -43.61 -7.55 7.48
CA GLN B 18 -43.34 -8.80 8.20
C GLN B 18 -43.78 -10.03 7.44
N VAL B 19 -44.62 -9.88 6.42
CA VAL B 19 -45.03 -10.98 5.56
C VAL B 19 -44.87 -10.52 4.11
N LEU B 20 -44.78 -11.50 3.21
CA LEU B 20 -44.57 -11.18 1.80
C LEU B 20 -45.75 -10.41 1.22
N SER B 21 -46.94 -10.54 1.81
CA SER B 21 -48.12 -9.85 1.28
C SER B 21 -48.03 -8.34 1.43
N ASP B 22 -47.22 -7.84 2.38
CA ASP B 22 -47.13 -6.42 2.64
C ASP B 22 -46.05 -5.73 1.80
N ILE B 23 -45.39 -6.45 0.90
CA ILE B 23 -44.35 -5.88 0.05
C ILE B 23 -45.00 -5.40 -1.25
N VAL B 24 -44.79 -4.13 -1.57
CA VAL B 24 -45.36 -3.52 -2.77
C VAL B 24 -44.32 -3.58 -3.89
N GLY B 25 -44.81 -3.72 -5.12
CA GLY B 25 -43.95 -3.78 -6.28
C GLY B 25 -43.41 -5.17 -6.55
N ASN B 26 -42.91 -5.34 -7.77
CA ASN B 26 -42.35 -6.61 -8.23
C ASN B 26 -43.33 -7.76 -7.96
N LYS B 27 -44.53 -7.61 -8.52
CA LYS B 27 -45.62 -8.53 -8.20
C LYS B 27 -45.25 -9.97 -8.56
N GLU B 28 -44.66 -10.18 -9.73
CA GLU B 28 -44.34 -11.55 -10.15
C GLU B 28 -43.33 -12.19 -9.20
N THR B 29 -42.28 -11.45 -8.83
CA THR B 29 -41.26 -12.00 -7.95
C THR B 29 -41.83 -12.30 -6.57
N ILE B 30 -42.64 -11.39 -6.02
CA ILE B 30 -43.21 -11.62 -4.70
C ILE B 30 -44.17 -12.80 -4.74
N ASP B 31 -44.91 -12.94 -5.84
CA ASP B 31 -45.81 -14.10 -5.98
C ASP B 31 -45.01 -15.39 -6.03
N ARG B 32 -43.90 -15.40 -6.76
CA ARG B 32 -43.05 -16.58 -6.81
C ARG B 32 -42.50 -16.92 -5.43
N LEU B 33 -42.06 -15.91 -4.68
CA LEU B 33 -41.57 -16.13 -3.33
C LEU B 33 -42.67 -16.68 -2.43
N GLN B 34 -43.89 -16.16 -2.56
CA GLN B 34 -45.01 -16.67 -1.78
C GLN B 34 -45.30 -18.12 -2.11
N GLN B 35 -45.27 -18.47 -3.40
CA GLN B 35 -45.47 -19.86 -3.80
C GLN B 35 -44.39 -20.75 -3.23
N ILE B 36 -43.14 -20.31 -3.28
CA ILE B 36 -42.04 -21.09 -2.71
C ILE B 36 -42.27 -21.31 -1.23
N ALA B 37 -42.66 -20.25 -0.52
CA ALA B 37 -42.87 -20.35 0.91
C ALA B 37 -44.00 -21.32 1.24
N LYS B 38 -45.11 -21.22 0.51
CA LYS B 38 -46.23 -22.12 0.77
C LYS B 38 -45.85 -23.57 0.48
N ASP B 39 -45.16 -23.81 -0.63
CA ASP B 39 -44.81 -25.17 -1.02
C ASP B 39 -43.56 -25.65 -0.30
N GLY B 40 -42.44 -24.95 -0.51
CA GLY B 40 -41.17 -25.35 0.07
C GLY B 40 -40.11 -25.60 -0.98
N ASN B 41 -39.08 -26.36 -0.62
CA ASN B 41 -37.99 -26.69 -1.54
C ASN B 41 -37.39 -25.41 -2.15
N MET B 42 -37.00 -24.51 -1.28
CA MET B 42 -36.39 -23.26 -1.72
C MET B 42 -35.08 -23.56 -2.44
N PRO B 43 -34.88 -23.02 -3.64
CA PRO B 43 -33.59 -23.20 -4.32
C PRO B 43 -32.60 -22.10 -3.93
N HIS B 44 -31.34 -22.32 -4.29
CA HIS B 44 -30.35 -21.27 -4.15
C HIS B 44 -30.76 -20.09 -5.02
N MET B 45 -30.77 -18.88 -4.44
CA MET B 45 -31.28 -17.72 -5.15
C MET B 45 -30.36 -16.52 -4.95
N ILE B 46 -30.37 -15.64 -5.94
CA ILE B 46 -29.67 -14.37 -5.90
C ILE B 46 -30.66 -13.28 -6.29
N ILE B 47 -30.81 -12.28 -5.41
CA ILE B 47 -31.74 -11.17 -5.62
C ILE B 47 -30.92 -9.90 -5.77
N SER B 48 -31.07 -9.24 -6.91
CA SER B 48 -30.34 -8.02 -7.23
C SER B 48 -31.32 -6.89 -7.54
N GLY B 49 -30.91 -5.68 -7.21
CA GLY B 49 -31.75 -4.52 -7.44
C GLY B 49 -31.10 -3.27 -6.88
N MET B 50 -31.81 -2.17 -6.99
CA MET B 50 -31.32 -0.88 -6.54
C MET B 50 -31.65 -0.67 -5.07
N PRO B 51 -31.00 0.30 -4.42
CA PRO B 51 -31.20 0.48 -2.97
C PRO B 51 -32.66 0.75 -2.60
N GLY B 52 -33.06 0.21 -1.45
CA GLY B 52 -34.33 0.54 -0.84
C GLY B 52 -35.56 0.15 -1.63
N ILE B 53 -35.60 -1.08 -2.14
CA ILE B 53 -36.75 -1.58 -2.89
C ILE B 53 -37.37 -2.82 -2.27
N GLY B 54 -36.74 -3.44 -1.27
CA GLY B 54 -37.35 -4.54 -0.56
C GLY B 54 -36.70 -5.89 -0.78
N LYS B 55 -35.39 -5.91 -0.98
CA LYS B 55 -34.68 -7.17 -1.17
C LYS B 55 -34.42 -7.87 0.16
N THR B 56 -33.80 -7.17 1.10
CA THR B 56 -33.57 -7.74 2.42
C THR B 56 -34.89 -8.08 3.10
N THR B 57 -35.89 -7.21 2.98
CA THR B 57 -37.21 -7.49 3.53
C THR B 57 -37.78 -8.77 2.95
N SER B 58 -37.70 -8.92 1.63
CA SER B 58 -38.24 -10.12 1.00
C SER B 58 -37.52 -11.37 1.49
N VAL B 59 -36.19 -11.33 1.56
CA VAL B 59 -35.44 -12.51 1.98
C VAL B 59 -35.79 -12.88 3.42
N HIS B 60 -35.83 -11.89 4.31
CA HIS B 60 -36.14 -12.17 5.70
C HIS B 60 -37.56 -12.69 5.88
N CYS B 61 -38.53 -12.11 5.16
CA CYS B 61 -39.89 -12.59 5.24
C CYS B 61 -39.99 -14.03 4.74
N LEU B 62 -39.31 -14.34 3.63
CA LEU B 62 -39.32 -15.71 3.12
C LEU B 62 -38.75 -16.67 4.14
N ALA B 63 -37.60 -16.34 4.72
CA ALA B 63 -36.98 -17.24 5.70
C ALA B 63 -37.89 -17.43 6.91
N HIS B 64 -38.47 -16.34 7.41
CA HIS B 64 -39.33 -16.44 8.58
C HIS B 64 -40.53 -17.33 8.30
N GLU B 65 -41.24 -17.07 7.20
CA GLU B 65 -42.44 -17.85 6.92
C GLU B 65 -42.11 -19.29 6.58
N LEU B 66 -40.92 -19.55 6.03
CA LEU B 66 -40.55 -20.92 5.71
C LEU B 66 -40.20 -21.71 6.96
N LEU B 67 -39.48 -21.10 7.91
CA LEU B 67 -38.91 -21.85 9.02
C LEU B 67 -39.70 -21.74 10.31
N GLY B 68 -40.67 -20.83 10.40
CA GLY B 68 -41.52 -20.80 11.58
C GLY B 68 -40.71 -20.62 12.85
N ARG B 69 -40.98 -21.50 13.83
CA ARG B 69 -40.31 -21.41 15.12
C ARG B 69 -38.84 -21.81 15.05
N SER B 70 -38.43 -22.51 14.00
CA SER B 70 -37.06 -22.94 13.83
C SER B 70 -36.18 -21.86 13.20
N TYR B 71 -36.63 -20.61 13.18
CA TYR B 71 -35.84 -19.55 12.56
C TYR B 71 -34.51 -19.35 13.26
N ALA B 72 -34.52 -19.38 14.61
CA ALA B 72 -33.29 -19.12 15.35
C ALA B 72 -32.25 -20.20 15.10
N ASP B 73 -32.66 -21.45 14.92
CA ASP B 73 -31.71 -22.55 14.78
C ASP B 73 -31.36 -22.86 13.33
N GLY B 74 -32.24 -22.53 12.39
CA GLY B 74 -32.04 -22.89 11.00
C GLY B 74 -31.69 -21.77 10.04
N VAL B 75 -31.38 -20.57 10.54
CA VAL B 75 -31.02 -19.45 9.69
C VAL B 75 -29.66 -18.91 10.14
N LEU B 76 -28.76 -18.72 9.19
CA LEU B 76 -27.46 -18.11 9.44
C LEU B 76 -27.35 -16.86 8.56
N GLU B 77 -27.39 -15.70 9.19
CA GLU B 77 -27.38 -14.42 8.48
C GLU B 77 -26.01 -13.77 8.62
N LEU B 78 -25.40 -13.44 7.49
CA LEU B 78 -24.13 -12.72 7.45
C LEU B 78 -24.25 -11.56 6.47
N ASN B 79 -23.80 -10.38 6.89
CA ASN B 79 -23.84 -9.18 6.07
C ASN B 79 -22.46 -8.54 6.06
N ALA B 80 -22.36 -7.38 5.39
CA ALA B 80 -21.08 -6.71 5.26
C ALA B 80 -20.51 -6.29 6.61
N SER B 81 -21.38 -6.05 7.59
CA SER B 81 -20.93 -5.67 8.93
C SER B 81 -20.29 -6.83 9.69
N ASP B 82 -20.43 -8.06 9.19
CA ASP B 82 -19.82 -9.23 9.81
C ASP B 82 -18.57 -9.64 9.04
N ASP B 83 -17.81 -10.55 9.63
CA ASP B 83 -16.62 -11.09 8.98
C ASP B 83 -17.03 -12.24 8.07
N ARG B 84 -16.68 -12.13 6.79
CA ARG B 84 -17.04 -13.12 5.77
C ARG B 84 -15.81 -13.46 4.92
N GLY B 85 -14.69 -13.69 5.59
CA GLY B 85 -13.46 -14.05 4.91
C GLY B 85 -13.43 -15.52 4.53
N ILE B 86 -12.28 -15.92 3.97
CA ILE B 86 -12.12 -17.30 3.53
C ILE B 86 -12.22 -18.25 4.72
N ASP B 87 -11.64 -17.87 5.85
CA ASP B 87 -11.72 -18.70 7.04
C ASP B 87 -13.16 -18.86 7.49
N VAL B 88 -13.94 -17.79 7.47
CA VAL B 88 -15.33 -17.86 7.89
C VAL B 88 -16.10 -18.82 6.98
N VAL B 89 -15.96 -18.65 5.67
CA VAL B 89 -16.67 -19.52 4.74
C VAL B 89 -16.25 -20.96 4.92
N ARG B 90 -14.95 -21.20 5.13
CA ARG B 90 -14.44 -22.56 5.21
C ARG B 90 -14.81 -23.25 6.52
N ASN B 91 -15.02 -22.50 7.60
CA ASN B 91 -15.27 -23.12 8.90
C ASN B 91 -16.71 -22.90 9.38
N GLN B 92 -17.14 -21.66 9.56
CA GLN B 92 -18.44 -21.42 10.20
C GLN B 92 -19.59 -21.81 9.29
N ILE B 93 -19.55 -21.36 8.03
CA ILE B 93 -20.62 -21.69 7.10
C ILE B 93 -20.66 -23.18 6.82
N LYS B 94 -19.48 -23.80 6.68
CA LYS B 94 -19.43 -25.25 6.47
C LYS B 94 -20.00 -26.00 7.66
N HIS B 95 -19.66 -25.57 8.88
CA HIS B 95 -20.21 -26.20 10.07
C HIS B 95 -21.72 -26.06 10.11
N PHE B 96 -22.23 -24.87 9.78
CA PHE B 96 -23.68 -24.68 9.77
C PHE B 96 -24.35 -25.58 8.74
N ALA B 97 -23.72 -25.74 7.57
CA ALA B 97 -24.26 -26.62 6.55
C ALA B 97 -24.27 -28.08 7.02
N GLN B 98 -23.22 -28.51 7.71
CA GLN B 98 -23.14 -29.89 8.20
C GLN B 98 -23.95 -30.12 9.46
N LYS B 99 -24.48 -29.06 10.08
CA LYS B 99 -25.20 -29.23 11.33
C LYS B 99 -26.43 -30.09 11.15
N LYS B 100 -26.68 -30.97 12.12
CA LYS B 100 -27.86 -31.82 12.12
C LYS B 100 -29.01 -31.07 12.80
N LEU B 101 -30.12 -30.90 12.08
CA LEU B 101 -31.27 -30.18 12.62
C LEU B 101 -32.53 -30.75 11.96
N HIS B 102 -33.37 -31.40 12.77
CA HIS B 102 -34.62 -31.93 12.24
C HIS B 102 -35.57 -30.79 11.90
N LEU B 103 -36.14 -30.84 10.71
CA LEU B 103 -37.02 -29.81 10.19
C LEU B 103 -38.26 -30.44 9.60
N PRO B 104 -39.33 -29.66 9.42
CA PRO B 104 -40.55 -30.20 8.80
C PRO B 104 -40.23 -30.87 7.48
N PRO B 105 -41.18 -31.63 6.92
CA PRO B 105 -40.84 -32.51 5.79
C PRO B 105 -40.14 -31.82 4.63
N GLY B 106 -40.52 -30.59 4.30
CA GLY B 106 -39.99 -29.93 3.11
C GLY B 106 -39.28 -28.61 3.37
N LYS B 107 -38.52 -28.53 4.46
CA LYS B 107 -37.81 -27.33 4.83
C LYS B 107 -36.32 -27.60 4.92
N HIS B 108 -35.53 -26.55 4.73
CA HIS B 108 -34.08 -26.64 4.79
C HIS B 108 -33.53 -25.44 5.55
N LYS B 109 -32.32 -25.60 6.06
CA LYS B 109 -31.61 -24.47 6.66
C LYS B 109 -31.26 -23.45 5.58
N ILE B 110 -31.23 -22.18 5.98
CA ILE B 110 -31.03 -21.07 5.05
C ILE B 110 -29.83 -20.24 5.51
N VAL B 111 -28.92 -19.98 4.57
CA VAL B 111 -27.82 -19.05 4.78
C VAL B 111 -28.13 -17.79 3.97
N ILE B 112 -28.29 -16.68 4.68
CA ILE B 112 -28.62 -15.40 4.06
C ILE B 112 -27.34 -14.57 4.04
N LEU B 113 -26.74 -14.43 2.86
CA LEU B 113 -25.55 -13.62 2.66
C LEU B 113 -26.00 -12.29 2.07
N ASP B 114 -26.32 -11.34 2.95
CA ASP B 114 -26.78 -10.03 2.52
C ASP B 114 -25.61 -9.20 2.04
N GLU B 115 -25.87 -8.34 1.05
CA GLU B 115 -24.83 -7.52 0.43
C GLU B 115 -23.66 -8.40 -0.03
N ALA B 116 -24.01 -9.49 -0.70
CA ALA B 116 -23.00 -10.48 -1.11
C ALA B 116 -22.04 -9.93 -2.15
N ASP B 117 -22.38 -8.81 -2.80
CA ASP B 117 -21.49 -8.24 -3.82
C ASP B 117 -20.19 -7.72 -3.23
N SER B 118 -20.09 -7.58 -1.92
CA SER B 118 -18.86 -7.13 -1.27
C SER B 118 -17.94 -8.27 -0.87
N MET B 119 -18.36 -9.52 -1.08
CA MET B 119 -17.53 -10.66 -0.73
C MET B 119 -16.37 -10.81 -1.71
N THR B 120 -15.25 -11.30 -1.20
CA THR B 120 -14.06 -11.49 -2.02
C THR B 120 -14.21 -12.70 -2.93
N ALA B 121 -13.35 -12.76 -3.96
CA ALA B 121 -13.42 -13.86 -4.91
C ALA B 121 -13.10 -15.20 -4.24
N GLY B 122 -12.14 -15.20 -3.31
CA GLY B 122 -11.77 -16.45 -2.67
C GLY B 122 -12.91 -17.06 -1.86
N ALA B 123 -13.64 -16.24 -1.10
CA ALA B 123 -14.77 -16.75 -0.34
C ALA B 123 -15.85 -17.29 -1.26
N GLN B 124 -16.13 -16.59 -2.35
CA GLN B 124 -17.13 -17.06 -3.30
C GLN B 124 -16.71 -18.40 -3.91
N GLN B 125 -15.43 -18.53 -4.26
CA GLN B 125 -14.94 -19.80 -4.77
C GLN B 125 -15.10 -20.91 -3.74
N ALA B 126 -14.78 -20.62 -2.47
CA ALA B 126 -14.92 -21.61 -1.42
C ALA B 126 -16.37 -22.02 -1.22
N LEU B 127 -17.33 -21.12 -1.47
CA LEU B 127 -18.73 -21.45 -1.28
C LEU B 127 -19.26 -22.50 -2.25
N ARG B 128 -18.58 -22.73 -3.37
CA ARG B 128 -19.15 -23.57 -4.43
C ARG B 128 -19.37 -25.00 -3.96
N ARG B 129 -18.33 -25.63 -3.42
CA ARG B 129 -18.45 -27.01 -2.99
C ARG B 129 -19.31 -27.14 -1.75
N THR B 130 -19.29 -26.14 -0.87
CA THR B 130 -20.19 -26.17 0.27
C THR B 130 -21.64 -26.17 -0.18
N MET B 131 -21.96 -25.35 -1.19
CA MET B 131 -23.32 -25.33 -1.71
C MET B 131 -23.68 -26.66 -2.37
N GLU B 132 -22.76 -27.20 -3.17
CA GLU B 132 -23.08 -28.43 -3.90
C GLU B 132 -23.25 -29.62 -2.96
N LEU B 133 -22.36 -29.76 -1.98
CA LEU B 133 -22.34 -30.98 -1.16
C LEU B 133 -23.55 -31.08 -0.24
N TYR B 134 -23.98 -29.97 0.35
CA TYR B 134 -24.99 -29.99 1.41
C TYR B 134 -26.31 -29.38 0.94
N SER B 135 -26.61 -29.47 -0.35
CA SER B 135 -27.85 -28.92 -0.87
C SER B 135 -29.08 -29.67 -0.35
N ASN B 136 -28.90 -30.87 0.21
CA ASN B 136 -30.04 -31.65 0.69
C ASN B 136 -30.58 -31.12 2.00
N SER B 137 -29.83 -30.27 2.71
CA SER B 137 -30.27 -29.73 3.99
C SER B 137 -30.08 -28.23 4.13
N THR B 138 -29.33 -27.59 3.24
CA THR B 138 -29.05 -26.16 3.33
C THR B 138 -29.25 -25.51 1.97
N ARG B 139 -29.79 -24.30 1.97
CA ARG B 139 -29.99 -23.52 0.76
C ARG B 139 -29.50 -22.09 1.00
N PHE B 140 -29.01 -21.47 -0.07
CA PHE B 140 -28.30 -20.19 0.03
C PHE B 140 -29.11 -19.09 -0.66
N ALA B 141 -29.24 -17.95 0.02
CA ALA B 141 -29.89 -16.77 -0.52
C ALA B 141 -28.92 -15.61 -0.47
N PHE B 142 -28.67 -15.01 -1.63
CA PHE B 142 -27.81 -13.84 -1.77
C PHE B 142 -28.64 -12.62 -2.08
N ALA B 143 -28.28 -11.49 -1.48
CA ALA B 143 -28.89 -10.20 -1.80
C ALA B 143 -27.78 -9.22 -2.13
N CYS B 144 -27.91 -8.54 -3.26
CA CYS B 144 -26.84 -7.67 -3.73
C CYS B 144 -27.43 -6.52 -4.54
N ASN B 145 -26.61 -5.49 -4.74
CA ASN B 145 -26.98 -4.38 -5.62
C ASN B 145 -26.46 -4.56 -7.03
N GLN B 146 -25.30 -5.19 -7.20
CA GLN B 146 -24.70 -5.45 -8.50
C GLN B 146 -24.50 -6.95 -8.64
N SER B 147 -25.27 -7.57 -9.53
CA SER B 147 -25.15 -9.01 -9.74
C SER B 147 -23.85 -9.37 -10.45
N ASN B 148 -23.23 -8.43 -11.17
CA ASN B 148 -21.99 -8.75 -11.88
C ASN B 148 -20.89 -9.17 -10.91
N LYS B 149 -20.90 -8.65 -9.68
CA LYS B 149 -19.85 -8.96 -8.72
C LYS B 149 -19.89 -10.42 -8.28
N ILE B 150 -21.01 -11.10 -8.46
CA ILE B 150 -21.11 -12.52 -8.10
C ILE B 150 -20.46 -13.34 -9.20
N ILE B 151 -19.51 -14.21 -8.82
CA ILE B 151 -18.79 -15.00 -9.81
C ILE B 151 -19.75 -15.92 -10.54
N GLU B 152 -19.45 -16.17 -11.82
CA GLU B 152 -20.33 -16.99 -12.64
C GLU B 152 -20.58 -18.37 -12.06
N PRO B 153 -19.60 -19.08 -11.50
CA PRO B 153 -19.90 -20.41 -10.94
C PRO B 153 -21.00 -20.39 -9.89
N LEU B 154 -21.05 -19.36 -9.05
CA LEU B 154 -22.13 -19.25 -8.08
C LEU B 154 -23.45 -18.92 -8.76
N GLN B 155 -23.42 -18.02 -9.75
CA GLN B 155 -24.65 -17.67 -10.47
C GLN B 155 -25.25 -18.89 -11.15
N SER B 156 -24.41 -19.81 -11.62
CA SER B 156 -24.92 -21.01 -12.29
C SER B 156 -25.73 -21.88 -11.35
N ARG B 157 -25.37 -21.91 -10.07
CA ARG B 157 -26.04 -22.76 -9.08
C ARG B 157 -27.26 -22.09 -8.45
N CYS B 158 -27.51 -20.83 -8.75
CA CYS B 158 -28.56 -20.05 -8.09
C CYS B 158 -29.64 -19.67 -9.10
N ALA B 159 -30.81 -19.33 -8.55
CA ALA B 159 -31.92 -18.80 -9.33
C ALA B 159 -31.91 -17.28 -9.24
N ILE B 160 -31.94 -16.62 -10.39
CA ILE B 160 -31.78 -15.16 -10.44
C ILE B 160 -33.16 -14.52 -10.36
N LEU B 161 -33.36 -13.65 -9.38
CA LEU B 161 -34.63 -12.95 -9.17
C LEU B 161 -34.30 -11.46 -9.10
N ARG B 162 -34.39 -10.78 -10.24
CA ARG B 162 -34.03 -9.37 -10.33
C ARG B 162 -35.23 -8.49 -9.96
N TYR B 163 -34.96 -7.47 -9.15
CA TYR B 163 -35.98 -6.52 -8.71
C TYR B 163 -35.83 -5.22 -9.49
N SER B 164 -36.97 -4.58 -9.75
CA SER B 164 -37.01 -3.31 -10.47
C SER B 164 -37.46 -2.20 -9.54
N LYS B 165 -37.22 -0.96 -9.97
CA LYS B 165 -37.68 0.20 -9.23
C LYS B 165 -39.20 0.19 -9.07
N LEU B 166 -39.64 0.61 -7.89
CA LEU B 166 -41.07 0.67 -7.60
C LEU B 166 -41.72 1.81 -8.37
N SER B 167 -42.88 1.55 -8.93
CA SER B 167 -43.64 2.57 -9.62
C SER B 167 -44.23 3.56 -8.62
N ASP B 168 -44.59 4.74 -9.13
CA ASP B 168 -45.16 5.77 -8.27
C ASP B 168 -46.45 5.29 -7.60
N GLU B 169 -47.19 4.38 -8.25
CA GLU B 169 -48.43 3.89 -7.67
C GLU B 169 -48.17 3.09 -6.40
N ASP B 170 -47.20 2.19 -6.43
CA ASP B 170 -46.89 1.40 -5.24
C ASP B 170 -46.39 2.29 -4.11
N VAL B 171 -45.53 3.26 -4.42
CA VAL B 171 -45.03 4.18 -3.41
C VAL B 171 -46.19 4.97 -2.80
N LEU B 172 -47.11 5.45 -3.64
CA LEU B 172 -48.26 6.18 -3.14
C LEU B 172 -49.12 5.30 -2.24
N LYS B 173 -49.34 4.05 -2.65
CA LYS B 173 -50.15 3.14 -1.84
C LYS B 173 -49.52 2.92 -0.46
N ARG B 174 -48.22 2.62 -0.42
CA ARG B 174 -47.56 2.39 0.86
C ARG B 174 -47.57 3.66 1.71
N LEU B 175 -47.31 4.81 1.09
CA LEU B 175 -47.31 6.06 1.85
C LEU B 175 -48.68 6.36 2.43
N LEU B 176 -49.74 6.11 1.65
CA LEU B 176 -51.09 6.34 2.16
C LEU B 176 -51.43 5.39 3.30
N GLN B 177 -51.00 4.12 3.19
CA GLN B 177 -51.22 3.19 4.29
C GLN B 177 -50.53 3.69 5.56
N ILE B 178 -49.27 4.11 5.44
CA ILE B 178 -48.53 4.57 6.61
C ILE B 178 -49.16 5.85 7.17
N ILE B 179 -49.64 6.73 6.30
CA ILE B 179 -50.28 7.96 6.73
C ILE B 179 -51.55 7.65 7.52
N LYS B 180 -52.36 6.73 7.01
CA LYS B 180 -53.58 6.35 7.72
C LYS B 180 -53.25 5.73 9.07
N LEU B 181 -52.20 4.91 9.12
CA LEU B 181 -51.82 4.31 10.39
C LEU B 181 -51.35 5.37 11.38
N GLU B 182 -50.57 6.35 10.92
CA GLU B 182 -49.96 7.35 11.78
C GLU B 182 -50.82 8.60 11.95
N ASP B 183 -51.94 8.71 11.24
CA ASP B 183 -52.78 9.90 11.28
C ASP B 183 -51.94 11.14 10.93
N VAL B 184 -51.49 11.18 9.69
CA VAL B 184 -50.63 12.26 9.20
C VAL B 184 -51.45 13.19 8.32
N LYS B 185 -51.42 14.48 8.64
CA LYS B 185 -52.07 15.49 7.81
C LYS B 185 -51.21 15.74 6.57
N TYR B 186 -51.85 15.72 5.41
CA TYR B 186 -51.12 15.77 4.14
C TYR B 186 -51.99 16.44 3.08
N THR B 187 -51.35 16.77 1.96
CA THR B 187 -52.02 17.27 0.77
C THR B 187 -51.45 16.56 -0.44
N ASN B 188 -52.22 16.54 -1.53
CA ASN B 188 -51.81 15.78 -2.71
C ASN B 188 -50.47 16.26 -3.25
N ASP B 189 -50.26 17.58 -3.26
CA ASP B 189 -49.00 18.11 -3.77
C ASP B 189 -47.83 17.64 -2.92
N GLY B 190 -48.01 17.56 -1.60
CA GLY B 190 -46.94 17.07 -0.74
C GLY B 190 -46.54 15.64 -1.06
N LEU B 191 -47.53 14.77 -1.20
CA LEU B 191 -47.22 13.37 -1.55
C LEU B 191 -46.58 13.28 -2.93
N GLU B 192 -47.06 14.09 -3.88
CA GLU B 192 -46.46 14.08 -5.21
C GLU B 192 -45.00 14.51 -5.14
N ALA B 193 -44.69 15.54 -4.36
CA ALA B 193 -43.30 15.97 -4.21
C ALA B 193 -42.46 14.89 -3.55
N ILE B 194 -43.01 14.25 -2.52
CA ILE B 194 -42.28 13.17 -1.83
C ILE B 194 -41.94 12.07 -2.82
N ILE B 195 -42.93 11.65 -3.62
CA ILE B 195 -42.71 10.57 -4.58
C ILE B 195 -41.69 10.99 -5.64
N PHE B 196 -41.81 12.24 -6.12
CA PHE B 196 -40.89 12.72 -7.15
C PHE B 196 -39.45 12.74 -6.64
N THR B 197 -39.24 13.21 -5.42
CA THR B 197 -37.89 13.26 -4.86
C THR B 197 -37.37 11.89 -4.46
N ALA B 198 -38.25 10.96 -4.11
CA ALA B 198 -37.80 9.63 -3.71
C ALA B 198 -37.12 8.90 -4.88
N GLU B 199 -37.69 9.03 -6.08
CA GLU B 199 -37.13 8.40 -7.28
C GLU B 199 -37.18 6.88 -7.17
N GLY B 200 -38.29 6.36 -6.64
CA GLY B 200 -38.48 4.92 -6.55
C GLY B 200 -37.84 4.26 -5.37
N ASP B 201 -37.27 5.02 -4.43
CA ASP B 201 -36.65 4.47 -3.24
C ASP B 201 -37.64 4.58 -2.08
N MET B 202 -38.22 3.46 -1.68
CA MET B 202 -39.24 3.46 -0.63
C MET B 202 -38.66 3.97 0.69
N ARG B 203 -37.45 3.52 1.04
CA ARG B 203 -36.84 3.96 2.30
C ARG B 203 -36.68 5.47 2.31
N GLN B 204 -36.19 6.04 1.21
CA GLN B 204 -36.04 7.49 1.14
C GLN B 204 -37.38 8.19 1.26
N ALA B 205 -38.41 7.68 0.59
CA ALA B 205 -39.73 8.31 0.67
C ALA B 205 -40.26 8.31 2.09
N ILE B 206 -40.17 7.16 2.77
CA ILE B 206 -40.68 7.06 4.13
C ILE B 206 -39.89 7.96 5.07
N ASN B 207 -38.55 7.97 4.94
CA ASN B 207 -37.73 8.83 5.79
C ASN B 207 -38.07 10.29 5.56
N ASN B 208 -38.24 10.69 4.30
CA ASN B 208 -38.57 12.09 4.01
C ASN B 208 -39.94 12.45 4.57
N LEU B 209 -40.92 11.55 4.45
CA LEU B 209 -42.24 11.83 5.00
C LEU B 209 -42.17 12.01 6.51
N GLN B 210 -41.46 11.11 7.19
CA GLN B 210 -41.35 11.21 8.64
C GLN B 210 -40.64 12.49 9.05
N SER B 211 -39.56 12.84 8.34
CA SER B 211 -38.84 14.08 8.65
C SER B 211 -39.72 15.30 8.44
N THR B 212 -40.50 15.31 7.36
CA THR B 212 -41.40 16.43 7.11
C THR B 212 -42.45 16.55 8.20
N VAL B 213 -43.04 15.42 8.60
CA VAL B 213 -44.05 15.45 9.66
C VAL B 213 -43.45 15.96 10.95
N ALA B 214 -42.24 15.49 11.29
CA ALA B 214 -41.60 15.93 12.52
C ALA B 214 -41.24 17.41 12.48
N GLY B 215 -40.75 17.90 11.35
CA GLY B 215 -40.27 19.27 11.26
C GLY B 215 -41.36 20.31 11.10
N HIS B 216 -42.43 19.98 10.38
CA HIS B 216 -43.49 20.94 10.09
C HIS B 216 -44.89 20.40 10.29
N GLY B 217 -45.07 19.09 10.45
CA GLY B 217 -46.39 18.53 10.65
C GLY B 217 -47.15 18.33 9.37
N LEU B 218 -47.62 19.41 8.77
CA LEU B 218 -48.36 19.32 7.51
C LEU B 218 -47.43 18.88 6.39
N VAL B 219 -47.84 17.85 5.66
CA VAL B 219 -47.06 17.33 4.54
C VAL B 219 -47.65 17.95 3.27
N ASN B 220 -47.12 19.12 2.90
CA ASN B 220 -47.48 19.79 1.67
C ASN B 220 -46.22 20.00 0.84
N ALA B 221 -46.39 20.58 -0.36
CA ALA B 221 -45.25 20.78 -1.24
C ALA B 221 -44.20 21.68 -0.61
N ASP B 222 -44.63 22.78 0.02
CA ASP B 222 -43.69 23.74 0.59
C ASP B 222 -42.81 23.08 1.64
N ASN B 223 -43.43 22.38 2.60
CA ASN B 223 -42.65 21.74 3.66
C ASN B 223 -41.77 20.64 3.11
N VAL B 224 -42.28 19.86 2.15
CA VAL B 224 -41.50 18.76 1.59
C VAL B 224 -40.23 19.30 0.93
N PHE B 225 -40.37 20.37 0.13
CA PHE B 225 -39.19 20.95 -0.49
C PHE B 225 -38.29 21.62 0.54
N LYS B 226 -38.87 22.17 1.61
CA LYS B 226 -38.06 22.71 2.70
C LYS B 226 -37.23 21.62 3.37
N ILE B 227 -37.69 20.38 3.34
CA ILE B 227 -36.96 19.27 3.95
C ILE B 227 -36.06 18.62 2.91
N VAL B 228 -36.64 18.18 1.80
CA VAL B 228 -35.91 17.52 0.73
C VAL B 228 -35.56 18.55 -0.33
N ASP B 229 -34.26 18.71 -0.60
CA ASP B 229 -33.80 19.66 -1.60
C ASP B 229 -34.08 19.13 -3.01
N SER B 230 -34.16 20.05 -3.96
CA SER B 230 -34.36 19.67 -5.34
C SER B 230 -33.14 18.87 -5.82
N PRO B 231 -33.33 17.71 -6.47
CA PRO B 231 -32.18 16.95 -6.95
C PRO B 231 -31.27 17.78 -7.85
N HIS B 232 -30.00 17.87 -7.49
CA HIS B 232 -29.05 18.66 -8.26
C HIS B 232 -28.77 18.04 -9.64
N PRO B 233 -28.92 16.72 -9.82
CA PRO B 233 -28.77 16.19 -11.18
C PRO B 233 -29.73 16.82 -12.18
N LEU B 234 -30.97 17.10 -11.76
CA LEU B 234 -31.91 17.75 -12.68
C LEU B 234 -31.49 19.17 -12.98
N ILE B 235 -30.94 19.89 -11.98
CA ILE B 235 -30.42 21.23 -12.24
C ILE B 235 -29.27 21.17 -13.24
N VAL B 236 -28.39 20.17 -13.10
CA VAL B 236 -27.28 20.03 -14.03
C VAL B 236 -27.80 19.72 -15.43
N LYS B 237 -28.82 18.86 -15.53
CA LYS B 237 -29.39 18.54 -16.82
C LYS B 237 -29.99 19.77 -17.48
N LYS B 238 -30.68 20.60 -16.69
CA LYS B 238 -31.18 21.87 -17.23
C LYS B 238 -30.04 22.75 -17.69
N MET B 239 -28.95 22.80 -16.92
CA MET B 239 -27.81 23.64 -17.27
C MET B 239 -27.20 23.19 -18.60
N LEU B 240 -27.04 21.89 -18.80
CA LEU B 240 -26.39 21.39 -20.00
C LEU B 240 -27.26 21.53 -21.24
N LEU B 241 -28.58 21.57 -21.09
CA LEU B 241 -29.50 21.65 -22.22
C LEU B 241 -30.01 23.06 -22.47
N ALA B 242 -29.45 24.06 -21.79
CA ALA B 242 -29.86 25.43 -22.01
C ALA B 242 -29.48 25.88 -23.41
N SER B 243 -30.32 26.73 -24.00
CA SER B 243 -30.09 27.19 -25.36
C SER B 243 -28.98 28.24 -25.43
N ASN B 244 -29.05 29.26 -24.58
CA ASN B 244 -28.08 30.33 -24.55
C ASN B 244 -27.03 30.08 -23.47
N LEU B 245 -25.77 30.40 -23.76
CA LEU B 245 -24.72 30.23 -22.77
C LEU B 245 -24.97 31.08 -21.55
N GLU B 246 -25.60 32.25 -21.72
CA GLU B 246 -25.90 33.10 -20.58
C GLU B 246 -26.83 32.42 -19.59
N ASP B 247 -27.85 31.73 -20.10
CA ASP B 247 -28.77 31.01 -19.21
C ASP B 247 -28.05 29.91 -18.44
N SER B 248 -27.18 29.15 -19.13
CA SER B 248 -26.45 28.10 -18.46
C SER B 248 -25.52 28.66 -17.38
N ILE B 249 -24.84 29.77 -17.69
CA ILE B 249 -23.96 30.39 -16.70
C ILE B 249 -24.77 30.90 -15.51
N GLN B 250 -25.96 31.47 -15.78
CA GLN B 250 -26.81 31.93 -14.69
C GLN B 250 -27.24 30.78 -13.80
N ILE B 251 -27.61 29.65 -14.40
CA ILE B 251 -27.98 28.47 -13.61
C ILE B 251 -26.80 28.01 -12.77
N LEU B 252 -25.61 27.95 -13.38
CA LEU B 252 -24.43 27.52 -12.65
C LEU B 252 -24.14 28.45 -11.47
N ARG B 253 -24.27 29.76 -11.67
CA ARG B 253 -23.90 30.71 -10.63
C ARG B 253 -24.94 30.78 -9.52
N THR B 254 -26.22 30.60 -9.84
CA THR B 254 -27.28 30.80 -8.85
C THR B 254 -27.76 29.51 -8.19
N ASP B 255 -28.00 28.46 -8.97
CA ASP B 255 -28.60 27.25 -8.43
C ASP B 255 -27.59 26.22 -7.93
N LEU B 256 -26.33 26.31 -8.35
CA LEU B 256 -25.31 25.34 -7.95
C LEU B 256 -24.16 25.97 -7.19
N TRP B 257 -23.52 26.99 -7.75
CA TRP B 257 -22.31 27.53 -7.13
C TRP B 257 -22.63 28.24 -5.82
N LYS B 258 -23.68 29.06 -5.81
CA LYS B 258 -24.05 29.82 -4.61
C LYS B 258 -24.81 28.98 -3.60
N LYS B 259 -25.20 27.75 -3.94
CA LYS B 259 -25.87 26.86 -3.00
C LYS B 259 -24.90 25.99 -2.22
N GLY B 260 -23.59 26.13 -2.45
CA GLY B 260 -22.61 25.39 -1.70
C GLY B 260 -22.19 24.06 -2.31
N TYR B 261 -22.50 23.82 -3.58
CA TYR B 261 -22.09 22.58 -4.24
C TYR B 261 -20.64 22.71 -4.71
N SER B 262 -19.85 21.70 -4.42
CA SER B 262 -18.44 21.72 -4.80
C SER B 262 -18.28 21.53 -6.31
N SER B 263 -17.16 22.02 -6.83
CA SER B 263 -16.90 21.90 -8.26
C SER B 263 -16.76 20.44 -8.68
N ILE B 264 -16.13 19.62 -7.82
CA ILE B 264 -15.96 18.20 -8.15
C ILE B 264 -17.32 17.52 -8.27
N ASP B 265 -18.24 17.80 -7.35
CA ASP B 265 -19.58 17.23 -7.44
C ASP B 265 -20.28 17.67 -8.71
N ILE B 266 -20.16 18.96 -9.05
CA ILE B 266 -20.82 19.48 -10.24
C ILE B 266 -20.28 18.79 -11.49
N VAL B 267 -18.96 18.64 -11.58
CA VAL B 267 -18.38 18.06 -12.79
C VAL B 267 -18.72 16.57 -12.89
N THR B 268 -18.72 15.87 -11.76
CA THR B 268 -19.11 14.45 -11.80
C THR B 268 -20.56 14.28 -12.21
N THR B 269 -21.45 15.12 -11.66
CA THR B 269 -22.86 15.05 -12.04
C THR B 269 -23.04 15.39 -13.50
N SER B 270 -22.30 16.38 -14.00
CA SER B 270 -22.37 16.72 -15.42
C SER B 270 -21.95 15.55 -16.28
N PHE B 271 -20.87 14.86 -15.89
CA PHE B 271 -20.43 13.70 -16.66
C PHE B 271 -21.53 12.65 -16.69
N ARG B 272 -22.12 12.32 -15.54
CA ARG B 272 -23.15 11.30 -15.51
C ARG B 272 -24.36 11.69 -16.35
N VAL B 273 -24.83 12.94 -16.20
CA VAL B 273 -26.01 13.38 -16.93
C VAL B 273 -25.75 13.36 -18.43
N THR B 274 -24.57 13.84 -18.86
CA THR B 274 -24.24 13.79 -20.27
C THR B 274 -24.19 12.36 -20.78
N LYS B 275 -23.67 11.44 -19.95
CA LYS B 275 -23.66 10.04 -20.35
C LYS B 275 -25.06 9.51 -20.56
N ASN B 276 -26.02 9.89 -19.70
CA ASN B 276 -27.38 9.39 -19.80
C ASN B 276 -28.30 10.35 -20.55
N LEU B 277 -27.77 11.18 -21.46
CA LEU B 277 -28.59 12.14 -22.21
C LEU B 277 -28.93 11.56 -23.59
N ALA B 278 -29.90 10.64 -23.58
CA ALA B 278 -30.30 9.97 -24.82
C ALA B 278 -30.92 10.93 -25.82
N GLN B 279 -31.42 12.08 -25.37
CA GLN B 279 -32.06 13.02 -26.28
C GLN B 279 -31.08 13.59 -27.30
N VAL B 280 -29.79 13.64 -26.96
CA VAL B 280 -28.77 14.23 -27.80
C VAL B 280 -28.03 13.13 -28.53
N LYS B 281 -27.49 13.47 -29.70
CA LYS B 281 -26.77 12.49 -30.51
C LYS B 281 -25.54 11.99 -29.77
N GLU B 282 -25.15 10.75 -30.07
CA GLU B 282 -24.07 10.10 -29.32
C GLU B 282 -22.74 10.82 -29.54
N SER B 283 -22.46 11.25 -30.77
CA SER B 283 -21.19 11.92 -31.04
C SER B 283 -21.08 13.24 -30.28
N VAL B 284 -22.16 14.02 -30.25
CA VAL B 284 -22.16 15.26 -29.49
C VAL B 284 -21.93 14.96 -28.02
N ARG B 285 -22.58 13.92 -27.50
CA ARG B 285 -22.37 13.53 -26.11
C ARG B 285 -20.92 13.15 -25.86
N LEU B 286 -20.29 12.47 -26.81
CA LEU B 286 -18.89 12.09 -26.65
C LEU B 286 -18.00 13.32 -26.61
N GLU B 287 -18.25 14.31 -27.46
CA GLU B 287 -17.47 15.54 -27.43
C GLU B 287 -17.65 16.27 -26.10
N MET B 288 -18.90 16.38 -25.63
CA MET B 288 -19.13 17.02 -24.33
C MET B 288 -18.45 16.25 -23.21
N ILE B 289 -18.43 14.91 -23.30
CA ILE B 289 -17.76 14.11 -22.28
C ILE B 289 -16.27 14.36 -22.30
N LYS B 290 -15.68 14.53 -23.49
CA LYS B 290 -14.27 14.86 -23.58
C LYS B 290 -13.98 16.18 -22.88
N GLU B 291 -14.80 17.19 -23.14
CA GLU B 291 -14.59 18.49 -22.50
C GLU B 291 -14.77 18.39 -20.99
N ILE B 292 -15.80 17.65 -20.55
CA ILE B 292 -16.05 17.48 -19.12
C ILE B 292 -14.88 16.76 -18.46
N GLY B 293 -14.29 15.78 -19.15
CA GLY B 293 -13.13 15.10 -18.62
C GLY B 293 -11.93 16.01 -18.48
N LEU B 294 -11.71 16.88 -19.48
CA LEU B 294 -10.65 17.87 -19.35
C LEU B 294 -10.85 18.72 -18.11
N THR B 295 -12.07 19.24 -17.92
CA THR B 295 -12.35 20.08 -16.76
C THR B 295 -12.20 19.29 -15.47
N HIS B 296 -12.63 18.03 -15.46
CA HIS B 296 -12.52 17.21 -14.26
C HIS B 296 -11.07 16.97 -13.88
N MET B 297 -10.22 16.71 -14.87
CA MET B 297 -8.79 16.56 -14.59
C MET B 297 -8.20 17.85 -14.04
N ARG B 298 -8.58 18.99 -14.62
CA ARG B 298 -8.10 20.26 -14.11
C ARG B 298 -8.51 20.46 -12.65
N ILE B 299 -9.76 20.14 -12.33
CA ILE B 299 -10.24 20.27 -10.96
C ILE B 299 -9.47 19.34 -10.03
N LEU B 300 -9.26 18.10 -10.46
CA LEU B 300 -8.51 17.15 -9.64
C LEU B 300 -7.08 17.60 -9.40
N GLU B 301 -6.50 18.37 -10.33
CA GLU B 301 -5.18 18.95 -10.11
C GLU B 301 -5.20 20.09 -9.09
N GLY B 302 -6.37 20.54 -8.68
CA GLY B 302 -6.50 21.56 -7.64
C GLY B 302 -7.12 22.86 -8.08
N VAL B 303 -7.36 23.07 -9.38
CA VAL B 303 -7.98 24.32 -9.85
C VAL B 303 -9.48 24.07 -9.87
N GLY B 304 -10.08 24.17 -8.69
CA GLY B 304 -11.52 24.02 -8.54
C GLY B 304 -12.27 25.33 -8.52
N THR B 305 -12.08 26.17 -9.52
CA THR B 305 -12.67 27.51 -9.54
C THR B 305 -13.93 27.53 -10.41
N TYR B 306 -14.73 28.58 -10.21
CA TYR B 306 -15.93 28.77 -11.00
C TYR B 306 -15.59 29.11 -12.45
N LEU B 307 -14.42 29.71 -12.68
CA LEU B 307 -14.02 30.04 -14.04
C LEU B 307 -13.83 28.78 -14.88
N GLN B 308 -13.29 27.71 -14.28
CA GLN B 308 -13.13 26.47 -15.02
C GLN B 308 -14.49 25.90 -15.45
N LEU B 309 -15.47 25.92 -14.54
CA LEU B 309 -16.80 25.44 -14.90
C LEU B 309 -17.44 26.31 -15.97
N ALA B 310 -17.26 27.63 -15.88
CA ALA B 310 -17.79 28.52 -16.91
C ALA B 310 -17.14 28.23 -18.26
N SER B 311 -15.84 27.97 -18.28
CA SER B 311 -15.16 27.63 -19.53
C SER B 311 -15.68 26.31 -20.09
N MET B 312 -15.93 25.33 -19.21
CA MET B 312 -16.48 24.06 -19.66
C MET B 312 -17.86 24.27 -20.29
N LEU B 313 -18.69 25.10 -19.66
CA LEU B 313 -20.01 25.39 -20.22
C LEU B 313 -19.88 26.09 -21.58
N ALA B 314 -18.94 27.02 -21.69
CA ALA B 314 -18.74 27.71 -22.96
C ALA B 314 -18.32 26.75 -24.06
N LYS B 315 -17.41 25.83 -23.74
CA LYS B 315 -16.97 24.85 -24.74
C LYS B 315 -18.10 23.93 -25.14
N ILE B 316 -18.93 23.51 -24.17
CA ILE B 316 -20.08 22.68 -24.51
C ILE B 316 -21.04 23.45 -25.42
N HIS B 317 -21.26 24.72 -25.12
CA HIS B 317 -22.14 25.53 -25.97
C HIS B 317 -21.58 25.65 -27.38
N LYS B 318 -20.27 25.82 -27.51
CA LYS B 318 -19.65 25.86 -28.82
C LYS B 318 -19.86 24.54 -29.55
N LEU B 319 -19.68 23.42 -28.85
CA LEU B 319 -19.90 22.11 -29.48
C LEU B 319 -21.34 21.96 -29.96
N ASN B 320 -22.31 22.38 -29.14
CA ASN B 320 -23.71 22.21 -29.50
C ASN B 320 -24.17 23.16 -30.60
N ASN B 321 -23.35 24.14 -30.98
CA ASN B 321 -23.73 25.08 -32.02
C ASN B 321 -23.49 24.47 -33.40
N LYS C 7 -1.48 26.19 25.96
CA LYS C 7 -2.84 25.95 26.42
C LYS C 7 -3.10 26.67 27.74
N ARG C 8 -2.41 27.80 27.94
CA ARG C 8 -2.57 28.54 29.19
C ARG C 8 -3.99 29.08 29.34
N SER C 9 -4.43 29.90 28.39
CA SER C 9 -5.74 30.51 28.45
C SER C 9 -6.34 30.55 27.04
N LYS C 10 -7.64 30.86 26.99
CA LYS C 10 -8.33 30.95 25.71
C LYS C 10 -7.80 32.09 24.85
N GLU C 11 -7.07 33.04 25.44
CA GLU C 11 -6.55 34.18 24.68
C GLU C 11 -5.28 33.85 23.92
N ASN C 12 -4.71 32.65 24.11
CA ASN C 12 -3.55 32.21 23.36
C ASN C 12 -3.92 31.38 22.15
N LEU C 13 -5.20 31.37 21.77
CA LEU C 13 -5.69 30.56 20.67
C LEU C 13 -5.92 31.41 19.43
N PRO C 14 -5.80 30.82 18.23
CA PRO C 14 -6.18 31.56 17.02
C PRO C 14 -7.67 31.89 17.04
N TRP C 15 -8.02 33.00 16.41
CA TRP C 15 -9.40 33.47 16.46
C TRP C 15 -10.37 32.45 15.87
N VAL C 16 -9.90 31.61 14.93
CA VAL C 16 -10.79 30.61 14.34
C VAL C 16 -11.23 29.61 15.40
N GLU C 17 -10.32 29.20 16.28
CA GLU C 17 -10.66 28.28 17.35
C GLU C 17 -11.18 28.99 18.60
N LYS C 18 -10.70 30.22 18.85
CA LYS C 18 -11.13 30.96 20.02
C LYS C 18 -12.61 31.35 19.95
N TYR C 19 -13.16 31.49 18.75
CA TYR C 19 -14.54 31.92 18.56
C TYR C 19 -15.45 30.80 18.08
N ARG C 20 -15.05 29.55 18.30
CA ARG C 20 -15.89 28.42 17.92
C ARG C 20 -17.20 28.47 18.70
N PRO C 21 -18.35 28.38 18.05
CA PRO C 21 -19.61 28.38 18.79
C PRO C 21 -19.68 27.23 19.78
N GLU C 22 -20.24 27.51 20.96
CA GLU C 22 -20.42 26.50 22.00
C GLU C 22 -21.85 26.00 22.09
N THR C 23 -22.83 26.81 21.69
CA THR C 23 -24.23 26.42 21.71
C THR C 23 -24.85 26.73 20.35
N LEU C 24 -25.99 26.08 20.08
CA LEU C 24 -26.65 26.27 18.80
C LEU C 24 -27.05 27.72 18.58
N ASP C 25 -27.26 28.48 19.66
CA ASP C 25 -27.64 29.88 19.53
C ASP C 25 -26.53 30.75 18.96
N GLU C 26 -25.28 30.27 18.97
CA GLU C 26 -24.15 31.03 18.45
C GLU C 26 -23.83 30.69 16.99
N VAL C 27 -24.52 29.74 16.39
CA VAL C 27 -24.34 29.40 15.00
C VAL C 27 -25.18 30.36 14.16
N TYR C 28 -24.53 31.06 13.24
CA TYR C 28 -25.19 32.08 12.43
C TYR C 28 -25.23 31.65 10.96
N GLY C 29 -26.23 32.14 10.25
CA GLY C 29 -26.34 31.90 8.82
C GLY C 29 -26.92 30.57 8.42
N GLN C 30 -27.38 29.76 9.37
CA GLN C 30 -27.97 28.46 9.11
C GLN C 30 -29.27 28.30 9.89
N ASN C 31 -30.12 29.31 9.82
CA ASN C 31 -31.33 29.35 10.63
C ASN C 31 -32.24 28.17 10.33
N GLU C 32 -32.41 27.83 9.05
CA GLU C 32 -33.31 26.73 8.70
C GLU C 32 -32.84 25.43 9.33
N VAL C 33 -31.57 25.06 9.13
CA VAL C 33 -31.05 23.80 9.65
C VAL C 33 -31.08 23.81 11.17
N ILE C 34 -30.67 24.91 11.79
CA ILE C 34 -30.61 24.98 13.24
C ILE C 34 -32.01 24.81 13.83
N THR C 35 -32.98 25.52 13.26
CA THR C 35 -34.36 25.41 13.75
C THR C 35 -34.87 23.98 13.59
N THR C 36 -34.62 23.37 12.44
CA THR C 36 -35.13 22.02 12.21
C THR C 36 -34.50 21.02 13.17
N VAL C 37 -33.19 21.09 13.37
CA VAL C 37 -32.52 20.13 14.24
C VAL C 37 -32.92 20.37 15.69
N ARG C 38 -33.08 21.63 16.10
CA ARG C 38 -33.55 21.91 17.46
C ARG C 38 -34.95 21.35 17.67
N LYS C 39 -35.83 21.50 16.67
CA LYS C 39 -37.16 20.91 16.77
C LYS C 39 -37.09 19.40 16.88
N PHE C 40 -36.22 18.76 16.09
CA PHE C 40 -36.08 17.31 16.18
C PHE C 40 -35.62 16.89 17.56
N VAL C 41 -34.64 17.60 18.12
CA VAL C 41 -34.09 17.21 19.41
C VAL C 41 -35.10 17.44 20.53
N ASP C 42 -35.87 18.52 20.45
CA ASP C 42 -36.78 18.87 21.55
C ASP C 42 -37.83 17.78 21.77
N GLU C 43 -38.39 17.23 20.69
CA GLU C 43 -39.44 16.24 20.79
C GLU C 43 -38.91 14.81 20.66
N GLY C 44 -37.60 14.61 20.73
CA GLY C 44 -37.05 13.28 20.65
C GLY C 44 -37.34 12.58 19.33
N LYS C 45 -37.22 13.30 18.23
CA LYS C 45 -37.46 12.76 16.89
C LYS C 45 -36.24 12.96 16.00
N LEU C 46 -35.06 12.69 16.55
CA LEU C 46 -33.82 12.89 15.80
C LEU C 46 -33.61 11.72 14.84
N PRO C 47 -33.54 11.96 13.52
CA PRO C 47 -33.20 10.87 12.61
C PRO C 47 -31.70 10.81 12.34
N HIS C 48 -31.26 9.85 11.54
CA HIS C 48 -29.87 9.86 11.08
C HIS C 48 -29.65 11.08 10.20
N LEU C 49 -28.58 11.82 10.47
CA LEU C 49 -28.35 13.12 9.86
C LEU C 49 -27.16 13.10 8.93
N LEU C 50 -27.25 13.86 7.84
CA LEU C 50 -26.13 14.15 6.97
C LEU C 50 -26.03 15.66 6.82
N PHE C 51 -24.83 16.21 7.02
CA PHE C 51 -24.57 17.63 6.86
C PHE C 51 -23.59 17.79 5.71
N TYR C 52 -24.08 18.32 4.59
CA TYR C 52 -23.27 18.52 3.40
C TYR C 52 -23.06 20.01 3.19
N GLY C 53 -21.80 20.43 3.06
CA GLY C 53 -21.52 21.83 2.88
C GLY C 53 -20.08 22.16 2.54
N PRO C 54 -19.84 23.40 2.15
CA PRO C 54 -18.47 23.83 1.82
C PRO C 54 -17.68 24.16 3.07
N PRO C 55 -16.37 24.39 2.94
CA PRO C 55 -15.52 24.58 4.12
C PRO C 55 -15.94 25.77 4.96
N GLY C 56 -15.83 25.62 6.27
CA GLY C 56 -16.02 26.73 7.20
C GLY C 56 -17.42 27.30 7.22
N THR C 57 -18.44 26.44 7.20
CA THR C 57 -19.82 26.89 7.26
C THR C 57 -20.50 26.58 8.59
N GLY C 58 -19.92 25.72 9.42
CA GLY C 58 -20.45 25.47 10.75
C GLY C 58 -20.98 24.07 10.95
N LYS C 59 -20.52 23.12 10.13
CA LYS C 59 -21.00 21.74 10.25
C LYS C 59 -20.50 21.09 11.54
N THR C 60 -19.17 21.07 11.73
CA THR C 60 -18.61 20.48 12.94
C THR C 60 -19.09 21.23 14.18
N SER C 61 -19.10 22.56 14.12
CA SER C 61 -19.59 23.34 15.24
C SER C 61 -21.04 23.01 15.55
N THR C 62 -21.88 22.89 14.51
CA THR C 62 -23.29 22.60 14.73
C THR C 62 -23.48 21.23 15.36
N ILE C 63 -22.76 20.22 14.88
CA ILE C 63 -22.95 18.88 15.43
C ILE C 63 -22.44 18.79 16.86
N VAL C 64 -21.31 19.45 17.16
CA VAL C 64 -20.82 19.45 18.53
C VAL C 64 -21.80 20.19 19.45
N ALA C 65 -22.37 21.30 18.99
CA ALA C 65 -23.35 22.02 19.78
C ALA C 65 -24.59 21.18 20.00
N LEU C 66 -25.01 20.42 18.99
CA LEU C 66 -26.15 19.53 19.15
C LEU C 66 -25.86 18.44 20.19
N ALA C 67 -24.64 17.89 20.16
CA ALA C 67 -24.25 16.91 21.16
C ALA C 67 -24.30 17.50 22.56
N ARG C 68 -23.81 18.74 22.71
CA ARG C 68 -23.89 19.40 24.01
C ARG C 68 -25.34 19.61 24.43
N GLU C 69 -26.19 20.02 23.49
CA GLU C 69 -27.61 20.22 23.79
C GLU C 69 -28.26 18.94 24.27
N ILE C 70 -27.90 17.80 23.67
CA ILE C 70 -28.52 16.54 24.03
C ILE C 70 -27.98 16.03 25.36
N TYR C 71 -26.66 15.92 25.48
CA TYR C 71 -26.05 15.24 26.62
C TYR C 71 -25.56 16.18 27.71
N GLY C 72 -25.15 17.41 27.35
CA GLY C 72 -24.69 18.37 28.33
C GLY C 72 -23.19 18.59 28.31
N LYS C 73 -22.61 18.94 29.46
CA LYS C 73 -21.20 19.29 29.51
C LYS C 73 -20.30 18.07 29.32
N ASN C 74 -20.79 16.88 29.66
CA ASN C 74 -20.01 15.64 29.56
C ASN C 74 -20.29 14.88 28.26
N TYR C 75 -20.58 15.59 27.18
CA TYR C 75 -20.93 14.94 25.92
C TYR C 75 -19.78 14.09 25.39
N SER C 76 -18.53 14.49 25.67
CA SER C 76 -17.39 13.83 25.05
C SER C 76 -17.32 12.35 25.40
N ASN C 77 -17.80 11.97 26.58
CA ASN C 77 -17.79 10.58 27.02
C ASN C 77 -19.07 9.83 26.67
N MET C 78 -20.01 10.49 26.00
CA MET C 78 -21.29 9.87 25.65
C MET C 78 -21.51 9.76 24.14
N VAL C 79 -20.57 10.22 23.32
CA VAL C 79 -20.66 10.14 21.87
C VAL C 79 -19.39 9.51 21.33
N LEU C 80 -19.49 8.91 20.15
CA LEU C 80 -18.34 8.30 19.47
C LEU C 80 -18.02 9.15 18.25
N GLU C 81 -16.97 9.95 18.34
CA GLU C 81 -16.57 10.87 17.29
C GLU C 81 -15.35 10.32 16.57
N LEU C 82 -15.45 10.14 15.25
CA LEU C 82 -14.35 9.70 14.42
C LEU C 82 -14.21 10.63 13.23
N ASN C 83 -12.97 10.92 12.85
CA ASN C 83 -12.69 11.84 11.76
C ASN C 83 -11.57 11.27 10.90
N ALA C 84 -11.14 12.05 9.89
CA ALA C 84 -10.14 11.57 8.95
C ALA C 84 -8.80 11.31 9.61
N SER C 85 -8.50 12.03 10.70
CA SER C 85 -7.25 11.82 11.41
C SER C 85 -7.20 10.50 12.15
N ASP C 86 -8.32 9.81 12.28
CA ASP C 86 -8.39 8.51 12.92
C ASP C 86 -8.51 7.41 11.87
N ASP C 87 -8.13 6.20 12.26
CA ASP C 87 -8.29 5.04 11.40
C ASP C 87 -9.76 4.60 11.42
N ARG C 88 -10.38 4.55 10.25
CA ARG C 88 -11.78 4.20 10.11
C ARG C 88 -11.96 3.12 9.06
N GLY C 89 -11.12 2.08 9.11
CA GLY C 89 -11.21 0.98 8.18
C GLY C 89 -12.36 0.04 8.49
N ILE C 90 -12.47 -1.00 7.67
CA ILE C 90 -13.57 -1.94 7.83
C ILE C 90 -13.50 -2.63 9.18
N ASP C 91 -12.29 -2.94 9.66
CA ASP C 91 -12.16 -3.57 10.97
C ASP C 91 -12.64 -2.65 12.07
N VAL C 92 -12.36 -1.35 11.97
CA VAL C 92 -12.83 -0.40 12.97
C VAL C 92 -14.36 -0.37 12.98
N VAL C 93 -14.97 -0.33 11.80
CA VAL C 93 -16.43 -0.35 11.72
C VAL C 93 -16.97 -1.63 12.36
N ARG C 94 -16.34 -2.76 12.07
CA ARG C 94 -16.82 -4.04 12.58
C ARG C 94 -16.72 -4.13 14.09
N ASN C 95 -15.67 -3.59 14.69
CA ASN C 95 -15.43 -3.75 16.11
C ASN C 95 -15.87 -2.55 16.95
N GLN C 96 -15.27 -1.38 16.74
CA GLN C 96 -15.47 -0.28 17.66
C GLN C 96 -16.85 0.34 17.50
N ILE C 97 -17.23 0.69 16.27
CA ILE C 97 -18.53 1.29 16.03
C ILE C 97 -19.64 0.31 16.39
N LYS C 98 -19.47 -0.96 16.03
CA LYS C 98 -20.47 -1.96 16.36
C LYS C 98 -20.64 -2.12 17.86
N ASP C 99 -19.53 -2.15 18.60
CA ASP C 99 -19.62 -2.27 20.05
C ASP C 99 -20.29 -1.06 20.68
N PHE C 100 -19.94 0.14 20.20
CA PHE C 100 -20.55 1.35 20.76
C PHE C 100 -22.04 1.40 20.46
N ALA C 101 -22.45 0.98 19.26
CA ALA C 101 -23.84 1.10 18.86
C ALA C 101 -24.74 0.07 19.53
N SER C 102 -24.18 -1.05 19.99
CA SER C 102 -24.97 -2.16 20.52
C SER C 102 -24.90 -2.26 22.05
N THR C 103 -24.34 -1.26 22.72
CA THR C 103 -24.16 -1.27 24.16
C THR C 103 -24.80 -0.04 24.77
N ARG C 104 -25.26 -0.16 26.02
CA ARG C 104 -25.88 0.97 26.71
C ARG C 104 -24.84 2.00 27.12
N GLN C 105 -25.31 3.22 27.36
CA GLN C 105 -24.45 4.27 27.86
C GLN C 105 -23.98 3.94 29.27
N ILE C 106 -22.71 4.25 29.56
CA ILE C 106 -22.19 4.03 30.90
C ILE C 106 -22.80 5.01 31.89
N PHE C 107 -22.85 6.29 31.51
CA PHE C 107 -23.24 7.33 32.45
C PHE C 107 -24.75 7.48 32.55
N SER C 108 -25.40 7.82 31.44
CA SER C 108 -26.84 8.08 31.43
C SER C 108 -27.58 6.89 30.84
N LYS C 109 -28.89 7.05 30.64
CA LYS C 109 -29.74 6.02 30.06
C LYS C 109 -30.30 6.43 28.71
N GLY C 110 -29.72 7.45 28.08
CA GLY C 110 -30.22 7.95 26.81
C GLY C 110 -29.68 7.18 25.62
N PHE C 111 -30.02 7.68 24.44
CA PHE C 111 -29.56 7.07 23.21
C PHE C 111 -28.10 7.44 22.96
N LYS C 112 -27.52 6.84 21.91
CA LYS C 112 -26.10 6.96 21.62
C LYS C 112 -25.89 7.62 20.28
N LEU C 113 -24.91 8.52 20.21
CA LEU C 113 -24.64 9.31 19.02
C LEU C 113 -23.26 8.98 18.48
N ILE C 114 -23.18 8.73 17.18
CA ILE C 114 -21.92 8.48 16.48
C ILE C 114 -21.77 9.56 15.42
N ILE C 115 -20.66 10.27 15.47
CA ILE C 115 -20.38 11.38 14.56
C ILE C 115 -19.19 10.99 13.70
N LEU C 116 -19.45 10.73 12.42
CA LEU C 116 -18.41 10.40 11.45
C LEU C 116 -18.09 11.65 10.65
N ASP C 117 -17.25 12.50 11.25
CA ASP C 117 -16.83 13.73 10.58
C ASP C 117 -15.93 13.41 9.40
N GLU C 118 -16.09 14.17 8.32
CA GLU C 118 -15.29 13.98 7.11
C GLU C 118 -15.44 12.57 6.57
N ALA C 119 -16.68 12.06 6.55
CA ALA C 119 -16.93 10.70 6.12
C ALA C 119 -16.62 10.49 4.64
N ASP C 120 -16.54 11.57 3.86
CA ASP C 120 -16.20 11.43 2.45
C ASP C 120 -14.79 10.87 2.25
N ALA C 121 -13.97 10.88 3.29
CA ALA C 121 -12.64 10.28 3.24
C ALA C 121 -12.64 8.81 3.60
N MET C 122 -13.79 8.23 3.92
CA MET C 122 -13.87 6.82 4.27
C MET C 122 -13.92 5.96 3.01
N THR C 123 -13.33 4.77 3.12
CA THR C 123 -13.29 3.85 1.98
C THR C 123 -14.67 3.27 1.71
N ASN C 124 -14.83 2.75 0.49
CA ASN C 124 -16.12 2.19 0.10
C ASN C 124 -16.47 0.97 0.95
N ALA C 125 -15.48 0.16 1.30
CA ALA C 125 -15.75 -1.05 2.10
C ALA C 125 -16.32 -0.68 3.46
N ALA C 126 -15.73 0.31 4.13
CA ALA C 126 -16.24 0.72 5.44
C ALA C 126 -17.65 1.29 5.34
N GLN C 127 -17.90 2.11 4.31
CA GLN C 127 -19.24 2.66 4.12
C GLN C 127 -20.26 1.55 3.91
N ASN C 128 -19.91 0.54 3.11
CA ASN C 128 -20.82 -0.59 2.90
C ASN C 128 -21.04 -1.35 4.19
N ALA C 129 -19.99 -1.56 4.98
CA ALA C 129 -20.14 -2.26 6.25
C ALA C 129 -21.04 -1.47 7.21
N LEU C 130 -21.05 -0.14 7.09
CA LEU C 130 -21.84 0.68 8.00
C LEU C 130 -23.35 0.54 7.77
N ARG C 131 -23.77 0.01 6.62
CA ARG C 131 -25.20 0.02 6.29
C ARG C 131 -26.01 -0.80 7.29
N ARG C 132 -25.61 -2.04 7.52
CA ARG C 132 -26.37 -2.91 8.40
C ARG C 132 -26.17 -2.52 9.86
N VAL C 133 -25.04 -1.90 10.20
CA VAL C 133 -24.86 -1.36 11.54
C VAL C 133 -25.88 -0.25 11.78
N ILE C 134 -26.06 0.64 10.81
CA ILE C 134 -27.03 1.71 10.94
C ILE C 134 -28.43 1.14 11.05
N GLU C 135 -28.77 0.19 10.17
CA GLU C 135 -30.13 -0.34 10.14
C GLU C 135 -30.46 -1.13 11.41
N ARG C 136 -29.51 -1.91 11.91
CA ARG C 136 -29.81 -2.88 12.96
C ARG C 136 -30.00 -2.23 14.32
N TYR C 137 -29.28 -1.15 14.61
CA TYR C 137 -29.28 -0.53 15.93
C TYR C 137 -29.96 0.84 15.92
N THR C 138 -30.93 1.03 15.03
CA THR C 138 -31.63 2.31 14.98
C THR C 138 -32.42 2.59 16.25
N LYS C 139 -32.87 1.55 16.95
CA LYS C 139 -33.73 1.73 18.11
C LYS C 139 -33.02 2.50 19.23
N ASN C 140 -31.69 2.42 19.28
CA ASN C 140 -30.94 3.02 20.38
C ASN C 140 -29.77 3.89 19.93
N THR C 141 -29.47 3.96 18.64
CA THR C 141 -28.30 4.67 18.15
C THR C 141 -28.68 5.53 16.96
N ARG C 142 -28.00 6.68 16.84
CA ARG C 142 -28.16 7.58 15.70
C ARG C 142 -26.78 7.91 15.14
N PHE C 143 -26.75 8.15 13.83
CA PHE C 143 -25.52 8.48 13.13
C PHE C 143 -25.61 9.88 12.55
N CYS C 144 -24.50 10.61 12.61
CA CYS C 144 -24.37 11.90 11.92
C CYS C 144 -23.14 11.83 11.02
N VAL C 145 -23.35 12.12 9.74
CA VAL C 145 -22.30 12.15 8.73
C VAL C 145 -22.08 13.60 8.34
N LEU C 146 -20.82 13.98 8.14
CA LEU C 146 -20.46 15.32 7.69
C LEU C 146 -19.62 15.21 6.43
N ALA C 147 -19.89 16.05 5.44
CA ALA C 147 -19.22 15.93 4.16
C ALA C 147 -19.13 17.27 3.45
N ASN C 148 -18.08 17.40 2.63
CA ASN C 148 -17.94 18.49 1.69
C ASN C 148 -18.19 18.06 0.25
N TYR C 149 -17.95 16.78 -0.06
CA TYR C 149 -18.12 16.25 -1.41
C TYR C 149 -19.04 15.04 -1.33
N ALA C 150 -20.25 15.19 -1.87
CA ALA C 150 -21.24 14.11 -1.80
C ALA C 150 -20.93 12.97 -2.75
N HIS C 151 -20.14 13.21 -3.80
CA HIS C 151 -19.85 12.15 -4.77
C HIS C 151 -19.00 11.03 -4.18
N LYS C 152 -18.40 11.22 -3.00
CA LYS C 152 -17.62 10.18 -2.35
C LYS C 152 -18.46 9.32 -1.42
N LEU C 153 -19.75 9.61 -1.28
CA LEU C 153 -20.65 8.85 -0.40
C LEU C 153 -21.44 7.85 -1.23
N THR C 154 -21.47 6.61 -0.77
CA THR C 154 -22.16 5.56 -1.51
C THR C 154 -23.68 5.83 -1.50
N PRO C 155 -24.39 5.42 -2.55
CA PRO C 155 -25.85 5.63 -2.56
C PRO C 155 -26.56 4.96 -1.40
N ALA C 156 -26.09 3.78 -0.97
CA ALA C 156 -26.74 3.09 0.14
C ALA C 156 -26.71 3.92 1.40
N LEU C 157 -25.56 4.55 1.70
CA LEU C 157 -25.48 5.41 2.87
C LEU C 157 -26.38 6.63 2.73
N LEU C 158 -26.43 7.21 1.54
CA LEU C 158 -27.28 8.39 1.33
C LEU C 158 -28.75 8.04 1.53
N SER C 159 -29.16 6.84 1.13
CA SER C 159 -30.55 6.45 1.26
C SER C 159 -31.00 6.39 2.71
N ARG C 160 -30.06 6.15 3.64
CA ARG C 160 -30.39 5.93 5.04
C ARG C 160 -30.34 7.20 5.89
N CYS C 161 -30.00 8.35 5.30
CA CYS C 161 -29.79 9.56 6.06
C CYS C 161 -30.68 10.69 5.54
N THR C 162 -31.07 11.59 6.45
CA THR C 162 -31.77 12.81 6.09
C THR C 162 -30.74 13.91 5.89
N ARG C 163 -30.81 14.58 4.74
CA ARG C 163 -29.77 15.48 4.29
C ARG C 163 -30.10 16.93 4.63
N PHE C 164 -29.09 17.66 5.11
CA PHE C 164 -29.18 19.09 5.35
C PHE C 164 -27.99 19.75 4.67
N ARG C 165 -28.26 20.79 3.89
CA ARG C 165 -27.24 21.50 3.13
C ARG C 165 -26.91 22.80 3.85
N PHE C 166 -25.62 22.98 4.16
CA PHE C 166 -25.13 24.19 4.79
C PHE C 166 -24.71 25.17 3.69
N GLN C 167 -25.49 26.23 3.52
CA GLN C 167 -25.22 27.21 2.49
C GLN C 167 -23.98 28.02 2.84
N PRO C 168 -23.35 28.65 1.85
CA PRO C 168 -22.33 29.66 2.17
C PRO C 168 -22.93 30.76 3.02
N LEU C 169 -22.16 31.22 3.99
CA LEU C 169 -22.69 32.12 5.01
C LEU C 169 -23.20 33.40 4.36
N PRO C 170 -24.45 33.79 4.60
CA PRO C 170 -24.94 35.06 4.06
C PRO C 170 -24.18 36.25 4.63
N GLN C 171 -24.42 37.41 4.03
CA GLN C 171 -23.73 38.63 4.47
C GLN C 171 -24.11 38.99 5.91
N GLU C 172 -25.39 38.89 6.25
CA GLU C 172 -25.86 39.41 7.54
C GLU C 172 -25.25 38.63 8.71
N ALA C 173 -25.16 37.31 8.58
CA ALA C 173 -24.54 36.51 9.62
C ALA C 173 -23.09 36.92 9.82
N ILE C 174 -22.37 37.15 8.72
CA ILE C 174 -20.97 37.56 8.81
C ILE C 174 -20.86 38.92 9.50
N GLU C 175 -21.75 39.86 9.15
CA GLU C 175 -21.71 41.17 9.81
C GLU C 175 -21.95 41.03 11.31
N ARG C 176 -22.93 40.23 11.70
CA ARG C 176 -23.23 40.10 13.13
C ARG C 176 -22.07 39.44 13.88
N ARG C 177 -21.48 38.40 13.30
CA ARG C 177 -20.33 37.76 13.95
C ARG C 177 -19.15 38.71 14.03
N ILE C 178 -18.94 39.51 12.98
CA ILE C 178 -17.86 40.49 13.01
C ILE C 178 -18.11 41.52 14.10
N ALA C 179 -19.36 41.95 14.27
CA ALA C 179 -19.68 42.88 15.35
C ALA C 179 -19.38 42.28 16.70
N ASN C 180 -19.74 41.01 16.90
CA ASN C 180 -19.42 40.33 18.15
C ASN C 180 -17.91 40.30 18.38
N VAL C 181 -17.15 39.95 17.35
CA VAL C 181 -15.70 39.86 17.49
C VAL C 181 -15.10 41.22 17.80
N LEU C 182 -15.60 42.27 17.14
CA LEU C 182 -15.10 43.61 17.39
C LEU C 182 -15.39 44.04 18.82
N VAL C 183 -16.59 43.73 19.32
CA VAL C 183 -16.92 44.06 20.71
C VAL C 183 -15.97 43.34 21.66
N HIS C 184 -15.74 42.05 21.41
CA HIS C 184 -14.89 41.28 22.32
C HIS C 184 -13.44 41.78 22.28
N GLU C 185 -12.93 42.09 21.09
CA GLU C 185 -11.53 42.45 20.91
C GLU C 185 -11.27 43.95 21.06
N LYS C 186 -12.30 44.76 21.19
CA LYS C 186 -12.14 46.22 21.29
C LYS C 186 -11.47 46.76 20.02
N LEU C 187 -12.14 46.55 18.89
CA LEU C 187 -11.61 46.92 17.58
C LEU C 187 -12.64 47.78 16.85
N LYS C 188 -12.13 48.60 15.93
CA LYS C 188 -12.96 49.46 15.08
C LYS C 188 -12.77 49.05 13.63
N LEU C 189 -13.90 48.88 12.92
CA LEU C 189 -13.89 48.47 11.52
C LEU C 189 -14.72 49.45 10.71
N SER C 190 -14.11 50.02 9.67
CA SER C 190 -14.82 50.97 8.83
C SER C 190 -15.82 50.23 7.92
N PRO C 191 -16.89 50.90 7.51
CA PRO C 191 -17.87 50.23 6.64
C PRO C 191 -17.26 49.67 5.36
N ASN C 192 -16.37 50.42 4.72
CA ASN C 192 -15.72 49.92 3.51
C ASN C 192 -14.82 48.74 3.82
N ALA C 193 -14.12 48.77 4.95
CA ALA C 193 -13.31 47.64 5.36
C ALA C 193 -14.16 46.39 5.56
N GLU C 194 -15.32 46.54 6.21
CA GLU C 194 -16.22 45.41 6.39
C GLU C 194 -16.72 44.89 5.05
N LYS C 195 -17.06 45.80 4.13
CA LYS C 195 -17.50 45.38 2.81
C LYS C 195 -16.42 44.56 2.10
N ALA C 196 -15.18 45.04 2.15
CA ALA C 196 -14.08 44.32 1.51
C ALA C 196 -13.85 42.97 2.17
N LEU C 197 -13.91 42.92 3.50
CA LEU C 197 -13.71 41.66 4.20
C LEU C 197 -14.78 40.64 3.82
N ILE C 198 -16.04 41.07 3.75
CA ILE C 198 -17.10 40.17 3.34
C ILE C 198 -16.91 39.73 1.90
N GLU C 199 -16.49 40.65 1.03
CA GLU C 199 -16.28 40.30 -0.38
C GLU C 199 -15.20 39.24 -0.52
N LEU C 200 -14.08 39.39 0.21
CA LEU C 200 -12.99 38.44 0.09
C LEU C 200 -13.24 37.15 0.86
N SER C 201 -14.20 37.16 1.80
CA SER C 201 -14.48 35.95 2.57
C SER C 201 -15.03 34.83 1.69
N ASN C 202 -15.90 35.18 0.74
CA ASN C 202 -16.57 34.19 -0.11
C ASN C 202 -17.40 33.21 0.73
N GLY C 203 -17.99 33.72 1.81
CA GLY C 203 -18.88 32.91 2.62
C GLY C 203 -18.21 31.98 3.61
N ASP C 204 -16.92 32.14 3.86
CA ASP C 204 -16.17 31.31 4.79
C ASP C 204 -15.82 32.14 6.03
N MET C 205 -16.29 31.69 7.19
CA MET C 205 -16.04 32.43 8.43
C MET C 205 -14.57 32.37 8.84
N ARG C 206 -13.90 31.25 8.55
CA ARG C 206 -12.50 31.12 8.93
C ARG C 206 -11.64 32.17 8.25
N ARG C 207 -11.91 32.44 6.97
CA ARG C 207 -11.18 33.49 6.27
C ARG C 207 -11.41 34.85 6.93
N VAL C 208 -12.66 35.15 7.28
CA VAL C 208 -12.96 36.42 7.95
C VAL C 208 -12.16 36.54 9.24
N LEU C 209 -12.19 35.49 10.06
CA LEU C 209 -11.51 35.56 11.35
C LEU C 209 -10.01 35.70 11.19
N ASN C 210 -9.41 34.92 10.29
CA ASN C 210 -7.96 35.01 10.08
C ASN C 210 -7.56 36.38 9.58
N VAL C 211 -8.31 36.92 8.61
CA VAL C 211 -7.97 38.23 8.07
C VAL C 211 -8.13 39.31 9.13
N LEU C 212 -9.17 39.21 9.97
CA LEU C 212 -9.37 40.19 11.02
C LEU C 212 -8.24 40.14 12.05
N GLN C 213 -7.80 38.93 12.41
CA GLN C 213 -6.68 38.80 13.33
C GLN C 213 -5.42 39.42 12.73
N SER C 214 -5.16 39.16 11.44
CA SER C 214 -4.00 39.75 10.79
C SER C 214 -4.10 41.28 10.76
N CYS C 215 -5.29 41.80 10.49
CA CYS C 215 -5.48 43.25 10.47
C CYS C 215 -5.23 43.86 11.83
N LYS C 216 -5.71 43.20 12.89
CA LYS C 216 -5.41 43.68 14.24
C LYS C 216 -3.91 43.68 14.50
N ALA C 217 -3.22 42.61 14.10
CA ALA C 217 -1.78 42.57 14.27
C ALA C 217 -1.07 43.62 13.43
N THR C 218 -1.70 44.12 12.37
CA THR C 218 -1.08 45.10 11.49
C THR C 218 -1.18 46.52 12.04
N LEU C 219 -2.05 46.79 13.01
CA LEU C 219 -2.21 48.13 13.53
C LEU C 219 -1.10 48.47 14.53
N ASP C 220 -0.64 49.72 14.50
CA ASP C 220 0.36 50.16 15.46
C ASP C 220 -0.24 50.26 16.86
N ASN C 221 -1.42 50.86 16.98
CA ASN C 221 -2.11 51.02 18.26
C ASN C 221 -3.54 50.53 18.08
N PRO C 222 -3.79 49.25 18.35
CA PRO C 222 -5.15 48.71 18.12
C PRO C 222 -6.22 49.36 18.98
N ASP C 223 -5.85 49.98 20.09
CA ASP C 223 -6.85 50.55 20.99
C ASP C 223 -7.64 51.66 20.30
N GLU C 224 -6.97 52.53 19.55
CA GLU C 224 -7.61 53.64 18.88
C GLU C 224 -7.58 53.56 17.36
N ASP C 225 -6.54 52.96 16.78
CA ASP C 225 -6.46 52.87 15.33
C ASP C 225 -7.62 52.04 14.79
N GLU C 226 -8.13 52.44 13.63
CA GLU C 226 -9.24 51.76 12.98
C GLU C 226 -8.76 51.01 11.77
N ILE C 227 -9.41 49.89 11.47
CA ILE C 227 -9.09 49.06 10.32
C ILE C 227 -9.86 49.60 9.12
N SER C 228 -9.12 50.07 8.10
CA SER C 228 -9.69 50.58 6.87
C SER C 228 -9.47 49.57 5.74
N ASP C 229 -10.07 49.85 4.59
CA ASP C 229 -9.89 48.99 3.44
C ASP C 229 -8.42 48.89 3.05
N ASP C 230 -7.67 49.97 3.22
CA ASP C 230 -6.24 49.93 2.91
C ASP C 230 -5.53 48.90 3.77
N VAL C 231 -5.87 48.82 5.06
CA VAL C 231 -5.24 47.83 5.93
C VAL C 231 -5.58 46.42 5.46
N ILE C 232 -6.84 46.20 5.10
CA ILE C 232 -7.25 44.87 4.64
C ILE C 232 -6.45 44.47 3.40
N TYR C 233 -6.38 45.37 2.41
CA TYR C 233 -5.68 45.06 1.17
C TYR C 233 -4.19 44.85 1.41
N GLU C 234 -3.60 45.66 2.30
CA GLU C 234 -2.18 45.53 2.58
C GLU C 234 -1.88 44.20 3.24
N CYS C 235 -2.63 43.85 4.30
CA CYS C 235 -2.37 42.61 5.01
C CYS C 235 -2.63 41.39 4.13
N CYS C 236 -3.73 41.41 3.37
CA CYS C 236 -4.02 40.32 2.44
C CYS C 236 -3.24 40.43 1.14
N GLY C 237 -2.61 41.58 0.87
CA GLY C 237 -1.86 41.73 -0.36
C GLY C 237 -2.70 41.57 -1.60
N ALA C 238 -3.96 42.05 -1.56
CA ALA C 238 -4.89 41.87 -2.66
C ALA C 238 -5.04 43.17 -3.46
N PRO C 239 -5.39 43.10 -4.74
CA PRO C 239 -5.59 44.32 -5.51
C PRO C 239 -6.81 45.09 -5.03
N ARG C 240 -6.71 46.41 -5.13
CA ARG C 240 -7.84 47.28 -4.83
C ARG C 240 -8.79 47.34 -6.02
N PRO C 241 -10.06 47.67 -5.80
CA PRO C 241 -10.98 47.81 -6.94
C PRO C 241 -10.50 48.85 -7.95
N SER C 242 -9.89 49.93 -7.48
CA SER C 242 -9.39 50.94 -8.40
C SER C 242 -8.33 50.38 -9.33
N ASP C 243 -7.44 49.54 -8.79
CA ASP C 243 -6.39 48.94 -9.62
C ASP C 243 -7.00 48.07 -10.70
N LEU C 244 -7.97 47.23 -10.34
CA LEU C 244 -8.62 46.37 -11.33
C LEU C 244 -9.31 47.21 -12.39
N LYS C 245 -10.03 48.25 -11.98
CA LYS C 245 -10.72 49.10 -12.96
C LYS C 245 -9.73 49.78 -13.90
N ALA C 246 -8.63 50.29 -13.35
CA ALA C 246 -7.63 50.95 -14.19
C ALA C 246 -7.01 49.97 -15.18
N VAL C 247 -6.66 48.77 -14.72
CA VAL C 247 -6.06 47.78 -15.61
C VAL C 247 -7.03 47.41 -16.72
N LEU C 248 -8.30 47.16 -16.36
CA LEU C 248 -9.28 46.78 -17.38
C LEU C 248 -9.49 47.91 -18.38
N LYS C 249 -9.57 49.16 -17.90
CA LYS C 249 -9.74 50.29 -18.81
C LYS C 249 -8.56 50.43 -19.75
N SER C 250 -7.34 50.28 -19.22
CA SER C 250 -6.16 50.36 -20.07
C SER C 250 -6.17 49.26 -21.11
N ILE C 251 -6.56 48.05 -20.73
CA ILE C 251 -6.58 46.93 -21.68
C ILE C 251 -7.63 47.18 -22.76
N LEU C 252 -8.79 47.68 -22.38
CA LEU C 252 -9.91 47.81 -23.32
C LEU C 252 -9.90 49.10 -24.13
N GLU C 253 -9.07 50.09 -23.77
CA GLU C 253 -9.14 51.38 -24.43
C GLU C 253 -7.80 51.93 -24.88
N ASP C 254 -6.68 51.31 -24.54
CA ASP C 254 -5.36 51.83 -24.87
C ASP C 254 -4.64 50.86 -25.81
N ASP C 255 -3.51 51.32 -26.34
CA ASP C 255 -2.68 50.51 -27.21
C ASP C 255 -1.91 49.48 -26.39
N TRP C 256 -1.22 48.58 -27.10
CA TRP C 256 -0.51 47.50 -26.43
C TRP C 256 0.58 48.03 -25.50
N GLY C 257 1.36 49.01 -25.95
CA GLY C 257 2.41 49.54 -25.11
C GLY C 257 1.88 50.17 -23.83
N THR C 258 0.84 51.01 -23.97
CA THR C 258 0.26 51.65 -22.80
C THR C 258 -0.34 50.63 -21.85
N ALA C 259 -1.05 49.62 -22.39
CA ALA C 259 -1.63 48.60 -21.53
C ALA C 259 -0.57 47.82 -20.79
N HIS C 260 0.50 47.43 -21.48
CA HIS C 260 1.58 46.69 -20.85
C HIS C 260 2.22 47.52 -19.75
N TYR C 261 2.50 48.79 -20.04
CA TYR C 261 3.11 49.66 -19.03
C TYR C 261 2.19 49.83 -17.83
N THR C 262 0.89 50.02 -18.08
CA THR C 262 -0.05 50.19 -16.97
C THR C 262 -0.13 48.95 -16.11
N LEU C 263 -0.21 47.77 -16.73
CA LEU C 263 -0.24 46.53 -15.96
C LEU C 263 1.01 46.38 -15.11
N ASN C 264 2.18 46.61 -15.72
CA ASN C 264 3.43 46.46 -14.98
C ASN C 264 3.50 47.44 -13.82
N LYS C 265 3.12 48.70 -14.05
CA LYS C 265 3.19 49.70 -12.99
C LYS C 265 2.22 49.37 -11.86
N VAL C 266 0.99 48.98 -12.20
CA VAL C 266 0.01 48.65 -11.18
C VAL C 266 0.49 47.47 -10.35
N ARG C 267 1.02 46.43 -10.99
CA ARG C 267 1.49 45.28 -10.25
C ARG C 267 2.69 45.62 -9.38
N SER C 268 3.63 46.42 -9.91
CA SER C 268 4.85 46.72 -9.17
C SER C 268 4.62 47.71 -8.04
N ALA C 269 3.54 48.49 -8.09
CA ALA C 269 3.29 49.46 -7.03
C ALA C 269 3.14 48.77 -5.67
N LYS C 270 2.43 47.64 -5.64
CA LYS C 270 2.19 46.91 -4.39
C LYS C 270 2.55 45.43 -4.50
N GLY C 271 3.28 45.03 -5.52
CA GLY C 271 3.65 43.63 -5.66
C GLY C 271 2.47 42.69 -5.76
N LEU C 272 1.48 43.03 -6.58
CA LEU C 272 0.29 42.21 -6.71
C LEU C 272 0.58 40.95 -7.53
N ALA C 273 -0.25 39.94 -7.31
CA ALA C 273 -0.16 38.69 -8.04
C ALA C 273 -1.07 38.71 -9.25
N LEU C 274 -0.61 38.11 -10.35
CA LEU C 274 -1.40 38.11 -11.58
C LEU C 274 -2.69 37.33 -11.42
N ILE C 275 -2.70 36.30 -10.59
CA ILE C 275 -3.90 35.49 -10.40
C ILE C 275 -5.02 36.32 -9.80
N ASP C 276 -4.69 37.16 -8.81
CA ASP C 276 -5.70 38.02 -8.21
C ASP C 276 -6.28 39.00 -9.23
N LEU C 277 -5.40 39.58 -10.06
CA LEU C 277 -5.88 40.49 -11.10
C LEU C 277 -6.80 39.77 -12.08
N ILE C 278 -6.43 38.55 -12.49
CA ILE C 278 -7.26 37.80 -13.43
C ILE C 278 -8.63 37.52 -12.80
N GLU C 279 -8.64 37.09 -11.54
CA GLU C 279 -9.89 36.75 -10.88
C GLU C 279 -10.78 37.99 -10.74
N GLY C 280 -10.20 39.11 -10.32
CA GLY C 280 -10.99 40.33 -10.19
C GLY C 280 -11.53 40.82 -11.52
N ILE C 281 -10.72 40.72 -12.58
CA ILE C 281 -11.18 41.15 -13.89
C ILE C 281 -12.27 40.23 -14.40
N VAL C 282 -12.19 38.93 -14.10
CA VAL C 282 -13.26 38.02 -14.47
C VAL C 282 -14.55 38.39 -13.76
N LYS C 283 -14.46 38.69 -12.46
CA LYS C 283 -15.64 39.11 -11.72
C LYS C 283 -16.25 40.38 -12.31
N ILE C 284 -15.40 41.35 -12.67
CA ILE C 284 -15.91 42.59 -13.26
C ILE C 284 -16.60 42.30 -14.59
N LEU C 285 -15.92 41.54 -15.46
CA LEU C 285 -16.45 41.26 -16.79
C LEU C 285 -17.72 40.44 -16.75
N GLU C 286 -17.94 39.66 -15.69
CA GLU C 286 -19.16 38.86 -15.61
C GLU C 286 -20.42 39.72 -15.65
N ASP C 287 -20.33 40.99 -15.24
CA ASP C 287 -21.48 41.89 -15.26
C ASP C 287 -21.64 42.63 -16.58
N TYR C 288 -20.66 42.56 -17.47
CA TYR C 288 -20.76 43.27 -18.74
C TYR C 288 -21.86 42.67 -19.61
N GLU C 289 -22.61 43.54 -20.28
CA GLU C 289 -23.64 43.12 -21.24
C GLU C 289 -22.99 43.06 -22.62
N LEU C 290 -22.71 41.85 -23.08
CA LEU C 290 -22.01 41.65 -24.35
C LEU C 290 -22.99 41.31 -25.45
N GLN C 291 -22.81 41.96 -26.60
CA GLN C 291 -23.72 41.74 -27.73
C GLN C 291 -23.52 40.34 -28.33
N ASN C 292 -22.27 39.89 -28.43
CA ASN C 292 -21.94 38.64 -29.10
C ASN C 292 -21.52 37.61 -28.07
N GLU C 293 -22.04 36.38 -28.20
CA GLU C 293 -21.70 35.32 -27.26
C GLU C 293 -20.28 34.81 -27.49
N GLU C 294 -19.76 34.93 -28.72
CA GLU C 294 -18.40 34.49 -28.99
C GLU C 294 -17.40 35.22 -28.12
N THR C 295 -17.66 36.50 -27.83
CA THR C 295 -16.77 37.24 -26.95
C THR C 295 -16.67 36.57 -25.59
N ARG C 296 -17.81 36.25 -24.98
CA ARG C 296 -17.80 35.60 -23.68
C ARG C 296 -17.14 34.23 -23.76
N VAL C 297 -17.43 33.47 -24.81
CA VAL C 297 -16.85 32.13 -24.95
C VAL C 297 -15.33 32.22 -24.97
N HIS C 298 -14.79 33.09 -25.82
CA HIS C 298 -13.34 33.23 -25.92
C HIS C 298 -12.74 33.73 -24.62
N LEU C 299 -13.38 34.74 -24.00
CA LEU C 299 -12.89 35.23 -22.72
C LEU C 299 -12.76 34.10 -21.71
N LEU C 300 -13.84 33.33 -21.53
CA LEU C 300 -13.84 32.29 -20.53
C LEU C 300 -12.79 31.23 -20.84
N THR C 301 -12.74 30.76 -22.08
CA THR C 301 -11.81 29.68 -22.42
C THR C 301 -10.36 30.11 -22.25
N LYS C 302 -10.01 31.28 -22.80
CA LYS C 302 -8.62 31.73 -22.73
C LYS C 302 -8.21 32.06 -21.31
N LEU C 303 -9.09 32.69 -20.53
CA LEU C 303 -8.74 33.01 -19.15
C LEU C 303 -8.61 31.75 -18.31
N ALA C 304 -9.46 30.75 -18.55
CA ALA C 304 -9.31 29.48 -17.84
C ALA C 304 -7.99 28.81 -18.20
N ASP C 305 -7.60 28.85 -19.48
CA ASP C 305 -6.32 28.28 -19.86
C ASP C 305 -5.17 29.01 -19.16
N ILE C 306 -5.24 30.34 -19.10
CA ILE C 306 -4.18 31.10 -18.46
C ILE C 306 -4.11 30.78 -16.97
N GLU C 307 -5.27 30.65 -16.31
CA GLU C 307 -5.29 30.30 -14.90
C GLU C 307 -4.67 28.92 -14.67
N TYR C 308 -5.02 27.95 -15.51
CA TYR C 308 -4.44 26.61 -15.36
C TYR C 308 -2.93 26.66 -15.56
N SER C 309 -2.46 27.43 -16.55
CA SER C 309 -1.03 27.55 -16.76
C SER C 309 -0.34 28.19 -15.57
N ILE C 310 -0.94 29.23 -15.00
CA ILE C 310 -0.36 29.90 -13.83
C ILE C 310 -0.28 28.94 -12.66
N SER C 311 -1.28 28.06 -12.52
CA SER C 311 -1.28 27.13 -11.41
C SER C 311 -0.04 26.23 -11.40
N LYS C 312 0.63 26.06 -12.53
CA LYS C 312 1.82 25.23 -12.64
C LYS C 312 3.11 26.03 -12.70
N GLY C 313 3.04 27.33 -12.46
CA GLY C 313 4.22 28.19 -12.52
C GLY C 313 4.30 28.92 -13.86
N GLY C 314 5.47 28.89 -14.48
CA GLY C 314 5.65 29.51 -15.77
C GLY C 314 6.24 30.91 -15.68
N ASN C 315 6.19 31.60 -16.83
CA ASN C 315 6.75 32.93 -16.95
C ASN C 315 5.64 33.96 -16.73
N ASP C 316 5.82 34.80 -15.70
CA ASP C 316 4.77 35.73 -15.32
C ASP C 316 4.50 36.78 -16.39
N GLN C 317 5.57 37.33 -16.99
CA GLN C 317 5.40 38.38 -17.99
C GLN C 317 4.64 37.87 -19.20
N ILE C 318 4.99 36.67 -19.67
CA ILE C 318 4.30 36.09 -20.82
C ILE C 318 2.83 35.86 -20.48
N GLN C 319 2.55 35.41 -19.26
CA GLN C 319 1.16 35.18 -18.85
C GLN C 319 0.36 36.48 -18.81
N GLY C 320 0.98 37.56 -18.31
CA GLY C 320 0.29 38.84 -18.31
C GLY C 320 0.01 39.36 -19.71
N SER C 321 1.01 39.26 -20.59
CA SER C 321 0.78 39.64 -21.98
C SER C 321 -0.30 38.78 -22.62
N ALA C 322 -0.35 37.49 -22.26
CA ALA C 322 -1.38 36.61 -22.77
C ALA C 322 -2.76 37.07 -22.30
N VAL C 323 -2.86 37.49 -21.03
CA VAL C 323 -4.14 37.99 -20.54
C VAL C 323 -4.57 39.22 -21.34
N ILE C 324 -3.64 40.16 -21.53
CA ILE C 324 -3.96 41.37 -22.28
C ILE C 324 -4.43 41.02 -23.69
N GLY C 325 -3.67 40.16 -24.37
CA GLY C 325 -4.01 39.80 -25.73
C GLY C 325 -5.33 39.06 -25.83
N ALA C 326 -5.58 38.16 -24.88
CA ALA C 326 -6.84 37.42 -24.88
C ALA C 326 -8.03 38.36 -24.72
N ILE C 327 -7.94 39.30 -23.78
CA ILE C 327 -9.04 40.24 -23.60
C ILE C 327 -9.25 41.08 -24.84
N LYS C 328 -8.15 41.59 -25.42
CA LYS C 328 -8.28 42.43 -26.61
C LYS C 328 -8.89 41.65 -27.77
N ALA C 329 -8.40 40.43 -28.01
CA ALA C 329 -8.91 39.63 -29.12
C ALA C 329 -10.38 39.28 -28.92
N SER C 330 -10.76 38.91 -27.69
CA SER C 330 -12.14 38.57 -27.42
C SER C 330 -13.06 39.78 -27.64
N PHE C 331 -12.66 40.94 -27.14
CA PHE C 331 -13.51 42.12 -27.30
C PHE C 331 -13.49 42.66 -28.73
N GLU C 332 -12.52 42.27 -29.55
CA GLU C 332 -12.55 42.66 -30.96
C GLU C 332 -13.80 42.17 -31.67
N ASN C 333 -14.46 41.14 -31.15
CA ASN C 333 -15.65 40.56 -31.78
C ASN C 333 -16.91 41.36 -31.52
N GLU C 334 -16.89 42.31 -30.58
CA GLU C 334 -18.10 43.05 -30.26
C GLU C 334 -18.48 44.02 -31.38
N THR C 335 -17.50 44.47 -32.16
CA THR C 335 -17.79 45.42 -33.24
C THR C 335 -18.73 44.81 -34.26
N LYS C 336 -18.51 43.56 -34.64
CA LYS C 336 -19.35 42.89 -35.62
C LYS C 336 -18.97 41.42 -35.75
N LYS D 10 44.16 7.33 10.01
CA LYS D 10 43.60 8.59 9.53
C LYS D 10 44.07 9.76 10.39
N ARG D 11 44.55 10.82 9.73
CA ARG D 11 45.02 11.99 10.45
C ARG D 11 43.90 12.65 11.25
N LYS D 12 42.69 12.70 10.68
CA LYS D 12 41.55 13.32 11.34
C LYS D 12 41.68 14.84 11.34
N ILE D 13 40.55 15.53 11.45
CA ILE D 13 40.51 16.99 11.42
C ILE D 13 39.71 17.48 12.63
N SER D 14 40.23 18.50 13.30
CA SER D 14 39.53 19.08 14.44
C SER D 14 38.23 19.72 13.99
N LYS D 15 37.24 19.72 14.89
CA LYS D 15 35.95 20.31 14.58
C LYS D 15 36.12 21.79 14.27
N LEU D 16 35.34 22.27 13.30
CA LEU D 16 35.45 23.64 12.81
C LEU D 16 34.32 24.49 13.40
N ALA D 17 34.67 25.68 13.88
CA ALA D 17 33.70 26.53 14.54
C ALA D 17 32.59 26.93 13.58
N ALA D 18 31.41 27.21 14.14
CA ALA D 18 30.26 27.54 13.32
C ALA D 18 30.49 28.83 12.53
N GLU D 19 31.14 29.83 13.16
CA GLU D 19 31.36 31.09 12.48
C GLU D 19 32.20 30.90 11.22
N GLN D 20 33.35 30.24 11.35
CA GLN D 20 34.20 30.02 10.19
C GLN D 20 33.54 29.09 9.18
N SER D 21 32.77 28.12 9.67
CA SER D 21 32.03 27.24 8.76
C SER D 21 31.08 28.04 7.88
N LEU D 22 30.33 28.96 8.49
CA LEU D 22 29.42 29.81 7.73
C LEU D 22 30.20 30.73 6.79
N ALA D 23 31.33 31.26 7.25
CA ALA D 23 32.13 32.15 6.42
C ALA D 23 32.61 31.47 5.15
N GLN D 24 32.70 30.13 5.14
CA GLN D 24 33.17 29.38 4.00
C GLN D 24 32.04 28.72 3.22
N GLN D 25 30.80 29.09 3.50
CA GLN D 25 29.65 28.56 2.80
C GLN D 25 29.33 29.40 1.57
N PRO D 26 28.55 28.86 0.63
CA PRO D 26 28.09 29.67 -0.49
C PRO D 26 27.29 30.87 -0.01
N TRP D 27 27.37 31.96 -0.77
CA TRP D 27 26.79 33.23 -0.32
C TRP D 27 25.32 33.10 0.01
N VAL D 28 24.59 32.23 -0.70
CA VAL D 28 23.15 32.09 -0.43
C VAL D 28 22.93 31.59 0.99
N GLU D 29 23.71 30.58 1.42
CA GLU D 29 23.60 30.09 2.79
C GLU D 29 24.31 31.00 3.78
N LYS D 30 25.41 31.62 3.37
CA LYS D 30 26.17 32.48 4.28
C LYS D 30 25.33 33.67 4.73
N TYR D 31 24.55 34.26 3.83
CA TYR D 31 23.78 35.45 4.11
C TYR D 31 22.29 35.16 4.29
N ARG D 32 21.96 33.96 4.74
CA ARG D 32 20.58 33.66 5.08
C ARG D 32 20.14 34.51 6.27
N PRO D 33 18.95 35.11 6.22
CA PRO D 33 18.49 35.91 7.37
C PRO D 33 18.52 35.10 8.65
N LYS D 34 19.04 35.72 9.71
CA LYS D 34 19.14 35.09 11.02
C LYS D 34 18.05 35.55 11.97
N ASN D 35 17.39 36.67 11.69
CA ASN D 35 16.28 37.16 12.49
C ASN D 35 15.25 37.77 11.56
N LEU D 36 14.08 38.09 12.11
CA LEU D 36 12.98 38.61 11.30
C LEU D 36 13.28 39.98 10.71
N ASP D 37 14.30 40.68 11.22
CA ASP D 37 14.65 41.99 10.67
C ASP D 37 15.51 41.89 9.42
N GLU D 38 16.08 40.73 9.12
CA GLU D 38 16.90 40.56 7.93
C GLU D 38 16.10 40.13 6.70
N VAL D 39 14.80 39.87 6.85
CA VAL D 39 13.94 39.62 5.70
C VAL D 39 13.64 40.97 5.04
N THR D 40 13.86 41.05 3.72
CA THR D 40 13.98 42.34 3.07
C THR D 40 12.62 42.96 2.75
N ALA D 41 11.79 42.28 1.96
CA ALA D 41 10.63 42.90 1.33
C ALA D 41 9.38 42.06 1.52
N GLN D 42 9.12 41.63 2.76
CA GLN D 42 7.91 40.89 3.10
C GLN D 42 7.30 41.46 4.38
N ASP D 43 7.26 42.79 4.47
CA ASP D 43 6.80 43.43 5.70
C ASP D 43 5.34 43.13 5.99
N HIS D 44 4.51 43.01 4.94
CA HIS D 44 3.08 42.82 5.15
C HIS D 44 2.79 41.56 5.97
N ALA D 45 3.70 40.59 5.98
CA ALA D 45 3.58 39.41 6.82
C ALA D 45 4.56 39.39 7.98
N VAL D 46 5.76 39.95 7.79
CA VAL D 46 6.76 39.94 8.85
C VAL D 46 6.29 40.79 10.03
N THR D 47 5.59 41.90 9.76
CA THR D 47 5.07 42.72 10.84
C THR D 47 4.05 41.95 11.69
N VAL D 48 3.16 41.21 11.03
CA VAL D 48 2.18 40.41 11.76
C VAL D 48 2.89 39.35 12.59
N LEU D 49 3.86 38.67 11.99
CA LEU D 49 4.59 37.62 12.71
C LEU D 49 5.32 38.19 13.92
N LYS D 50 5.91 39.38 13.77
CA LYS D 50 6.56 40.03 14.91
C LYS D 50 5.55 40.40 15.99
N LYS D 51 4.37 40.89 15.59
CA LYS D 51 3.35 41.20 16.59
C LYS D 51 2.94 39.95 17.37
N THR D 52 2.95 38.79 16.72
CA THR D 52 2.67 37.55 17.46
C THR D 52 3.67 37.31 18.58
N LEU D 53 4.88 37.86 18.51
CA LEU D 53 5.85 37.65 19.58
C LEU D 53 5.32 38.16 20.91
N LYS D 54 4.57 39.25 20.91
CA LYS D 54 3.96 39.78 22.12
C LYS D 54 2.53 39.33 22.31
N SER D 55 1.79 39.11 21.23
CA SER D 55 0.41 38.63 21.36
C SER D 55 0.35 37.18 21.83
N ALA D 56 1.34 36.38 21.44
CA ALA D 56 1.42 34.97 21.86
C ALA D 56 0.16 34.20 21.47
N ASN D 57 -0.37 34.50 20.28
CA ASN D 57 -1.53 33.81 19.74
C ASN D 57 -1.29 33.47 18.27
N LEU D 58 -0.13 32.91 17.99
CA LEU D 58 0.24 32.61 16.61
C LEU D 58 -0.76 31.66 15.99
N PRO D 59 -1.36 31.99 14.83
CA PRO D 59 -2.29 31.06 14.19
C PRO D 59 -1.60 30.05 13.29
N HIS D 60 -2.36 29.13 12.72
CA HIS D 60 -1.82 28.26 11.69
C HIS D 60 -1.50 29.08 10.46
N MET D 61 -0.32 28.87 9.88
CA MET D 61 0.19 29.70 8.80
C MET D 61 0.37 28.89 7.53
N LEU D 62 0.06 29.52 6.40
CA LEU D 62 0.29 28.95 5.08
C LEU D 62 1.08 29.99 4.29
N PHE D 63 2.40 29.81 4.24
CA PHE D 63 3.27 30.65 3.44
C PHE D 63 3.28 30.10 2.02
N TYR D 64 2.96 30.94 1.04
CA TYR D 64 3.03 30.49 -0.35
C TYR D 64 3.67 31.58 -1.19
N GLY D 65 4.53 31.16 -2.12
CA GLY D 65 5.18 32.11 -2.99
C GLY D 65 6.14 31.48 -3.98
N PRO D 66 6.66 32.29 -4.91
CA PRO D 66 7.58 31.77 -5.93
C PRO D 66 8.94 31.44 -5.33
N PRO D 67 9.80 30.77 -6.09
CA PRO D 67 11.07 30.30 -5.54
C PRO D 67 11.94 31.45 -5.04
N GLY D 68 12.67 31.17 -3.95
CA GLY D 68 13.67 32.08 -3.43
C GLY D 68 13.13 33.43 -2.99
N THR D 69 12.02 33.43 -2.25
CA THR D 69 11.42 34.67 -1.77
C THR D 69 11.57 34.87 -0.27
N GLY D 70 11.99 33.86 0.48
CA GLY D 70 12.26 34.02 1.89
C GLY D 70 11.28 33.34 2.82
N LYS D 71 10.67 32.25 2.37
CA LYS D 71 9.68 31.55 3.18
C LYS D 71 10.34 30.70 4.26
N THR D 72 11.24 29.79 3.84
CA THR D 72 11.94 28.96 4.81
C THR D 72 12.77 29.82 5.77
N SER D 73 13.45 30.83 5.23
CA SER D 73 14.20 31.74 6.09
C SER D 73 13.28 32.41 7.10
N THR D 74 12.10 32.86 6.67
CA THR D 74 11.19 33.54 7.57
C THR D 74 10.74 32.61 8.69
N ILE D 75 10.36 31.37 8.35
CA ILE D 75 9.87 30.47 9.40
C ILE D 75 10.99 30.12 10.36
N LEU D 76 12.20 29.87 9.85
CA LEU D 76 13.32 29.56 10.74
C LEU D 76 13.62 30.73 11.67
N ALA D 77 13.65 31.95 11.12
CA ALA D 77 13.92 33.12 11.95
C ALA D 77 12.83 33.32 12.99
N LEU D 78 11.57 33.11 12.62
CA LEU D 78 10.49 33.25 13.59
C LEU D 78 10.62 32.23 14.71
N THR D 79 10.90 30.97 14.38
CA THR D 79 11.07 29.95 15.41
C THR D 79 12.22 30.31 16.34
N LYS D 80 13.34 30.74 15.78
CA LYS D 80 14.48 31.12 16.61
C LYS D 80 14.12 32.28 17.54
N GLU D 81 13.57 33.36 16.98
CA GLU D 81 13.19 34.50 17.81
C GLU D 81 12.19 34.09 18.89
N LEU D 82 11.32 33.12 18.60
CA LEU D 82 10.29 32.74 19.57
C LEU D 82 10.88 31.94 20.71
N TYR D 83 11.78 30.99 20.42
CA TYR D 83 12.18 30.01 21.41
C TYR D 83 13.59 30.15 21.95
N GLY D 84 14.55 30.63 21.15
CA GLY D 84 15.92 30.70 21.56
C GLY D 84 16.72 29.52 21.05
N PRO D 85 18.05 29.66 20.98
CA PRO D 85 18.86 28.57 20.42
C PRO D 85 18.71 27.25 21.16
N ASP D 86 18.47 27.30 22.47
CA ASP D 86 18.42 26.06 23.27
C ASP D 86 17.06 25.39 23.18
N LEU D 87 15.97 26.15 23.34
CA LEU D 87 14.64 25.58 23.39
C LEU D 87 14.05 25.29 22.01
N MET D 88 14.69 25.77 20.94
CA MET D 88 14.10 25.62 19.60
C MET D 88 13.97 24.16 19.22
N LYS D 89 14.99 23.35 19.48
CA LYS D 89 14.99 21.98 18.99
C LYS D 89 13.81 21.17 19.52
N SER D 90 13.51 21.32 20.81
CA SER D 90 12.44 20.55 21.42
C SER D 90 11.04 21.06 21.07
N ARG D 91 10.93 22.28 20.54
CA ARG D 91 9.64 22.89 20.25
C ARG D 91 9.29 22.86 18.76
N ILE D 92 10.12 22.25 17.92
CA ILE D 92 9.96 22.30 16.48
C ILE D 92 9.97 20.88 15.92
N LEU D 93 9.05 20.58 15.00
CA LEU D 93 9.08 19.35 14.23
C LEU D 93 9.01 19.73 12.75
N GLU D 94 10.10 19.50 12.02
CA GLU D 94 10.23 19.92 10.63
C GLU D 94 10.18 18.69 9.73
N LEU D 95 9.25 18.69 8.78
CA LEU D 95 9.15 17.64 7.77
C LEU D 95 9.10 18.30 6.39
N ASN D 96 9.92 17.82 5.47
CA ASN D 96 9.97 18.38 4.13
C ASN D 96 9.85 17.28 3.09
N ALA D 97 10.03 17.63 1.81
CA ALA D 97 9.88 16.65 0.73
C ALA D 97 10.91 15.54 0.78
N SER D 98 11.96 15.69 1.57
CA SER D 98 12.99 14.66 1.70
C SER D 98 12.62 13.58 2.72
N ASP D 99 11.45 13.68 3.35
CA ASP D 99 11.00 12.71 4.34
C ASP D 99 9.70 12.07 3.89
N GLU D 100 9.46 10.85 4.37
CA GLU D 100 8.20 10.18 4.10
C GLU D 100 7.06 10.91 4.80
N ARG D 101 6.00 11.22 4.06
CA ARG D 101 4.87 11.97 4.59
C ARG D 101 3.56 11.38 4.10
N GLY D 102 3.45 10.05 4.13
CA GLY D 102 2.23 9.39 3.74
C GLY D 102 1.14 9.54 4.78
N ILE D 103 -0.04 8.98 4.46
CA ILE D 103 -1.18 9.11 5.36
C ILE D 103 -0.87 8.46 6.70
N SER D 104 -0.14 7.34 6.70
CA SER D 104 0.23 6.70 7.95
C SER D 104 1.12 7.60 8.79
N ILE D 105 2.09 8.26 8.16
CA ILE D 105 2.98 9.16 8.90
C ILE D 105 2.17 10.29 9.53
N VAL D 106 1.29 10.91 8.74
CA VAL D 106 0.48 12.01 9.25
C VAL D 106 -0.38 11.54 10.41
N ARG D 107 -0.97 10.34 10.28
CA ARG D 107 -1.86 9.83 11.31
C ARG D 107 -1.13 9.51 12.60
N GLU D 108 0.09 8.96 12.51
CA GLU D 108 0.80 8.49 13.69
C GLU D 108 1.83 9.48 14.21
N LYS D 109 2.86 9.80 13.43
CA LYS D 109 3.98 10.57 13.96
C LYS D 109 3.60 12.02 14.20
N VAL D 110 2.95 12.64 13.21
CA VAL D 110 2.56 14.05 13.34
C VAL D 110 1.56 14.19 14.48
N LYS D 111 0.58 13.28 14.57
CA LYS D 111 -0.40 13.35 15.64
C LYS D 111 0.25 13.15 17.00
N ASN D 112 1.19 12.20 17.10
CA ASN D 112 1.86 11.97 18.38
C ASN D 112 2.64 13.21 18.82
N PHE D 113 3.36 13.84 17.88
CA PHE D 113 4.08 15.05 18.24
C PHE D 113 3.12 16.17 18.63
N ALA D 114 2.00 16.29 17.91
CA ALA D 114 1.04 17.36 18.21
C ALA D 114 0.38 17.17 19.57
N ARG D 115 0.16 15.93 19.99
CA ARG D 115 -0.49 15.66 21.26
C ARG D 115 0.43 15.81 22.46
N LEU D 116 1.74 15.92 22.24
CA LEU D 116 2.69 15.96 23.35
C LEU D 116 2.58 17.27 24.12
N THR D 117 2.92 17.20 25.41
CA THR D 117 3.01 18.40 26.23
C THR D 117 4.24 19.22 25.82
N VAL D 118 4.11 20.55 25.88
CA VAL D 118 5.21 21.42 25.49
C VAL D 118 6.38 21.24 26.44
N SER D 119 7.60 21.24 25.89
CA SER D 119 8.79 21.10 26.72
C SER D 119 8.90 22.27 27.69
N LYS D 120 9.34 21.99 28.90
CA LYS D 120 9.46 23.02 29.92
C LYS D 120 10.61 23.97 29.57
N PRO D 121 10.38 25.28 29.47
CA PRO D 121 11.50 26.19 29.24
C PRO D 121 12.38 26.29 30.47
N SER D 122 13.66 26.56 30.23
CA SER D 122 14.59 26.80 31.32
C SER D 122 14.40 28.21 31.88
N LYS D 123 14.97 28.43 33.07
CA LYS D 123 14.88 29.75 33.69
C LYS D 123 15.49 30.82 32.80
N HIS D 124 16.65 30.54 32.21
CA HIS D 124 17.29 31.50 31.31
C HIS D 124 16.39 31.78 30.11
N ASP D 125 15.79 30.75 29.53
CA ASP D 125 14.90 30.93 28.39
C ASP D 125 13.73 31.83 28.75
N LEU D 126 13.13 31.61 29.92
CA LEU D 126 12.02 32.46 30.34
C LEU D 126 12.46 33.89 30.60
N GLU D 127 13.69 34.09 31.08
CA GLU D 127 14.19 35.46 31.23
C GLU D 127 14.40 36.16 29.89
N ASN D 128 14.90 35.44 28.87
CA ASN D 128 15.25 36.09 27.61
C ASN D 128 14.15 36.00 26.56
N TYR D 129 13.70 34.79 26.22
CA TYR D 129 12.83 34.65 25.07
C TYR D 129 11.37 34.52 25.51
N PRO D 130 10.43 34.91 24.64
CA PRO D 130 9.01 34.85 25.05
C PRO D 130 8.53 33.45 25.40
N CYS D 131 8.99 32.44 24.69
CA CYS D 131 8.60 31.06 24.96
C CYS D 131 7.08 30.90 25.04
N PRO D 132 6.37 30.99 23.92
CA PRO D 132 4.92 30.79 23.96
C PRO D 132 4.58 29.38 24.36
N PRO D 133 3.37 29.15 24.91
CA PRO D 133 2.98 27.80 25.39
C PRO D 133 2.47 26.87 24.29
N TYR D 134 3.23 26.75 23.21
CA TYR D 134 2.90 25.80 22.17
C TYR D 134 4.15 25.49 21.36
N LYS D 135 4.09 24.38 20.63
CA LYS D 135 5.16 23.98 19.71
C LYS D 135 4.72 24.25 18.27
N ILE D 136 5.63 24.02 17.33
CA ILE D 136 5.39 24.33 15.92
C ILE D 136 5.78 23.12 15.08
N ILE D 137 4.90 22.76 14.14
CA ILE D 137 5.17 21.75 13.14
C ILE D 137 5.27 22.46 11.79
N ILE D 138 6.39 22.29 11.11
CA ILE D 138 6.68 22.96 9.84
C ILE D 138 6.67 21.90 8.75
N LEU D 139 5.67 21.98 7.87
CA LEU D 139 5.57 21.08 6.72
C LEU D 139 6.02 21.87 5.49
N ASP D 140 7.33 21.87 5.25
CA ASP D 140 7.89 22.55 4.09
C ASP D 140 7.63 21.72 2.84
N GLU D 141 7.48 22.42 1.71
CA GLU D 141 7.11 21.78 0.45
C GLU D 141 5.82 20.98 0.62
N ALA D 142 4.84 21.57 1.30
CA ALA D 142 3.60 20.87 1.59
C ALA D 142 2.81 20.53 0.34
N ASP D 143 3.08 21.22 -0.78
CA ASP D 143 2.36 20.93 -2.01
C ASP D 143 2.71 19.56 -2.60
N SER D 144 3.75 18.90 -2.09
CA SER D 144 4.10 17.56 -2.52
C SER D 144 3.29 16.48 -1.81
N MET D 145 2.58 16.82 -0.73
CA MET D 145 1.80 15.83 0.00
C MET D 145 0.53 15.47 -0.77
N THR D 146 0.11 14.22 -0.63
CA THR D 146 -1.08 13.75 -1.30
C THR D 146 -2.34 14.33 -0.66
N ALA D 147 -3.45 14.26 -1.40
CA ALA D 147 -4.70 14.82 -0.92
C ALA D 147 -5.19 14.10 0.34
N ASP D 148 -5.06 12.78 0.37
CA ASP D 148 -5.52 12.03 1.55
C ASP D 148 -4.68 12.39 2.79
N ALA D 149 -3.37 12.49 2.62
CA ALA D 149 -2.51 12.89 3.75
C ALA D 149 -2.89 14.28 4.23
N GLN D 150 -3.15 15.21 3.31
CA GLN D 150 -3.59 16.54 3.71
C GLN D 150 -4.91 16.48 4.48
N SER D 151 -5.85 15.67 4.00
CA SER D 151 -7.13 15.55 4.68
C SER D 151 -6.97 14.98 6.09
N ALA D 152 -5.99 14.09 6.28
CA ALA D 152 -5.76 13.53 7.59
C ALA D 152 -5.31 14.55 8.62
N LEU D 153 -4.89 15.75 8.19
CA LEU D 153 -4.43 16.79 9.10
C LEU D 153 -5.54 17.72 9.58
N ARG D 154 -6.74 17.64 8.98
CA ARG D 154 -7.74 18.68 9.18
C ARG D 154 -8.16 18.79 10.64
N ARG D 155 -8.56 17.67 11.24
CA ARG D 155 -9.01 17.70 12.63
C ARG D 155 -7.85 17.69 13.61
N THR D 156 -6.69 17.14 13.21
CA THR D 156 -5.52 17.22 14.07
C THR D 156 -5.12 18.68 14.31
N MET D 157 -5.21 19.50 13.26
CA MET D 157 -4.88 20.92 13.41
C MET D 157 -5.79 21.61 14.42
N GLU D 158 -7.11 21.35 14.32
CA GLU D 158 -8.07 22.06 15.16
C GLU D 158 -8.08 21.54 16.58
N THR D 159 -7.97 20.22 16.77
CA THR D 159 -8.12 19.64 18.10
C THR D 159 -7.01 20.08 19.03
N TYR D 160 -5.76 20.12 18.55
CA TYR D 160 -4.60 20.38 19.39
C TYR D 160 -4.03 21.78 19.16
N SER D 161 -4.89 22.73 18.79
CA SER D 161 -4.44 24.10 18.59
C SER D 161 -3.92 24.73 19.88
N GLY D 162 -4.36 24.23 21.04
CA GLY D 162 -3.92 24.79 22.30
C GLY D 162 -2.44 24.56 22.60
N VAL D 163 -1.84 23.53 22.02
CA VAL D 163 -0.45 23.20 22.27
C VAL D 163 0.38 23.10 20.98
N THR D 164 -0.23 23.18 19.80
CA THR D 164 0.48 23.01 18.55
C THR D 164 -0.01 24.00 17.51
N ARG D 165 0.92 24.53 16.72
CA ARG D 165 0.61 25.39 15.59
C ARG D 165 1.32 24.85 14.36
N PHE D 166 0.63 24.90 13.22
CA PHE D 166 1.11 24.31 11.98
C PHE D 166 1.53 25.39 11.01
N CYS D 167 2.64 25.15 10.31
CA CYS D 167 3.14 26.04 9.27
C CYS D 167 3.36 25.22 8.00
N LEU D 168 2.60 25.53 6.96
CA LEU D 168 2.74 24.87 5.66
C LEU D 168 3.33 25.87 4.67
N ILE D 169 4.37 25.45 3.95
CA ILE D 169 5.09 26.31 3.01
C ILE D 169 4.99 25.68 1.62
N CYS D 170 4.70 26.51 0.61
CA CYS D 170 4.49 25.97 -0.72
C CYS D 170 4.77 27.03 -1.78
N ASN D 171 4.96 26.55 -3.01
CA ASN D 171 5.09 27.39 -4.19
C ASN D 171 3.80 27.50 -4.98
N TYR D 172 3.02 26.43 -5.02
CA TYR D 172 1.74 26.40 -5.73
C TYR D 172 0.62 26.21 -4.70
N VAL D 173 -0.09 27.29 -4.41
CA VAL D 173 -1.12 27.22 -3.37
C VAL D 173 -2.28 26.33 -3.81
N THR D 174 -2.47 26.15 -5.12
CA THR D 174 -3.58 25.35 -5.61
C THR D 174 -3.45 23.87 -5.24
N ARG D 175 -2.25 23.42 -4.90
CA ARG D 175 -2.06 22.02 -4.53
C ARG D 175 -2.45 21.73 -3.08
N ILE D 176 -2.80 22.74 -2.31
CA ILE D 176 -3.28 22.56 -0.95
C ILE D 176 -4.81 22.46 -0.99
N ILE D 177 -5.34 21.41 -0.37
CA ILE D 177 -6.79 21.19 -0.40
C ILE D 177 -7.50 22.35 0.28
N ASP D 178 -8.74 22.60 -0.17
CA ASP D 178 -9.48 23.76 0.31
C ASP D 178 -9.67 23.77 1.82
N PRO D 179 -10.02 22.66 2.48
CA PRO D 179 -10.17 22.72 3.95
C PRO D 179 -8.92 23.18 4.67
N LEU D 180 -7.74 22.71 4.24
CA LEU D 180 -6.51 23.13 4.89
C LEU D 180 -6.23 24.60 4.66
N ALA D 181 -6.42 25.08 3.43
CA ALA D 181 -6.24 26.50 3.16
C ALA D 181 -7.20 27.34 3.99
N SER D 182 -8.43 26.85 4.18
CA SER D 182 -9.38 27.55 5.04
C SER D 182 -8.88 27.60 6.48
N ARG D 183 -8.32 26.50 6.98
CA ARG D 183 -7.87 26.45 8.36
C ARG D 183 -6.65 27.34 8.60
N CYS D 184 -5.87 27.65 7.56
CA CYS D 184 -4.61 28.37 7.71
C CYS D 184 -4.76 29.83 7.33
N SER D 185 -4.12 30.70 8.12
CA SER D 185 -3.98 32.09 7.71
C SER D 185 -2.92 32.18 6.61
N LYS D 186 -3.27 32.83 5.51
CA LYS D 186 -2.46 32.79 4.29
C LYS D 186 -1.52 33.99 4.24
N PHE D 187 -0.26 33.72 3.89
CA PHE D 187 0.75 34.76 3.69
C PHE D 187 1.38 34.55 2.33
N ARG D 188 1.15 35.49 1.43
CA ARG D 188 1.74 35.46 0.10
C ARG D 188 3.07 36.20 0.12
N PHE D 189 4.12 35.54 -0.37
CA PHE D 189 5.43 36.14 -0.45
C PHE D 189 5.63 36.72 -1.85
N LYS D 190 5.93 38.01 -1.91
CA LYS D 190 6.02 38.73 -3.18
C LYS D 190 7.35 38.46 -3.88
N ALA D 191 7.34 38.65 -5.19
CA ALA D 191 8.57 38.52 -5.97
C ALA D 191 9.53 39.65 -5.61
N LEU D 192 10.82 39.32 -5.58
CA LEU D 192 11.87 40.26 -5.19
C LEU D 192 12.51 40.84 -6.44
N ASP D 193 12.39 42.15 -6.62
CA ASP D 193 12.91 42.82 -7.80
C ASP D 193 13.83 43.97 -7.42
N ALA D 194 14.28 44.75 -8.41
CA ALA D 194 15.20 45.85 -8.15
C ALA D 194 14.58 46.97 -7.33
N SER D 195 13.25 47.00 -7.19
CA SER D 195 12.59 48.06 -6.46
C SER D 195 12.38 47.74 -4.98
N ASN D 196 12.53 46.47 -4.58
CA ASN D 196 12.29 46.07 -3.20
C ASN D 196 13.41 45.24 -2.60
N ALA D 197 14.36 44.76 -3.39
CA ALA D 197 15.44 43.90 -2.89
C ALA D 197 16.83 44.45 -3.21
N ILE D 198 16.91 45.65 -3.78
CA ILE D 198 18.22 46.20 -4.13
C ILE D 198 19.05 46.47 -2.88
N ASP D 199 18.42 46.87 -1.78
CA ASP D 199 19.17 47.20 -0.58
C ASP D 199 19.92 45.98 -0.04
N ARG D 200 19.26 44.83 0.01
CA ARG D 200 19.91 43.63 0.52
C ARG D 200 21.07 43.20 -0.37
N LEU D 201 20.87 43.24 -1.70
CA LEU D 201 21.93 42.86 -2.62
C LEU D 201 23.11 43.81 -2.50
N ARG D 202 22.84 45.11 -2.36
CA ARG D 202 23.94 46.08 -2.18
C ARG D 202 24.67 45.84 -0.87
N PHE D 203 23.93 45.51 0.20
CA PHE D 203 24.58 45.20 1.47
C PHE D 203 25.49 43.99 1.32
N ILE D 204 25.02 42.95 0.65
CA ILE D 204 25.85 41.75 0.45
C ILE D 204 27.08 42.10 -0.37
N SER D 205 26.91 42.90 -1.43
CA SER D 205 28.04 43.28 -2.26
C SER D 205 29.07 44.06 -1.46
N GLU D 206 28.62 45.01 -0.63
CA GLU D 206 29.54 45.79 0.18
C GLU D 206 30.26 44.92 1.20
N GLN D 207 29.54 43.98 1.82
CA GLN D 207 30.18 43.11 2.80
C GLN D 207 31.26 42.24 2.17
N GLU D 208 31.11 41.91 0.88
CA GLU D 208 32.09 41.11 0.17
C GLU D 208 33.05 41.95 -0.66
N ASN D 209 32.98 43.27 -0.55
CA ASN D 209 33.89 44.17 -1.26
C ASN D 209 33.87 43.90 -2.75
N VAL D 210 32.68 43.66 -3.29
CA VAL D 210 32.52 43.43 -4.73
C VAL D 210 32.38 44.78 -5.41
N LYS D 211 33.20 45.02 -6.43
CA LYS D 211 33.21 46.28 -7.17
C LYS D 211 32.43 46.08 -8.47
N CYS D 212 31.33 46.81 -8.61
CA CYS D 212 30.46 46.72 -9.77
C CYS D 212 30.15 48.10 -10.31
N ASP D 213 29.94 48.18 -11.61
CA ASP D 213 29.53 49.43 -12.24
C ASP D 213 28.11 49.80 -11.82
N ASP D 214 27.71 51.02 -12.16
CA ASP D 214 26.38 51.49 -11.82
C ASP D 214 25.34 50.73 -12.63
N GLY D 215 24.30 50.23 -11.95
CA GLY D 215 23.24 49.49 -12.60
C GLY D 215 23.49 48.01 -12.75
N VAL D 216 24.68 47.52 -12.37
CA VAL D 216 24.97 46.09 -12.49
C VAL D 216 24.06 45.29 -11.55
N LEU D 217 23.91 45.75 -10.31
CA LEU D 217 23.04 45.06 -9.36
C LEU D 217 21.60 45.08 -9.82
N GLU D 218 21.15 46.23 -10.35
CA GLU D 218 19.80 46.31 -10.90
C GLU D 218 19.62 45.34 -12.06
N ARG D 219 20.64 45.24 -12.93
CA ARG D 219 20.57 44.30 -14.03
C ARG D 219 20.48 42.86 -13.52
N ILE D 220 21.26 42.53 -12.49
CA ILE D 220 21.20 41.20 -11.91
C ILE D 220 19.80 40.91 -11.38
N LEU D 221 19.21 41.88 -10.66
CA LEU D 221 17.88 41.66 -10.11
C LEU D 221 16.83 41.53 -11.19
N ASP D 222 16.95 42.29 -12.29
CA ASP D 222 16.02 42.14 -13.40
C ASP D 222 16.15 40.76 -14.04
N ILE D 223 17.39 40.28 -14.21
CA ILE D 223 17.60 38.97 -14.82
C ILE D 223 17.06 37.88 -13.91
N SER D 224 17.19 38.05 -12.60
CA SER D 224 16.77 37.01 -11.67
C SER D 224 15.27 36.75 -11.74
N ALA D 225 14.48 37.78 -12.05
CA ALA D 225 13.04 37.64 -12.24
C ALA D 225 12.37 37.13 -10.96
N GLY D 226 12.53 37.90 -9.88
CA GLY D 226 11.84 37.64 -8.64
C GLY D 226 12.51 36.66 -7.69
N ASP D 227 13.69 36.14 -8.04
CA ASP D 227 14.38 35.14 -7.23
C ASP D 227 15.68 35.75 -6.71
N LEU D 228 15.71 36.04 -5.41
CA LEU D 228 16.90 36.65 -4.82
C LEU D 228 18.04 35.66 -4.67
N ARG D 229 17.73 34.37 -4.49
CA ARG D 229 18.77 33.35 -4.43
C ARG D 229 19.56 33.31 -5.72
N ARG D 230 18.87 33.35 -6.86
CA ARG D 230 19.55 33.38 -8.15
C ARG D 230 20.41 34.63 -8.28
N GLY D 231 19.91 35.77 -7.83
CA GLY D 231 20.69 37.00 -7.90
C GLY D 231 21.95 36.93 -7.08
N ILE D 232 21.86 36.38 -5.86
CA ILE D 232 23.04 36.26 -5.02
C ILE D 232 24.04 35.29 -5.63
N THR D 233 23.56 34.19 -6.21
CA THR D 233 24.47 33.26 -6.87
C THR D 233 25.16 33.92 -8.05
N LEU D 234 24.42 34.71 -8.84
CA LEU D 234 25.01 35.42 -9.96
C LEU D 234 26.07 36.41 -9.48
N LEU D 235 25.78 37.14 -8.40
CA LEU D 235 26.76 38.09 -7.87
C LEU D 235 28.01 37.36 -7.40
N GLN D 236 27.85 36.22 -6.74
CA GLN D 236 29.02 35.46 -6.30
C GLN D 236 29.84 34.96 -7.47
N SER D 237 29.19 34.48 -8.53
CA SER D 237 29.91 34.03 -9.71
C SER D 237 30.68 35.17 -10.37
N ALA D 238 30.04 36.34 -10.48
CA ALA D 238 30.73 37.50 -11.05
C ALA D 238 31.91 37.91 -10.20
N SER D 239 31.75 37.89 -8.87
CA SER D 239 32.86 38.23 -7.98
C SER D 239 34.01 37.24 -8.13
N LYS D 240 33.69 35.95 -8.25
CA LYS D 240 34.75 34.95 -8.44
C LYS D 240 35.49 35.19 -9.75
N GLY D 241 34.75 35.49 -10.82
CA GLY D 241 35.40 35.78 -12.09
C GLY D 241 36.31 37.00 -12.00
N ALA D 242 35.82 38.07 -11.36
CA ALA D 242 36.64 39.27 -11.21
C ALA D 242 37.89 38.99 -10.39
N GLN D 243 37.75 38.22 -9.31
CA GLN D 243 38.91 37.88 -8.50
C GLN D 243 39.92 37.07 -9.28
N TYR D 244 39.46 36.09 -10.06
CA TYR D 244 40.38 35.29 -10.86
C TYR D 244 41.10 36.14 -11.89
N LEU D 245 40.39 37.07 -12.53
CA LEU D 245 41.03 37.95 -13.49
C LEU D 245 42.14 38.77 -12.82
N GLY D 246 41.87 39.24 -11.60
CA GLY D 246 42.89 39.94 -10.85
C GLY D 246 43.38 41.22 -11.50
N ASP D 247 42.48 42.02 -12.05
CA ASP D 247 42.83 43.27 -12.69
C ASP D 247 42.33 44.49 -11.93
N GLY D 248 41.49 44.31 -10.91
CA GLY D 248 40.96 45.42 -10.16
C GLY D 248 39.89 46.22 -10.85
N LYS D 249 39.39 45.73 -12.00
CA LYS D 249 38.37 46.43 -12.74
C LYS D 249 36.98 46.15 -12.16
N ASN D 250 36.01 46.94 -12.58
CA ASN D 250 34.64 46.82 -12.11
C ASN D 250 33.88 45.80 -12.93
N ILE D 251 32.93 45.11 -12.29
CA ILE D 251 32.06 44.20 -13.00
C ILE D 251 31.11 44.99 -13.89
N THR D 252 30.83 44.43 -15.07
CA THR D 252 30.01 45.10 -16.08
C THR D 252 28.73 44.31 -16.32
N SER D 253 27.74 44.99 -16.90
CA SER D 253 26.47 44.33 -17.22
C SER D 253 26.67 43.21 -18.23
N THR D 254 27.57 43.40 -19.19
CA THR D 254 27.81 42.38 -20.20
C THR D 254 28.29 41.08 -19.56
N GLN D 255 29.20 41.18 -18.60
CA GLN D 255 29.69 39.98 -17.91
C GLN D 255 28.55 39.28 -17.17
N VAL D 256 27.67 40.06 -16.52
CA VAL D 256 26.55 39.47 -15.81
C VAL D 256 25.62 38.74 -16.78
N GLU D 257 25.33 39.35 -17.93
CA GLU D 257 24.48 38.70 -18.92
C GLU D 257 25.14 37.42 -19.43
N GLU D 258 26.45 37.46 -19.67
CA GLU D 258 27.14 36.26 -20.13
C GLU D 258 27.06 35.15 -19.09
N LEU D 259 27.22 35.49 -17.81
CA LEU D 259 27.12 34.49 -16.75
C LEU D 259 25.70 33.98 -16.59
N ALA D 260 24.70 34.79 -16.90
CA ALA D 260 23.30 34.43 -16.71
C ALA D 260 22.71 33.68 -17.90
N GLY D 261 23.49 33.49 -18.97
CA GLY D 261 22.98 32.80 -20.14
C GLY D 261 22.02 33.59 -20.99
N VAL D 262 22.08 34.92 -20.92
CA VAL D 262 21.23 35.77 -21.74
C VAL D 262 21.79 35.84 -23.14
N VAL D 263 20.94 35.61 -24.13
CA VAL D 263 21.40 35.61 -25.53
C VAL D 263 21.87 37.00 -25.92
N PRO D 264 23.01 37.15 -26.59
CA PRO D 264 23.45 38.49 -27.00
C PRO D 264 22.43 39.15 -27.93
N HIS D 265 22.36 40.47 -27.85
CA HIS D 265 21.37 41.21 -28.62
C HIS D 265 21.53 40.96 -30.12
N ASP D 266 22.77 40.80 -30.60
CA ASP D 266 22.99 40.58 -32.03
C ASP D 266 22.34 39.28 -32.50
N ILE D 267 22.45 38.22 -31.70
CA ILE D 267 21.82 36.96 -32.07
C ILE D 267 20.30 37.11 -32.12
N LEU D 268 19.74 37.87 -31.18
CA LEU D 268 18.30 38.11 -31.18
C LEU D 268 17.89 38.88 -32.44
N ILE D 269 18.68 39.88 -32.83
CA ILE D 269 18.37 40.63 -34.05
C ILE D 269 18.42 39.71 -35.26
N GLU D 270 19.42 38.83 -35.32
CA GLU D 270 19.50 37.89 -36.43
C GLU D 270 18.27 36.98 -36.47
N ILE D 271 17.84 36.49 -35.31
CA ILE D 271 16.65 35.65 -35.26
C ILE D 271 15.43 36.42 -35.74
N VAL D 272 15.31 37.68 -35.32
CA VAL D 272 14.15 38.49 -35.72
C VAL D 272 14.14 38.71 -37.22
N GLU D 273 15.31 39.01 -37.80
CA GLU D 273 15.39 39.18 -39.25
C GLU D 273 15.04 37.89 -39.99
N LYS D 274 15.53 36.76 -39.49
CA LYS D 274 15.19 35.49 -40.13
C LYS D 274 13.69 35.23 -40.08
N VAL D 275 13.06 35.54 -38.95
CA VAL D 275 11.62 35.39 -38.84
C VAL D 275 10.91 36.31 -39.82
N LYS D 276 11.38 37.56 -39.93
CA LYS D 276 10.77 38.50 -40.86
C LYS D 276 10.91 38.03 -42.30
N SER D 277 11.99 37.33 -42.63
CA SER D 277 12.16 36.82 -43.98
C SER D 277 11.03 35.87 -44.36
N GLY D 278 10.65 34.98 -43.44
CA GLY D 278 9.54 34.07 -43.66
C GLY D 278 9.90 32.78 -44.37
N ASP D 279 11.16 32.59 -44.76
CA ASP D 279 11.55 31.37 -45.46
C ASP D 279 11.73 30.24 -44.46
N PHE D 280 11.02 29.13 -44.68
CA PHE D 280 11.06 28.02 -43.72
C PHE D 280 12.45 27.41 -43.64
N ASP D 281 13.07 27.14 -44.80
CA ASP D 281 14.36 26.46 -44.80
C ASP D 281 15.44 27.30 -44.13
N GLU D 282 15.47 28.60 -44.41
CA GLU D 282 16.47 29.46 -43.78
C GLU D 282 16.29 29.50 -42.27
N ILE D 283 15.05 29.61 -41.80
CA ILE D 283 14.79 29.59 -40.36
C ILE D 283 15.24 28.27 -39.76
N LYS D 284 14.95 27.16 -40.43
CA LYS D 284 15.33 25.85 -39.91
C LYS D 284 16.85 25.74 -39.79
N LYS D 285 17.58 26.14 -40.84
CA LYS D 285 19.03 26.08 -40.78
C LYS D 285 19.59 26.97 -39.68
N TYR D 286 19.06 28.19 -39.56
CA TYR D 286 19.56 29.09 -38.54
C TYR D 286 19.30 28.53 -37.14
N VAL D 287 18.12 27.95 -36.92
CA VAL D 287 17.80 27.38 -35.61
C VAL D 287 18.69 26.17 -35.34
N ASN D 288 18.99 25.37 -36.37
CA ASN D 288 19.88 24.24 -36.17
C ASN D 288 21.26 24.72 -35.74
N THR D 289 21.77 25.76 -36.37
CA THR D 289 23.06 26.32 -35.94
C THR D 289 22.96 26.92 -34.54
N PHE D 290 21.84 27.58 -34.24
CA PHE D 290 21.68 28.29 -32.97
C PHE D 290 21.64 27.32 -31.79
N MET D 291 20.94 26.21 -31.93
CA MET D 291 20.81 25.26 -30.82
C MET D 291 22.14 24.60 -30.45
N LYS D 292 23.17 24.71 -31.28
CA LYS D 292 24.47 24.18 -30.93
C LYS D 292 25.17 25.02 -29.88
N SER D 293 24.71 26.26 -29.66
CA SER D 293 25.32 27.12 -28.65
C SER D 293 24.85 26.80 -27.24
N GLY D 294 23.80 26.01 -27.09
CA GLY D 294 23.32 25.60 -25.79
C GLY D 294 22.43 26.60 -25.08
N TRP D 295 21.96 27.64 -25.78
CA TRP D 295 21.08 28.62 -25.16
C TRP D 295 19.81 27.95 -24.65
N SER D 296 19.36 28.35 -23.47
CA SER D 296 18.13 27.81 -22.90
C SER D 296 16.93 28.39 -23.64
N ALA D 297 15.98 27.52 -24.00
CA ALA D 297 14.83 27.95 -24.77
C ALA D 297 13.96 28.93 -23.99
N ALA D 298 13.84 28.75 -22.68
CA ALA D 298 13.03 29.66 -21.88
C ALA D 298 13.56 31.08 -21.96
N SER D 299 14.88 31.26 -21.87
CA SER D 299 15.46 32.60 -21.96
C SER D 299 15.21 33.19 -23.33
N VAL D 300 15.34 32.38 -24.39
CA VAL D 300 15.12 32.88 -25.74
C VAL D 300 13.67 33.34 -25.89
N VAL D 301 12.72 32.55 -25.38
CA VAL D 301 11.31 32.92 -25.49
C VAL D 301 11.04 34.20 -24.71
N ASN D 302 11.63 34.33 -23.51
CA ASN D 302 11.44 35.54 -22.73
C ASN D 302 11.99 36.77 -23.46
N GLN D 303 13.17 36.64 -24.05
CA GLN D 303 13.75 37.77 -24.78
C GLN D 303 12.94 38.11 -26.02
N LEU D 304 12.43 37.10 -26.73
CA LEU D 304 11.56 37.36 -27.87
C LEU D 304 10.29 38.09 -27.45
N HIS D 305 9.70 37.66 -26.33
CA HIS D 305 8.52 38.33 -25.81
C HIS D 305 8.82 39.80 -25.51
N GLU D 306 9.95 40.05 -24.82
CA GLU D 306 10.32 41.42 -24.51
C GLU D 306 10.51 42.24 -25.78
N TYR D 307 11.19 41.68 -26.78
CA TYR D 307 11.44 42.42 -28.01
C TYR D 307 10.15 42.74 -28.75
N TYR D 308 9.24 41.77 -28.86
CA TYR D 308 8.08 41.94 -29.73
C TYR D 308 6.99 42.75 -29.06
N ILE D 309 6.68 42.45 -27.79
CA ILE D 309 5.56 43.13 -27.14
C ILE D 309 5.83 44.62 -26.99
N THR D 310 7.07 44.98 -26.70
CA THR D 310 7.43 46.38 -26.45
C THR D 310 7.80 47.14 -27.72
N ASN D 311 7.80 46.49 -28.88
CA ASN D 311 8.15 47.16 -30.12
C ASN D 311 6.94 47.92 -30.67
N ASP D 312 7.17 49.15 -31.11
CA ASP D 312 6.11 50.00 -31.62
C ASP D 312 5.88 49.86 -33.11
N ASN D 313 6.61 48.98 -33.79
CA ASN D 313 6.50 48.80 -35.22
C ASN D 313 5.53 47.69 -35.61
N PHE D 314 4.83 47.10 -34.64
CA PHE D 314 3.87 46.04 -34.89
C PHE D 314 2.50 46.47 -34.42
N ASP D 315 1.46 46.04 -35.16
CA ASP D 315 0.10 46.48 -34.90
C ASP D 315 -0.53 45.64 -33.78
N THR D 316 -1.76 46.00 -33.43
CA THR D 316 -2.44 45.34 -32.32
C THR D 316 -2.72 43.87 -32.62
N ASN D 317 -3.14 43.55 -33.85
CA ASN D 317 -3.46 42.17 -34.19
C ASN D 317 -2.23 41.28 -34.09
N PHE D 318 -1.09 41.75 -34.58
CA PHE D 318 0.13 40.97 -34.51
C PHE D 318 0.52 40.68 -33.07
N LYS D 319 0.43 41.69 -32.20
CA LYS D 319 0.76 41.48 -30.79
C LYS D 319 -0.23 40.54 -30.12
N ASN D 320 -1.52 40.67 -30.46
CA ASN D 320 -2.52 39.79 -29.89
C ASN D 320 -2.22 38.33 -30.25
N GLN D 321 -1.83 38.08 -31.49
CA GLN D 321 -1.54 36.70 -31.89
C GLN D 321 -0.22 36.20 -31.28
N ILE D 322 0.81 37.05 -31.27
CA ILE D 322 2.10 36.62 -30.77
C ILE D 322 2.06 36.38 -29.26
N SER D 323 1.21 37.11 -28.53
CA SER D 323 1.09 36.86 -27.10
C SER D 323 0.59 35.44 -26.84
N TRP D 324 -0.44 35.02 -27.57
CA TRP D 324 -0.94 33.67 -27.41
C TRP D 324 0.07 32.64 -27.87
N LEU D 325 0.79 32.92 -28.96
CA LEU D 325 1.82 31.99 -29.43
C LEU D 325 2.89 31.79 -28.37
N LEU D 326 3.37 32.89 -27.77
CA LEU D 326 4.38 32.80 -26.74
C LEU D 326 3.86 32.09 -25.50
N PHE D 327 2.61 32.35 -25.12
CA PHE D 327 2.03 31.66 -23.97
C PHE D 327 1.97 30.15 -24.22
N THR D 328 1.53 29.75 -25.41
CA THR D 328 1.47 28.33 -25.73
C THR D 328 2.84 27.69 -25.71
N THR D 329 3.84 28.36 -26.30
CA THR D 329 5.19 27.79 -26.32
C THR D 329 5.75 27.68 -24.90
N ASP D 330 5.54 28.69 -24.06
CA ASP D 330 6.03 28.63 -22.69
C ASP D 330 5.35 27.52 -21.92
N SER D 331 4.03 27.35 -22.10
CA SER D 331 3.32 26.28 -21.41
C SER D 331 3.84 24.92 -21.85
N ARG D 332 4.08 24.74 -23.15
CA ARG D 332 4.61 23.46 -23.63
C ARG D 332 6.01 23.21 -23.08
N LEU D 333 6.85 24.25 -23.02
CA LEU D 333 8.19 24.09 -22.49
C LEU D 333 8.16 23.76 -21.01
N ASN D 334 7.19 24.30 -20.27
CA ASN D 334 7.11 24.04 -18.83
C ASN D 334 6.87 22.56 -18.53
N ASN D 335 6.43 21.78 -19.50
CA ASN D 335 6.18 20.36 -19.31
C ASN D 335 7.43 19.50 -19.52
N GLY D 336 8.55 20.10 -19.90
CA GLY D 336 9.78 19.35 -20.12
C GLY D 336 9.85 18.75 -21.51
N THR D 337 9.69 19.60 -22.52
CA THR D 337 9.66 19.16 -23.91
C THR D 337 10.98 19.46 -24.61
N ASN D 338 11.14 18.88 -25.80
CA ASN D 338 12.32 19.12 -26.60
C ASN D 338 12.40 20.59 -27.00
N GLU D 339 13.50 21.25 -26.64
CA GLU D 339 13.61 22.69 -26.87
C GLU D 339 13.73 23.00 -28.36
N HIS D 340 14.47 22.20 -29.12
CA HIS D 340 14.67 22.47 -30.53
C HIS D 340 13.34 22.51 -31.28
N ILE D 341 12.51 21.48 -31.10
CA ILE D 341 11.25 21.39 -31.84
C ILE D 341 10.34 22.55 -31.47
N GLN D 342 10.21 22.83 -30.17
CA GLN D 342 9.32 23.90 -29.73
C GLN D 342 9.78 25.26 -30.24
N LEU D 343 11.08 25.52 -30.17
CA LEU D 343 11.58 26.80 -30.66
C LEU D 343 11.36 26.94 -32.16
N LEU D 344 11.62 25.88 -32.92
CA LEU D 344 11.40 25.95 -34.37
C LEU D 344 9.94 26.20 -34.69
N ASN D 345 9.03 25.51 -33.98
CA ASN D 345 7.61 25.71 -34.22
C ASN D 345 7.20 27.13 -33.90
N LEU D 346 7.67 27.67 -32.78
CA LEU D 346 7.32 29.04 -32.40
C LEU D 346 7.82 30.03 -33.45
N LEU D 347 9.08 29.86 -33.90
CA LEU D 347 9.63 30.79 -34.87
C LEU D 347 8.88 30.72 -36.20
N VAL D 348 8.54 29.51 -36.65
CA VAL D 348 7.79 29.38 -37.89
C VAL D 348 6.42 30.04 -37.77
N LYS D 349 5.73 29.79 -36.65
CA LYS D 349 4.40 30.38 -36.47
C LYS D 349 4.46 31.90 -36.43
N ILE D 350 5.48 32.45 -35.76
CA ILE D 350 5.64 33.91 -35.76
C ILE D 350 5.91 34.40 -37.18
N SER D 351 6.76 33.70 -37.92
CA SER D 351 7.07 34.10 -39.29
C SER D 351 5.85 34.09 -40.18
N GLN D 352 4.86 33.23 -39.90
CA GLN D 352 3.65 33.18 -40.69
C GLN D 352 2.59 34.18 -40.24
N LEU D 353 2.87 34.99 -39.22
CA LEU D 353 1.93 36.02 -38.79
C LEU D 353 1.92 37.18 -39.78
N MET E 1 43.03 -1.97 -28.63
CA MET E 1 43.21 -0.98 -27.53
C MET E 1 41.91 -0.23 -27.28
N SER E 2 41.94 0.73 -26.36
CA SER E 2 40.78 1.56 -26.10
C SER E 2 40.45 2.40 -27.32
N LEU E 3 39.16 2.70 -27.48
CA LEU E 3 38.72 3.51 -28.61
C LEU E 3 39.35 4.89 -28.56
N TRP E 4 39.62 5.44 -29.74
CA TRP E 4 40.30 6.73 -29.82
C TRP E 4 39.52 7.83 -29.11
N VAL E 5 38.19 7.68 -29.03
CA VAL E 5 37.38 8.65 -28.30
C VAL E 5 37.74 8.63 -26.82
N ASP E 6 38.06 7.46 -26.27
CA ASP E 6 38.40 7.33 -24.86
C ASP E 6 39.89 7.47 -24.60
N LYS E 7 40.75 7.03 -25.52
CA LYS E 7 42.18 7.03 -25.27
C LYS E 7 42.74 8.44 -25.18
N TYR E 8 42.17 9.39 -25.92
CA TYR E 8 42.68 10.75 -25.99
C TYR E 8 41.79 11.75 -25.27
N ARG E 9 40.97 11.29 -24.34
CA ARG E 9 40.11 12.20 -23.59
C ARG E 9 40.96 13.04 -22.63
N PRO E 10 40.84 14.36 -22.64
CA PRO E 10 41.64 15.18 -21.73
C PRO E 10 41.35 14.86 -20.27
N LYS E 11 42.39 14.97 -19.44
CA LYS E 11 42.30 14.64 -18.02
C LYS E 11 42.54 15.85 -17.13
N SER E 12 42.63 17.06 -17.69
CA SER E 12 42.87 18.25 -16.89
C SER E 12 42.28 19.46 -17.60
N LEU E 13 42.09 20.54 -16.84
CA LEU E 13 41.56 21.76 -17.42
C LEU E 13 42.49 22.33 -18.48
N ASN E 14 43.80 22.28 -18.21
CA ASN E 14 44.79 22.77 -19.18
C ASN E 14 44.87 21.90 -20.43
N ALA E 15 44.29 20.70 -20.40
CA ALA E 15 44.30 19.81 -21.56
C ALA E 15 43.11 20.03 -22.49
N LEU E 16 42.14 20.86 -22.10
CA LEU E 16 41.01 21.16 -22.95
C LEU E 16 41.46 21.97 -24.16
N SER E 17 40.82 21.72 -25.30
CA SER E 17 41.24 22.33 -26.57
C SER E 17 40.12 23.09 -27.28
N HIS E 18 38.95 23.25 -26.65
CA HIS E 18 37.88 24.03 -27.27
C HIS E 18 37.08 24.72 -26.18
N ASN E 19 36.42 25.81 -26.57
CA ASN E 19 35.63 26.65 -25.67
C ASN E 19 36.52 27.21 -24.55
N GLU E 20 37.46 28.05 -24.96
CA GLU E 20 38.45 28.59 -24.03
C GLU E 20 37.79 29.45 -22.95
N GLU E 21 36.73 30.18 -23.30
CA GLU E 21 36.05 31.01 -22.31
C GLU E 21 35.48 30.15 -21.19
N LEU E 22 34.88 29.01 -21.53
CA LEU E 22 34.38 28.10 -20.51
C LEU E 22 35.51 27.58 -19.64
N THR E 23 36.66 27.29 -20.25
CA THR E 23 37.82 26.85 -19.48
C THR E 23 38.26 27.91 -18.48
N ASN E 24 38.30 29.18 -18.92
CA ASN E 24 38.67 30.26 -18.01
C ASN E 24 37.66 30.40 -16.87
N PHE E 25 36.37 30.28 -17.18
CA PHE E 25 35.36 30.36 -16.14
C PHE E 25 35.51 29.22 -15.13
N LEU E 26 35.77 28.01 -15.62
CA LEU E 26 35.96 26.88 -14.71
C LEU E 26 37.20 27.06 -13.85
N LYS E 27 38.28 27.58 -14.44
CA LYS E 27 39.49 27.86 -13.66
C LYS E 27 39.20 28.91 -12.59
N SER E 28 38.41 29.92 -12.92
CA SER E 28 38.01 30.90 -11.91
C SER E 28 37.21 30.24 -10.80
N LEU E 29 36.32 29.32 -11.16
CA LEU E 29 35.55 28.61 -10.14
C LEU E 29 36.45 27.79 -9.22
N SER E 30 37.46 27.13 -9.79
CA SER E 30 38.34 26.26 -9.02
C SER E 30 39.42 27.01 -8.25
N ASP E 31 39.54 28.33 -8.45
CA ASP E 31 40.58 29.08 -7.75
C ASP E 31 40.37 29.05 -6.25
N GLN E 32 39.13 29.22 -5.79
CA GLN E 32 38.78 29.22 -4.37
C GLN E 32 37.62 28.25 -4.17
N PRO E 33 37.89 26.95 -4.18
CA PRO E 33 36.80 25.96 -4.15
C PRO E 33 36.11 25.82 -2.81
N ARG E 34 36.54 26.52 -1.77
CA ARG E 34 35.94 26.33 -0.45
C ARG E 34 34.47 26.72 -0.45
N ASP E 35 34.13 27.85 -1.08
CA ASP E 35 32.78 28.35 -1.13
C ASP E 35 32.08 28.05 -2.46
N LEU E 36 32.50 26.99 -3.14
CA LEU E 36 31.92 26.65 -4.43
C LEU E 36 30.44 26.28 -4.24
N PRO E 37 29.52 26.88 -4.98
CA PRO E 37 28.12 26.49 -4.89
C PRO E 37 27.83 25.26 -5.73
N HIS E 38 26.58 24.80 -5.65
CA HIS E 38 26.16 23.67 -6.47
C HIS E 38 26.14 24.07 -7.95
N LEU E 39 26.56 23.15 -8.80
CA LEU E 39 26.73 23.42 -10.23
C LEU E 39 25.75 22.61 -11.06
N LEU E 40 25.24 23.22 -12.12
CA LEU E 40 24.39 22.53 -13.09
C LEU E 40 24.91 22.89 -14.49
N LEU E 41 25.57 21.95 -15.14
CA LEU E 41 26.12 22.14 -16.48
C LEU E 41 25.11 21.64 -17.49
N TYR E 42 24.64 22.54 -18.36
CA TYR E 42 23.67 22.19 -19.38
C TYR E 42 24.26 22.44 -20.76
N GLY E 43 24.03 21.51 -21.68
CA GLY E 43 24.49 21.68 -23.04
C GLY E 43 24.18 20.53 -23.96
N PRO E 44 24.46 20.70 -25.26
CA PRO E 44 24.18 19.63 -26.22
C PRO E 44 24.97 18.37 -25.91
N ASN E 45 24.39 17.22 -26.27
CA ASN E 45 25.01 15.94 -25.99
C ASN E 45 26.34 15.80 -26.73
N GLY E 46 27.25 15.05 -26.12
CA GLY E 46 28.54 14.78 -26.75
C GLY E 46 29.40 15.99 -26.98
N THR E 47 29.35 16.96 -26.07
CA THR E 47 30.13 18.18 -26.20
C THR E 47 31.36 18.20 -25.31
N GLY E 48 31.33 17.49 -24.18
CA GLY E 48 32.45 17.49 -23.25
C GLY E 48 32.06 17.97 -21.87
N LYS E 49 30.78 17.82 -21.51
CA LYS E 49 30.32 18.27 -20.20
C LYS E 49 30.91 17.40 -19.09
N LYS E 50 30.83 16.07 -19.23
CA LYS E 50 31.39 15.19 -18.21
C LYS E 50 32.90 15.33 -18.15
N THR E 51 33.55 15.49 -19.31
CA THR E 51 35.00 15.70 -19.32
C THR E 51 35.37 16.96 -18.53
N ARG E 52 34.63 18.04 -18.73
CA ARG E 52 34.92 19.28 -18.02
C ARG E 52 34.62 19.15 -16.54
N CYS E 53 33.56 18.43 -16.18
CA CYS E 53 33.26 18.19 -14.77
C CYS E 53 34.41 17.43 -14.10
N MET E 54 34.89 16.39 -14.75
CA MET E 54 36.01 15.62 -14.20
C MET E 54 37.27 16.47 -14.11
N ALA E 55 37.51 17.31 -15.12
CA ALA E 55 38.68 18.19 -15.08
C ALA E 55 38.59 19.18 -13.92
N LEU E 56 37.40 19.74 -13.69
CA LEU E 56 37.21 20.65 -12.57
C LEU E 56 37.44 19.92 -11.25
N LEU E 57 36.93 18.70 -11.12
CA LEU E 57 37.16 17.93 -9.90
C LEU E 57 38.65 17.67 -9.70
N GLU E 58 39.36 17.33 -10.77
CA GLU E 58 40.80 17.12 -10.67
C GLU E 58 41.51 18.39 -10.22
N SER E 59 41.10 19.53 -10.76
CA SER E 59 41.71 20.80 -10.37
C SER E 59 41.46 21.09 -8.89
N ILE E 60 40.23 20.83 -8.41
CA ILE E 60 39.90 21.13 -7.03
C ILE E 60 40.64 20.20 -6.08
N PHE E 61 40.62 18.90 -6.36
CA PHE E 61 41.17 17.89 -5.47
C PHE E 61 42.53 17.37 -5.93
N GLY E 62 42.61 16.85 -7.15
CA GLY E 62 43.84 16.31 -7.67
C GLY E 62 43.62 15.15 -8.60
N PRO E 63 44.71 14.55 -9.11
CA PRO E 63 44.56 13.43 -10.06
C PRO E 63 43.80 12.25 -9.49
N GLY E 64 43.85 12.04 -8.17
CA GLY E 64 43.17 10.91 -7.56
C GLY E 64 41.70 10.79 -7.90
N VAL E 65 41.09 11.87 -8.42
CA VAL E 65 39.68 11.80 -8.78
C VAL E 65 39.44 10.76 -9.88
N TYR E 66 40.47 10.47 -10.67
CA TYR E 66 40.33 9.54 -11.78
C TYR E 66 40.50 8.08 -11.37
N ARG E 67 40.81 7.80 -10.11
CA ARG E 67 40.86 6.43 -9.61
C ARG E 67 39.45 6.03 -9.20
N LEU E 68 38.71 5.46 -10.15
CA LEU E 68 37.30 5.19 -9.98
C LEU E 68 37.07 3.72 -9.68
N LYS E 69 36.17 3.45 -8.74
CA LYS E 69 35.73 2.10 -8.41
C LYS E 69 34.21 2.03 -8.50
N ILE E 70 33.69 0.82 -8.63
CA ILE E 70 32.26 0.59 -8.75
C ILE E 70 31.81 -0.29 -7.60
N ASP E 71 30.83 0.17 -6.84
CA ASP E 71 30.21 -0.58 -5.76
C ASP E 71 28.72 -0.75 -6.05
N VAL E 72 28.08 -1.59 -5.25
CA VAL E 72 26.67 -1.90 -5.39
C VAL E 72 25.98 -1.60 -4.07
N ARG E 73 24.85 -0.89 -4.14
CA ARG E 73 24.07 -0.52 -2.96
C ARG E 73 22.68 -1.13 -3.04
N GLN E 74 22.16 -1.52 -1.88
CA GLN E 74 20.86 -2.17 -1.78
C GLN E 74 19.81 -1.16 -1.33
N PHE E 75 18.61 -1.28 -1.88
CA PHE E 75 17.49 -0.45 -1.47
C PHE E 75 16.24 -1.32 -1.36
N VAL E 76 15.36 -0.95 -0.43
CA VAL E 76 14.12 -1.67 -0.19
C VAL E 76 12.96 -0.69 -0.31
N THR E 77 11.94 -1.07 -1.08
CA THR E 77 10.78 -0.23 -1.28
C THR E 77 9.72 -0.53 -0.21
N ALA E 78 8.61 0.19 -0.28
CA ALA E 78 7.52 -0.04 0.67
C ALA E 78 6.95 -1.44 0.52
N SER E 79 7.07 -2.04 -0.67
CA SER E 79 6.60 -3.39 -0.91
C SER E 79 7.68 -4.44 -0.74
N ASN E 80 8.76 -4.10 -0.02
CA ASN E 80 9.87 -5.03 0.21
C ASN E 80 10.45 -5.52 -1.11
N ARG E 81 10.65 -4.59 -2.04
CA ARG E 81 11.25 -4.88 -3.33
C ARG E 81 12.73 -4.52 -3.28
N LYS E 82 13.59 -5.51 -3.53
CA LYS E 82 15.02 -5.28 -3.48
C LYS E 82 15.52 -4.69 -4.79
N LEU E 83 16.21 -3.56 -4.69
CA LEU E 83 16.72 -2.84 -5.84
C LEU E 83 18.21 -2.62 -5.70
N GLU E 84 18.94 -2.75 -6.80
CA GLU E 84 20.38 -2.59 -6.84
C GLU E 84 20.74 -1.29 -7.52
N LEU E 85 21.69 -0.56 -6.94
CA LEU E 85 22.19 0.68 -7.52
C LEU E 85 23.70 0.58 -7.70
N ASN E 86 24.17 0.81 -8.91
CA ASN E 86 25.60 0.83 -9.21
C ASN E 86 26.13 2.24 -8.96
N VAL E 87 27.09 2.35 -8.04
CA VAL E 87 27.64 3.63 -7.63
C VAL E 87 29.11 3.68 -8.05
N VAL E 88 29.46 4.71 -8.81
CA VAL E 88 30.84 4.96 -9.19
C VAL E 88 31.42 5.94 -8.18
N SER E 89 32.45 5.53 -7.47
CA SER E 89 32.99 6.29 -6.35
C SER E 89 34.48 6.52 -6.54
N SER E 90 34.95 7.59 -5.92
CA SER E 90 36.35 7.99 -5.90
C SER E 90 36.68 8.39 -4.47
N PRO E 91 37.96 8.40 -4.10
CA PRO E 91 38.32 8.88 -2.75
C PRO E 91 37.82 10.28 -2.46
N TYR E 92 37.48 11.07 -3.48
CA TYR E 92 37.05 12.45 -3.27
C TYR E 92 35.63 12.74 -3.75
N HIS E 93 35.02 11.87 -4.55
CA HIS E 93 33.70 12.16 -5.09
C HIS E 93 32.95 10.87 -5.38
N LEU E 94 31.63 11.00 -5.48
CA LEU E 94 30.74 9.91 -5.84
C LEU E 94 29.99 10.28 -7.12
N GLU E 95 29.57 9.25 -7.85
CA GLU E 95 28.80 9.40 -9.08
C GLU E 95 27.57 8.52 -9.01
N ILE E 96 26.40 9.09 -9.30
CA ILE E 96 25.15 8.35 -9.25
C ILE E 96 24.27 8.76 -10.43
N THR E 97 23.48 7.81 -10.92
CA THR E 97 22.51 8.03 -11.99
C THR E 97 21.16 7.51 -11.49
N PRO E 98 20.45 8.31 -10.70
CA PRO E 98 19.22 7.80 -10.07
C PRO E 98 18.15 7.36 -11.06
N SER E 99 18.20 7.85 -12.31
CA SER E 99 17.23 7.44 -13.30
C SER E 99 17.27 5.94 -13.55
N ASP E 100 18.38 5.28 -13.20
CA ASP E 100 18.45 3.83 -13.33
C ASP E 100 17.40 3.13 -12.48
N MET E 101 16.90 3.78 -11.44
CA MET E 101 15.84 3.24 -10.60
C MET E 101 14.44 3.67 -11.04
N GLY E 102 14.35 4.42 -12.14
CA GLY E 102 13.04 4.82 -12.63
C GLY E 102 12.27 5.59 -11.59
N ASN E 103 11.00 5.22 -11.40
CA ASN E 103 10.15 5.91 -10.44
C ASN E 103 10.66 5.78 -9.01
N ASN E 104 11.56 4.84 -8.76
CA ASN E 104 12.14 4.67 -7.43
C ASN E 104 13.35 5.56 -7.19
N ASP E 105 13.71 6.41 -8.16
CA ASP E 105 14.86 7.28 -7.98
C ASP E 105 14.75 8.11 -6.70
N ARG E 106 13.52 8.47 -6.31
CA ARG E 106 13.33 9.22 -5.08
C ARG E 106 14.04 8.56 -3.91
N ILE E 107 13.93 7.23 -3.80
CA ILE E 107 14.55 6.52 -2.70
C ILE E 107 16.04 6.83 -2.65
N VAL E 108 16.71 6.78 -3.80
CA VAL E 108 18.14 7.06 -3.84
C VAL E 108 18.41 8.46 -3.29
N ILE E 109 17.56 9.42 -3.63
CA ILE E 109 17.72 10.77 -3.10
C ILE E 109 17.40 10.80 -1.61
N GLN E 110 16.38 10.05 -1.18
CA GLN E 110 15.92 10.16 0.20
C GLN E 110 16.85 9.46 1.18
N GLU E 111 17.49 8.36 0.77
CA GLU E 111 18.32 7.57 1.67
C GLU E 111 19.81 7.66 1.37
N LEU E 112 20.22 7.34 0.15
CA LEU E 112 21.65 7.33 -0.17
C LEU E 112 22.24 8.73 -0.03
N LEU E 113 21.79 9.66 -0.87
CA LEU E 113 22.35 11.01 -0.86
C LEU E 113 22.27 11.62 0.54
N LYS E 114 21.09 11.56 1.16
CA LYS E 114 20.94 12.07 2.52
C LYS E 114 21.97 11.44 3.45
N GLU E 115 22.17 10.12 3.36
CA GLU E 115 23.15 9.47 4.21
C GLU E 115 24.54 10.07 4.00
N VAL E 116 24.90 10.35 2.75
CA VAL E 116 26.18 11.00 2.49
C VAL E 116 26.16 12.43 3.00
N ALA E 117 25.01 13.11 2.86
CA ALA E 117 24.93 14.51 3.28
C ALA E 117 25.09 14.66 4.79
N GLN E 118 24.46 13.78 5.57
CA GLN E 118 24.55 13.85 7.02
C GLN E 118 25.93 13.49 7.55
N MET E 119 26.75 12.77 6.78
CA MET E 119 28.03 12.29 7.27
C MET E 119 29.10 13.35 7.03
N GLU E 120 29.68 13.86 8.11
CA GLU E 120 30.74 14.86 7.99
C GLU E 120 32.06 14.19 7.62
N GLN E 121 32.85 14.88 6.82
CA GLN E 121 34.15 14.35 6.40
C GLN E 121 35.14 14.45 7.55
N VAL E 122 35.86 13.35 7.80
CA VAL E 122 36.85 13.29 8.88
C VAL E 122 38.18 12.80 8.34
N ASP E 123 38.40 12.97 7.03
CA ASP E 123 39.63 12.56 6.38
C ASP E 123 40.49 13.79 6.10
N PHE E 124 41.73 13.76 6.59
CA PHE E 124 42.65 14.89 6.45
C PHE E 124 43.19 14.91 5.02
N GLN E 125 42.39 15.50 4.13
CA GLN E 125 42.76 15.64 2.73
C GLN E 125 43.29 17.06 2.51
N ASP E 126 44.58 17.23 2.80
CA ASP E 126 45.20 18.54 2.70
C ASP E 126 45.05 19.09 1.29
N SER E 127 44.66 20.36 1.20
CA SER E 127 44.44 21.04 -0.06
C SER E 127 45.59 22.01 -0.35
N LYS E 128 45.46 22.75 -1.45
CA LYS E 128 46.50 23.71 -1.83
C LYS E 128 46.63 24.80 -0.78
N ASP E 129 45.51 25.29 -0.24
CA ASP E 129 45.54 26.35 0.76
C ASP E 129 46.19 25.90 2.07
N GLY E 130 46.38 24.60 2.27
CA GLY E 130 46.97 24.07 3.48
C GLY E 130 45.96 23.46 4.45
N LEU E 131 44.68 23.76 4.28
CA LEU E 131 43.63 23.20 5.11
C LEU E 131 42.96 22.03 4.41
N ALA E 132 42.54 21.05 5.20
CA ALA E 132 41.95 19.84 4.65
C ALA E 132 40.61 20.15 3.97
N HIS E 133 40.30 19.38 2.94
CA HIS E 133 39.03 19.53 2.24
C HIS E 133 37.87 19.25 3.20
N ARG E 134 36.79 20.00 3.04
CA ARG E 134 35.66 19.93 3.96
C ARG E 134 34.43 19.24 3.39
N TYR E 135 34.24 19.25 2.08
CA TYR E 135 33.03 18.71 1.47
C TYR E 135 33.37 17.61 0.48
N LYS E 136 32.38 16.74 0.23
CA LYS E 136 32.48 15.64 -0.70
C LYS E 136 31.55 15.88 -1.88
N CYS E 137 32.10 15.77 -3.10
CA CYS E 137 31.33 16.07 -4.29
C CYS E 137 30.51 14.86 -4.73
N VAL E 138 29.28 15.13 -5.17
CA VAL E 138 28.39 14.11 -5.71
C VAL E 138 27.94 14.57 -7.09
N ILE E 139 28.12 13.71 -8.08
CA ILE E 139 27.71 13.98 -9.45
C ILE E 139 26.43 13.20 -9.73
N ILE E 140 25.45 13.88 -10.30
CA ILE E 140 24.17 13.26 -10.69
C ILE E 140 24.09 13.35 -12.21
N ASN E 141 24.29 12.22 -12.87
CA ASN E 141 24.21 12.18 -14.34
C ASN E 141 22.75 12.04 -14.78
N GLU E 142 22.46 12.60 -15.95
CA GLU E 142 21.11 12.58 -16.51
C GLU E 142 20.11 13.17 -15.51
N ALA E 143 20.48 14.30 -14.92
CA ALA E 143 19.62 14.94 -13.93
C ALA E 143 18.28 15.36 -14.54
N ASN E 144 18.24 15.57 -15.85
CA ASN E 144 16.99 15.93 -16.51
C ASN E 144 15.99 14.79 -16.51
N SER E 145 16.43 13.56 -16.27
CA SER E 145 15.55 12.40 -16.23
C SER E 145 14.96 12.13 -14.86
N LEU E 146 15.34 12.91 -13.85
CA LEU E 146 14.80 12.71 -12.51
C LEU E 146 13.32 13.04 -12.46
N THR E 147 12.57 12.27 -11.68
CA THR E 147 11.16 12.56 -11.47
C THR E 147 11.02 13.80 -10.60
N LYS E 148 9.84 14.44 -10.71
CA LYS E 148 9.61 15.68 -9.99
C LYS E 148 9.71 15.48 -8.48
N ASP E 149 9.28 14.32 -7.99
CA ASP E 149 9.34 14.06 -6.55
C ASP E 149 10.78 13.97 -6.06
N ALA E 150 11.65 13.31 -6.83
CA ALA E 150 13.06 13.26 -6.46
C ALA E 150 13.69 14.64 -6.44
N GLN E 151 13.35 15.46 -7.44
CA GLN E 151 13.85 16.84 -7.47
C GLN E 151 13.37 17.61 -6.25
N ALA E 152 12.11 17.42 -5.87
CA ALA E 152 11.60 18.07 -4.66
C ALA E 152 12.36 17.61 -3.42
N ALA E 153 12.66 16.31 -3.35
CA ALA E 153 13.43 15.80 -2.21
C ALA E 153 14.83 16.39 -2.18
N LEU E 154 15.38 16.73 -3.34
CA LEU E 154 16.74 17.28 -3.39
C LEU E 154 16.86 18.65 -2.74
N ARG E 155 15.76 19.39 -2.60
CA ARG E 155 15.84 20.81 -2.25
C ARG E 155 16.46 21.01 -0.87
N ARG E 156 15.79 20.53 0.18
CA ARG E 156 16.29 20.76 1.52
C ARG E 156 17.58 19.98 1.78
N THR E 157 17.78 18.88 1.06
CA THR E 157 19.05 18.17 1.17
C THR E 157 20.20 19.06 0.69
N MET E 158 19.99 19.78 -0.41
CA MET E 158 20.99 20.72 -0.89
C MET E 158 21.18 21.88 0.09
N GLU E 159 20.06 22.42 0.61
CA GLU E 159 20.16 23.62 1.43
C GLU E 159 20.80 23.34 2.79
N LYS E 160 20.36 22.28 3.46
CA LYS E 160 20.77 22.07 4.84
C LYS E 160 22.24 21.62 4.95
N TYR E 161 22.65 20.70 4.08
CA TYR E 161 23.96 20.06 4.20
C TYR E 161 24.95 20.56 3.15
N SER E 162 24.91 21.85 2.84
CA SER E 162 25.85 22.41 1.86
C SER E 162 27.28 22.34 2.38
N LYS E 163 27.49 22.38 3.69
CA LYS E 163 28.83 22.34 4.24
C LYS E 163 29.48 20.98 4.08
N ASN E 164 28.71 19.91 3.93
CA ASN E 164 29.25 18.56 3.84
C ASN E 164 29.37 18.06 2.42
N ILE E 165 28.46 18.45 1.52
CA ILE E 165 28.47 17.97 0.15
C ILE E 165 28.18 19.13 -0.81
N ARG E 166 28.61 18.96 -2.05
CA ARG E 166 28.32 19.87 -3.14
C ARG E 166 27.91 19.06 -4.35
N LEU E 167 26.82 19.46 -5.00
CA LEU E 167 26.24 18.70 -6.10
C LEU E 167 26.68 19.27 -7.44
N ILE E 168 27.02 18.38 -8.36
CA ILE E 168 27.31 18.73 -9.75
C ILE E 168 26.36 17.91 -10.61
N MET E 169 25.44 18.59 -11.30
CA MET E 169 24.48 17.95 -12.17
C MET E 169 24.82 18.28 -13.62
N VAL E 170 24.56 17.34 -14.52
CA VAL E 170 24.85 17.49 -15.94
C VAL E 170 23.59 17.14 -16.72
N CYS E 171 23.22 17.99 -17.67
CA CYS E 171 22.00 17.78 -18.44
C CYS E 171 22.15 18.25 -19.87
N ASP E 172 21.39 17.60 -20.76
CA ASP E 172 21.31 18.05 -22.14
C ASP E 172 20.41 19.27 -22.26
N SER E 173 19.33 19.31 -21.48
CA SER E 173 18.41 20.44 -21.47
C SER E 173 17.91 20.66 -20.05
N MET E 174 17.57 21.91 -19.74
CA MET E 174 17.06 22.29 -18.44
C MET E 174 15.53 22.33 -18.38
N SER E 175 14.85 22.07 -19.49
CA SER E 175 13.40 22.15 -19.50
C SER E 175 12.74 21.23 -18.48
N PRO E 176 13.19 19.97 -18.29
CA PRO E 176 12.54 19.11 -17.29
C PRO E 176 12.93 19.42 -15.85
N ILE E 177 13.87 20.32 -15.62
CA ILE E 177 14.30 20.65 -14.26
C ILE E 177 13.32 21.63 -13.65
N ILE E 178 12.86 21.33 -12.43
CA ILE E 178 11.90 22.21 -11.76
C ILE E 178 12.59 23.52 -11.37
N ALA E 179 11.79 24.58 -11.26
CA ALA E 179 12.33 25.89 -10.93
C ALA E 179 13.09 25.92 -9.61
N PRO E 180 12.61 25.29 -8.53
CA PRO E 180 13.38 25.34 -7.28
C PRO E 180 14.79 24.79 -7.42
N ILE E 181 15.00 23.75 -8.22
CA ILE E 181 16.33 23.18 -8.37
C ILE E 181 17.23 24.13 -9.16
N LYS E 182 16.72 24.70 -10.25
CA LYS E 182 17.51 25.66 -11.01
C LYS E 182 17.87 26.86 -10.16
N SER E 183 16.96 27.28 -9.28
CA SER E 183 17.24 28.40 -8.39
C SER E 183 18.39 28.08 -7.43
N ARG E 184 18.55 26.81 -7.08
CA ARG E 184 19.54 26.39 -6.10
C ARG E 184 20.90 26.08 -6.70
N CYS E 185 21.06 26.20 -8.02
CA CYS E 185 22.28 25.79 -8.69
C CYS E 185 22.86 26.94 -9.50
N LEU E 186 24.18 26.94 -9.63
CA LEU E 186 24.87 27.83 -10.56
C LEU E 186 24.83 27.20 -11.95
N LEU E 187 24.15 27.85 -12.89
CA LEU E 187 23.95 27.30 -14.23
C LEU E 187 25.14 27.63 -15.11
N ILE E 188 25.65 26.61 -15.81
CA ILE E 188 26.82 26.76 -16.67
C ILE E 188 26.47 26.22 -18.04
N ARG E 189 26.51 27.09 -19.04
CA ARG E 189 26.25 26.69 -20.42
C ARG E 189 27.50 26.08 -21.03
N CYS E 190 27.33 24.97 -21.75
CA CYS E 190 28.43 24.26 -22.39
C CYS E 190 28.20 24.23 -23.89
N PRO E 191 28.68 25.24 -24.63
CA PRO E 191 28.46 25.26 -26.07
C PRO E 191 29.20 24.15 -26.78
N ALA E 192 28.64 23.71 -27.90
CA ALA E 192 29.27 22.68 -28.72
C ALA E 192 30.51 23.25 -29.40
N PRO E 193 31.52 22.42 -29.64
CA PRO E 193 32.72 22.90 -30.33
C PRO E 193 32.43 23.30 -31.77
N SER E 194 33.21 24.26 -32.25
CA SER E 194 33.08 24.68 -33.64
C SER E 194 33.67 23.62 -34.57
N ASP E 195 33.37 23.76 -35.86
CA ASP E 195 33.87 22.80 -36.84
C ASP E 195 35.38 22.80 -36.90
N SER E 196 36.00 23.98 -36.81
CA SER E 196 37.45 24.06 -36.85
C SER E 196 38.08 23.32 -35.68
N GLU E 197 37.53 23.50 -34.47
CA GLU E 197 38.06 22.81 -33.31
C GLU E 197 37.92 21.30 -33.43
N ILE E 198 36.77 20.85 -33.93
CA ILE E 198 36.56 19.41 -34.14
C ILE E 198 37.57 18.89 -35.15
N SER E 199 37.80 19.64 -36.23
CA SER E 199 38.79 19.21 -37.23
C SER E 199 40.18 19.14 -36.62
N THR E 200 40.53 20.11 -35.77
CA THR E 200 41.84 20.08 -35.12
C THR E 200 41.98 18.85 -34.23
N ILE E 201 40.94 18.53 -33.46
CA ILE E 201 41.00 17.35 -32.60
C ILE E 201 41.14 16.08 -33.44
N LEU E 202 40.37 16.00 -34.53
CA LEU E 202 40.43 14.82 -35.39
C LEU E 202 41.81 14.68 -36.03
N SER E 203 42.40 15.80 -36.47
CA SER E 203 43.73 15.75 -37.06
C SER E 203 44.77 15.33 -36.03
N ASP E 204 44.63 15.81 -34.78
CA ASP E 204 45.54 15.36 -33.73
C ASP E 204 45.43 13.86 -33.52
N VAL E 205 44.20 13.34 -33.48
CA VAL E 205 44.02 11.89 -33.34
C VAL E 205 44.63 11.16 -34.52
N VAL E 206 44.46 11.69 -35.72
CA VAL E 206 44.96 11.04 -36.92
C VAL E 206 46.49 10.96 -36.87
N THR E 207 47.14 12.06 -36.52
CA THR E 207 48.61 12.07 -36.48
C THR E 207 49.12 11.21 -35.33
N ASN E 208 48.39 11.13 -34.22
CA ASN E 208 48.80 10.26 -33.13
C ASN E 208 48.65 8.79 -33.48
N GLU E 209 47.64 8.45 -34.28
CA GLU E 209 47.38 7.06 -34.66
C GLU E 209 48.01 6.67 -35.98
N ARG E 210 48.74 7.58 -36.63
CA ARG E 210 49.41 7.30 -37.89
C ARG E 210 48.42 6.75 -38.92
N ILE E 211 47.43 7.57 -39.24
CA ILE E 211 46.40 7.23 -40.21
C ILE E 211 46.65 8.01 -41.48
N GLN E 212 46.67 7.31 -42.62
CA GLN E 212 46.90 7.97 -43.89
C GLN E 212 45.68 8.84 -44.24
N LEU E 213 45.95 10.10 -44.57
CA LEU E 213 44.91 11.06 -44.91
C LEU E 213 45.24 11.69 -46.26
N GLU E 214 44.32 11.60 -47.21
CA GLU E 214 44.55 12.20 -48.51
C GLU E 214 44.50 13.73 -48.43
N THR E 215 43.48 14.27 -47.76
CA THR E 215 43.36 15.70 -47.57
C THR E 215 42.73 15.96 -46.21
N LYS E 216 42.74 17.23 -45.80
CA LYS E 216 42.10 17.65 -44.57
C LYS E 216 40.60 17.88 -44.73
N ASP E 217 40.08 17.75 -45.95
CA ASP E 217 38.65 17.97 -46.16
C ASP E 217 37.81 16.85 -45.55
N ILE E 218 38.37 15.65 -45.42
CA ILE E 218 37.61 14.54 -44.85
C ILE E 218 37.26 14.83 -43.39
N LEU E 219 38.21 15.41 -42.65
CA LEU E 219 37.93 15.77 -41.26
C LEU E 219 36.83 16.84 -41.19
N LYS E 220 36.87 17.81 -42.10
CA LYS E 220 35.82 18.82 -42.13
C LYS E 220 34.47 18.20 -42.42
N ARG E 221 34.42 17.26 -43.37
CA ARG E 221 33.15 16.60 -43.68
C ARG E 221 32.65 15.80 -42.48
N ILE E 222 33.55 15.11 -41.77
CA ILE E 222 33.15 14.36 -40.59
C ILE E 222 32.59 15.31 -39.53
N ALA E 223 33.27 16.43 -39.31
CA ALA E 223 32.78 17.39 -38.33
C ALA E 223 31.42 17.93 -38.72
N GLN E 224 31.21 18.24 -40.00
CA GLN E 224 29.93 18.74 -40.45
C GLN E 224 28.84 17.70 -40.25
N ALA E 225 29.13 16.43 -40.56
CA ALA E 225 28.14 15.38 -40.41
C ALA E 225 27.82 15.11 -38.94
N SER E 226 28.78 15.34 -38.04
CA SER E 226 28.55 15.10 -36.63
C SER E 226 27.58 16.10 -36.01
N ASN E 227 27.34 17.24 -36.66
CA ASN E 227 26.44 18.26 -36.15
C ASN E 227 26.86 18.74 -34.77
N GLY E 228 28.17 18.95 -34.59
CA GLY E 228 28.69 19.49 -33.35
C GLY E 228 28.88 18.49 -32.24
N ASN E 229 28.68 17.20 -32.50
CA ASN E 229 28.85 16.16 -31.50
C ASN E 229 30.26 15.59 -31.63
N LEU E 230 31.10 15.84 -30.63
CA LEU E 230 32.50 15.45 -30.72
C LEU E 230 32.68 13.95 -30.54
N ARG E 231 31.93 13.33 -29.63
CA ARG E 231 32.00 11.88 -29.47
C ARG E 231 31.61 11.17 -30.75
N VAL E 232 30.52 11.63 -31.38
CA VAL E 232 30.09 11.03 -32.64
C VAL E 232 31.14 11.20 -33.72
N SER E 233 31.77 12.38 -33.79
CA SER E 233 32.80 12.62 -34.80
C SER E 233 33.98 11.69 -34.60
N LEU E 234 34.44 11.53 -33.36
CA LEU E 234 35.58 10.65 -33.10
C LEU E 234 35.25 9.20 -33.42
N LEU E 235 34.06 8.74 -33.01
CA LEU E 235 33.68 7.35 -33.30
C LEU E 235 33.52 7.14 -34.79
N MET E 236 32.97 8.12 -35.50
CA MET E 236 32.84 8.01 -36.95
C MET E 236 34.20 7.97 -37.63
N LEU E 237 35.15 8.78 -37.15
CA LEU E 237 36.50 8.73 -37.70
C LEU E 237 37.11 7.35 -37.51
N GLU E 238 36.96 6.78 -36.30
CA GLU E 238 37.50 5.45 -36.07
C GLU E 238 36.84 4.41 -36.95
N SER E 239 35.51 4.49 -37.10
CA SER E 239 34.81 3.52 -37.94
C SER E 239 35.25 3.64 -39.39
N MET E 240 35.38 4.86 -39.91
CA MET E 240 35.81 5.05 -41.29
C MET E 240 37.24 4.54 -41.49
N ALA E 241 38.13 4.80 -40.53
CA ALA E 241 39.50 4.32 -40.65
C ALA E 241 39.52 2.79 -40.66
N LEU E 242 38.74 2.16 -39.79
CA LEU E 242 38.68 0.70 -39.78
C LEU E 242 38.13 0.15 -41.08
N ASN E 243 37.10 0.81 -41.63
CA ASN E 243 36.46 0.31 -42.84
C ASN E 243 37.33 0.48 -44.09
N ASN E 244 38.33 1.37 -44.04
CA ASN E 244 39.17 1.66 -45.19
C ASN E 244 40.63 1.28 -44.93
N GLU E 245 40.86 0.29 -44.08
CA GLU E 245 42.20 -0.20 -43.79
C GLU E 245 43.12 0.93 -43.33
N LEU E 246 42.60 1.78 -42.44
CA LEU E 246 43.38 2.87 -41.87
C LEU E 246 43.95 3.78 -42.95
N ALA E 247 43.16 4.00 -44.01
CA ALA E 247 43.57 4.86 -45.10
C ALA E 247 42.32 5.53 -45.65
N LEU E 248 42.06 6.77 -45.20
CA LEU E 248 40.88 7.50 -45.59
C LEU E 248 41.13 8.24 -46.90
N LYS E 249 40.23 8.08 -47.86
CA LYS E 249 40.31 8.73 -49.15
C LYS E 249 39.25 9.82 -49.25
N SER E 250 39.44 10.73 -50.20
CA SER E 250 38.49 11.82 -50.38
C SER E 250 37.11 11.33 -50.75
N SER E 251 37.00 10.13 -51.31
CA SER E 251 35.72 9.55 -51.69
C SER E 251 35.12 8.65 -50.62
N SER E 252 35.77 8.54 -49.46
CA SER E 252 35.26 7.67 -48.40
C SER E 252 33.91 8.20 -47.91
N PRO E 253 32.87 7.37 -47.87
CA PRO E 253 31.55 7.87 -47.46
C PRO E 253 31.43 7.99 -45.94
N ILE E 254 30.48 8.83 -45.53
CA ILE E 254 30.17 8.99 -44.12
C ILE E 254 29.32 7.81 -43.65
N ILE E 255 29.74 7.17 -42.57
CA ILE E 255 29.04 6.02 -42.02
C ILE E 255 27.95 6.52 -41.07
N LYS E 256 26.74 6.01 -41.24
CA LYS E 256 25.61 6.40 -40.42
C LYS E 256 25.15 5.25 -39.53
N PRO E 257 24.58 5.54 -38.36
CA PRO E 257 24.09 4.46 -37.50
C PRO E 257 22.93 3.70 -38.13
N ASP E 258 22.78 2.46 -37.69
CA ASP E 258 21.71 1.61 -38.23
C ASP E 258 20.33 2.21 -37.94
N TRP E 259 20.11 2.70 -36.71
CA TRP E 259 18.83 3.28 -36.38
C TRP E 259 18.53 4.53 -37.22
N ILE E 260 19.57 5.32 -37.54
CA ILE E 260 19.39 6.46 -38.41
C ILE E 260 18.92 6.01 -39.79
N ILE E 261 19.52 4.94 -40.32
CA ILE E 261 19.14 4.43 -41.62
C ILE E 261 17.69 3.94 -41.59
N VAL E 262 17.30 3.26 -40.50
CA VAL E 262 15.93 2.78 -40.39
C VAL E 262 14.96 3.95 -40.35
N ILE E 263 15.29 5.01 -39.61
CA ILE E 263 14.42 6.17 -39.53
C ILE E 263 14.30 6.86 -40.88
N HIS E 264 15.40 6.94 -41.62
CA HIS E 264 15.35 7.53 -42.96
C HIS E 264 14.49 6.71 -43.90
N LYS E 265 14.60 5.37 -43.82
CA LYS E 265 13.73 4.51 -44.61
C LYS E 265 12.27 4.74 -44.26
N LEU E 266 11.98 4.86 -42.96
CA LEU E 266 10.60 5.11 -42.53
C LEU E 266 10.09 6.44 -43.07
N THR E 267 10.95 7.47 -43.05
CA THR E 267 10.55 8.77 -43.59
C THR E 267 10.23 8.67 -45.08
N ARG E 268 11.09 7.98 -45.83
CA ARG E 268 10.84 7.83 -47.25
C ARG E 268 9.55 7.08 -47.50
N LYS E 269 9.30 6.01 -46.72
CA LYS E 269 8.09 5.24 -46.88
C LYS E 269 6.85 6.07 -46.57
N ILE E 270 6.92 6.89 -45.51
CA ILE E 270 5.79 7.75 -45.15
C ILE E 270 5.51 8.75 -46.26
N VAL E 271 6.56 9.35 -46.81
CA VAL E 271 6.38 10.34 -47.87
C VAL E 271 5.81 9.69 -49.12
N LYS E 272 6.22 8.44 -49.41
CA LYS E 272 5.81 7.79 -50.64
C LYS E 272 4.39 7.24 -50.52
N GLU E 273 4.11 6.47 -49.47
CA GLU E 273 2.82 5.81 -49.31
C GLU E 273 2.11 6.38 -48.10
N ARG E 274 0.86 6.81 -48.29
CA ARG E 274 0.03 7.40 -47.25
C ARG E 274 -1.29 6.64 -47.21
N SER E 275 -1.33 5.56 -46.42
CA SER E 275 -2.53 4.73 -46.31
C SER E 275 -2.49 4.00 -44.97
N VAL E 276 -3.58 3.29 -44.68
CA VAL E 276 -3.68 2.57 -43.41
C VAL E 276 -2.71 1.40 -43.36
N ASN E 277 -2.53 0.70 -44.49
CA ASN E 277 -1.56 -0.39 -44.52
C ASN E 277 -0.16 0.14 -44.28
N SER E 278 0.18 1.26 -44.91
CA SER E 278 1.46 1.91 -44.64
C SER E 278 1.58 2.25 -43.16
N LEU E 279 0.48 2.68 -42.54
CA LEU E 279 0.52 2.99 -41.11
C LEU E 279 0.80 1.74 -40.28
N ILE E 280 0.23 0.60 -40.67
CA ILE E 280 0.49 -0.65 -39.95
C ILE E 280 1.95 -1.05 -40.07
N GLU E 281 2.51 -0.96 -41.27
CA GLU E 281 3.93 -1.27 -41.44
C GLU E 281 4.80 -0.28 -40.68
N CYS E 282 4.39 0.99 -40.63
CA CYS E 282 5.13 1.96 -39.83
C CYS E 282 5.09 1.60 -38.35
N ARG E 283 3.94 1.11 -37.88
CA ARG E 283 3.86 0.66 -36.49
C ARG E 283 4.82 -0.49 -36.24
N ALA E 284 4.91 -1.42 -37.20
CA ALA E 284 5.87 -2.53 -37.05
C ALA E 284 7.29 -2.00 -36.96
N VAL E 285 7.64 -1.04 -37.82
CA VAL E 285 9.00 -0.48 -37.80
C VAL E 285 9.26 0.23 -36.48
N LEU E 286 8.26 0.97 -35.98
CA LEU E 286 8.43 1.67 -34.71
C LEU E 286 8.62 0.68 -33.56
N TYR E 287 7.87 -0.41 -33.56
CA TYR E 287 8.05 -1.43 -32.54
C TYR E 287 9.46 -2.01 -32.60
N ASP E 288 9.94 -2.28 -33.81
CA ASP E 288 11.29 -2.81 -33.95
C ASP E 288 12.32 -1.82 -33.41
N LEU E 289 12.16 -0.54 -33.73
CA LEU E 289 13.10 0.47 -33.23
C LEU E 289 13.06 0.55 -31.70
N LEU E 290 11.86 0.55 -31.12
CA LEU E 290 11.74 0.71 -29.67
C LEU E 290 12.26 -0.51 -28.92
N ALA E 291 12.11 -1.71 -29.49
CA ALA E 291 12.52 -2.91 -28.79
C ALA E 291 14.02 -2.93 -28.51
N HIS E 292 14.81 -2.29 -29.37
CA HIS E 292 16.27 -2.34 -29.27
C HIS E 292 16.85 -1.09 -28.60
N CYS E 293 16.13 -0.51 -27.66
CA CYS E 293 16.65 0.56 -26.81
C CYS E 293 16.94 1.83 -27.62
N ILE E 294 15.99 2.21 -28.48
CA ILE E 294 16.00 3.49 -29.17
C ILE E 294 14.95 4.38 -28.50
N PRO E 295 15.34 5.42 -27.77
CA PRO E 295 14.34 6.21 -27.04
C PRO E 295 13.30 6.82 -27.96
N ALA E 296 12.07 6.93 -27.44
CA ALA E 296 10.96 7.46 -28.23
C ALA E 296 11.20 8.91 -28.62
N ASN E 297 11.72 9.73 -27.71
CA ASN E 297 11.97 11.13 -28.01
C ASN E 297 12.99 11.29 -29.13
N ILE E 298 14.06 10.47 -29.09
CA ILE E 298 15.05 10.49 -30.16
C ILE E 298 14.41 10.12 -31.49
N ILE E 299 13.56 9.08 -31.48
CA ILE E 299 12.89 8.67 -32.70
C ILE E 299 12.04 9.80 -33.26
N LEU E 300 11.28 10.46 -32.38
CA LEU E 300 10.40 11.54 -32.83
C LEU E 300 11.21 12.70 -33.42
N LYS E 301 12.29 13.09 -32.73
CA LYS E 301 13.10 14.20 -33.22
C LYS E 301 13.72 13.86 -34.58
N GLU E 302 14.31 12.68 -34.69
CA GLU E 302 14.94 12.28 -35.94
C GLU E 302 13.94 12.19 -37.07
N LEU E 303 12.77 11.60 -36.80
CA LEU E 303 11.74 11.51 -37.82
C LEU E 303 11.28 12.88 -38.27
N THR E 304 11.04 13.79 -37.32
CA THR E 304 10.59 15.13 -37.67
C THR E 304 11.61 15.85 -38.55
N PHE E 305 12.88 15.80 -38.15
CA PHE E 305 13.88 16.56 -38.90
C PHE E 305 14.20 15.90 -40.25
N SER E 306 14.12 14.57 -40.31
CA SER E 306 14.27 13.90 -41.60
C SER E 306 13.13 14.25 -42.54
N LEU E 307 11.91 14.31 -42.02
CA LEU E 307 10.78 14.72 -42.85
C LEU E 307 10.94 16.16 -43.32
N LEU E 308 11.39 17.05 -42.44
CA LEU E 308 11.56 18.44 -42.83
C LEU E 308 12.64 18.63 -43.88
N ASP E 309 13.56 17.68 -44.03
CA ASP E 309 14.60 17.75 -45.05
C ASP E 309 14.15 17.22 -46.40
N VAL E 310 12.94 16.67 -46.51
CA VAL E 310 12.45 16.16 -47.78
C VAL E 310 12.22 17.34 -48.73
N GLU E 311 12.56 17.14 -50.01
CA GLU E 311 12.54 18.23 -50.98
C GLU E 311 11.21 18.35 -51.71
N THR E 312 10.38 17.30 -51.69
CA THR E 312 9.09 17.36 -52.38
C THR E 312 8.07 18.15 -51.58
N LEU E 313 8.17 18.13 -50.25
CA LEU E 313 7.20 18.81 -49.41
C LEU E 313 7.27 20.32 -49.59
N ASN E 314 6.13 20.98 -49.45
CA ASN E 314 6.03 22.42 -49.56
C ASN E 314 6.01 23.04 -48.16
N THR E 315 5.89 24.37 -48.12
CA THR E 315 5.95 25.09 -46.84
C THR E 315 4.81 24.69 -45.92
N THR E 316 3.60 24.55 -46.46
CA THR E 316 2.45 24.20 -45.63
C THR E 316 2.64 22.83 -44.98
N ASN E 317 3.10 21.85 -45.76
CA ASN E 317 3.32 20.51 -45.21
C ASN E 317 4.34 20.55 -44.09
N LYS E 318 5.45 21.27 -44.28
CA LYS E 318 6.48 21.34 -43.25
C LYS E 318 5.96 22.05 -42.00
N SER E 319 5.19 23.11 -42.17
CA SER E 319 4.62 23.80 -41.01
C SER E 319 3.70 22.87 -40.23
N SER E 320 2.83 22.15 -40.93
CA SER E 320 1.95 21.20 -40.26
C SER E 320 2.75 20.11 -39.56
N ILE E 321 3.82 19.64 -40.20
CA ILE E 321 4.64 18.58 -39.61
C ILE E 321 5.27 19.06 -38.31
N ILE E 322 5.82 20.27 -38.31
CA ILE E 322 6.49 20.75 -37.11
C ILE E 322 5.47 21.02 -36.00
N GLU E 323 4.28 21.52 -36.35
CA GLU E 323 3.25 21.71 -35.34
C GLU E 323 2.84 20.39 -34.70
N TYR E 324 2.61 19.36 -35.53
CA TYR E 324 2.24 18.06 -35.00
C TYR E 324 3.38 17.49 -34.15
N SER E 325 4.62 17.70 -34.58
CA SER E 325 5.76 17.21 -33.82
C SER E 325 5.81 17.86 -32.44
N SER E 326 5.57 19.17 -32.36
CA SER E 326 5.52 19.83 -31.06
C SER E 326 4.43 19.23 -30.18
N VAL E 327 3.22 19.09 -30.74
CA VAL E 327 2.09 18.60 -29.95
C VAL E 327 2.39 17.19 -29.42
N PHE E 328 2.87 16.31 -30.29
CA PHE E 328 3.10 14.93 -29.89
C PHE E 328 4.35 14.75 -29.04
N ASP E 329 5.32 15.66 -29.14
CA ASP E 329 6.43 15.63 -28.21
C ASP E 329 5.96 15.99 -26.80
N GLU E 330 5.05 16.97 -26.70
CA GLU E 330 4.42 17.22 -25.41
C GLU E 330 3.65 16.00 -24.91
N ARG E 331 2.90 15.36 -25.80
CA ARG E 331 2.14 14.17 -25.41
C ARG E 331 3.08 13.07 -24.89
N LEU E 332 4.20 12.86 -25.58
CA LEU E 332 5.18 11.88 -25.10
C LEU E 332 5.72 12.28 -23.73
N SER E 333 5.98 13.57 -23.53
CA SER E 333 6.44 14.03 -22.22
C SER E 333 5.43 13.69 -21.14
N LEU E 334 4.13 13.76 -21.44
CA LEU E 334 3.09 13.53 -20.44
C LEU E 334 2.48 12.13 -20.50
N GLY E 335 3.07 11.19 -21.23
CA GLY E 335 2.48 9.89 -21.45
C GLY E 335 3.36 8.74 -20.96
N ASN E 336 2.82 7.54 -21.12
CA ASN E 336 3.51 6.29 -20.81
C ASN E 336 3.80 5.45 -22.05
N LYS E 337 2.78 5.13 -22.83
CA LYS E 337 2.93 4.29 -24.02
C LYS E 337 3.42 5.18 -25.17
N ALA E 338 4.71 5.07 -25.48
CA ALA E 338 5.29 5.91 -26.52
C ALA E 338 4.79 5.53 -27.91
N ILE E 339 4.53 4.25 -28.14
CA ILE E 339 4.09 3.81 -29.47
C ILE E 339 2.78 4.48 -29.85
N PHE E 340 1.90 4.69 -28.87
CA PHE E 340 0.64 5.35 -29.15
C PHE E 340 0.88 6.74 -29.74
N HIS E 341 1.72 7.54 -29.08
CA HIS E 341 1.97 8.90 -29.52
C HIS E 341 2.70 8.93 -30.85
N LEU E 342 3.67 8.02 -31.04
CA LEU E 342 4.38 7.97 -32.32
C LEU E 342 3.43 7.63 -33.46
N GLU E 343 2.54 6.65 -33.25
CA GLU E 343 1.57 6.30 -34.28
C GLU E 343 0.62 7.46 -34.56
N GLY E 344 0.18 8.16 -33.52
CA GLY E 344 -0.67 9.32 -33.74
C GLY E 344 0.02 10.39 -34.57
N PHE E 345 1.30 10.66 -34.25
CA PHE E 345 2.05 11.64 -35.03
C PHE E 345 2.18 11.21 -36.49
N ILE E 346 2.49 9.94 -36.72
CA ILE E 346 2.66 9.47 -38.10
C ILE E 346 1.34 9.57 -38.85
N ALA E 347 0.23 9.21 -38.19
CA ALA E 347 -1.07 9.30 -38.84
C ALA E 347 -1.41 10.75 -39.19
N LYS E 348 -1.14 11.68 -38.27
CA LYS E 348 -1.41 13.08 -38.56
C LYS E 348 -0.57 13.58 -39.71
N VAL E 349 0.71 13.20 -39.75
CA VAL E 349 1.58 13.61 -40.86
C VAL E 349 1.06 13.03 -42.17
N MET E 350 0.65 11.76 -42.16
CA MET E 350 0.12 11.14 -43.37
C MET E 350 -1.12 11.87 -43.85
N CYS E 351 -2.01 12.25 -42.94
CA CYS E 351 -3.19 13.01 -43.33
C CYS E 351 -2.80 14.36 -43.91
N CYS E 352 -1.85 15.05 -43.29
CA CYS E 352 -1.47 16.38 -43.76
C CYS E 352 -0.84 16.32 -45.15
N LEU E 353 -0.01 15.31 -45.40
CA LEU E 353 0.65 15.22 -46.70
C LEU E 353 -0.36 15.07 -47.83
N ASP E 354 -1.49 14.44 -47.57
CA ASP E 354 -2.52 14.25 -48.58
C ASP E 354 -3.45 15.45 -48.64
N ALA F 18 12.88 16.72 40.61
CA ALA F 18 12.77 15.84 41.82
C ALA F 18 12.37 16.66 43.04
N SER F 19 11.46 17.61 42.82
CA SER F 19 11.04 18.53 43.88
C SER F 19 9.57 18.35 44.26
N MET F 20 8.65 18.48 43.30
CA MET F 20 7.23 18.48 43.65
C MET F 20 6.76 17.10 44.07
N LEU F 21 6.81 16.14 43.15
CA LEU F 21 6.23 14.82 43.37
C LEU F 21 7.35 13.80 43.46
N GLU F 22 7.40 13.10 44.60
CA GLU F 22 8.35 12.00 44.82
C GLU F 22 7.61 10.89 45.53
N ALA F 23 7.40 9.77 44.84
CA ALA F 23 6.66 8.64 45.39
C ALA F 23 7.45 7.36 45.18
N LYS F 24 7.82 6.70 46.28
CA LYS F 24 8.67 5.52 46.23
C LYS F 24 7.86 4.27 46.52
N PHE F 25 7.75 3.39 45.53
CA PHE F 25 7.28 2.04 45.72
C PHE F 25 8.42 1.20 46.26
N GLU F 26 8.21 0.59 47.44
CA GLU F 26 9.24 -0.27 48.01
C GLU F 26 9.51 -1.49 47.13
N GLU F 27 8.48 -1.97 46.44
CA GLU F 27 8.61 -3.03 45.46
C GLU F 27 8.19 -2.48 44.10
N ALA F 28 9.09 -2.57 43.13
CA ALA F 28 8.80 -2.04 41.79
C ALA F 28 7.82 -2.91 41.03
N SER F 29 7.58 -4.16 41.47
CA SER F 29 6.67 -5.04 40.77
C SER F 29 5.21 -4.69 40.98
N LEU F 30 4.88 -4.03 42.10
CA LEU F 30 3.48 -3.71 42.37
C LEU F 30 2.94 -2.73 41.34
N PHE F 31 3.69 -1.67 41.02
CA PHE F 31 3.24 -0.71 40.03
C PHE F 31 3.14 -1.37 38.66
N LYS F 32 4.10 -2.24 38.32
CA LYS F 32 4.03 -2.96 37.05
C LYS F 32 2.76 -3.81 36.97
N ARG F 33 2.43 -4.51 38.05
CA ARG F 33 1.21 -5.31 38.07
C ARG F 33 -0.03 -4.43 37.93
N ILE F 34 -0.04 -3.30 38.63
CA ILE F 34 -1.19 -2.39 38.56
C ILE F 34 -1.39 -1.92 37.13
N ILE F 35 -0.31 -1.50 36.47
CA ILE F 35 -0.43 -1.03 35.09
C ILE F 35 -0.86 -2.16 34.18
N ASP F 36 -0.28 -3.35 34.36
CA ASP F 36 -0.65 -4.49 33.53
C ASP F 36 -2.10 -4.92 33.72
N GLY F 37 -2.69 -4.60 34.87
CA GLY F 37 -4.07 -4.97 35.11
C GLY F 37 -5.06 -4.36 34.14
N PHE F 38 -4.74 -3.17 33.60
CA PHE F 38 -5.66 -2.49 32.70
C PHE F 38 -4.96 -1.84 31.52
N LYS F 39 -3.75 -2.29 31.16
CA LYS F 39 -3.06 -1.68 30.02
C LYS F 39 -3.66 -2.11 28.70
N ASP F 40 -4.30 -3.28 28.66
CA ASP F 40 -4.96 -3.75 27.44
C ASP F 40 -6.35 -3.14 27.25
N CYS F 41 -6.87 -2.42 28.24
CA CYS F 41 -8.19 -1.81 28.15
C CYS F 41 -8.13 -0.40 27.59
N VAL F 42 -7.19 0.42 28.10
CA VAL F 42 -7.07 1.80 27.69
C VAL F 42 -5.60 2.09 27.38
N GLN F 43 -5.38 3.18 26.63
CA GLN F 43 -4.04 3.57 26.22
C GLN F 43 -3.61 4.91 26.82
N LEU F 44 -4.41 5.95 26.69
CA LEU F 44 -4.09 7.28 27.21
C LEU F 44 -4.78 7.45 28.55
N VAL F 45 -4.00 7.69 29.59
CA VAL F 45 -4.52 7.77 30.96
C VAL F 45 -3.94 8.99 31.65
N ASN F 46 -4.79 9.70 32.38
CA ASN F 46 -4.38 10.84 33.20
C ASN F 46 -4.26 10.39 34.66
N PHE F 47 -3.07 10.53 35.22
CA PHE F 47 -2.83 10.24 36.63
C PHE F 47 -2.83 11.56 37.40
N GLN F 48 -3.74 11.69 38.35
CA GLN F 48 -3.81 12.86 39.22
C GLN F 48 -3.18 12.50 40.56
N CYS F 49 -2.08 13.15 40.90
CA CYS F 49 -1.36 12.92 42.14
C CYS F 49 -1.56 14.10 43.07
N LYS F 50 -1.95 13.82 44.30
CA LYS F 50 -2.23 14.82 45.31
C LYS F 50 -1.82 14.27 46.68
N GLU F 51 -2.02 15.08 47.71
CA GLU F 51 -1.46 14.78 49.02
C GLU F 51 -1.91 13.41 49.53
N ASP F 52 -3.14 13.00 49.22
CA ASP F 52 -3.67 11.75 49.74
C ASP F 52 -3.46 10.57 48.81
N GLY F 53 -2.78 10.75 47.67
CA GLY F 53 -2.39 9.63 46.86
C GLY F 53 -2.59 9.91 45.38
N ILE F 54 -2.71 8.83 44.61
CA ILE F 54 -2.81 8.90 43.16
C ILE F 54 -4.15 8.32 42.74
N ILE F 55 -4.79 8.96 41.76
CA ILE F 55 -6.04 8.50 41.18
C ILE F 55 -5.91 8.55 39.66
N ALA F 56 -6.76 7.76 38.99
CA ALA F 56 -6.74 7.74 37.54
C ALA F 56 -8.08 7.24 37.03
N GLN F 57 -8.55 7.82 35.94
CA GLN F 57 -9.77 7.39 35.28
C GLN F 57 -9.57 7.43 33.77
N ALA F 58 -10.03 6.39 33.09
CA ALA F 58 -9.87 6.30 31.65
C ALA F 58 -11.10 5.63 31.05
N VAL F 59 -11.36 5.96 29.79
CA VAL F 59 -12.49 5.41 29.03
C VAL F 59 -11.93 4.74 27.78
N ASP F 60 -12.38 3.53 27.51
CA ASP F 60 -11.93 2.80 26.33
C ASP F 60 -12.31 3.54 25.05
N ASP F 61 -11.62 3.20 23.97
CA ASP F 61 -11.89 3.85 22.69
C ASP F 61 -13.32 3.63 22.25
N SER F 62 -13.84 2.40 22.43
CA SER F 62 -15.24 2.13 22.12
C SER F 62 -16.20 2.77 23.12
N ARG F 63 -15.69 3.33 24.21
CA ARG F 63 -16.51 4.01 25.21
C ARG F 63 -17.52 3.06 25.85
N VAL F 64 -17.13 1.81 26.02
CA VAL F 64 -17.97 0.82 26.69
C VAL F 64 -17.45 0.46 28.07
N LEU F 65 -16.17 0.69 28.35
CA LEU F 65 -15.54 0.31 29.61
C LEU F 65 -14.88 1.53 30.23
N LEU F 66 -15.05 1.70 31.55
CA LEU F 66 -14.42 2.78 32.30
C LEU F 66 -13.55 2.16 33.38
N VAL F 67 -12.27 2.55 33.41
CA VAL F 67 -11.31 2.03 34.37
C VAL F 67 -11.01 3.14 35.37
N SER F 68 -11.08 2.80 36.66
CA SER F 68 -10.82 3.75 37.74
C SER F 68 -9.85 3.13 38.73
N LEU F 69 -8.67 3.74 38.87
CA LEU F 69 -7.62 3.25 39.75
C LEU F 69 -7.41 4.25 40.88
N GLU F 70 -7.21 3.73 42.09
CA GLU F 70 -6.88 4.58 43.23
C GLU F 70 -5.79 3.90 44.04
N ILE F 71 -4.76 4.66 44.41
CA ILE F 71 -3.66 4.18 45.25
C ILE F 71 -3.46 5.18 46.37
N GLY F 72 -3.62 4.72 47.61
CA GLY F 72 -3.41 5.59 48.76
C GLY F 72 -1.95 5.72 49.14
N VAL F 73 -1.69 6.62 50.10
CA VAL F 73 -0.32 6.87 50.51
C VAL F 73 0.24 5.72 51.33
N GLU F 74 -0.60 4.81 51.83
CA GLU F 74 -0.09 3.65 52.55
C GLU F 74 0.62 2.66 51.63
N ALA F 75 0.44 2.79 50.31
CA ALA F 75 1.06 1.88 49.36
C ALA F 75 2.48 2.28 48.99
N PHE F 76 2.96 3.43 49.46
CA PHE F 76 4.29 3.92 49.16
C PHE F 76 5.15 3.86 50.42
N GLN F 77 6.43 3.51 50.26
CA GLN F 77 7.36 3.64 51.36
C GLN F 77 7.48 5.09 51.81
N GLU F 78 7.61 6.01 50.84
CA GLU F 78 7.50 7.44 51.10
C GLU F 78 6.72 8.07 49.96
N TYR F 79 6.00 9.14 50.29
CA TYR F 79 5.20 9.85 49.29
C TYR F 79 5.15 11.33 49.65
N ARG F 80 5.43 12.18 48.67
CA ARG F 80 5.38 13.62 48.86
C ARG F 80 4.85 14.27 47.60
N CYS F 81 3.77 15.03 47.74
CA CYS F 81 3.20 15.83 46.66
C CYS F 81 2.81 17.18 47.22
N ASP F 82 3.37 18.26 46.65
CA ASP F 82 3.11 19.59 47.18
C ASP F 82 1.77 20.12 46.70
N HIS F 83 1.53 20.12 45.40
CA HIS F 83 0.30 20.57 44.79
C HIS F 83 -0.20 19.49 43.84
N PRO F 84 -1.51 19.47 43.56
CA PRO F 84 -2.02 18.45 42.63
C PRO F 84 -1.35 18.56 41.28
N VAL F 85 -1.01 17.40 40.70
CA VAL F 85 -0.31 17.35 39.43
C VAL F 85 -0.98 16.31 38.54
N THR F 86 -1.20 16.66 37.28
CA THR F 86 -1.81 15.78 36.30
C THR F 86 -0.75 15.33 35.30
N LEU F 87 -0.63 14.02 35.11
CA LEU F 87 0.36 13.43 34.20
C LEU F 87 -0.38 12.59 33.18
N GLY F 88 -0.34 13.02 31.92
CA GLY F 88 -0.94 12.24 30.85
C GLY F 88 0.06 11.29 30.23
N MET F 89 -0.24 10.00 30.24
CA MET F 89 0.70 8.98 29.80
C MET F 89 0.05 8.01 28.83
N ASP F 90 0.87 7.50 27.92
CA ASP F 90 0.49 6.37 27.06
C ASP F 90 0.90 5.10 27.78
N LEU F 91 -0.07 4.23 28.05
CA LEU F 91 0.20 3.07 28.90
C LEU F 91 1.16 2.09 28.25
N THR F 92 1.22 2.06 26.92
CA THR F 92 2.17 1.18 26.24
C THR F 92 3.60 1.57 26.57
N SER F 93 3.92 2.86 26.47
CA SER F 93 5.26 3.34 26.79
C SER F 93 5.56 3.14 28.27
N LEU F 94 4.60 3.40 29.14
CA LEU F 94 4.81 3.21 30.57
C LEU F 94 5.10 1.74 30.89
N SER F 95 4.35 0.83 30.26
CA SER F 95 4.61 -0.59 30.46
C SER F 95 5.99 -0.98 29.94
N LYS F 96 6.38 -0.44 28.79
CA LYS F 96 7.72 -0.70 28.27
C LYS F 96 8.78 -0.27 29.27
N ILE F 97 8.64 0.93 29.83
CA ILE F 97 9.61 1.42 30.80
C ILE F 97 9.62 0.53 32.05
N LEU F 98 8.43 0.19 32.55
CA LEU F 98 8.36 -0.60 33.78
C LEU F 98 8.92 -2.00 33.59
N ARG F 99 8.91 -2.50 32.35
CA ARG F 99 9.47 -3.83 32.10
C ARG F 99 11.00 -3.85 32.22
N CYS F 100 11.64 -2.71 32.35
CA CYS F 100 13.09 -2.61 32.44
C CYS F 100 13.61 -2.63 33.88
N GLY F 101 12.74 -2.87 34.85
CA GLY F 101 13.11 -2.84 36.26
C GLY F 101 13.10 -4.24 36.86
N ASN F 102 14.09 -4.52 37.69
CA ASN F 102 14.16 -5.80 38.37
C ASN F 102 13.19 -5.83 39.55
N ASN F 103 12.86 -7.05 39.98
CA ASN F 103 11.91 -7.23 41.07
C ASN F 103 12.49 -6.88 42.43
N THR F 104 13.81 -6.72 42.55
CA THR F 104 14.46 -6.44 43.82
C THR F 104 14.87 -4.98 43.95
N ASP F 105 14.35 -4.10 43.10
CA ASP F 105 14.73 -2.68 43.10
C ASP F 105 13.53 -1.82 43.49
N THR F 106 13.78 -0.82 44.33
CA THR F 106 12.76 0.16 44.64
C THR F 106 12.53 1.08 43.46
N LEU F 107 11.30 1.56 43.30
CA LEU F 107 10.90 2.35 42.13
C LEU F 107 10.38 3.70 42.58
N THR F 108 11.09 4.77 42.23
CA THR F 108 10.70 6.12 42.58
C THR F 108 10.14 6.84 41.36
N LEU F 109 8.93 7.38 41.50
CA LEU F 109 8.33 8.26 40.51
C LEU F 109 8.59 9.70 40.90
N ILE F 110 9.10 10.48 39.95
CA ILE F 110 9.57 11.84 40.21
C ILE F 110 8.96 12.77 39.17
N ALA F 111 8.46 13.92 39.62
CA ALA F 111 7.91 14.93 38.72
C ALA F 111 8.11 16.31 39.33
N ASP F 112 8.31 17.29 38.44
CA ASP F 112 8.56 18.68 38.82
C ASP F 112 7.39 19.57 38.40
N ASN F 113 7.50 20.85 38.72
CA ASN F 113 6.48 21.82 38.34
C ASN F 113 6.35 21.91 36.83
N THR F 114 5.12 22.15 36.37
CA THR F 114 4.79 22.25 34.95
C THR F 114 5.52 21.16 34.17
N PRO F 115 5.31 19.89 34.52
CA PRO F 115 6.17 18.83 33.98
C PRO F 115 5.82 18.47 32.54
N ASP F 116 6.87 18.26 31.75
CA ASP F 116 6.74 17.67 30.42
C ASP F 116 7.19 16.22 30.41
N SER F 117 7.62 15.68 31.54
CA SER F 117 8.11 14.32 31.60
C SER F 117 7.95 13.79 33.02
N ILE F 118 8.00 12.47 33.14
CA ILE F 118 7.97 11.77 34.42
C ILE F 118 9.21 10.89 34.50
N ILE F 119 9.88 10.91 35.64
CA ILE F 119 11.12 10.16 35.84
C ILE F 119 10.80 8.91 36.66
N LEU F 120 11.24 7.76 36.16
CA LEU F 120 11.14 6.49 36.88
C LEU F 120 12.54 6.02 37.21
N LEU F 121 12.83 5.89 38.50
CA LEU F 121 14.18 5.59 38.98
C LEU F 121 14.14 4.26 39.72
N PHE F 122 14.85 3.27 39.18
CA PHE F 122 14.99 1.96 39.80
C PHE F 122 16.31 1.92 40.56
N GLU F 123 16.23 1.62 41.86
CA GLU F 123 17.39 1.61 42.74
C GLU F 123 17.58 0.21 43.30
N ASP F 124 18.82 -0.27 43.26
CA ASP F 124 19.23 -1.54 43.90
C ASP F 124 20.40 -1.18 44.83
N THR F 125 20.07 -0.88 46.09
CA THR F 125 21.10 -0.44 47.03
C THR F 125 22.12 -1.54 47.29
N LYS F 126 21.67 -2.80 47.38
CA LYS F 126 22.60 -3.89 47.65
C LYS F 126 23.66 -4.00 46.55
N LYS F 127 23.23 -3.88 45.30
CA LYS F 127 24.16 -3.88 44.16
C LYS F 127 24.59 -2.48 43.76
N ASP F 128 24.06 -1.43 44.40
CA ASP F 128 24.41 -0.06 44.08
C ASP F 128 24.19 0.24 42.60
N ARG F 129 23.02 -0.16 42.10
CA ARG F 129 22.68 0.00 40.69
C ARG F 129 21.55 1.02 40.55
N ILE F 130 21.77 2.02 39.72
CA ILE F 130 20.80 3.08 39.44
C ILE F 130 20.38 2.97 37.98
N ALA F 131 19.07 2.99 37.73
CA ALA F 131 18.55 2.98 36.36
C ALA F 131 17.46 4.04 36.27
N GLU F 132 17.75 5.15 35.60
CA GLU F 132 16.82 6.25 35.49
C GLU F 132 16.26 6.31 34.07
N TYR F 133 14.94 6.38 33.96
CA TYR F 133 14.26 6.52 32.69
C TYR F 133 13.33 7.73 32.73
N SER F 134 13.13 8.34 31.57
CA SER F 134 12.23 9.49 31.43
C SER F 134 11.18 9.18 30.39
N LEU F 135 9.93 9.53 30.69
CA LEU F 135 8.82 9.32 29.79
C LEU F 135 8.13 10.65 29.55
N LYS F 136 8.01 11.04 28.28
CA LYS F 136 7.40 12.32 27.94
C LYS F 136 5.90 12.28 28.16
N LEU F 137 5.37 13.36 28.75
CA LEU F 137 3.94 13.44 29.03
C LEU F 137 3.18 13.89 27.79
N MET F 138 1.86 13.67 27.84
CA MET F 138 0.99 14.01 26.72
C MET F 138 -0.18 14.84 27.24
N ASP F 139 -0.65 15.75 26.40
CA ASP F 139 -1.75 16.65 26.77
C ASP F 139 -3.07 15.93 26.50
N ILE F 140 -3.75 15.52 27.56
CA ILE F 140 -5.03 14.82 27.47
C ILE F 140 -6.09 15.72 28.07
N ASP F 141 -7.11 16.03 27.28
CA ASP F 141 -8.22 16.88 27.73
C ASP F 141 -9.33 15.99 28.27
N ALA F 142 -9.11 15.48 29.48
CA ALA F 142 -10.07 14.63 30.16
C ALA F 142 -10.34 15.19 31.54
N ASP F 143 -11.62 15.33 31.89
CA ASP F 143 -12.04 15.80 33.20
C ASP F 143 -12.57 14.60 33.99
N PHE F 144 -12.03 14.41 35.19
CA PHE F 144 -12.44 13.29 36.02
C PHE F 144 -13.94 13.30 36.22
N LEU F 145 -14.61 12.28 35.69
CA LEU F 145 -16.06 12.17 35.76
C LEU F 145 -16.44 11.42 37.02
N LYS F 146 -17.18 12.09 37.90
CA LYS F 146 -17.59 11.48 39.16
C LYS F 146 -18.36 10.21 38.91
N ILE F 147 -17.90 9.11 39.50
CA ILE F 147 -18.60 7.82 39.40
C ILE F 147 -19.58 7.79 40.57
N GLU F 148 -20.74 8.39 40.34
CA GLU F 148 -21.75 8.51 41.39
C GLU F 148 -22.12 7.14 41.94
N GLU F 149 -22.15 7.02 43.26
CA GLU F 149 -22.48 5.75 43.89
C GLU F 149 -23.94 5.41 43.64
N LEU F 150 -24.19 4.13 43.37
CA LEU F 150 -25.53 3.62 43.09
C LEU F 150 -25.85 2.46 44.02
N GLN F 151 -27.09 2.40 44.48
CA GLN F 151 -27.56 1.29 45.31
C GLN F 151 -27.86 0.11 44.38
N TYR F 152 -26.90 -0.79 44.24
CA TYR F 152 -27.04 -1.89 43.30
C TYR F 152 -28.03 -2.93 43.82
N ASP F 153 -28.72 -3.58 42.89
CA ASP F 153 -29.70 -4.59 43.28
C ASP F 153 -29.02 -5.83 43.85
N SER F 154 -27.91 -6.26 43.25
CA SER F 154 -27.20 -7.45 43.70
C SER F 154 -25.71 -7.15 43.81
N THR F 155 -25.08 -7.73 44.82
CA THR F 155 -23.64 -7.59 45.01
C THR F 155 -23.08 -8.92 45.49
N LEU F 156 -22.06 -9.42 44.78
CA LEU F 156 -21.45 -10.69 45.09
C LEU F 156 -19.95 -10.54 45.12
N SER F 157 -19.29 -11.50 45.76
CA SER F 157 -17.83 -11.56 45.83
C SER F 157 -17.40 -13.00 45.68
N LEU F 158 -16.40 -13.25 44.85
CA LEU F 158 -15.94 -14.61 44.60
C LEU F 158 -14.46 -14.57 44.28
N PRO F 159 -13.75 -15.68 44.45
CA PRO F 159 -12.32 -15.70 44.14
C PRO F 159 -12.06 -15.32 42.69
N SER F 160 -10.99 -14.56 42.46
CA SER F 160 -10.72 -14.07 41.11
C SER F 160 -10.38 -15.20 40.16
N SER F 161 -9.71 -16.25 40.67
CA SER F 161 -9.30 -17.34 39.79
C SER F 161 -10.50 -18.07 39.20
N GLU F 162 -11.52 -18.34 40.03
CA GLU F 162 -12.70 -19.03 39.51
C GLU F 162 -13.42 -18.19 38.48
N PHE F 163 -13.56 -16.88 38.73
CA PHE F 163 -14.21 -16.02 37.75
C PHE F 163 -13.43 -15.98 36.45
N SER F 164 -12.10 -15.90 36.54
CA SER F 164 -11.27 -15.91 35.34
C SER F 164 -11.46 -17.20 34.56
N LYS F 165 -11.46 -18.34 35.26
CA LYS F 165 -11.65 -19.61 34.57
C LYS F 165 -13.01 -19.69 33.90
N ILE F 166 -14.06 -19.24 34.59
CA ILE F 166 -15.41 -19.28 34.01
C ILE F 166 -15.48 -18.40 32.77
N VAL F 167 -14.92 -17.19 32.86
CA VAL F 167 -14.97 -16.27 31.73
C VAL F 167 -14.21 -16.84 30.54
N ARG F 168 -13.01 -17.39 30.79
CA ARG F 168 -12.22 -17.94 29.71
C ARG F 168 -12.92 -19.14 29.07
N ASP F 169 -13.54 -20.00 29.88
CA ASP F 169 -14.24 -21.16 29.34
C ASP F 169 -15.44 -20.73 28.50
N LEU F 170 -16.20 -19.73 28.98
CA LEU F 170 -17.40 -19.34 28.25
C LEU F 170 -17.08 -18.52 27.01
N SER F 171 -15.94 -17.81 27.00
CA SER F 171 -15.57 -17.02 25.83
C SER F 171 -15.28 -17.89 24.61
N GLN F 172 -15.01 -19.18 24.81
CA GLN F 172 -14.74 -20.06 23.68
C GLN F 172 -15.99 -20.38 22.89
N LEU F 173 -17.17 -20.19 23.48
CA LEU F 173 -18.44 -20.54 22.83
C LEU F 173 -19.12 -19.35 22.17
N SER F 174 -19.11 -18.19 22.81
CA SER F 174 -19.86 -17.05 22.30
C SER F 174 -19.10 -15.76 22.60
N ASP F 175 -19.47 -14.71 21.88
CA ASP F 175 -18.93 -13.38 22.13
C ASP F 175 -19.72 -12.60 23.17
N SER F 176 -20.80 -13.18 23.69
CA SER F 176 -21.62 -12.54 24.71
C SER F 176 -21.87 -13.52 25.84
N ILE F 177 -21.77 -13.04 27.08
CA ILE F 177 -21.99 -13.84 28.27
C ILE F 177 -23.10 -13.17 29.08
N ASN F 178 -24.10 -13.98 29.46
CA ASN F 178 -25.24 -13.49 30.21
C ASN F 178 -25.12 -13.94 31.66
N ILE F 179 -25.21 -12.99 32.59
CA ILE F 179 -25.14 -13.25 34.01
C ILE F 179 -26.54 -13.04 34.59
N MET F 180 -27.04 -14.06 35.30
CA MET F 180 -28.34 -14.02 35.95
C MET F 180 -28.13 -14.22 37.43
N ILE F 181 -28.58 -13.26 38.23
CA ILE F 181 -28.52 -13.34 39.69
C ILE F 181 -29.94 -13.55 40.19
N THR F 182 -30.17 -14.71 40.80
CA THR F 182 -31.45 -15.04 41.41
C THR F 182 -31.21 -15.48 42.84
N LYS F 183 -32.31 -15.66 43.58
CA LYS F 183 -32.21 -16.01 44.99
C LYS F 183 -31.34 -17.25 45.17
N GLU F 184 -30.19 -17.08 45.83
CA GLU F 184 -29.30 -18.18 46.17
C GLU F 184 -28.67 -18.82 44.93
N THR F 185 -28.52 -18.07 43.84
CA THR F 185 -27.97 -18.66 42.62
C THR F 185 -27.37 -17.58 41.72
N ILE F 186 -26.21 -17.88 41.15
CA ILE F 186 -25.55 -17.05 40.15
C ILE F 186 -25.28 -17.93 38.93
N LYS F 187 -25.74 -17.50 37.77
CA LYS F 187 -25.64 -18.31 36.55
C LYS F 187 -24.95 -17.51 35.46
N PHE F 188 -23.96 -18.14 34.82
CA PHE F 188 -23.27 -17.57 33.66
C PHE F 188 -23.59 -18.46 32.46
N VAL F 189 -24.14 -17.86 31.41
CA VAL F 189 -24.62 -18.59 30.24
C VAL F 189 -23.98 -18.01 28.98
N ALA F 190 -23.62 -18.89 28.06
CA ALA F 190 -23.11 -18.50 26.75
C ALA F 190 -23.76 -19.38 25.70
N ASP F 191 -24.13 -18.78 24.57
CA ASP F 191 -24.73 -19.49 23.45
C ASP F 191 -24.02 -19.10 22.18
N GLY F 192 -23.58 -20.09 21.40
CA GLY F 192 -22.81 -19.83 20.20
C GLY F 192 -23.09 -20.79 19.06
N ASP F 193 -22.27 -20.69 18.01
CA ASP F 193 -22.50 -21.51 16.81
C ASP F 193 -22.32 -22.99 17.10
N ILE F 194 -21.26 -23.35 17.85
CA ILE F 194 -20.96 -24.75 18.09
C ILE F 194 -21.78 -25.36 19.23
N GLY F 195 -22.33 -24.54 20.12
CA GLY F 195 -23.07 -25.06 21.24
C GLY F 195 -23.28 -23.97 22.28
N SER F 196 -23.63 -24.43 23.48
CA SER F 196 -23.94 -23.54 24.59
C SER F 196 -23.34 -24.09 25.87
N GLY F 197 -23.22 -23.22 26.86
CA GLY F 197 -22.69 -23.61 28.16
C GLY F 197 -23.33 -22.78 29.25
N SER F 198 -23.42 -23.37 30.45
CA SER F 198 -24.03 -22.71 31.59
C SER F 198 -23.36 -23.19 32.86
N VAL F 199 -22.79 -22.25 33.62
CA VAL F 199 -22.14 -22.54 34.90
C VAL F 199 -22.99 -21.92 35.99
N ILE F 200 -23.39 -22.73 36.98
CA ILE F 200 -24.23 -22.29 38.07
C ILE F 200 -23.44 -22.43 39.37
N ILE F 201 -23.40 -21.36 40.15
CA ILE F 201 -22.74 -21.36 41.46
C ILE F 201 -23.74 -20.88 42.50
N LYS F 202 -23.48 -21.27 43.74
CA LYS F 202 -24.33 -20.93 44.87
C LYS F 202 -23.47 -20.39 46.00
N PRO F 203 -23.99 -19.48 46.81
CA PRO F 203 -23.19 -18.95 47.93
C PRO F 203 -22.78 -20.06 48.89
N PHE F 204 -21.48 -20.15 49.14
CA PHE F 204 -20.90 -21.19 49.98
C PHE F 204 -19.84 -20.57 50.87
N VAL F 205 -19.83 -20.98 52.14
CA VAL F 205 -18.92 -20.43 53.14
C VAL F 205 -18.20 -21.57 53.83
N ASP F 206 -16.87 -21.43 53.94
CA ASP F 206 -16.04 -22.42 54.62
C ASP F 206 -15.14 -21.66 55.59
N MET F 207 -15.37 -21.85 56.89
CA MET F 207 -14.59 -21.15 57.89
C MET F 207 -13.13 -21.61 57.89
N GLU F 208 -12.87 -22.84 57.47
CA GLU F 208 -11.50 -23.36 57.45
C GLU F 208 -10.63 -22.54 56.52
N HIS F 209 -11.12 -22.23 55.32
CA HIS F 209 -10.37 -21.47 54.32
C HIS F 209 -11.26 -20.35 53.80
N PRO F 210 -11.27 -19.18 54.46
CA PRO F 210 -12.08 -18.03 54.01
C PRO F 210 -11.48 -17.27 52.82
N GLU F 211 -11.03 -18.01 51.80
CA GLU F 211 -10.64 -17.42 50.53
C GLU F 211 -11.31 -18.06 49.33
N THR F 212 -11.89 -19.25 49.47
CA THR F 212 -12.65 -19.90 48.41
C THR F 212 -14.14 -19.66 48.54
N SER F 213 -14.58 -18.86 49.52
CA SER F 213 -16.00 -18.66 49.75
C SER F 213 -16.61 -17.79 48.66
N ILE F 214 -17.89 -18.03 48.38
CA ILE F 214 -18.67 -17.25 47.44
C ILE F 214 -19.78 -16.57 48.23
N LYS F 215 -19.81 -15.24 48.19
CA LYS F 215 -20.77 -14.45 48.95
C LYS F 215 -21.70 -13.71 48.00
N LEU F 216 -22.99 -13.67 48.36
CA LEU F 216 -24.00 -13.02 47.54
C LEU F 216 -24.99 -12.29 48.44
N GLU F 217 -25.38 -11.09 48.02
CA GLU F 217 -26.45 -10.33 48.67
C GLU F 217 -27.35 -9.80 47.56
N MET F 218 -28.61 -10.25 47.55
CA MET F 218 -29.54 -9.98 46.48
C MET F 218 -30.72 -9.17 47.00
N ASP F 219 -31.08 -8.12 46.27
CA ASP F 219 -32.28 -7.34 46.54
C ASP F 219 -33.33 -7.47 45.43
N GLN F 220 -32.90 -7.53 44.18
CA GLN F 220 -33.78 -7.75 43.04
C GLN F 220 -33.03 -8.63 42.05
N PRO F 221 -33.64 -9.71 41.55
CA PRO F 221 -32.95 -10.54 40.56
C PRO F 221 -32.58 -9.74 39.33
N VAL F 222 -31.43 -10.07 38.73
CA VAL F 222 -30.92 -9.31 37.60
C VAL F 222 -30.53 -10.27 36.48
N ASP F 223 -30.53 -9.74 35.25
CA ASP F 223 -30.16 -10.51 34.07
C ASP F 223 -29.51 -9.53 33.11
N LEU F 224 -28.21 -9.69 32.85
CA LEU F 224 -27.48 -8.73 32.03
C LEU F 224 -26.49 -9.45 31.13
N THR F 225 -26.38 -9.01 29.89
CA THR F 225 -25.48 -9.58 28.90
C THR F 225 -24.32 -8.63 28.64
N PHE F 226 -23.10 -9.18 28.60
CA PHE F 226 -21.89 -8.39 28.41
C PHE F 226 -21.03 -9.00 27.31
N GLY F 227 -20.30 -8.14 26.61
CA GLY F 227 -19.37 -8.62 25.61
C GLY F 227 -18.27 -9.47 26.23
N ALA F 228 -17.93 -10.57 25.56
CA ALA F 228 -16.93 -11.48 26.10
C ALA F 228 -15.53 -10.89 26.09
N LYS F 229 -15.20 -10.10 25.07
CA LYS F 229 -13.87 -9.52 24.98
C LYS F 229 -13.59 -8.58 26.16
N TYR F 230 -14.59 -7.79 26.56
CA TYR F 230 -14.40 -6.88 27.67
C TYR F 230 -14.22 -7.63 28.98
N LEU F 231 -14.96 -8.73 29.18
CA LEU F 231 -14.75 -9.54 30.37
C LEU F 231 -13.37 -10.18 30.36
N LEU F 232 -12.90 -10.62 29.19
CA LEU F 232 -11.56 -11.18 29.08
C LEU F 232 -10.52 -10.14 29.46
N ASP F 233 -10.71 -8.90 29.03
CA ASP F 233 -9.80 -7.83 29.43
C ASP F 233 -9.88 -7.57 30.93
N ILE F 234 -11.09 -7.59 31.49
CA ILE F 234 -11.28 -7.26 32.90
C ILE F 234 -10.62 -8.30 33.81
N ILE F 235 -10.76 -9.58 33.47
CA ILE F 235 -10.23 -10.63 34.33
C ILE F 235 -8.72 -10.57 34.48
N LYS F 236 -8.04 -9.75 33.68
CA LYS F 236 -6.60 -9.59 33.81
C LYS F 236 -6.20 -8.92 35.12
N GLY F 237 -7.14 -8.35 35.85
CA GLY F 237 -6.87 -7.78 37.15
C GLY F 237 -6.82 -8.77 38.28
N SER F 238 -7.03 -10.05 37.99
CA SER F 238 -7.01 -11.08 39.04
C SER F 238 -5.65 -11.20 39.70
N SER F 239 -4.58 -10.78 39.03
CA SER F 239 -3.24 -10.84 39.62
C SER F 239 -3.04 -9.85 40.75
N LEU F 240 -3.97 -8.92 40.95
CA LEU F 240 -3.84 -7.91 41.98
C LEU F 240 -4.48 -8.34 43.29
N SER F 241 -5.62 -9.03 43.23
CA SER F 241 -6.34 -9.45 44.40
C SER F 241 -6.77 -10.90 44.26
N ASP F 242 -6.93 -11.58 45.39
CA ASP F 242 -7.40 -12.95 45.39
C ASP F 242 -8.91 -13.05 45.25
N ARG F 243 -9.64 -11.94 45.44
CA ARG F 243 -11.09 -11.92 45.32
C ARG F 243 -11.50 -10.78 44.39
N VAL F 244 -12.67 -10.95 43.79
CA VAL F 244 -13.26 -9.94 42.92
C VAL F 244 -14.69 -9.71 43.37
N GLY F 245 -15.09 -8.43 43.43
CA GLY F 245 -16.44 -8.06 43.81
C GLY F 245 -17.20 -7.54 42.60
N ILE F 246 -18.35 -8.15 42.33
CA ILE F 246 -19.19 -7.81 41.19
C ILE F 246 -20.49 -7.23 41.73
N ARG F 247 -20.77 -5.98 41.35
CA ARG F 247 -22.01 -5.30 41.70
C ARG F 247 -22.83 -5.10 40.44
N LEU F 248 -24.05 -5.63 40.44
CA LEU F 248 -24.92 -5.61 39.27
C LEU F 248 -26.26 -5.01 39.65
N SER F 249 -26.81 -4.20 38.75
CA SER F 249 -28.12 -3.61 38.95
C SER F 249 -28.70 -3.24 37.59
N SER F 250 -29.97 -3.56 37.38
CA SER F 250 -30.63 -3.23 36.12
C SER F 250 -30.61 -1.72 35.91
N GLU F 251 -30.34 -1.30 34.67
CA GLU F 251 -30.27 0.11 34.30
C GLU F 251 -29.09 0.80 34.99
N ALA F 252 -27.93 0.12 34.96
CA ALA F 252 -26.71 0.69 35.50
C ALA F 252 -25.51 -0.17 35.10
N PRO F 253 -24.33 0.42 34.96
CA PRO F 253 -23.16 -0.38 34.57
C PRO F 253 -22.77 -1.37 35.66
N ALA F 254 -22.21 -2.50 35.22
CA ALA F 254 -21.72 -3.52 36.14
C ALA F 254 -20.35 -3.11 36.66
N LEU F 255 -20.15 -3.24 37.97
CA LEU F 255 -18.91 -2.83 38.62
C LEU F 255 -18.12 -4.08 39.02
N PHE F 256 -16.88 -4.16 38.56
CA PHE F 256 -15.96 -5.23 38.91
C PHE F 256 -14.79 -4.60 39.66
N GLN F 257 -14.64 -4.92 40.94
CA GLN F 257 -13.65 -4.29 41.80
C GLN F 257 -12.65 -5.32 42.30
N PHE F 258 -11.37 -4.98 42.18
CA PHE F 258 -10.26 -5.70 42.79
C PHE F 258 -9.63 -4.79 43.84
N ASP F 259 -9.50 -5.29 45.07
CA ASP F 259 -9.03 -4.49 46.19
C ASP F 259 -7.53 -4.66 46.37
N LEU F 260 -6.81 -3.54 46.46
CA LEU F 260 -5.39 -3.52 46.75
C LEU F 260 -5.17 -3.25 48.24
N LYS F 261 -3.90 -3.23 48.64
CA LYS F 261 -3.59 -2.96 50.05
C LYS F 261 -4.12 -1.60 50.48
N SER F 262 -3.88 -0.58 49.67
CA SER F 262 -4.37 0.78 49.91
C SER F 262 -4.87 1.32 48.58
N GLY F 263 -6.15 1.14 48.31
CA GLY F 263 -6.77 1.59 47.08
C GLY F 263 -7.50 0.45 46.41
N PHE F 264 -7.67 0.54 45.10
CA PHE F 264 -8.44 -0.45 44.37
C PHE F 264 -8.37 -0.17 42.88
N LEU F 265 -8.83 -1.15 42.10
CA LEU F 265 -8.99 -1.03 40.65
C LEU F 265 -10.42 -1.44 40.31
N GLN F 266 -11.14 -0.55 39.62
CA GLN F 266 -12.56 -0.73 39.32
C GLN F 266 -12.79 -0.67 37.82
N PHE F 267 -13.66 -1.56 37.34
CA PHE F 267 -14.09 -1.58 35.95
C PHE F 267 -15.60 -1.40 35.91
N PHE F 268 -16.07 -0.37 35.22
CA PHE F 268 -17.47 -0.16 34.96
C PHE F 268 -17.74 -0.58 33.52
N LEU F 269 -18.53 -1.63 33.35
CA LEU F 269 -18.83 -2.19 32.04
C LEU F 269 -20.31 -2.01 31.73
N ALA F 270 -20.61 -1.39 30.60
CA ALA F 270 -22.00 -1.20 30.20
C ALA F 270 -22.58 -2.50 29.64
N PRO F 271 -23.80 -2.86 30.02
CA PRO F 271 -24.43 -4.05 29.42
C PRO F 271 -24.87 -3.78 27.99
N LYS F 272 -25.08 -4.87 27.25
CA LYS F 272 -25.59 -4.78 25.89
C LYS F 272 -27.07 -4.45 25.89
N PHE F 273 -27.50 -3.67 24.91
CA PHE F 273 -28.92 -3.37 24.75
C PHE F 273 -29.71 -4.66 24.56
N ASN F 274 -30.82 -4.78 25.27
CA ASN F 274 -31.67 -5.97 25.18
C ASN F 274 -32.68 -5.76 24.07
N ASP F 275 -32.24 -5.98 22.84
CA ASP F 275 -33.09 -5.84 21.67
C ASP F 275 -32.49 -6.52 20.46
N ALA G 18 -32.99 -36.48 28.56
CA ALA G 18 -31.79 -37.02 29.26
C ALA G 18 -32.08 -38.42 29.79
N SER G 19 -32.59 -39.30 28.93
CA SER G 19 -32.96 -40.64 29.32
C SER G 19 -32.28 -41.72 28.48
N MET G 20 -32.12 -41.50 27.17
CA MET G 20 -31.68 -42.57 26.29
C MET G 20 -30.28 -43.05 26.64
N LEU G 21 -29.28 -42.18 26.49
CA LEU G 21 -27.88 -42.53 26.69
C LEU G 21 -27.32 -41.70 27.84
N GLU G 22 -26.75 -42.37 28.83
CA GLU G 22 -26.10 -41.72 29.97
C GLU G 22 -24.80 -42.47 30.24
N ALA G 23 -23.67 -41.82 29.98
CA ALA G 23 -22.35 -42.41 30.19
C ALA G 23 -21.57 -41.51 31.14
N LYS G 24 -21.29 -42.00 32.34
CA LYS G 24 -20.64 -41.23 33.39
C LYS G 24 -19.19 -41.70 33.53
N PHE G 25 -18.26 -40.86 33.05
CA PHE G 25 -16.84 -41.00 33.34
C PHE G 25 -16.56 -40.52 34.75
N GLU G 26 -15.85 -41.36 35.53
CA GLU G 26 -15.46 -40.96 36.88
C GLU G 26 -14.55 -39.73 36.84
N GLU G 27 -13.64 -39.68 35.87
CA GLU G 27 -12.73 -38.55 35.72
C GLU G 27 -12.86 -38.00 34.30
N ALA G 28 -13.12 -36.69 34.19
CA ALA G 28 -13.27 -36.07 32.89
C ALA G 28 -11.95 -36.04 32.12
N SER G 29 -10.82 -36.20 32.80
CA SER G 29 -9.53 -36.14 32.12
C SER G 29 -9.35 -37.30 31.13
N LEU G 30 -9.95 -38.45 31.42
CA LEU G 30 -9.76 -39.62 30.55
C LEU G 30 -10.31 -39.37 29.16
N PHE G 31 -11.55 -38.88 29.07
CA PHE G 31 -12.15 -38.64 27.76
C PHE G 31 -11.41 -37.55 27.01
N LYS G 32 -10.99 -36.48 27.71
CA LYS G 32 -10.22 -35.43 27.06
C LYS G 32 -8.90 -35.97 26.53
N ARG G 33 -8.24 -36.84 27.29
CA ARG G 33 -7.00 -37.45 26.82
C ARG G 33 -7.25 -38.31 25.59
N ILE G 34 -8.32 -39.08 25.59
CA ILE G 34 -8.65 -39.92 24.43
C ILE G 34 -8.85 -39.05 23.20
N ILE G 35 -9.61 -37.96 23.36
CA ILE G 35 -9.88 -37.08 22.22
C ILE G 35 -8.58 -36.45 21.73
N ASP G 36 -7.76 -35.94 22.65
CA ASP G 36 -6.50 -35.32 22.27
C ASP G 36 -5.56 -36.31 21.60
N GLY G 37 -5.73 -37.61 21.88
CA GLY G 37 -4.87 -38.61 21.25
C GLY G 37 -4.91 -38.55 19.74
N PHE G 38 -6.10 -38.32 19.16
CA PHE G 38 -6.25 -38.40 17.71
C PHE G 38 -7.06 -37.24 17.12
N LYS G 39 -7.16 -36.11 17.81
CA LYS G 39 -7.93 -34.99 17.27
C LYS G 39 -7.16 -34.25 16.18
N ASP G 40 -5.85 -34.45 16.08
CA ASP G 40 -5.05 -33.76 15.07
C ASP G 40 -4.92 -34.54 13.77
N CYS G 41 -5.39 -35.78 13.73
CA CYS G 41 -5.37 -36.59 12.51
C CYS G 41 -6.71 -36.55 11.78
N VAL G 42 -7.81 -36.72 12.52
CA VAL G 42 -9.14 -36.64 11.95
C VAL G 42 -9.87 -35.45 12.57
N GLN G 43 -10.93 -35.01 11.89
CA GLN G 43 -11.66 -33.82 12.30
C GLN G 43 -13.12 -34.10 12.63
N LEU G 44 -13.80 -34.90 11.82
CA LEU G 44 -15.20 -35.25 12.04
C LEU G 44 -15.29 -36.75 12.25
N VAL G 45 -15.83 -37.16 13.40
CA VAL G 45 -15.81 -38.56 13.82
C VAL G 45 -17.21 -39.00 14.21
N ASN G 46 -17.55 -40.24 13.89
CA ASN G 46 -18.80 -40.86 14.28
C ASN G 46 -18.54 -41.78 15.47
N PHE G 47 -19.18 -41.49 16.60
CA PHE G 47 -19.15 -42.34 17.77
C PHE G 47 -20.46 -43.10 17.86
N GLN G 48 -20.39 -44.43 17.77
CA GLN G 48 -21.55 -45.29 17.94
C GLN G 48 -21.52 -45.87 19.35
N CYS G 49 -22.58 -45.60 20.10
CA CYS G 49 -22.76 -46.11 21.45
C CYS G 49 -23.74 -47.27 21.39
N LYS G 50 -23.25 -48.46 21.75
CA LYS G 50 -24.06 -49.67 21.84
C LYS G 50 -24.21 -50.05 23.32
N GLU G 51 -24.78 -51.23 23.56
CA GLU G 51 -24.92 -51.72 24.93
C GLU G 51 -23.61 -52.21 25.52
N ASP G 52 -22.55 -52.30 24.70
CA ASP G 52 -21.25 -52.74 25.20
C ASP G 52 -20.30 -51.57 25.45
N GLY G 53 -20.44 -50.48 24.70
CA GLY G 53 -19.55 -49.34 24.88
C GLY G 53 -19.61 -48.38 23.71
N ILE G 54 -18.50 -47.69 23.44
CA ILE G 54 -18.43 -46.71 22.36
C ILE G 54 -17.36 -47.16 21.37
N ILE G 55 -17.70 -47.15 20.08
CA ILE G 55 -16.75 -47.42 19.01
C ILE G 55 -16.75 -46.23 18.06
N ALA G 56 -15.55 -45.82 17.64
CA ALA G 56 -15.41 -44.72 16.69
C ALA G 56 -14.42 -45.13 15.60
N GLN G 57 -14.76 -44.78 14.36
CA GLN G 57 -13.90 -45.05 13.21
C GLN G 57 -13.84 -43.78 12.36
N ALA G 58 -12.63 -43.38 11.99
CA ALA G 58 -12.44 -42.17 11.22
C ALA G 58 -11.32 -42.36 10.21
N VAL G 59 -11.37 -41.58 9.14
CA VAL G 59 -10.36 -41.60 8.09
C VAL G 59 -9.92 -40.17 7.83
N ASP G 60 -8.61 -39.95 7.79
CA ASP G 60 -8.07 -38.61 7.61
C ASP G 60 -8.42 -38.09 6.23
N ASP G 61 -8.06 -36.82 5.99
CA ASP G 61 -8.39 -36.18 4.71
C ASP G 61 -7.66 -36.84 3.54
N SER G 62 -6.45 -37.36 3.79
CA SER G 62 -5.67 -37.99 2.73
C SER G 62 -6.04 -39.45 2.52
N ARG G 63 -6.98 -39.99 3.29
CA ARG G 63 -7.47 -41.35 3.10
C ARG G 63 -6.33 -42.37 3.17
N VAL G 64 -5.33 -42.08 4.00
CA VAL G 64 -4.14 -42.93 4.12
C VAL G 64 -4.06 -43.50 5.53
N LEU G 65 -4.59 -42.77 6.51
CA LEU G 65 -4.54 -43.16 7.91
C LEU G 65 -5.95 -43.38 8.43
N LEU G 66 -6.18 -44.52 9.06
CA LEU G 66 -7.46 -44.84 9.68
C LEU G 66 -7.29 -44.91 11.19
N VAL G 67 -8.25 -44.34 11.91
CA VAL G 67 -8.23 -44.27 13.37
C VAL G 67 -9.42 -45.05 13.90
N SER G 68 -9.14 -46.02 14.78
CA SER G 68 -10.17 -46.81 15.44
C SER G 68 -10.06 -46.60 16.94
N LEU G 69 -11.20 -46.44 17.60
CA LEU G 69 -11.26 -46.21 19.04
C LEU G 69 -12.32 -47.10 19.64
N GLU G 70 -11.96 -47.84 20.68
CA GLU G 70 -12.92 -48.65 21.41
C GLU G 70 -12.81 -48.33 22.90
N ILE G 71 -13.94 -48.00 23.51
CA ILE G 71 -14.04 -47.77 24.95
C ILE G 71 -15.11 -48.70 25.49
N GLY G 72 -14.72 -49.59 26.40
CA GLY G 72 -15.64 -50.57 26.94
C GLY G 72 -16.47 -50.00 28.10
N VAL G 73 -17.46 -50.79 28.51
CA VAL G 73 -18.35 -50.39 29.60
C VAL G 73 -17.57 -50.25 30.90
N GLU G 74 -16.46 -50.99 31.03
CA GLU G 74 -15.67 -50.94 32.26
C GLU G 74 -14.89 -49.65 32.42
N ALA G 75 -14.83 -48.82 31.38
CA ALA G 75 -14.11 -47.55 31.43
C ALA G 75 -14.95 -46.42 32.01
N PHE G 76 -16.20 -46.67 32.36
CA PHE G 76 -17.11 -45.65 32.86
C PHE G 76 -17.45 -45.93 34.32
N GLN G 77 -17.66 -44.86 35.09
CA GLN G 77 -18.25 -45.02 36.40
C GLN G 77 -19.68 -45.53 36.28
N GLU G 78 -20.41 -45.08 35.26
CA GLU G 78 -21.72 -45.64 34.94
C GLU G 78 -21.91 -45.63 33.43
N TYR G 79 -22.79 -46.51 32.95
CA TYR G 79 -23.08 -46.55 31.52
C TYR G 79 -24.46 -47.16 31.33
N ARG G 80 -25.32 -46.47 30.57
CA ARG G 80 -26.66 -46.97 30.30
C ARG G 80 -27.07 -46.46 28.92
N CYS G 81 -27.29 -47.39 27.99
CA CYS G 81 -27.67 -47.07 26.61
C CYS G 81 -28.89 -47.91 26.25
N ASP G 82 -30.07 -47.29 26.21
CA ASP G 82 -31.29 -48.04 25.92
C ASP G 82 -31.24 -48.67 24.54
N HIS G 83 -30.95 -47.87 23.52
CA HIS G 83 -30.88 -48.34 22.14
C HIS G 83 -29.59 -47.85 21.50
N PRO G 84 -29.04 -48.60 20.54
CA PRO G 84 -27.81 -48.13 19.88
C PRO G 84 -28.03 -46.78 19.23
N VAL G 85 -27.03 -45.91 19.36
CA VAL G 85 -27.12 -44.54 18.85
C VAL G 85 -25.81 -44.17 18.16
N THR G 86 -25.89 -43.20 17.27
CA THR G 86 -24.74 -42.67 16.55
C THR G 86 -24.68 -41.17 16.73
N LEU G 87 -23.47 -40.64 16.93
CA LEU G 87 -23.26 -39.22 17.17
C LEU G 87 -22.10 -38.75 16.32
N GLY G 88 -22.37 -37.80 15.42
CA GLY G 88 -21.33 -37.21 14.62
C GLY G 88 -20.81 -35.93 15.25
N MET G 89 -19.51 -35.88 15.56
CA MET G 89 -18.93 -34.78 16.31
C MET G 89 -17.72 -34.23 15.60
N ASP G 90 -17.59 -32.90 15.63
CA ASP G 90 -16.36 -32.23 15.24
C ASP G 90 -15.43 -32.19 16.44
N LEU G 91 -14.27 -32.84 16.31
CA LEU G 91 -13.39 -33.00 17.46
C LEU G 91 -12.89 -31.67 17.99
N THR G 92 -12.81 -30.64 17.14
CA THR G 92 -12.37 -29.33 17.61
C THR G 92 -13.33 -28.77 18.65
N SER G 93 -14.62 -28.77 18.34
CA SER G 93 -15.61 -28.26 19.29
C SER G 93 -15.67 -29.13 20.55
N LEU G 94 -15.56 -30.45 20.38
CA LEU G 94 -15.58 -31.35 21.54
C LEU G 94 -14.41 -31.05 22.46
N SER G 95 -13.22 -30.85 21.91
CA SER G 95 -12.07 -30.49 22.74
C SER G 95 -12.27 -29.13 23.39
N LYS G 96 -12.80 -28.16 22.65
CA LYS G 96 -13.08 -26.85 23.22
C LYS G 96 -13.94 -26.99 24.46
N ILE G 97 -15.02 -27.78 24.36
CA ILE G 97 -15.89 -27.97 25.51
C ILE G 97 -15.17 -28.71 26.63
N LEU G 98 -14.41 -29.76 26.29
CA LEU G 98 -13.80 -30.58 27.31
C LEU G 98 -12.75 -29.82 28.11
N ARG G 99 -12.13 -28.79 27.51
CA ARG G 99 -11.18 -27.98 28.26
C ARG G 99 -11.83 -27.16 29.37
N CYS G 100 -13.16 -27.08 29.39
CA CYS G 100 -13.85 -26.30 30.42
C CYS G 100 -14.06 -27.07 31.72
N GLY G 101 -13.66 -28.33 31.78
CA GLY G 101 -13.87 -29.15 32.97
C GLY G 101 -12.63 -29.22 33.84
N ASN G 102 -12.84 -29.30 35.14
CA ASN G 102 -11.75 -29.43 36.09
C ASN G 102 -11.24 -30.87 36.14
N ASN G 103 -10.03 -31.04 36.67
CA ASN G 103 -9.44 -32.37 36.77
C ASN G 103 -10.25 -33.27 37.69
N THR G 104 -10.67 -32.75 38.83
CA THR G 104 -11.43 -33.53 39.82
C THR G 104 -12.93 -33.31 39.63
N ASP G 105 -13.42 -33.67 38.44
CA ASP G 105 -14.83 -33.54 38.10
C ASP G 105 -15.30 -34.81 37.42
N THR G 106 -16.52 -35.21 37.71
CA THR G 106 -17.15 -36.34 37.04
C THR G 106 -17.85 -35.85 35.78
N LEU G 107 -17.65 -36.56 34.67
CA LEU G 107 -18.20 -36.16 33.39
C LEU G 107 -19.37 -37.07 33.03
N THR G 108 -20.40 -36.50 32.41
CA THR G 108 -21.57 -37.26 31.99
C THR G 108 -21.94 -36.87 30.57
N LEU G 109 -21.91 -37.82 29.66
CA LEU G 109 -22.43 -37.64 28.31
C LEU G 109 -23.87 -38.12 28.28
N ILE G 110 -24.76 -37.25 27.82
CA ILE G 110 -26.20 -37.47 27.85
C ILE G 110 -26.77 -37.23 26.46
N ALA G 111 -27.62 -38.15 26.01
CA ALA G 111 -28.26 -38.03 24.70
C ALA G 111 -29.66 -38.62 24.75
N ASP G 112 -30.52 -38.13 23.87
CA ASP G 112 -31.90 -38.59 23.75
C ASP G 112 -32.09 -39.26 22.39
N ASN G 113 -33.32 -39.74 22.16
CA ASN G 113 -33.65 -40.40 20.91
C ASN G 113 -33.55 -39.43 19.75
N THR G 114 -32.93 -39.88 18.65
CA THR G 114 -32.73 -39.07 17.46
C THR G 114 -32.19 -37.69 17.87
N PRO G 115 -30.99 -37.63 18.44
CA PRO G 115 -30.51 -36.37 19.00
C PRO G 115 -29.96 -35.42 17.94
N ASP G 116 -30.23 -34.13 18.14
CA ASP G 116 -29.57 -33.07 17.39
C ASP G 116 -28.37 -32.50 18.13
N SER G 117 -28.26 -32.77 19.43
CA SER G 117 -27.16 -32.28 20.24
C SER G 117 -26.95 -33.23 21.40
N ILE G 118 -25.76 -33.14 22.00
CA ILE G 118 -25.42 -33.95 23.16
C ILE G 118 -25.13 -33.02 24.34
N ILE G 119 -25.29 -33.55 25.54
CA ILE G 119 -25.11 -32.79 26.78
C ILE G 119 -23.88 -33.33 27.50
N LEU G 120 -22.94 -32.45 27.80
CA LEU G 120 -21.76 -32.77 28.60
C LEU G 120 -21.92 -32.08 29.95
N LEU G 121 -21.99 -32.88 31.01
CA LEU G 121 -22.24 -32.38 32.36
C LEU G 121 -20.99 -32.63 33.21
N PHE G 122 -20.41 -31.57 33.73
CA PHE G 122 -19.30 -31.65 34.67
C PHE G 122 -19.84 -31.40 36.07
N GLU G 123 -19.63 -32.37 36.96
CA GLU G 123 -20.16 -32.31 38.31
C GLU G 123 -19.02 -32.42 39.32
N ASP G 124 -19.11 -31.63 40.39
CA ASP G 124 -18.15 -31.64 41.48
C ASP G 124 -18.88 -32.01 42.77
N THR G 125 -18.28 -32.91 43.54
CA THR G 125 -18.88 -33.36 44.79
C THR G 125 -18.44 -32.51 45.98
N LYS G 126 -17.16 -32.16 46.04
CA LYS G 126 -16.68 -31.34 47.15
C LYS G 126 -17.31 -29.95 47.13
N LYS G 127 -17.64 -29.44 45.94
CA LYS G 127 -18.32 -28.15 45.79
C LYS G 127 -19.60 -28.36 45.00
N ASP G 128 -20.68 -27.73 45.47
CA ASP G 128 -21.99 -27.88 44.84
C ASP G 128 -22.08 -26.98 43.61
N ARG G 129 -21.34 -27.37 42.58
CA ARG G 129 -21.30 -26.64 41.31
C ARG G 129 -21.48 -27.60 40.15
N ILE G 130 -22.32 -27.21 39.20
CA ILE G 130 -22.61 -28.00 38.01
C ILE G 130 -22.31 -27.14 36.79
N ALA G 131 -21.73 -27.76 35.75
CA ALA G 131 -21.46 -27.08 34.49
C ALA G 131 -22.03 -27.91 33.36
N GLU G 132 -23.07 -27.41 32.71
CA GLU G 132 -23.76 -28.11 31.64
C GLU G 132 -23.45 -27.44 30.31
N TYR G 133 -22.99 -28.23 29.34
CA TYR G 133 -22.70 -27.73 28.01
C TYR G 133 -23.47 -28.55 26.99
N SER G 134 -23.85 -27.92 25.89
CA SER G 134 -24.55 -28.57 24.79
C SER G 134 -23.69 -28.47 23.53
N LEU G 135 -23.43 -29.61 22.90
CA LEU G 135 -22.66 -29.66 21.68
C LEU G 135 -23.56 -30.07 20.53
N LYS G 136 -23.58 -29.25 19.47
CA LYS G 136 -24.41 -29.53 18.32
C LYS G 136 -23.80 -30.66 17.49
N LEU G 137 -24.64 -31.62 17.11
CA LEU G 137 -24.17 -32.79 16.36
C LEU G 137 -24.06 -32.46 14.88
N MET G 138 -23.17 -33.18 14.20
CA MET G 138 -22.94 -33.03 12.78
C MET G 138 -23.52 -34.22 12.03
N ASP G 139 -23.89 -33.99 10.77
CA ASP G 139 -24.39 -35.04 9.89
C ASP G 139 -23.23 -35.54 9.05
N ILE G 140 -22.75 -36.74 9.37
CA ILE G 140 -21.58 -37.32 8.71
C ILE G 140 -22.03 -38.59 8.01
N ASP G 141 -21.74 -38.67 6.71
CA ASP G 141 -22.10 -39.81 5.88
C ASP G 141 -20.80 -40.50 5.46
N ALA G 142 -20.42 -41.54 6.20
CA ALA G 142 -19.22 -42.30 5.92
C ALA G 142 -19.53 -43.79 6.01
N ASP G 143 -18.74 -44.59 5.31
CA ASP G 143 -18.93 -46.05 5.27
C ASP G 143 -18.00 -46.71 6.28
N PHE G 144 -18.56 -47.61 7.08
CA PHE G 144 -17.78 -48.32 8.09
C PHE G 144 -16.98 -49.43 7.43
N LEU G 145 -15.66 -49.25 7.38
CA LEU G 145 -14.77 -50.27 6.83
C LEU G 145 -14.57 -51.38 7.86
N LYS G 146 -14.74 -52.62 7.42
CA LYS G 146 -14.62 -53.79 8.30
C LYS G 146 -13.15 -54.18 8.37
N ILE G 147 -12.53 -53.96 9.53
CA ILE G 147 -11.11 -54.27 9.72
C ILE G 147 -11.05 -55.69 10.27
N GLU G 148 -10.97 -56.66 9.37
CA GLU G 148 -10.82 -58.05 9.76
C GLU G 148 -9.41 -58.30 10.29
N GLU G 149 -9.30 -59.22 11.24
CA GLU G 149 -8.01 -59.56 11.82
C GLU G 149 -7.10 -60.18 10.77
N LEU G 150 -5.84 -59.75 10.76
CA LEU G 150 -4.84 -60.25 9.83
C LEU G 150 -3.61 -60.69 10.61
N GLN G 151 -3.09 -61.87 10.30
CA GLN G 151 -1.90 -62.39 10.97
C GLN G 151 -0.68 -61.66 10.44
N TYR G 152 -0.21 -60.67 11.20
CA TYR G 152 0.91 -59.86 10.77
C TYR G 152 2.22 -60.65 10.88
N ASP G 153 3.21 -60.22 10.08
CA ASP G 153 4.49 -60.92 10.06
C ASP G 153 5.31 -60.62 11.30
N SER G 154 5.31 -59.37 11.75
CA SER G 154 6.13 -58.95 12.88
C SER G 154 5.29 -58.24 13.92
N THR G 155 5.56 -58.52 15.20
CA THR G 155 4.92 -57.84 16.31
C THR G 155 6.01 -57.22 17.18
N LEU G 156 5.78 -55.99 17.63
CA LEU G 156 6.76 -55.25 18.42
C LEU G 156 6.03 -54.51 19.51
N SER G 157 6.62 -54.48 20.70
CA SER G 157 6.08 -53.71 21.83
C SER G 157 7.21 -52.93 22.45
N LEU G 158 7.11 -51.61 22.46
CA LEU G 158 8.18 -50.77 22.98
C LEU G 158 7.58 -49.63 23.77
N PRO G 159 8.32 -49.07 24.74
CA PRO G 159 7.79 -47.95 25.50
C PRO G 159 7.41 -46.79 24.58
N SER G 160 6.31 -46.12 24.91
CA SER G 160 5.81 -45.04 24.07
C SER G 160 6.83 -43.92 23.96
N SER G 161 7.54 -43.62 25.05
CA SER G 161 8.50 -42.53 25.03
C SER G 161 9.62 -42.79 24.02
N GLU G 162 10.14 -44.02 23.98
CA GLU G 162 11.21 -44.34 23.06
C GLU G 162 10.77 -44.16 21.61
N PHE G 163 9.60 -44.69 21.26
CA PHE G 163 9.11 -44.56 19.89
C PHE G 163 8.84 -43.10 19.54
N SER G 164 8.26 -42.34 20.46
CA SER G 164 8.00 -40.93 20.20
C SER G 164 9.30 -40.17 19.97
N LYS G 165 10.31 -40.43 20.80
CA LYS G 165 11.59 -39.76 20.62
C LYS G 165 12.23 -40.13 19.29
N ILE G 166 12.18 -41.42 18.92
CA ILE G 166 12.76 -41.84 17.65
C ILE G 166 12.07 -41.14 16.48
N VAL G 167 10.73 -41.10 16.51
CA VAL G 167 9.98 -40.50 15.42
C VAL G 167 10.27 -39.01 15.33
N ARG G 168 10.27 -38.32 16.47
CA ARG G 168 10.52 -36.88 16.46
C ARG G 168 11.95 -36.57 16.04
N ASP G 169 12.90 -37.45 16.35
CA ASP G 169 14.28 -37.23 15.95
C ASP G 169 14.45 -37.43 14.45
N LEU G 170 13.87 -38.50 13.91
CA LEU G 170 14.04 -38.81 12.50
C LEU G 170 13.15 -37.98 11.58
N SER G 171 12.12 -37.34 12.13
CA SER G 171 11.17 -36.60 11.28
C SER G 171 11.84 -35.42 10.60
N GLN G 172 12.63 -34.64 11.35
CA GLN G 172 13.20 -33.41 10.79
C GLN G 172 14.23 -33.68 9.69
N LEU G 173 14.69 -34.93 9.55
CA LEU G 173 15.67 -35.23 8.51
C LEU G 173 14.98 -35.46 7.16
N SER G 174 13.99 -36.34 7.12
CA SER G 174 13.29 -36.67 5.90
C SER G 174 11.80 -36.72 6.16
N ASP G 175 11.02 -36.47 5.11
CA ASP G 175 9.57 -36.58 5.19
C ASP G 175 9.10 -38.02 5.30
N SER G 176 10.00 -39.00 5.12
CA SER G 176 9.65 -40.41 5.13
C SER G 176 10.60 -41.16 6.05
N ILE G 177 10.08 -42.18 6.71
CA ILE G 177 10.86 -43.01 7.63
C ILE G 177 10.66 -44.46 7.25
N ASN G 178 11.76 -45.21 7.16
CA ASN G 178 11.73 -46.61 6.78
C ASN G 178 12.07 -47.47 8.00
N ILE G 179 11.20 -48.43 8.30
CA ILE G 179 11.39 -49.37 9.39
C ILE G 179 11.71 -50.73 8.79
N MET G 180 12.83 -51.30 9.21
CA MET G 180 13.28 -52.63 8.79
C MET G 180 13.35 -53.49 10.05
N ILE G 181 12.44 -54.45 10.16
CA ILE G 181 12.48 -55.43 11.23
C ILE G 181 13.09 -56.71 10.68
N THR G 182 14.20 -57.13 11.29
CA THR G 182 14.89 -58.37 10.93
C THR G 182 15.25 -59.08 12.22
N LYS G 183 15.89 -60.25 12.08
CA LYS G 183 16.19 -61.09 13.23
C LYS G 183 16.84 -60.29 14.34
N GLU G 184 16.14 -60.14 15.46
CA GLU G 184 16.66 -59.46 16.64
C GLU G 184 17.23 -58.08 16.30
N THR G 185 16.49 -57.32 15.49
CA THR G 185 16.93 -55.98 15.17
C THR G 185 15.78 -55.18 14.56
N ILE G 186 15.66 -53.92 15.00
CA ILE G 186 14.69 -52.99 14.44
C ILE G 186 15.44 -51.73 14.04
N LYS G 187 15.44 -51.41 12.75
CA LYS G 187 16.21 -50.28 12.23
C LYS G 187 15.26 -49.23 11.69
N PHE G 188 15.45 -47.99 12.13
CA PHE G 188 14.73 -46.83 11.60
C PHE G 188 15.71 -45.96 10.82
N VAL G 189 15.39 -45.68 9.57
CA VAL G 189 16.25 -44.89 8.68
C VAL G 189 15.43 -43.75 8.10
N ALA G 190 16.01 -42.55 8.08
CA ALA G 190 15.33 -41.36 7.59
C ALA G 190 16.25 -40.57 6.67
N ASP G 191 16.85 -41.27 5.71
CA ASP G 191 17.69 -40.59 4.71
C ASP G 191 16.86 -39.53 3.98
N GLY G 192 17.44 -38.34 3.85
CA GLY G 192 16.75 -37.23 3.23
C GLY G 192 17.65 -36.37 2.36
N ASP G 193 17.40 -35.06 2.37
CA ASP G 193 18.16 -34.11 1.57
C ASP G 193 19.31 -33.46 2.36
N ILE G 194 19.00 -32.85 3.51
CA ILE G 194 20.05 -32.24 4.31
C ILE G 194 21.02 -33.29 4.81
N GLY G 195 20.54 -34.50 5.10
CA GLY G 195 21.40 -35.54 5.61
C GLY G 195 20.70 -36.87 5.72
N SER G 196 21.08 -37.67 6.72
CA SER G 196 20.47 -38.98 6.93
C SER G 196 20.57 -39.34 8.40
N GLY G 197 19.70 -40.26 8.82
CA GLY G 197 19.68 -40.72 10.19
C GLY G 197 19.41 -42.20 10.30
N SER G 198 20.04 -42.88 11.25
CA SER G 198 19.86 -44.31 11.46
C SER G 198 19.84 -44.60 12.95
N VAL G 199 18.82 -45.32 13.40
CA VAL G 199 18.68 -45.71 14.79
C VAL G 199 18.38 -47.21 14.84
N ILE G 200 19.19 -47.95 15.59
CA ILE G 200 19.06 -49.40 15.70
C ILE G 200 18.65 -49.73 17.12
N ILE G 201 17.54 -50.47 17.25
CA ILE G 201 17.02 -50.93 18.53
C ILE G 201 17.17 -52.45 18.58
N LYS G 202 17.72 -52.95 19.69
CA LYS G 202 17.94 -54.37 19.90
C LYS G 202 16.98 -54.87 20.96
N PRO G 203 16.20 -55.92 20.70
CA PRO G 203 15.27 -56.42 21.72
C PRO G 203 15.99 -56.81 22.99
N PHE G 204 15.40 -56.47 24.13
CA PHE G 204 15.97 -56.80 25.42
C PHE G 204 14.88 -56.75 26.48
N VAL G 205 15.11 -57.46 27.58
CA VAL G 205 14.14 -57.56 28.67
C VAL G 205 14.87 -57.30 29.97
N ASP G 206 14.27 -56.47 30.83
CA ASP G 206 14.80 -56.15 32.14
C ASP G 206 13.75 -56.48 33.20
N MET G 207 14.12 -57.33 34.16
CA MET G 207 13.18 -57.72 35.20
C MET G 207 12.98 -56.59 36.21
N GLU G 208 14.01 -55.78 36.45
CA GLU G 208 13.88 -54.69 37.41
C GLU G 208 12.84 -53.68 36.96
N HIS G 209 12.80 -53.39 35.66
CA HIS G 209 11.87 -52.42 35.10
C HIS G 209 11.14 -53.07 33.93
N PRO G 210 10.10 -53.87 34.22
CA PRO G 210 9.36 -54.53 33.13
C PRO G 210 8.64 -53.58 32.19
N GLU G 211 8.56 -52.29 32.52
CA GLU G 211 7.89 -51.31 31.69
C GLU G 211 8.82 -50.68 30.67
N THR G 212 10.07 -51.13 30.59
CA THR G 212 11.05 -50.60 29.65
C THR G 212 11.45 -51.61 28.58
N SER G 213 11.12 -52.89 28.76
CA SER G 213 11.57 -53.93 27.84
C SER G 213 11.06 -53.66 26.44
N ILE G 214 11.87 -54.06 25.45
CA ILE G 214 11.54 -53.95 24.04
C ILE G 214 11.33 -55.38 23.55
N LYS G 215 10.08 -55.74 23.28
CA LYS G 215 9.73 -57.11 22.89
C LYS G 215 9.49 -57.17 21.40
N LEU G 216 10.03 -58.22 20.76
CA LEU G 216 9.89 -58.41 19.32
C LEU G 216 9.61 -59.87 19.04
N GLU G 217 8.49 -60.15 18.37
CA GLU G 217 8.16 -61.48 17.86
C GLU G 217 8.28 -61.38 16.34
N MET G 218 9.24 -62.12 15.79
CA MET G 218 9.70 -61.94 14.42
C MET G 218 9.55 -63.25 13.65
N ASP G 219 8.87 -63.19 12.52
CA ASP G 219 8.63 -64.36 11.66
C ASP G 219 9.19 -64.22 10.27
N GLN G 220 8.88 -63.13 9.57
CA GLN G 220 9.40 -62.89 8.23
C GLN G 220 9.98 -61.48 8.16
N PRO G 221 11.15 -61.30 7.56
CA PRO G 221 11.76 -59.96 7.52
C PRO G 221 10.83 -58.98 6.84
N VAL G 222 10.77 -57.76 7.36
CA VAL G 222 9.87 -56.75 6.81
C VAL G 222 10.63 -55.43 6.67
N ASP G 223 10.34 -54.72 5.59
CA ASP G 223 10.94 -53.42 5.30
C ASP G 223 9.85 -52.53 4.73
N LEU G 224 9.35 -51.59 5.53
CA LEU G 224 8.22 -50.76 5.14
C LEU G 224 8.57 -49.29 5.32
N THR G 225 8.12 -48.47 4.36
CA THR G 225 8.34 -47.03 4.38
C THR G 225 7.03 -46.32 4.67
N PHE G 226 7.08 -45.31 5.55
CA PHE G 226 5.90 -44.60 5.98
C PHE G 226 6.15 -43.10 5.94
N GLY G 227 5.06 -42.34 5.81
CA GLY G 227 5.17 -40.88 5.88
C GLY G 227 5.45 -40.43 7.30
N ALA G 228 6.29 -39.41 7.43
CA ALA G 228 6.70 -38.93 8.75
C ALA G 228 5.56 -38.21 9.47
N LYS G 229 4.72 -37.48 8.74
CA LYS G 229 3.65 -36.73 9.38
C LYS G 229 2.65 -37.66 10.07
N TYR G 230 2.38 -38.81 9.49
CA TYR G 230 1.44 -39.74 10.09
C TYR G 230 2.01 -40.37 11.35
N LEU G 231 3.31 -40.67 11.35
CA LEU G 231 3.95 -41.15 12.58
C LEU G 231 3.94 -40.05 13.65
N LEU G 232 4.15 -38.80 13.24
CA LEU G 232 4.09 -37.69 14.19
C LEU G 232 2.70 -37.57 14.80
N ASP G 233 1.66 -37.74 13.99
CA ASP G 233 0.30 -37.72 14.51
C ASP G 233 0.06 -38.91 15.44
N ILE G 234 0.58 -40.09 15.08
CA ILE G 234 0.35 -41.28 15.88
C ILE G 234 0.99 -41.16 17.25
N ILE G 235 2.23 -40.64 17.31
CA ILE G 235 2.95 -40.59 18.58
C ILE G 235 2.22 -39.74 19.61
N LYS G 236 1.28 -38.90 19.18
CA LYS G 236 0.52 -38.08 20.13
C LYS G 236 -0.34 -38.91 21.07
N GLY G 237 -0.57 -40.18 20.75
CA GLY G 237 -1.28 -41.09 21.63
C GLY G 237 -0.43 -41.72 22.72
N SER G 238 0.85 -41.32 22.81
CA SER G 238 1.73 -41.92 23.80
C SER G 238 1.25 -41.67 25.22
N SER G 239 0.52 -40.58 25.44
CA SER G 239 0.02 -40.29 26.79
C SER G 239 -0.94 -41.37 27.26
N LEU G 240 -1.80 -41.87 26.36
CA LEU G 240 -2.81 -42.83 26.75
C LEU G 240 -2.20 -44.11 27.30
N SER G 241 -1.18 -44.64 26.63
CA SER G 241 -0.58 -45.92 27.00
C SER G 241 0.92 -45.77 27.17
N ASP G 242 1.47 -46.42 28.19
CA ASP G 242 2.90 -46.36 28.43
C ASP G 242 3.68 -47.09 27.33
N ARG G 243 3.17 -48.22 26.88
CA ARG G 243 3.83 -49.03 25.86
C ARG G 243 2.96 -49.04 24.59
N VAL G 244 3.60 -48.82 23.45
CA VAL G 244 2.93 -48.85 22.15
C VAL G 244 3.28 -50.16 21.46
N GLY G 245 2.29 -50.76 20.80
CA GLY G 245 2.47 -51.95 20.01
C GLY G 245 2.43 -51.63 18.52
N ILE G 246 3.29 -52.29 17.75
CA ILE G 246 3.38 -52.09 16.32
C ILE G 246 3.31 -53.46 15.65
N ARG G 247 2.31 -53.66 14.80
CA ARG G 247 2.16 -54.89 14.03
C ARG G 247 2.38 -54.57 12.55
N LEU G 248 3.29 -55.30 11.93
CA LEU G 248 3.76 -55.00 10.58
C LEU G 248 3.67 -56.25 9.71
N SER G 249 3.32 -56.04 8.44
CA SER G 249 3.20 -57.11 7.46
C SER G 249 4.02 -56.76 6.22
N SER G 250 4.01 -57.66 5.23
CA SER G 250 4.75 -57.42 4.01
C SER G 250 4.24 -56.17 3.29
N GLU G 251 2.92 -56.07 3.11
CA GLU G 251 2.33 -54.92 2.45
C GLU G 251 1.07 -54.39 3.13
N ALA G 252 0.50 -55.10 4.09
CA ALA G 252 -0.71 -54.64 4.74
C ALA G 252 -0.41 -53.42 5.61
N PRO G 253 -1.43 -52.62 5.93
CA PRO G 253 -1.18 -51.42 6.73
C PRO G 253 -0.61 -51.77 8.11
N ALA G 254 0.33 -50.95 8.55
CA ALA G 254 0.90 -51.12 9.89
C ALA G 254 -0.10 -50.68 10.94
N LEU G 255 -0.17 -51.44 12.03
CA LEU G 255 -1.14 -51.20 13.11
C LEU G 255 -0.38 -50.74 14.35
N PHE G 256 -0.59 -49.50 14.74
CA PHE G 256 -0.01 -48.92 15.96
C PHE G 256 -1.11 -48.84 17.01
N GLN G 257 -0.98 -49.61 18.07
CA GLN G 257 -2.01 -49.73 19.09
C GLN G 257 -1.52 -49.18 20.42
N PHE G 258 -2.37 -48.39 21.07
CA PHE G 258 -2.20 -47.95 22.45
C PHE G 258 -3.34 -48.52 23.27
N ASP G 259 -3.01 -49.25 24.33
CA ASP G 259 -4.03 -49.85 25.16
C ASP G 259 -4.62 -48.82 26.13
N LEU G 260 -5.82 -49.12 26.62
CA LEU G 260 -6.51 -48.28 27.58
C LEU G 260 -7.18 -49.17 28.62
N LYS G 261 -7.32 -48.64 29.84
CA LYS G 261 -7.79 -49.43 30.97
C LYS G 261 -8.83 -50.45 30.55
N SER G 262 -9.85 -50.02 29.81
CA SER G 262 -10.78 -50.91 29.14
C SER G 262 -11.00 -50.36 27.73
N GLY G 263 -10.13 -50.73 26.81
CA GLY G 263 -10.30 -50.37 25.42
C GLY G 263 -8.96 -50.17 24.73
N PHE G 264 -9.02 -49.55 23.56
CA PHE G 264 -7.80 -49.33 22.79
C PHE G 264 -7.99 -48.22 21.78
N LEU G 265 -6.85 -47.69 21.32
CA LEU G 265 -6.78 -46.72 20.23
C LEU G 265 -5.81 -47.27 19.20
N GLN G 266 -6.30 -47.53 17.99
CA GLN G 266 -5.53 -48.15 16.93
C GLN G 266 -5.39 -47.20 15.75
N PHE G 267 -4.20 -47.19 15.15
CA PHE G 267 -3.91 -46.42 13.95
C PHE G 267 -3.48 -47.40 12.86
N PHE G 268 -4.19 -47.42 11.74
CA PHE G 268 -3.85 -48.22 10.58
C PHE G 268 -3.26 -47.29 9.53
N LEU G 269 -1.99 -47.51 9.21
CA LEU G 269 -1.25 -46.64 8.29
C LEU G 269 -0.87 -47.43 7.04
N ALA G 270 -1.23 -46.88 5.88
CA ALA G 270 -0.91 -47.53 4.61
C ALA G 270 0.55 -47.26 4.24
N PRO G 271 1.34 -48.29 3.96
CA PRO G 271 2.75 -48.05 3.61
C PRO G 271 2.89 -47.44 2.23
N LYS G 272 4.01 -46.76 2.03
CA LYS G 272 4.35 -46.24 0.71
C LYS G 272 4.59 -47.39 -0.26
N PHE G 273 4.14 -47.22 -1.49
CA PHE G 273 4.28 -48.28 -2.49
C PHE G 273 5.75 -48.55 -2.76
N ASN G 274 6.08 -49.81 -3.02
CA ASN G 274 7.45 -50.22 -3.30
C ASN G 274 8.05 -49.40 -4.44
N SER H 19 39.67 -41.84 8.80
CA SER H 19 38.98 -41.10 9.90
C SER H 19 39.97 -40.19 10.64
N MET H 20 40.44 -39.15 9.94
CA MET H 20 41.38 -38.23 10.56
C MET H 20 40.76 -37.51 11.75
N LEU H 21 39.54 -37.02 11.58
CA LEU H 21 38.86 -36.24 12.61
C LEU H 21 38.06 -37.18 13.51
N GLU H 22 38.35 -37.16 14.80
CA GLU H 22 37.64 -37.99 15.77
C GLU H 22 37.36 -37.17 17.04
N ALA H 23 36.89 -35.94 16.85
CA ALA H 23 36.52 -35.12 17.99
C ALA H 23 35.35 -35.77 18.73
N LYS H 24 35.46 -35.85 20.05
CA LYS H 24 34.47 -36.52 20.90
C LYS H 24 34.07 -35.57 22.02
N PHE H 25 33.01 -34.80 21.80
CA PHE H 25 32.46 -33.96 22.86
C PHE H 25 32.01 -34.82 24.03
N GLU H 26 32.38 -34.40 25.24
CA GLU H 26 31.97 -35.15 26.43
C GLU H 26 30.45 -35.15 26.56
N GLU H 27 29.81 -34.00 26.33
CA GLU H 27 28.36 -33.88 26.32
C GLU H 27 27.94 -33.16 25.05
N ALA H 28 26.95 -33.73 24.35
CA ALA H 28 26.48 -33.11 23.12
C ALA H 28 25.90 -31.73 23.35
N SER H 29 25.52 -31.41 24.60
CA SER H 29 24.95 -30.10 24.89
C SER H 29 25.94 -28.98 24.61
N LEU H 30 27.24 -29.24 24.81
CA LEU H 30 28.24 -28.20 24.63
C LEU H 30 28.22 -27.67 23.19
N PHE H 31 28.24 -28.58 22.22
CA PHE H 31 28.20 -28.15 20.83
C PHE H 31 26.89 -27.48 20.49
N LYS H 32 25.79 -27.92 21.10
CA LYS H 32 24.50 -27.28 20.88
C LYS H 32 24.54 -25.82 21.34
N ARG H 33 25.11 -25.58 22.53
CA ARG H 33 25.27 -24.21 23.00
C ARG H 33 26.18 -23.41 22.07
N ILE H 34 27.26 -24.04 21.60
CA ILE H 34 28.18 -23.34 20.70
C ILE H 34 27.45 -22.88 19.45
N ILE H 35 26.71 -23.79 18.80
CA ILE H 35 26.00 -23.43 17.58
C ILE H 35 24.93 -22.38 17.88
N ASP H 36 24.18 -22.57 18.98
CA ASP H 36 23.11 -21.62 19.30
C ASP H 36 23.66 -20.21 19.52
N GLY H 37 24.94 -20.10 19.89
CA GLY H 37 25.50 -18.79 20.17
C GLY H 37 25.50 -17.86 18.96
N PHE H 38 25.67 -18.42 17.76
CA PHE H 38 25.80 -17.60 16.56
C PHE H 38 24.99 -18.13 15.38
N LYS H 39 24.02 -19.01 15.61
CA LYS H 39 23.24 -19.55 14.51
C LYS H 39 22.37 -18.49 13.83
N ASP H 40 22.14 -17.35 14.48
CA ASP H 40 21.27 -16.32 13.94
C ASP H 40 22.03 -15.31 13.10
N CYS H 41 23.15 -14.79 13.62
CA CYS H 41 23.90 -13.78 12.89
C CYS H 41 24.43 -14.33 11.57
N VAL H 42 24.92 -15.57 11.57
CA VAL H 42 25.49 -16.20 10.39
C VAL H 42 24.81 -17.53 10.17
N GLN H 43 24.77 -17.97 8.90
CA GLN H 43 24.08 -19.20 8.52
C GLN H 43 25.04 -20.25 7.99
N LEU H 44 25.83 -19.93 6.98
CA LEU H 44 26.78 -20.86 6.37
C LEU H 44 28.18 -20.53 6.87
N VAL H 45 28.87 -21.53 7.42
CA VAL H 45 30.18 -21.32 8.02
C VAL H 45 31.12 -22.42 7.57
N ASN H 46 32.43 -22.16 7.75
CA ASN H 46 33.49 -23.10 7.42
C ASN H 46 34.35 -23.30 8.66
N PHE H 47 34.22 -24.46 9.31
CA PHE H 47 35.10 -24.82 10.41
C PHE H 47 36.40 -25.37 9.82
N GLN H 48 37.49 -24.65 10.02
CA GLN H 48 38.80 -25.06 9.52
C GLN H 48 39.53 -25.78 10.65
N CYS H 49 39.22 -27.08 10.77
CA CYS H 49 39.77 -27.87 11.85
C CYS H 49 41.21 -28.27 11.55
N LYS H 50 42.06 -28.21 12.56
CA LYS H 50 43.47 -28.50 12.44
C LYS H 50 43.89 -29.37 13.63
N GLU H 51 45.20 -29.57 13.79
CA GLU H 51 45.68 -30.39 14.89
C GLU H 51 45.35 -29.75 16.24
N ASP H 52 45.54 -28.44 16.35
CA ASP H 52 45.31 -27.76 17.63
C ASP H 52 43.84 -27.82 18.04
N GLY H 53 42.94 -27.56 17.12
CA GLY H 53 41.52 -27.53 17.44
C GLY H 53 40.73 -26.95 16.29
N ILE H 54 39.45 -26.70 16.57
CA ILE H 54 38.55 -26.17 15.57
C ILE H 54 38.58 -24.65 15.61
N ILE H 55 38.50 -24.01 14.44
CA ILE H 55 38.45 -22.55 14.35
C ILE H 55 37.57 -22.19 13.16
N ALA H 56 36.77 -21.13 13.34
CA ALA H 56 35.86 -20.68 12.31
C ALA H 56 35.70 -19.17 12.41
N GLN H 57 35.36 -18.56 11.28
CA GLN H 57 35.11 -17.13 11.22
C GLN H 57 34.01 -16.87 10.18
N ALA H 58 33.22 -15.84 10.42
CA ALA H 58 32.13 -15.51 9.51
C ALA H 58 31.78 -14.04 9.67
N VAL H 59 31.10 -13.51 8.65
CA VAL H 59 30.63 -12.13 8.63
C VAL H 59 29.19 -12.12 8.15
N ASP H 60 28.36 -11.30 8.80
CA ASP H 60 26.96 -11.19 8.42
C ASP H 60 26.83 -10.49 7.08
N ASP H 61 25.60 -10.53 6.53
CA ASP H 61 25.36 -9.93 5.22
C ASP H 61 25.61 -8.43 5.23
N SER H 62 25.23 -7.74 6.31
CA SER H 62 25.42 -6.29 6.40
C SER H 62 26.89 -5.90 6.48
N ARG H 63 27.79 -6.86 6.70
CA ARG H 63 29.23 -6.56 6.80
C ARG H 63 29.52 -5.58 7.94
N VAL H 64 28.82 -5.75 9.05
CA VAL H 64 29.05 -4.92 10.23
C VAL H 64 29.48 -5.74 11.45
N LEU H 65 29.22 -7.04 11.49
CA LEU H 65 29.56 -7.88 12.62
C LEU H 65 30.41 -9.06 12.15
N LEU H 66 31.44 -9.37 12.92
CA LEU H 66 32.34 -10.48 12.62
C LEU H 66 32.30 -11.47 13.78
N VAL H 67 32.03 -12.74 13.48
CA VAL H 67 31.99 -13.79 14.48
C VAL H 67 33.24 -14.64 14.33
N SER H 68 33.95 -14.85 15.43
CA SER H 68 35.14 -15.70 15.45
C SER H 68 35.00 -16.72 16.57
N LEU H 69 35.23 -17.99 16.25
CA LEU H 69 35.05 -19.08 17.20
C LEU H 69 36.29 -19.94 17.20
N GLU H 70 36.80 -20.27 18.39
CA GLU H 70 37.90 -21.21 18.54
C GLU H 70 37.59 -22.20 19.64
N ILE H 71 37.85 -23.48 19.37
CA ILE H 71 37.70 -24.57 20.32
C ILE H 71 39.03 -25.30 20.39
N GLY H 72 39.62 -25.33 21.59
CA GLY H 72 40.89 -25.99 21.79
C GLY H 72 40.74 -27.48 22.01
N VAL H 73 41.88 -28.12 22.31
CA VAL H 73 41.89 -29.57 22.49
C VAL H 73 41.36 -29.99 23.86
N GLU H 74 41.46 -29.11 24.88
CA GLU H 74 40.99 -29.48 26.21
C GLU H 74 39.47 -29.49 26.31
N ALA H 75 38.78 -28.75 25.44
CA ALA H 75 37.31 -28.80 25.44
C ALA H 75 36.81 -30.18 25.05
N PHE H 76 37.46 -30.81 24.07
CA PHE H 76 37.06 -32.13 23.62
C PHE H 76 37.47 -33.18 24.65
N GLN H 77 37.23 -34.44 24.30
CA GLN H 77 37.62 -35.59 25.12
C GLN H 77 38.67 -36.46 24.46
N GLU H 78 38.44 -36.88 23.22
CA GLU H 78 39.35 -37.74 22.48
C GLU H 78 39.69 -37.14 21.13
N TYR H 79 39.95 -35.84 21.09
CA TYR H 79 40.30 -35.17 19.85
C TYR H 79 41.53 -35.82 19.23
N ARG H 80 41.43 -36.23 17.96
CA ARG H 80 42.49 -36.97 17.30
C ARG H 80 42.67 -36.54 15.85
N CYS H 81 42.44 -35.26 15.55
CA CYS H 81 42.62 -34.78 14.19
C CYS H 81 44.05 -35.06 13.72
N ASP H 82 44.18 -35.56 12.50
CA ASP H 82 45.48 -35.96 11.95
C ASP H 82 46.00 -34.98 10.91
N HIS H 83 45.15 -34.48 10.02
CA HIS H 83 45.54 -33.57 8.97
C HIS H 83 44.56 -32.42 8.91
N PRO H 84 44.96 -31.27 8.37
CA PRO H 84 44.04 -30.13 8.27
C PRO H 84 42.83 -30.50 7.42
N VAL H 85 41.66 -29.97 7.81
CA VAL H 85 40.42 -30.21 7.10
C VAL H 85 39.56 -28.95 7.20
N THR H 86 38.72 -28.74 6.19
CA THR H 86 37.82 -27.59 6.12
C THR H 86 36.41 -28.11 5.89
N LEU H 87 35.59 -28.11 6.93
CA LEU H 87 34.22 -28.62 6.87
C LEU H 87 33.27 -27.42 6.81
N GLY H 88 32.57 -27.28 5.69
CA GLY H 88 31.61 -26.20 5.52
C GLY H 88 30.19 -26.70 5.67
N MET H 89 29.44 -26.05 6.55
CA MET H 89 28.08 -26.48 6.85
C MET H 89 27.16 -25.28 7.04
N ASP H 90 25.88 -25.53 6.80
CA ASP H 90 24.81 -24.57 7.09
C ASP H 90 24.34 -24.81 8.51
N LEU H 91 24.35 -23.76 9.33
CA LEU H 91 24.06 -23.92 10.75
C LEU H 91 22.63 -24.37 11.02
N THR H 92 21.70 -24.11 10.10
CA THR H 92 20.32 -24.54 10.30
C THR H 92 20.23 -26.07 10.35
N SER H 93 20.81 -26.74 9.34
CA SER H 93 20.78 -28.20 9.32
C SER H 93 21.57 -28.78 10.49
N LEU H 94 22.71 -28.16 10.83
CA LEU H 94 23.49 -28.63 11.96
C LEU H 94 22.67 -28.58 13.24
N SER H 95 21.94 -27.48 13.46
CA SER H 95 21.06 -27.39 14.63
C SER H 95 19.96 -28.42 14.57
N LYS H 96 19.38 -28.63 13.37
CA LYS H 96 18.36 -29.66 13.21
C LYS H 96 18.85 -31.00 13.72
N ILE H 97 20.05 -31.41 13.29
CA ILE H 97 20.58 -32.69 13.73
C ILE H 97 20.96 -32.65 15.21
N LEU H 98 21.49 -31.52 15.67
CA LEU H 98 21.89 -31.40 17.07
C LEU H 98 20.70 -31.52 18.01
N ARG H 99 19.49 -31.21 17.53
CA ARG H 99 18.30 -31.41 18.34
C ARG H 99 18.02 -32.88 18.63
N CYS H 100 18.69 -33.79 17.94
CA CYS H 100 18.52 -35.21 18.17
C CYS H 100 19.31 -35.65 19.41
N GLY H 101 18.94 -36.82 19.92
CA GLY H 101 19.62 -37.38 21.06
C GLY H 101 19.28 -36.65 22.36
N ASN H 102 20.01 -37.01 23.40
CA ASN H 102 19.85 -36.42 24.72
C ASN H 102 20.96 -35.40 24.97
N ASN H 103 20.76 -34.59 26.02
CA ASN H 103 21.74 -33.58 26.39
C ASN H 103 22.89 -34.15 27.21
N THR H 104 22.81 -35.41 27.64
CA THR H 104 23.85 -36.05 28.43
C THR H 104 24.48 -37.22 27.69
N ASP H 105 24.41 -37.21 26.37
CA ASP H 105 25.01 -38.23 25.52
C ASP H 105 26.35 -37.72 24.98
N THR H 106 27.15 -38.64 24.46
CA THR H 106 28.46 -38.31 23.92
C THR H 106 28.35 -38.16 22.41
N LEU H 107 28.87 -37.04 21.91
CA LEU H 107 28.83 -36.71 20.49
C LEU H 107 30.22 -36.87 19.88
N THR H 108 30.30 -37.60 18.79
CA THR H 108 31.54 -37.81 18.06
C THR H 108 31.40 -37.29 16.65
N LEU H 109 32.39 -36.53 16.18
CA LEU H 109 32.41 -35.97 14.84
C LEU H 109 33.47 -36.71 14.02
N ILE H 110 33.11 -37.10 12.80
CA ILE H 110 34.00 -37.88 11.94
C ILE H 110 33.93 -37.32 10.53
N ALA H 111 35.10 -37.27 9.87
CA ALA H 111 35.20 -36.84 8.48
C ALA H 111 36.15 -37.78 7.75
N ASP H 112 36.42 -37.47 6.49
CA ASP H 112 37.27 -38.29 5.64
C ASP H 112 38.31 -37.40 4.95
N ASN H 113 39.20 -38.05 4.19
CA ASN H 113 40.25 -37.31 3.49
C ASN H 113 39.66 -36.24 2.58
N THR H 114 38.53 -36.55 1.93
CA THR H 114 37.82 -35.62 1.06
C THR H 114 36.42 -35.43 1.63
N PRO H 115 36.23 -34.47 2.54
CA PRO H 115 34.92 -34.33 3.20
C PRO H 115 33.76 -34.21 2.23
N ASP H 116 32.88 -35.21 2.25
CA ASP H 116 31.64 -35.19 1.49
C ASP H 116 30.40 -35.32 2.36
N SER H 117 30.52 -35.96 3.53
CA SER H 117 29.43 -36.05 4.48
C SER H 117 30.02 -36.25 5.86
N ILE H 118 29.81 -35.28 6.74
CA ILE H 118 30.35 -35.33 8.10
C ILE H 118 29.42 -36.17 8.97
N ILE H 119 29.99 -37.13 9.69
CA ILE H 119 29.23 -38.10 10.48
C ILE H 119 29.18 -37.62 11.92
N LEU H 120 27.97 -37.53 12.46
CA LEU H 120 27.73 -37.20 13.86
C LEU H 120 27.17 -38.44 14.54
N LEU H 121 27.84 -38.89 15.60
CA LEU H 121 27.49 -40.10 16.31
C LEU H 121 27.11 -39.77 17.74
N PHE H 122 25.86 -40.03 18.10
CA PHE H 122 25.39 -39.88 19.47
C PHE H 122 25.46 -41.25 20.16
N GLU H 123 26.03 -41.29 21.36
CA GLU H 123 26.14 -42.53 22.11
C GLU H 123 25.62 -42.30 23.53
N ASP H 124 24.77 -43.21 23.99
CA ASP H 124 24.25 -43.20 25.35
C ASP H 124 24.69 -44.47 26.06
N THR H 125 25.37 -44.32 27.19
CA THR H 125 25.89 -45.46 27.94
C THR H 125 24.85 -46.08 28.85
N LYS H 126 23.92 -45.29 29.39
CA LYS H 126 22.87 -45.84 30.24
C LYS H 126 22.04 -46.86 29.49
N LYS H 127 21.64 -46.52 28.26
CA LYS H 127 20.93 -47.45 27.39
C LYS H 127 21.87 -48.21 26.46
N ASP H 128 23.15 -47.86 26.42
CA ASP H 128 24.12 -48.53 25.57
C ASP H 128 23.63 -48.56 24.11
N ARG H 129 23.23 -47.39 23.63
CA ARG H 129 22.67 -47.26 22.28
C ARG H 129 23.43 -46.21 21.50
N ILE H 130 23.41 -46.36 20.17
CA ILE H 130 24.15 -45.50 19.26
C ILE H 130 23.20 -45.01 18.16
N ALA H 131 23.32 -43.74 17.79
CA ALA H 131 22.59 -43.14 16.70
C ALA H 131 23.58 -42.46 15.76
N GLU H 132 23.44 -42.69 14.47
CA GLU H 132 24.34 -42.17 13.47
C GLU H 132 23.60 -41.23 12.53
N TYR H 133 24.19 -40.08 12.25
CA TYR H 133 23.63 -39.13 11.30
C TYR H 133 24.75 -38.62 10.40
N SER H 134 24.38 -38.18 9.20
CA SER H 134 25.33 -37.64 8.23
C SER H 134 24.81 -36.32 7.72
N LEU H 135 25.66 -35.29 7.78
CA LEU H 135 25.33 -33.96 7.27
C LEU H 135 26.17 -33.67 6.05
N LYS H 136 25.51 -33.27 4.95
CA LYS H 136 26.21 -32.95 3.72
C LYS H 136 26.87 -31.58 3.83
N LEU H 137 28.16 -31.53 3.49
CA LEU H 137 28.89 -30.27 3.55
C LEU H 137 28.54 -29.41 2.34
N MET H 138 28.82 -28.11 2.47
CA MET H 138 28.54 -27.13 1.44
C MET H 138 29.85 -26.53 0.94
N ASP H 139 29.78 -25.87 -0.21
CA ASP H 139 30.92 -25.20 -0.83
C ASP H 139 30.78 -23.71 -0.57
N ILE H 140 31.44 -23.23 0.49
CA ILE H 140 31.38 -21.83 0.90
C ILE H 140 32.73 -21.20 0.66
N ASP H 141 32.74 -20.10 -0.09
CA ASP H 141 33.98 -19.40 -0.44
C ASP H 141 34.22 -18.29 0.58
N ALA H 142 35.19 -18.50 1.46
CA ALA H 142 35.54 -17.50 2.47
C ALA H 142 37.00 -17.69 2.85
N ASP H 143 37.59 -16.62 3.40
CA ASP H 143 38.98 -16.62 3.83
C ASP H 143 39.05 -16.22 5.29
N PHE H 144 39.91 -16.91 6.05
CA PHE H 144 40.09 -16.63 7.48
C PHE H 144 40.99 -15.40 7.60
N LEU H 145 40.36 -14.23 7.62
CA LEU H 145 41.10 -12.98 7.73
C LEU H 145 41.89 -12.96 9.03
N LYS H 146 43.17 -12.61 8.94
CA LYS H 146 44.01 -12.52 10.12
C LYS H 146 43.55 -11.38 11.02
N ILE H 147 43.59 -11.61 12.32
CA ILE H 147 43.15 -10.64 13.32
C ILE H 147 44.36 -10.24 14.16
N GLU H 148 44.59 -8.94 14.29
CA GLU H 148 45.70 -8.41 15.06
C GLU H 148 45.22 -7.94 16.42
N GLU H 149 46.11 -8.01 17.41
CA GLU H 149 45.81 -7.60 18.77
C GLU H 149 46.30 -6.17 18.98
N LEU H 150 45.36 -5.27 19.29
CA LEU H 150 45.67 -3.87 19.55
C LEU H 150 45.14 -3.51 20.94
N GLN H 151 45.97 -2.83 21.72
CA GLN H 151 45.57 -2.45 23.07
C GLN H 151 44.30 -1.62 23.03
N TYR H 152 43.34 -2.00 23.86
CA TYR H 152 42.04 -1.34 23.88
C TYR H 152 42.02 -0.25 24.94
N ASP H 153 41.24 0.81 24.68
CA ASP H 153 41.16 1.92 25.62
C ASP H 153 40.59 1.48 26.96
N SER H 154 39.54 0.66 26.95
CA SER H 154 38.94 0.17 28.17
C SER H 154 38.61 -1.31 28.02
N THR H 155 38.72 -2.03 29.13
CA THR H 155 38.42 -3.46 29.17
C THR H 155 37.54 -3.74 30.37
N LEU H 156 36.29 -4.10 30.14
CA LEU H 156 35.35 -4.37 31.22
C LEU H 156 34.88 -5.82 31.14
N SER H 157 34.44 -6.34 32.29
CA SER H 157 33.97 -7.72 32.39
C SER H 157 32.79 -7.75 33.35
N LEU H 158 31.66 -8.26 32.90
CA LEU H 158 30.46 -8.27 33.71
C LEU H 158 29.67 -9.55 33.45
N PRO H 159 28.80 -9.94 34.38
CA PRO H 159 28.00 -11.15 34.17
C PRO H 159 27.15 -11.04 32.91
N SER H 160 27.01 -12.16 32.21
CA SER H 160 26.26 -12.16 30.95
C SER H 160 24.79 -11.80 31.17
N SER H 161 24.22 -12.23 32.29
CA SER H 161 22.80 -11.96 32.54
C SER H 161 22.53 -10.47 32.61
N GLU H 162 23.39 -9.72 33.32
CA GLU H 162 23.18 -8.27 33.43
C GLU H 162 23.30 -7.60 32.07
N PHE H 163 24.29 -8.00 31.26
CA PHE H 163 24.46 -7.41 29.94
C PHE H 163 23.25 -7.69 29.06
N SER H 164 22.77 -8.94 29.06
CA SER H 164 21.60 -9.27 28.27
C SER H 164 20.38 -8.48 28.72
N LYS H 165 20.19 -8.37 30.03
CA LYS H 165 19.04 -7.62 30.55
C LYS H 165 19.12 -6.16 30.13
N ILE H 166 20.30 -5.55 30.27
CA ILE H 166 20.44 -4.13 29.93
C ILE H 166 20.22 -3.91 28.44
N VAL H 167 20.80 -4.77 27.60
CA VAL H 167 20.64 -4.61 26.15
C VAL H 167 19.18 -4.77 25.76
N ARG H 168 18.50 -5.80 26.31
CA ARG H 168 17.10 -6.01 25.97
C ARG H 168 16.24 -4.83 26.45
N ASP H 169 16.54 -4.30 27.64
CA ASP H 169 15.76 -3.18 28.16
C ASP H 169 15.94 -1.94 27.30
N LEU H 170 17.19 -1.62 26.93
CA LEU H 170 17.44 -0.39 26.19
C LEU H 170 17.13 -0.51 24.70
N SER H 171 17.00 -1.73 24.18
CA SER H 171 16.63 -1.89 22.78
C SER H 171 15.19 -1.45 22.51
N GLN H 172 14.36 -1.40 23.55
CA GLN H 172 12.95 -1.04 23.37
C GLN H 172 12.78 0.45 23.13
N LEU H 173 13.64 1.28 23.72
CA LEU H 173 13.50 2.73 23.62
C LEU H 173 14.17 3.32 22.38
N SER H 174 15.05 2.57 21.73
CA SER H 174 15.76 3.08 20.56
C SER H 174 16.59 1.95 19.97
N ASP H 175 17.07 2.18 18.74
CA ASP H 175 17.93 1.23 18.06
C ASP H 175 19.41 1.52 18.24
N SER H 176 19.76 2.60 18.94
CA SER H 176 21.14 2.99 19.18
C SER H 176 21.40 3.01 20.68
N ILE H 177 22.43 2.31 21.13
CA ILE H 177 22.80 2.26 22.54
C ILE H 177 24.19 2.88 22.66
N ASN H 178 24.32 3.89 23.51
CA ASN H 178 25.59 4.57 23.73
C ASN H 178 26.23 4.04 25.00
N ILE H 179 27.44 3.50 24.86
CA ILE H 179 28.23 3.00 25.98
C ILE H 179 29.29 4.04 26.30
N MET H 180 29.31 4.49 27.54
CA MET H 180 30.31 5.43 28.04
C MET H 180 31.08 4.78 29.18
N ILE H 181 32.40 4.76 29.06
CA ILE H 181 33.28 4.21 30.08
C ILE H 181 34.11 5.36 30.63
N THR H 182 34.01 5.58 31.94
CA THR H 182 34.78 6.60 32.63
C THR H 182 35.23 5.97 33.96
N LYS H 183 36.11 6.67 34.68
CA LYS H 183 36.62 6.15 35.94
C LYS H 183 35.49 5.62 36.81
N GLU H 184 35.53 4.32 37.08
CA GLU H 184 34.52 3.61 37.87
C GLU H 184 33.10 4.01 37.52
N THR H 185 32.79 4.14 36.22
CA THR H 185 31.41 4.31 35.76
C THR H 185 31.27 3.68 34.38
N ILE H 186 30.27 2.80 34.24
CA ILE H 186 29.89 2.24 32.96
C ILE H 186 28.43 2.63 32.75
N LYS H 187 28.17 3.43 31.71
CA LYS H 187 26.85 3.99 31.46
C LYS H 187 26.33 3.51 30.10
N PHE H 188 25.12 2.99 30.10
CA PHE H 188 24.41 2.62 28.86
C PHE H 188 23.23 3.58 28.72
N VAL H 189 23.17 4.28 27.59
CA VAL H 189 22.19 5.32 27.37
C VAL H 189 21.42 5.04 26.08
N ALA H 190 20.12 5.32 26.10
CA ALA H 190 19.29 5.22 24.92
C ALA H 190 18.30 6.38 24.92
N ASP H 191 18.03 6.94 23.74
CA ASP H 191 17.08 8.03 23.59
C ASP H 191 16.17 7.74 22.40
N GLY H 192 14.89 8.04 22.57
CA GLY H 192 13.91 7.76 21.53
C GLY H 192 12.72 8.68 21.64
N ASP H 193 11.73 8.43 20.76
CA ASP H 193 10.55 9.28 20.73
C ASP H 193 9.75 9.17 22.02
N ILE H 194 9.60 7.95 22.55
CA ILE H 194 8.80 7.77 23.76
C ILE H 194 9.51 8.37 24.97
N GLY H 195 10.84 8.23 25.04
CA GLY H 195 11.57 8.74 26.17
C GLY H 195 13.00 8.23 26.16
N SER H 196 13.70 8.52 27.25
CA SER H 196 15.10 8.19 27.40
C SER H 196 15.29 7.17 28.53
N GLY H 197 16.45 6.53 28.52
CA GLY H 197 16.83 5.58 29.54
C GLY H 197 18.32 5.55 29.76
N SER H 198 18.74 5.37 31.01
CA SER H 198 20.16 5.37 31.35
C SER H 198 20.40 4.40 32.49
N VAL H 199 21.27 3.42 32.27
CA VAL H 199 21.65 2.44 33.28
C VAL H 199 23.11 2.67 33.63
N ILE H 200 23.40 2.89 34.91
CA ILE H 200 24.74 3.17 35.39
C ILE H 200 25.16 2.03 36.31
N ILE H 201 26.34 1.47 36.07
CA ILE H 201 26.91 0.44 36.93
C ILE H 201 28.34 0.84 37.27
N LYS H 202 28.84 0.28 38.36
CA LYS H 202 30.17 0.58 38.87
C LYS H 202 30.90 -0.70 39.21
N PRO H 203 32.24 -0.69 39.21
CA PRO H 203 32.98 -1.92 39.51
C PRO H 203 32.84 -2.29 40.98
N PHE H 204 32.52 -3.55 41.23
CA PHE H 204 32.41 -4.08 42.58
C PHE H 204 32.80 -5.55 42.57
N VAL H 205 33.38 -6.01 43.67
CA VAL H 205 33.82 -7.39 43.83
C VAL H 205 33.29 -7.92 45.14
N ASP H 206 32.64 -9.08 45.09
CA ASP H 206 32.12 -9.75 46.27
C ASP H 206 32.71 -11.15 46.36
N MET H 207 33.37 -11.44 47.49
CA MET H 207 34.05 -12.72 47.66
C MET H 207 33.06 -13.85 47.90
N GLU H 208 31.90 -13.55 48.46
CA GLU H 208 30.90 -14.59 48.70
C GLU H 208 30.43 -15.22 47.40
N HIS H 209 30.18 -14.41 46.38
CA HIS H 209 29.77 -14.86 45.05
C HIS H 209 30.65 -14.19 44.01
N PRO H 210 31.86 -14.69 43.80
CA PRO H 210 32.75 -14.07 42.81
C PRO H 210 32.18 -14.10 41.40
N GLU H 211 31.29 -15.03 41.10
CA GLU H 211 30.73 -15.12 39.76
C GLU H 211 30.03 -13.83 39.35
N THR H 212 29.45 -13.11 40.32
CA THR H 212 28.75 -11.84 40.06
C THR H 212 29.68 -10.72 40.48
N SER H 213 30.47 -10.21 39.54
CA SER H 213 31.41 -9.13 39.80
C SER H 213 31.64 -8.35 38.52
N ILE H 214 31.76 -7.03 38.65
CA ILE H 214 32.02 -6.14 37.53
C ILE H 214 33.45 -5.63 37.67
N LYS H 215 34.26 -5.86 36.65
CA LYS H 215 35.65 -5.44 36.62
C LYS H 215 35.86 -4.43 35.50
N LEU H 216 36.68 -3.42 35.75
CA LEU H 216 36.90 -2.34 34.80
C LEU H 216 38.37 -1.94 34.83
N GLU H 217 39.04 -2.08 33.68
CA GLU H 217 40.37 -1.52 33.45
C GLU H 217 40.18 -0.30 32.56
N MET H 218 40.55 0.87 33.09
CA MET H 218 40.16 2.16 32.57
C MET H 218 41.41 2.99 32.29
N ASP H 219 41.67 3.26 31.01
CA ASP H 219 42.84 4.02 30.59
C ASP H 219 42.47 5.36 30.01
N GLN H 220 41.61 5.40 28.99
CA GLN H 220 41.15 6.64 28.39
C GLN H 220 39.63 6.67 28.36
N PRO H 221 39.01 7.85 28.51
CA PRO H 221 37.55 7.91 28.45
C PRO H 221 37.03 7.38 27.12
N VAL H 222 35.93 6.65 27.17
CA VAL H 222 35.37 6.01 25.98
C VAL H 222 33.90 6.36 25.87
N ASP H 223 33.44 6.60 24.64
CA ASP H 223 32.03 6.91 24.37
C ASP H 223 31.73 6.48 22.94
N LEU H 224 31.03 5.37 22.79
CA LEU H 224 30.73 4.82 21.47
C LEU H 224 29.26 4.40 21.38
N THR H 225 28.64 4.69 20.25
CA THR H 225 27.24 4.33 19.99
C THR H 225 27.21 3.13 19.06
N PHE H 226 26.53 2.06 19.49
CA PHE H 226 26.39 0.83 18.72
C PHE H 226 24.92 0.61 18.37
N GLY H 227 24.71 -0.33 17.44
CA GLY H 227 23.37 -0.64 16.98
C GLY H 227 22.69 -1.68 17.87
N ALA H 228 21.39 -1.47 18.10
CA ALA H 228 20.65 -2.36 18.99
C ALA H 228 20.52 -3.76 18.41
N LYS H 229 20.30 -3.87 17.10
CA LYS H 229 20.11 -5.18 16.49
C LYS H 229 21.35 -6.05 16.65
N TYR H 230 22.53 -5.46 16.40
CA TYR H 230 23.77 -6.22 16.52
C TYR H 230 24.01 -6.65 17.96
N LEU H 231 23.73 -5.76 18.92
CA LEU H 231 23.90 -6.14 20.33
C LEU H 231 22.93 -7.24 20.73
N LEU H 232 21.69 -7.17 20.23
CA LEU H 232 20.73 -8.23 20.52
C LEU H 232 21.19 -9.57 19.95
N ASP H 233 21.75 -9.55 18.74
CA ASP H 233 22.31 -10.78 18.18
C ASP H 233 23.49 -11.26 19.03
N ILE H 234 24.34 -10.34 19.49
CA ILE H 234 25.54 -10.72 20.23
C ILE H 234 25.17 -11.38 21.55
N ILE H 235 24.22 -10.80 22.28
CA ILE H 235 23.88 -11.30 23.61
C ILE H 235 23.39 -12.74 23.59
N LYS H 236 23.10 -13.28 22.40
CA LYS H 236 22.69 -14.68 22.31
C LYS H 236 23.79 -15.63 22.76
N GLY H 237 25.04 -15.16 22.85
CA GLY H 237 26.15 -15.96 23.30
C GLY H 237 26.26 -16.11 24.80
N SER H 238 25.27 -15.63 25.56
CA SER H 238 25.30 -15.78 27.01
C SER H 238 25.21 -17.23 27.43
N SER H 239 24.78 -18.13 26.53
CA SER H 239 24.67 -19.54 26.87
C SER H 239 26.02 -20.23 26.97
N LEU H 240 27.09 -19.61 26.47
CA LEU H 240 28.41 -20.23 26.51
C LEU H 240 29.16 -19.92 27.80
N SER H 241 29.05 -18.69 28.31
CA SER H 241 29.77 -18.29 29.51
C SER H 241 28.84 -17.50 30.42
N ASP H 242 29.13 -17.56 31.73
CA ASP H 242 28.35 -16.80 32.69
C ASP H 242 28.70 -15.31 32.67
N ARG H 243 29.95 -14.97 32.36
CA ARG H 243 30.40 -13.60 32.33
C ARG H 243 31.01 -13.29 30.97
N VAL H 244 30.73 -12.09 30.47
CA VAL H 244 31.20 -11.65 29.16
C VAL H 244 32.15 -10.47 29.35
N GLY H 245 33.15 -10.41 28.48
CA GLY H 245 34.12 -9.32 28.47
C GLY H 245 33.90 -8.43 27.26
N ILE H 246 34.09 -7.12 27.45
CA ILE H 246 33.91 -6.13 26.41
C ILE H 246 35.16 -5.26 26.36
N ARG H 247 35.81 -5.23 25.20
CA ARG H 247 36.95 -4.36 24.95
C ARG H 247 36.48 -3.23 24.04
N LEU H 248 36.70 -1.99 24.48
CA LEU H 248 36.28 -0.80 23.75
C LEU H 248 37.49 0.05 23.44
N SER H 249 37.62 0.46 22.17
CA SER H 249 38.68 1.36 21.72
C SER H 249 38.09 2.39 20.79
N SER H 250 38.71 3.57 20.74
CA SER H 250 38.21 4.65 19.91
C SER H 250 38.34 4.35 18.42
N GLU H 251 39.28 3.48 18.04
CA GLU H 251 39.53 3.17 16.63
C GLU H 251 39.19 1.73 16.29
N ALA H 252 39.71 0.76 17.04
CA ALA H 252 39.47 -0.63 16.72
C ALA H 252 38.01 -1.00 16.99
N PRO H 253 37.47 -1.99 16.27
CA PRO H 253 36.09 -2.41 16.52
C PRO H 253 35.91 -2.93 17.93
N ALA H 254 34.74 -2.68 18.51
CA ALA H 254 34.44 -3.19 19.84
C ALA H 254 34.42 -4.71 19.83
N LEU H 255 34.98 -5.31 20.87
CA LEU H 255 35.11 -6.76 20.98
C LEU H 255 34.24 -7.25 22.15
N PHE H 256 33.47 -8.30 21.90
CA PHE H 256 32.66 -8.95 22.94
C PHE H 256 33.04 -10.42 22.97
N GLN H 257 33.54 -10.89 24.11
CA GLN H 257 34.14 -12.21 24.21
C GLN H 257 33.45 -13.03 25.30
N PHE H 258 33.09 -14.26 24.94
CA PHE H 258 32.61 -15.27 25.88
C PHE H 258 33.59 -16.43 25.88
N ASP H 259 34.06 -16.82 27.07
CA ASP H 259 35.11 -17.82 27.20
C ASP H 259 34.52 -19.17 27.57
N LEU H 260 34.87 -20.20 26.80
CA LEU H 260 34.53 -21.58 27.14
C LEU H 260 35.66 -22.20 27.95
N LYS H 261 35.60 -23.52 28.14
CA LYS H 261 36.63 -24.19 28.92
C LYS H 261 38.00 -24.08 28.27
N SER H 262 38.07 -24.28 26.95
CA SER H 262 39.33 -24.30 26.24
C SER H 262 39.40 -23.32 25.08
N GLY H 263 38.29 -22.67 24.72
CA GLY H 263 38.30 -21.76 23.59
C GLY H 263 37.54 -20.48 23.88
N PHE H 264 37.04 -19.82 22.83
CA PHE H 264 36.32 -18.57 23.01
C PHE H 264 35.48 -18.27 21.78
N LEU H 265 34.46 -17.43 22.00
CA LEU H 265 33.62 -16.89 20.93
C LEU H 265 33.63 -15.38 21.04
N GLN H 266 34.06 -14.71 19.97
CA GLN H 266 34.18 -13.26 19.95
C GLN H 266 33.31 -12.67 18.84
N PHE H 267 32.74 -11.51 19.14
CA PHE H 267 32.00 -10.70 18.18
C PHE H 267 32.71 -9.36 18.06
N PHE H 268 33.13 -9.01 16.85
CA PHE H 268 33.71 -7.73 16.55
C PHE H 268 32.66 -6.87 15.86
N LEU H 269 32.38 -5.70 16.43
CA LEU H 269 31.34 -4.82 15.90
C LEU H 269 31.91 -3.41 15.73
N ALA H 270 31.73 -2.86 14.55
CA ALA H 270 32.22 -1.53 14.25
C ALA H 270 31.28 -0.47 14.82
N PRO H 271 31.78 0.48 15.60
CA PRO H 271 30.89 1.54 16.11
C PRO H 271 30.20 2.28 14.98
N LYS H 272 28.94 2.64 15.20
CA LYS H 272 28.12 3.31 14.20
C LYS H 272 27.83 4.74 14.66
N PHE H 273 27.97 5.69 13.74
CA PHE H 273 27.73 7.09 14.05
C PHE H 273 27.28 7.85 12.80
PG AGS K . -18.40 -26.10 -12.46
S1G AGS K . -19.17 -24.37 -12.16
O2G AGS K . -17.81 -26.73 -11.03
O3G AGS K . -17.16 -25.97 -13.58
PB AGS K . -19.22 -28.51 -13.88
O1B AGS K . -18.17 -29.30 -13.13
O2B AGS K . -18.67 -28.15 -15.25
O3B AGS K . -19.56 -27.12 -13.05
PA AGS K . -21.13 -30.43 -12.93
O1A AGS K . -20.85 -29.89 -11.56
O2A AGS K . -20.42 -31.75 -13.09
O3A AGS K . -20.57 -29.39 -14.05
O5' AGS K . -22.78 -30.65 -13.16
C5' AGS K . -23.65 -30.09 -12.23
C4' AGS K . -25.05 -30.52 -12.56
O4' AGS K . -25.45 -29.95 -13.66
C3' AGS K . -25.10 -32.17 -12.79
O3' AGS K . -25.46 -32.85 -11.52
C2' AGS K . -26.00 -32.35 -13.63
O2' AGS K . -27.32 -32.39 -12.96
C1' AGS K . -25.90 -31.06 -14.59
N9 AGS K . -25.03 -31.20 -15.57
C8 AGS K . -23.90 -30.55 -15.89
N7 AGS K . -23.40 -31.11 -16.98
C5 AGS K . -24.20 -32.11 -17.35
C6 AGS K . -24.14 -33.00 -18.39
N6 AGS K . -23.11 -33.06 -19.43
N1 AGS K . -25.08 -33.91 -18.53
C2 AGS K . -26.09 -33.98 -17.65
N3 AGS K . -26.15 -33.10 -16.63
C4 AGS K . -25.20 -32.17 -16.48
HOG2 AGS K . -17.88 -26.15 -10.42
H21 AGS K . -16.70 -25.28 -13.42
H5'1 AGS K . -23.42 -30.40 -11.34
H5'2 AGS K . -23.59 -29.12 -12.27
H4' AGS K . -25.65 -30.27 -11.83
H3' AGS K . -24.25 -32.49 -13.13
HO3' AGS K . -24.99 -33.56 -11.44
H2' AGS K . -25.82 -33.17 -14.12
HO2' AGS K . -27.92 -32.58 -13.54
H1' AGS K . -26.78 -30.86 -14.95
H8 AGS K . -23.55 -29.83 -15.42
HN61 AGS K . -23.32 -32.98 -20.26
HN62 AGS K . -22.29 -33.16 -19.21
H2 AGS K . -26.76 -34.62 -17.75
MG MG L . -16.52 -28.57 -11.34
MG MG M . -30.74 -4.25 2.49
PG AGS N . -30.14 -1.96 0.11
S1G AGS N . -29.18 -0.29 0.24
O2G AGS N . -29.62 -2.98 1.32
O3G AGS N . -29.83 -2.66 -1.38
PB AGS N . -32.89 -2.87 0.36
O1B AGS N . -33.18 -3.39 -1.04
O2B AGS N . -32.40 -4.00 1.24
O3B AGS N . -31.75 -1.68 0.29
PA AGS N . -34.86 -2.70 2.43
O1A AGS N . -35.40 -4.10 2.30
O2A AGS N . -33.78 -2.67 3.47
O3A AGS N . -34.25 -2.23 1.00
O5' AGS N . -36.09 -1.66 2.87
C5' AGS N . -35.83 -0.68 3.80
C4' AGS N . -37.11 -0.11 4.33
O4' AGS N . -37.73 0.55 3.40
C3' AGS N . -38.09 -1.37 4.80
O3' AGS N . -37.98 -1.56 6.28
C2' AGS N . -39.25 -1.05 4.52
O2' AGS N . -39.87 -0.32 5.66
C1' AGS N . -39.10 -0.05 3.26
N9 AGS N . -39.20 -0.68 2.10
C8 AGS N . -38.33 -0.91 1.12
N7 AGS N . -38.97 -1.59 0.16
C5 AGS N . -40.23 -1.79 0.56
C6 AGS N . -41.29 -2.42 -0.03
N6 AGS N . -41.29 -3.09 -1.34
N1 AGS N . -42.46 -2.46 0.58
C2 AGS N . -42.60 -1.89 1.79
N3 AGS N . -41.55 -1.27 2.37
C4 AGS N . -40.38 -1.22 1.75
HOG2 AGS N . -29.01 -2.61 1.78
H21 AGS N . -29.00 -2.66 -1.53
H5'1 AGS N . -35.31 0.04 3.39
H5'2 AGS N . -35.32 -1.06 4.54
H4' AGS N . -36.93 0.47 5.09
H3' AGS N . -37.85 -2.19 4.34
HO3' AGS N . -37.16 -1.63 6.49
H2' AGS N . -39.78 -1.82 4.28
HO2' AGS N . -40.64 -0.66 5.82
H1' AGS N . -39.78 0.65 3.32
H8 AGS N . -37.44 -0.65 1.10
HN61 AGS N . -40.85 -3.82 -1.44
HN62 AGS N . -41.72 -2.75 -2.00
H2 AGS N . -43.42 -1.93 2.23
MG MG O . -15.39 20.23 10.05
PG AGS P . -14.84 21.72 7.30
S1G AGS P . -13.56 22.31 6.00
O2G AGS P . -14.15 20.59 8.30
O3G AGS P . -16.17 21.06 6.52
PB AGS P . -16.79 23.18 8.93
O1B AGS P . -17.88 23.27 7.89
O2B AGS P . -17.04 22.00 9.85
O3B AGS P . -15.31 23.02 8.21
PA AGS P . -16.45 24.63 11.39
O1A AGS P . -17.66 24.18 12.16
O2A AGS P . -15.27 23.75 11.72
O3A AGS P . -16.76 24.56 9.81
O5' AGS P . -16.09 26.21 11.79
C5' AGS P . -14.75 26.59 11.88
C4' AGS P . -14.68 27.95 12.47
O4' AGS P . -15.15 28.85 11.63
C3' AGS P . -15.62 28.03 13.84
O3' AGS P . -14.78 27.76 15.04
C2' AGS P . -16.07 29.18 13.88
O2' AGS P . -15.09 30.08 14.56
C1' AGS P . -16.23 29.61 12.34
N9 AGS P . -17.41 29.26 11.83
C8 AGS P . -17.77 28.43 10.87
N7 AGS P . -19.11 28.48 10.75
C5 AGS P . -19.56 29.36 11.65
C6 AGS P . -20.83 29.78 11.95
N6 AGS P . -22.07 29.34 11.31
N1 AGS P . -21.02 30.68 12.90
C2 AGS P . -19.97 31.17 13.56
N3 AGS P . -18.72 30.76 13.28
C4 AGS P . -18.53 29.85 12.31
HOG2 AGS P . -14.70 19.96 8.45
H21 AGS P . -15.91 20.53 5.91
H5'1 AGS P . -14.28 25.96 12.45
H5'2 AGS P . -14.35 26.59 11.00
H4' AGS P . -13.75 28.17 12.70
H3' AGS P . -16.35 27.39 13.79
HO3' AGS P . -14.90 26.96 15.30
H2' AGS P . -16.92 29.19 14.34
HO2' AGS P . -15.49 30.51 15.18
H1' AGS P . -16.08 30.56 12.25
H8 AGS P . -17.20 27.90 10.37
HN61 AGS P . -22.64 29.92 11.01
HN62 AGS P . -22.24 28.50 11.23
H2 AGS P . -20.10 31.80 14.24
MG MG Q . 12.02 26.92 1.11
PG AGS R . 11.79 27.77 -2.20
S1G AGS R . 12.27 27.37 -4.02
O2G AGS R . 12.03 26.42 -1.26
O3G AGS R . 10.18 28.24 -2.13
PB AGS R . 12.37 29.98 -0.38
O1B AGS R . 11.08 30.73 -0.66
O2B AGS R . 12.21 29.15 0.88
O3B AGS R . 12.74 28.98 -1.64
PA AGS R . 14.72 30.93 0.94
O1A AGS R . 14.12 31.30 2.27
O2A AGS R . 15.24 29.52 0.99
O3A AGS R . 13.58 31.05 -0.20
O5' AGS R . 15.97 31.98 0.57
C5' AGS R . 17.12 31.46 0.00
C4' AGS R . 18.22 32.47 0.06
O4' AGS R . 17.95 33.48 -0.75
C3' AGS R . 18.32 33.08 1.60
O3' AGS R . 19.36 32.34 2.37
C2' AGS R . 18.64 34.28 1.48
O2' AGS R . 20.12 34.39 1.40
C1' AGS R . 17.98 34.74 0.09
N9 AGS R . 16.73 35.19 0.22
C8 AGS R . 15.57 34.79 -0.27
N7 AGS R . 14.62 35.60 0.18
C5 AGS R . 15.20 36.53 0.95
C6 AGS R . 14.70 37.59 1.65
N6 AGS R . 13.29 37.99 1.72
N1 AGS R . 15.50 38.37 2.35
C2 AGS R . 16.82 38.11 2.38
N3 AGS R . 17.32 37.07 1.69
C4 AGS R . 16.51 36.27 0.98
HOG2 AGS R . 11.80 26.58 -0.46
H21 AGS R . 9.73 27.84 -2.73
H5'1 AGS R . 16.94 31.23 -0.93
H5'2 AGS R . 17.39 30.66 0.48
H4' AGS R . 19.07 32.07 -0.19
H3' AGS R . 17.45 33.02 2.05
HO3' AGS R . 19.15 31.52 2.42
H2' AGS R . 18.30 34.79 2.22
HO2' AGS R . 20.38 35.02 1.91
H1' AGS R . 18.54 35.40 -0.34
H8 AGS R . 15.44 34.05 -0.83
HN61 AGS R . 12.76 37.62 2.28
HN62 AGS R . 12.99 38.60 1.18
H2 AGS R . 17.39 38.66 2.86
PB GDP S . 28.98 15.01 -22.77
O1B GDP S . 28.30 16.33 -22.99
O2B GDP S . 29.23 14.81 -21.30
O3B GDP S . 28.10 13.89 -23.28
O3A GDP S . 30.41 15.01 -23.59
PA GDP S . 31.68 14.02 -23.26
O1A GDP S . 32.35 14.47 -21.98
O2A GDP S . 31.20 12.60 -23.09
O5' GDP S . 32.75 14.12 -24.50
C5' GDP S . 32.84 13.07 -25.41
C4' GDP S . 34.27 12.92 -25.88
O4' GDP S . 34.77 14.31 -26.54
C3' GDP S . 35.08 12.66 -24.88
O3' GDP S . 35.31 11.19 -24.77
C2' GDP S . 36.40 13.38 -25.22
O2' GDP S . 37.27 12.50 -25.76
C1' GDP S . 36.04 14.45 -26.25
N9 GDP S . 36.24 15.81 -25.69
C8 GDP S . 35.42 16.56 -24.93
N7 GDP S . 36.06 17.71 -24.68
C5 GDP S . 37.25 17.68 -25.28
C6 GDP S . 38.40 18.70 -25.36
O6 GDP S . 38.29 19.74 -24.81
N1 GDP S . 39.58 18.38 -26.09
C2 GDP S . 39.69 17.11 -26.76
N2 GDP S . 40.89 16.79 -27.51
N3 GDP S . 38.59 16.15 -26.69
C4 GDP S . 37.36 16.47 -25.92
H5' GDP S . 32.27 13.26 -26.17
H5'' GDP S . 32.55 12.25 -24.99
H4' GDP S . 34.34 12.21 -26.54
H3' GDP S . 34.71 13.00 -24.06
HO3' GDP S . 34.98 10.90 -24.04
H2' GDP S . 36.77 13.78 -24.42
HO2' GDP S . 37.70 12.10 -25.14
H1' GDP S . 36.57 14.34 -27.04
H8 GDP S . 34.58 16.31 -24.63
HN1 GDP S . 40.22 18.95 -26.13
HN21 GDP S . 41.53 17.36 -27.55
HN22 GDP S . 40.97 16.04 -27.91
#